data_9GL6
#
_entry.id   9GL6
#
_cell.length_a   1.00
_cell.length_b   1.00
_cell.length_c   1.00
_cell.angle_alpha   90.00
_cell.angle_beta   90.00
_cell.angle_gamma   90.00
#
_symmetry.space_group_name_H-M   'P 1'
#
loop_
_entity.id
_entity.type
_entity.pdbx_description
1 polymer 'Short transient receptor potential channel 5'
2 non-polymer 'CHOLESTEROL HEMISUCCINATE'
3 non-polymer 'CALCIUM ION'
4 non-polymer 7-[(4-chlorophenyl)methyl]-3-methyl-1-(3-oxidanylpropyl)-8-(1,1,3,3-tetramethyl-2-oxidanyl-isoindol-5-yl)oxy-purine-2,6-dione
#
_entity_poly.entity_id   1
_entity_poly.type   'polypeptide(L)'
_entity_poly.pdbx_seq_one_letter_code
;MAQLYYKKVNYSPYRDRIPLQIVRAETELSAEEKAFLNAVEKGDYATVKQALQEAEIYYNVNINCMDPLGRSALLIAIEN
ENLEIMELLLNHSVYVGDALLYAIRKEVVGAVELLLSYRRPSGEKQVPTLMMDTQFSEFTPDITPIMLAAHTNNYEIIKL
LVQKRVTIPRPHQIRCNCVECVSSSEVDSLRHSRSRLNIYKALASPSLIALSSEDPILTAFRLGWELKELSKVENEFKAE
YEELSQQCKLFAKDLLDQARSSRELEIILNHRDDHSEELDPQKYHDLAKLKVAIKYHQKEFVAQPNCQQLLATLWYDGFP
GWRRKHWVVKLLTCMTIGFLFPMLSIAYLISPRSNLGLFIKKPFIKFICHTASYLTFLFMLLLASQHIVRTDLHVQGPPP
TVVEWMILPWVLGFIWGEIKEMWDGGFTEYIHDWWNLMDFAMNSLYLATISLKIMAYVKYNGSRPREEWEMWHPTLIAEA
LFAISNILSSLRLISLFTANSHLGPLQISLGRMLLDILKFLFIYCLVLLAFANGLNQLYFYYETRAIDEPNNCKGIRCEK
QNNAFSTLFETLQSLFWSVFGLLNLYVTNVKARHEFTEFVGATMFGTYNVISLVVLLNMLIAMMNNSYQLIADHADIEWK
FARTKLWMSYFDEGGTLPPPFNIIPSPKSFLYLGNWFNNTFCPKRDPDGRRRRRNLRSFTERNADSLIQNQHYQEVIRNL
VKRYVAAMIRNSKTHEGLTEENFKELKQDISSFRYEVLDLLGNRK
;
_entity_poly.pdbx_strand_id   A,B,C,D
#
loop_
_chem_comp.id
_chem_comp.type
_chem_comp.name
_chem_comp.formula
A1IMP non-polymer 7-[(4-chlorophenyl)methyl]-3-methyl-1-(3-oxidanylpropyl)-8-(1,1,3,3-tetramethyl-2-oxidanyl-isoindol-5-yl)oxy-purine-2,6-dione 'C28 H32 Cl N5 O5'
CA non-polymer 'CALCIUM ION' 'Ca 2'
Y01 non-polymer 'CHOLESTEROL HEMISUCCINATE' 'C31 H50 O4'
#
# COMPACT_ATOMS: atom_id res chain seq x y z
N ASP A 16 -46.96 -13.44 -7.69
CA ASP A 16 -46.79 -12.35 -8.64
C ASP A 16 -46.58 -11.01 -7.92
N ARG A 17 -47.25 -10.86 -6.79
CA ARG A 17 -47.19 -9.63 -6.00
C ARG A 17 -46.84 -9.97 -4.55
N ILE A 18 -46.29 -8.97 -3.87
CA ILE A 18 -45.90 -9.11 -2.47
C ILE A 18 -46.69 -8.11 -1.63
N PRO A 19 -47.82 -8.51 -1.05
CA PRO A 19 -48.58 -7.58 -0.21
C PRO A 19 -47.78 -7.18 1.03
N LEU A 20 -47.95 -5.92 1.44
CA LEU A 20 -47.24 -5.36 2.58
C LEU A 20 -48.25 -4.87 3.61
N GLN A 21 -48.03 -5.26 4.86
CA GLN A 21 -48.83 -4.79 5.98
C GLN A 21 -47.90 -4.41 7.12
N ILE A 22 -48.48 -3.79 8.15
CA ILE A 22 -47.75 -3.47 9.36
C ILE A 22 -47.85 -4.66 10.31
N VAL A 23 -46.71 -5.26 10.63
CA VAL A 23 -46.70 -6.43 11.51
C VAL A 23 -46.46 -6.02 12.95
N ARG A 24 -45.55 -5.08 13.19
CA ARG A 24 -45.27 -4.57 14.53
C ARG A 24 -46.24 -3.44 14.81
N ALA A 25 -47.48 -3.80 15.11
CA ALA A 25 -48.54 -2.84 15.30
C ALA A 25 -48.29 -2.00 16.55
N GLU A 26 -48.76 -0.76 16.52
CA GLU A 26 -48.58 0.18 17.60
C GLU A 26 -49.92 0.84 17.94
N THR A 27 -50.01 1.35 19.17
CA THR A 27 -51.17 2.12 19.57
C THR A 27 -51.09 3.51 18.96
N GLU A 28 -52.04 3.83 18.09
CA GLU A 28 -51.98 5.08 17.34
C GLU A 28 -52.35 6.26 18.22
N LEU A 29 -51.65 7.37 18.04
CA LEU A 29 -51.96 8.59 18.77
C LEU A 29 -53.17 9.29 18.17
N SER A 30 -54.02 9.81 19.03
CA SER A 30 -55.21 10.53 18.58
C SER A 30 -54.81 11.86 17.94
N ALA A 31 -55.75 12.42 17.17
CA ALA A 31 -55.51 13.71 16.54
C ALA A 31 -55.40 14.83 17.57
N GLU A 32 -56.13 14.72 18.68
CA GLU A 32 -56.01 15.70 19.75
C GLU A 32 -54.62 15.63 20.40
N GLU A 33 -54.11 14.42 20.62
CA GLU A 33 -52.78 14.27 21.20
C GLU A 33 -51.70 14.80 20.27
N LYS A 34 -51.86 14.57 18.96
CA LYS A 34 -50.86 15.04 18.01
C LYS A 34 -50.75 16.55 18.01
N ALA A 35 -51.88 17.25 18.15
CA ALA A 35 -51.85 18.71 18.24
C ALA A 35 -51.09 19.17 19.47
N PHE A 36 -51.24 18.46 20.59
CA PHE A 36 -50.51 18.80 21.81
C PHE A 36 -49.01 18.74 21.55
N LEU A 37 -48.53 17.64 20.99
CA LEU A 37 -47.10 17.50 20.70
C LEU A 37 -46.64 18.48 19.62
N ASN A 38 -47.54 18.84 18.70
CA ASN A 38 -47.19 19.86 17.70
C ASN A 38 -47.00 21.23 18.35
N ALA A 39 -47.86 21.57 19.32
CA ALA A 39 -47.70 22.82 20.04
C ALA A 39 -46.40 22.84 20.84
N VAL A 40 -46.07 21.73 21.49
CA VAL A 40 -44.83 21.65 22.24
C VAL A 40 -43.62 21.80 21.32
N GLU A 41 -43.67 21.14 20.16
CA GLU A 41 -42.55 21.17 19.22
C GLU A 41 -42.29 22.57 18.67
N LYS A 42 -43.30 23.45 18.68
CA LYS A 42 -43.15 24.81 18.19
C LYS A 42 -43.03 25.83 19.31
N GLY A 43 -42.97 25.38 20.57
CA GLY A 43 -42.84 26.29 21.68
C GLY A 43 -44.03 27.21 21.87
N ASP A 44 -45.24 26.68 21.72
CA ASP A 44 -46.46 27.47 21.89
C ASP A 44 -46.88 27.37 23.36
N TYR A 45 -46.43 28.35 24.15
CA TYR A 45 -46.71 28.34 25.58
C TYR A 45 -48.22 28.43 25.84
N ALA A 46 -48.91 29.30 25.10
CA ALA A 46 -50.33 29.53 25.34
C ALA A 46 -51.15 28.26 25.14
N THR A 47 -50.92 27.56 24.03
CA THR A 47 -51.69 26.35 23.76
C THR A 47 -51.46 25.28 24.80
N VAL A 48 -50.20 25.06 25.18
CA VAL A 48 -49.89 24.02 26.16
C VAL A 48 -50.47 24.37 27.52
N LYS A 49 -50.47 25.65 27.87
CA LYS A 49 -51.00 26.08 29.17
C LYS A 49 -52.49 25.73 29.28
N GLN A 50 -53.28 26.13 28.29
CA GLN A 50 -54.71 25.80 28.32
C GLN A 50 -54.93 24.29 28.22
N ALA A 51 -54.14 23.61 27.37
CA ALA A 51 -54.26 22.16 27.23
C ALA A 51 -53.89 21.43 28.52
N LEU A 52 -53.09 22.04 29.38
CA LEU A 52 -52.76 21.46 30.68
C LEU A 52 -53.67 21.98 31.79
N GLN A 53 -54.57 22.90 31.49
CA GLN A 53 -55.44 23.48 32.52
C GLN A 53 -56.58 22.57 32.91
N GLU A 54 -56.90 21.54 32.11
CA GLU A 54 -57.98 20.63 32.42
C GLU A 54 -57.52 19.68 33.52
N ALA A 55 -57.60 20.15 34.75
CA ALA A 55 -57.25 19.37 35.93
C ALA A 55 -58.38 18.47 36.41
N GLU A 56 -59.36 18.20 35.55
CA GLU A 56 -60.50 17.36 35.88
C GLU A 56 -60.17 15.87 35.86
N ILE A 57 -58.89 15.53 35.88
CA ILE A 57 -58.41 14.14 35.93
C ILE A 57 -58.91 13.38 34.70
N TYR A 58 -58.35 13.70 33.54
CA TYR A 58 -58.62 12.95 32.32
C TYR A 58 -57.45 13.17 31.37
N TYR A 59 -56.98 12.07 30.75
CA TYR A 59 -55.93 12.09 29.75
C TYR A 59 -54.64 12.70 30.27
N ASN A 60 -54.56 12.90 31.59
CA ASN A 60 -53.40 13.52 32.21
C ASN A 60 -52.26 12.52 32.31
N VAL A 61 -51.13 12.99 32.84
CA VAL A 61 -49.94 12.15 32.93
C VAL A 61 -50.08 11.19 34.10
N ASN A 62 -49.82 9.90 33.84
CA ASN A 62 -49.84 8.85 34.84
C ASN A 62 -48.48 8.14 34.75
N ILE A 63 -48.27 7.16 35.63
CA ILE A 63 -47.01 6.42 35.74
C ILE A 63 -46.57 5.85 34.39
N ASN A 64 -47.50 5.73 33.44
CA ASN A 64 -47.16 5.27 32.10
C ASN A 64 -46.86 6.41 31.14
N CYS A 65 -47.56 7.55 31.28
CA CYS A 65 -47.31 8.74 30.50
C CYS A 65 -47.51 8.46 29.01
N MET A 66 -47.19 9.44 28.16
CA MET A 66 -47.32 9.23 26.71
C MET A 66 -45.95 9.32 26.06
N SER A 72 -43.38 12.00 25.61
CA SER A 72 -43.83 12.21 26.98
C SER A 72 -44.06 13.70 27.21
N ALA A 73 -43.87 14.51 26.15
CA ALA A 73 -44.03 15.97 26.17
C ALA A 73 -42.92 16.65 26.94
N LEU A 74 -42.04 15.86 27.55
CA LEU A 74 -40.86 16.39 28.21
C LEU A 74 -39.58 16.11 27.45
N LEU A 75 -39.53 14.98 26.73
CA LEU A 75 -38.35 14.68 25.93
C LEU A 75 -38.23 15.63 24.75
N ILE A 76 -39.35 15.98 24.12
CA ILE A 76 -39.32 16.96 23.03
C ILE A 76 -38.96 18.33 23.57
N ALA A 77 -39.45 18.67 24.77
CA ALA A 77 -39.05 19.93 25.40
C ALA A 77 -37.55 19.94 25.69
N ILE A 78 -37.01 18.82 26.17
CA ILE A 78 -35.57 18.71 26.33
C ILE A 78 -34.87 18.72 24.97
N GLU A 79 -35.48 18.09 23.97
CA GLU A 79 -34.86 17.99 22.64
C GLU A 79 -34.61 19.38 22.09
N ASN A 80 -35.59 20.26 22.16
CA ASN A 80 -35.44 21.63 21.70
C ASN A 80 -34.74 22.53 22.73
N GLU A 81 -34.45 21.99 23.92
CA GLU A 81 -33.90 22.75 25.05
C GLU A 81 -34.53 24.13 25.18
N ASN A 82 -35.86 24.16 25.14
CA ASN A 82 -36.63 25.37 25.41
C ASN A 82 -37.08 25.28 26.87
N LEU A 83 -36.51 26.15 27.71
CA LEU A 83 -36.68 26.00 29.15
C LEU A 83 -38.06 26.41 29.64
N GLU A 84 -38.83 27.13 28.83
CA GLU A 84 -40.12 27.64 29.28
C GLU A 84 -41.12 26.52 29.53
N ILE A 85 -41.39 25.70 28.52
CA ILE A 85 -42.33 24.60 28.72
C ILE A 85 -41.75 23.57 29.68
N MET A 86 -40.44 23.35 29.63
CA MET A 86 -39.82 22.33 30.48
C MET A 86 -40.18 22.51 31.95
N GLU A 87 -40.18 23.76 32.43
CA GLU A 87 -40.61 24.02 33.79
C GLU A 87 -42.12 23.93 33.95
N LEU A 88 -42.87 24.08 32.86
CA LEU A 88 -44.33 24.02 32.92
C LEU A 88 -44.83 22.61 33.19
N LEU A 89 -44.15 21.58 32.69
CA LEU A 89 -44.56 20.22 32.99
C LEU A 89 -44.20 19.83 34.43
N LEU A 90 -43.01 20.23 34.89
CA LEU A 90 -42.47 19.69 36.14
C LEU A 90 -43.38 19.97 37.33
N ASN A 91 -43.98 21.16 37.38
CA ASN A 91 -44.89 21.48 38.48
C ASN A 91 -46.28 20.89 38.28
N HIS A 92 -46.56 20.30 37.12
CA HIS A 92 -47.83 19.64 36.87
C HIS A 92 -47.77 18.13 37.11
N SER A 93 -46.73 17.66 37.81
CA SER A 93 -46.60 16.25 38.21
C SER A 93 -46.54 15.32 37.00
N VAL A 94 -45.53 15.54 36.17
CA VAL A 94 -45.19 14.62 35.09
C VAL A 94 -44.10 13.67 35.55
N TYR A 95 -44.25 12.39 35.19
CA TYR A 95 -43.26 11.38 35.53
C TYR A 95 -41.97 11.65 34.75
N VAL A 96 -40.94 12.12 35.46
CA VAL A 96 -39.69 12.47 34.81
C VAL A 96 -38.97 11.22 34.32
N GLY A 97 -38.91 10.17 35.14
CA GLY A 97 -38.22 8.95 34.78
C GLY A 97 -36.73 9.15 34.52
N ASP A 98 -36.31 8.89 33.29
CA ASP A 98 -34.92 9.04 32.88
C ASP A 98 -34.66 10.34 32.12
N ALA A 99 -35.44 11.38 32.42
CA ALA A 99 -35.33 12.64 31.67
C ALA A 99 -33.96 13.27 31.86
N LEU A 100 -33.35 13.11 33.03
CA LEU A 100 -32.03 13.69 33.27
C LEU A 100 -30.98 13.14 32.32
N LEU A 101 -31.09 11.84 31.99
CA LEU A 101 -30.15 11.22 31.06
C LEU A 101 -30.24 11.84 29.67
N TYR A 102 -31.47 12.13 29.22
CA TYR A 102 -31.65 12.73 27.90
C TYR A 102 -31.10 14.15 27.87
N ALA A 103 -31.23 14.89 28.97
CA ALA A 103 -30.67 16.24 29.03
C ALA A 103 -29.15 16.21 28.99
N ILE A 104 -28.53 15.26 29.69
CA ILE A 104 -27.07 15.18 29.71
C ILE A 104 -26.52 14.86 28.33
N ARG A 105 -27.17 13.96 27.61
CA ARG A 105 -26.70 13.61 26.26
C ARG A 105 -26.78 14.81 25.32
N LYS A 106 -27.83 15.63 25.46
CA LYS A 106 -27.95 16.84 24.66
C LYS A 106 -26.87 17.86 24.99
N GLU A 107 -26.25 17.75 26.17
CA GLU A 107 -25.17 18.64 26.59
C GLU A 107 -25.66 20.09 26.73
N VAL A 108 -26.89 20.25 27.25
CA VAL A 108 -27.46 21.57 27.51
C VAL A 108 -27.42 21.78 29.03
N VAL A 109 -26.62 22.75 29.46
CA VAL A 109 -26.38 22.94 30.88
C VAL A 109 -27.64 23.44 31.58
N GLY A 110 -28.40 24.31 30.92
CA GLY A 110 -29.57 24.89 31.57
C GLY A 110 -30.63 23.86 31.90
N ALA A 111 -30.86 22.89 31.00
CA ALA A 111 -31.87 21.87 31.25
C ALA A 111 -31.43 20.89 32.33
N VAL A 112 -30.12 20.67 32.47
CA VAL A 112 -29.62 19.71 33.44
C VAL A 112 -29.87 20.20 34.86
N GLU A 113 -29.54 21.46 35.14
CA GLU A 113 -29.70 21.96 36.50
C GLU A 113 -31.15 22.20 36.86
N LEU A 114 -32.01 22.44 35.87
CA LEU A 114 -33.44 22.55 36.14
C LEU A 114 -34.00 21.21 36.63
N LEU A 115 -33.65 20.12 35.95
CA LEU A 115 -34.06 18.80 36.41
C LEU A 115 -33.40 18.43 37.73
N LEU A 116 -32.16 18.87 37.94
CA LEU A 116 -31.48 18.59 39.21
C LEU A 116 -32.17 19.31 40.37
N SER A 117 -32.61 20.55 40.16
CA SER A 117 -33.26 21.30 41.22
C SER A 117 -34.65 20.77 41.56
N TYR A 118 -35.24 19.94 40.69
CA TYR A 118 -36.57 19.40 40.91
C TYR A 118 -36.53 18.01 41.51
N ARG A 119 -35.37 17.52 41.92
CA ARG A 119 -35.25 16.18 42.49
C ARG A 119 -35.93 16.10 43.86
N GLN A 135 -41.68 3.19 29.93
CA GLN A 135 -40.96 1.94 30.12
C GLN A 135 -39.83 1.81 29.10
N PHE A 136 -40.04 2.36 27.91
CA PHE A 136 -39.01 2.35 26.89
C PHE A 136 -37.98 3.44 27.16
N SER A 137 -36.71 3.08 27.00
CA SER A 137 -35.62 4.03 27.17
C SER A 137 -34.55 3.75 26.11
N GLU A 138 -33.84 4.79 25.73
CA GLU A 138 -32.73 4.68 24.79
C GLU A 138 -31.42 4.39 25.50
N PHE A 139 -31.44 4.15 26.80
CA PHE A 139 -30.25 3.88 27.59
C PHE A 139 -30.39 2.54 28.30
N THR A 140 -29.28 1.82 28.38
CA THR A 140 -29.24 0.58 29.14
C THR A 140 -29.50 0.89 30.62
N PRO A 141 -30.23 0.02 31.34
CA PRO A 141 -30.57 0.34 32.74
C PRO A 141 -29.40 0.47 33.68
N ASP A 142 -28.17 0.17 33.24
CA ASP A 142 -27.00 0.33 34.09
C ASP A 142 -26.39 1.73 34.01
N ILE A 143 -26.90 2.59 33.13
CA ILE A 143 -26.32 3.90 32.92
C ILE A 143 -26.79 4.85 34.02
N THR A 144 -25.84 5.54 34.63
CA THR A 144 -25.98 6.50 35.72
C THR A 144 -25.67 7.91 35.22
N PRO A 145 -26.30 8.95 35.78
CA PRO A 145 -26.05 10.32 35.29
C PRO A 145 -24.58 10.72 35.29
N ILE A 146 -23.80 10.35 36.30
CA ILE A 146 -22.38 10.68 36.30
C ILE A 146 -21.64 9.88 35.24
N MET A 147 -22.04 8.62 35.04
CA MET A 147 -21.41 7.80 34.01
C MET A 147 -21.65 8.37 32.62
N LEU A 148 -22.88 8.79 32.34
CA LEU A 148 -23.21 9.32 31.01
C LEU A 148 -22.52 10.65 30.76
N ALA A 149 -22.40 11.49 31.79
CA ALA A 149 -21.72 12.77 31.63
C ALA A 149 -20.25 12.56 31.29
N ALA A 150 -19.61 11.58 31.91
CA ALA A 150 -18.21 11.29 31.62
C ALA A 150 -18.03 10.70 30.22
N HIS A 151 -19.04 9.98 29.72
CA HIS A 151 -18.97 9.48 28.35
C HIS A 151 -18.94 10.62 27.35
N THR A 152 -19.70 11.69 27.60
CA THR A 152 -19.71 12.84 26.72
C THR A 152 -18.46 13.71 26.86
N ASN A 153 -17.74 13.58 27.98
CA ASN A 153 -16.52 14.36 28.24
C ASN A 153 -16.80 15.86 28.24
N ASN A 154 -17.97 16.24 28.77
CA ASN A 154 -18.35 17.64 28.88
C ASN A 154 -17.88 18.15 30.25
N TYR A 155 -16.90 19.06 30.24
CA TYR A 155 -16.27 19.50 31.48
C TYR A 155 -17.27 20.20 32.40
N GLU A 156 -18.14 21.03 31.82
CA GLU A 156 -19.05 21.82 32.65
C GLU A 156 -20.11 20.96 33.32
N ILE A 157 -20.71 20.02 32.57
CA ILE A 157 -21.75 19.18 33.14
C ILE A 157 -21.17 18.18 34.13
N ILE A 158 -19.99 17.61 33.82
CA ILE A 158 -19.35 16.71 34.77
C ILE A 158 -19.05 17.43 36.07
N LYS A 159 -18.53 18.66 35.99
CA LYS A 159 -18.25 19.44 37.19
C LYS A 159 -19.53 19.72 37.98
N LEU A 160 -20.60 20.06 37.28
CA LEU A 160 -21.87 20.37 37.95
C LEU A 160 -22.40 19.17 38.73
N LEU A 161 -22.22 17.96 38.18
CA LEU A 161 -22.73 16.76 38.83
C LEU A 161 -21.87 16.36 40.03
N VAL A 162 -20.56 16.61 39.97
CA VAL A 162 -19.66 16.20 41.06
C VAL A 162 -19.82 17.09 42.29
N GLN A 163 -20.37 18.30 42.15
CA GLN A 163 -20.67 19.12 43.32
C GLN A 163 -21.68 18.46 44.26
N LYS A 164 -22.26 17.33 43.87
CA LYS A 164 -23.17 16.56 44.67
C LYS A 164 -22.51 15.23 45.04
N ARG A 165 -23.28 14.36 45.69
CA ARG A 165 -22.81 13.00 45.95
C ARG A 165 -22.90 12.19 44.67
N VAL A 166 -21.74 11.83 44.11
CA VAL A 166 -21.68 10.89 42.99
C VAL A 166 -20.57 9.89 43.29
N THR A 167 -20.84 8.63 42.97
CA THR A 167 -19.90 7.53 43.19
C THR A 167 -19.96 6.60 41.99
N ILE A 168 -18.82 6.37 41.35
CA ILE A 168 -18.75 5.40 40.26
C ILE A 168 -18.51 4.02 40.85
N PRO A 169 -19.30 3.01 40.48
CA PRO A 169 -19.04 1.66 41.00
C PRO A 169 -17.66 1.17 40.56
N ARG A 170 -17.02 0.43 41.46
CA ARG A 170 -15.67 -0.05 41.18
C ARG A 170 -15.73 -1.30 40.30
N PRO A 171 -15.04 -1.32 39.17
CA PRO A 171 -15.02 -2.53 38.34
C PRO A 171 -14.30 -3.67 39.03
N HIS A 172 -14.73 -4.89 38.71
CA HIS A 172 -14.16 -6.09 39.32
C HIS A 172 -12.77 -6.36 38.77
N SER A 184 -20.34 -13.44 39.39
CA SER A 184 -21.45 -12.60 38.98
C SER A 184 -21.60 -12.60 37.45
N SER A 185 -20.56 -13.08 36.76
CA SER A 185 -20.61 -13.15 35.30
C SER A 185 -21.49 -14.29 34.82
N GLU A 186 -21.69 -15.32 35.63
CA GLU A 186 -22.47 -16.47 35.19
C GLU A 186 -23.98 -16.19 35.16
N VAL A 187 -24.46 -15.32 36.06
CA VAL A 187 -25.90 -15.10 36.15
C VAL A 187 -26.44 -14.40 34.91
N ASP A 188 -25.69 -13.44 34.36
CA ASP A 188 -26.07 -12.80 33.10
C ASP A 188 -24.78 -12.23 32.52
N SER A 189 -24.26 -12.89 31.47
CA SER A 189 -22.94 -12.55 30.96
C SER A 189 -22.97 -11.34 30.04
N LEU A 190 -24.04 -11.19 29.25
CA LEU A 190 -24.12 -10.06 28.33
C LEU A 190 -24.18 -8.74 29.08
N ARG A 191 -24.98 -8.69 30.15
CA ARG A 191 -25.14 -7.46 30.90
C ARG A 191 -23.91 -7.15 31.75
N HIS A 192 -23.25 -8.18 32.27
CA HIS A 192 -22.04 -7.96 33.07
C HIS A 192 -20.91 -7.36 32.22
N SER A 193 -20.73 -7.87 31.01
CA SER A 193 -19.67 -7.34 30.15
C SER A 193 -19.93 -5.89 29.76
N ARG A 194 -21.19 -5.56 29.45
CA ARG A 194 -21.53 -4.19 29.06
C ARG A 194 -21.37 -3.22 30.23
N SER A 195 -21.75 -3.66 31.43
CA SER A 195 -21.60 -2.80 32.62
C SER A 195 -20.13 -2.48 32.88
N ARG A 196 -19.26 -3.47 32.73
CA ARG A 196 -17.83 -3.26 32.97
C ARG A 196 -17.24 -2.27 31.96
N LEU A 197 -17.63 -2.38 30.69
CA LEU A 197 -17.12 -1.47 29.67
C LEU A 197 -17.64 -0.05 29.89
N ASN A 198 -18.88 0.08 30.38
CA ASN A 198 -19.44 1.41 30.63
C ASN A 198 -18.71 2.11 31.77
N ILE A 199 -18.30 1.35 32.80
CA ILE A 199 -17.59 1.94 33.92
C ILE A 199 -16.21 2.43 33.49
N TYR A 200 -15.48 1.61 32.75
CA TYR A 200 -14.14 2.00 32.29
C TYR A 200 -14.21 3.16 31.31
N LYS A 201 -15.28 3.25 30.53
CA LYS A 201 -15.45 4.36 29.60
C LYS A 201 -15.63 5.69 30.32
N ALA A 202 -16.12 5.67 31.55
CA ALA A 202 -16.28 6.87 32.35
C ALA A 202 -15.01 7.22 33.13
N LEU A 203 -14.32 6.21 33.66
CA LEU A 203 -13.08 6.45 34.37
C LEU A 203 -11.99 6.99 33.45
N ALA A 204 -12.02 6.61 32.17
CA ALA A 204 -11.03 7.02 31.20
C ALA A 204 -11.38 8.35 30.54
N SER A 205 -12.23 9.16 31.17
CA SER A 205 -12.60 10.44 30.62
C SER A 205 -11.59 11.50 31.03
N PRO A 206 -10.97 12.22 30.10
CA PRO A 206 -9.99 13.25 30.49
C PRO A 206 -10.56 14.34 31.39
N SER A 207 -11.83 14.72 31.20
CA SER A 207 -12.41 15.75 32.05
C SER A 207 -12.66 15.27 33.47
N LEU A 208 -12.97 13.98 33.64
CA LEU A 208 -13.17 13.45 34.98
C LEU A 208 -11.83 13.27 35.70
N ILE A 209 -10.81 12.81 34.98
CA ILE A 209 -9.48 12.66 35.58
C ILE A 209 -8.93 14.01 36.02
N ALA A 210 -9.06 15.02 35.15
CA ALA A 210 -8.55 16.35 35.48
C ALA A 210 -9.30 17.00 36.63
N LEU A 211 -10.52 16.54 36.92
CA LEU A 211 -11.34 17.17 37.95
C LEU A 211 -11.25 16.48 39.30
N SER A 212 -10.94 15.17 39.34
CA SER A 212 -11.08 14.43 40.58
C SER A 212 -9.92 13.47 40.85
N SER A 213 -8.76 13.68 40.24
CA SER A 213 -7.58 12.85 40.50
C SER A 213 -6.50 13.69 41.16
N GLU A 214 -5.95 13.18 42.26
CA GLU A 214 -4.85 13.88 42.94
C GLU A 214 -3.62 13.96 42.05
N ASP A 215 -3.32 12.88 41.34
CA ASP A 215 -2.20 12.84 40.39
C ASP A 215 -2.74 12.37 39.06
N PRO A 216 -3.20 13.29 38.20
CA PRO A 216 -3.77 12.87 36.93
C PRO A 216 -2.81 12.10 36.04
N ILE A 217 -1.52 12.40 36.12
CA ILE A 217 -0.53 11.71 35.28
C ILE A 217 -0.44 10.23 35.68
N LEU A 218 -0.42 9.96 36.98
CA LEU A 218 -0.26 8.57 37.44
C LEU A 218 -1.48 7.73 37.13
N THR A 219 -2.69 8.27 37.32
CA THR A 219 -3.89 7.49 37.03
C THR A 219 -4.05 7.23 35.54
N ALA A 220 -3.60 8.16 34.69
CA ALA A 220 -3.60 7.89 33.25
C ALA A 220 -2.61 6.80 32.88
N PHE A 221 -1.49 6.71 33.60
CA PHE A 221 -0.55 5.61 33.37
C PHE A 221 -1.16 4.28 33.77
N ARG A 222 -1.73 4.21 34.98
CA ARG A 222 -2.33 2.97 35.46
C ARG A 222 -3.54 2.57 34.62
N LEU A 223 -4.41 3.53 34.29
CA LEU A 223 -5.61 3.21 33.54
C LEU A 223 -5.27 2.72 32.13
N GLY A 224 -4.33 3.37 31.46
CA GLY A 224 -3.93 2.93 30.13
C GLY A 224 -3.36 1.52 30.14
N TRP A 225 -2.59 1.19 31.19
CA TRP A 225 -2.07 -0.17 31.32
C TRP A 225 -3.19 -1.17 31.57
N GLU A 226 -4.14 -0.82 32.45
CA GLU A 226 -5.24 -1.72 32.76
C GLU A 226 -6.11 -1.99 31.54
N LEU A 227 -6.41 -0.95 30.76
CA LEU A 227 -7.23 -1.12 29.57
C LEU A 227 -6.50 -1.93 28.49
N LYS A 228 -5.17 -1.83 28.45
CA LYS A 228 -4.41 -2.63 27.51
C LYS A 228 -4.48 -4.12 27.85
N GLU A 229 -4.42 -4.44 29.15
CA GLU A 229 -4.57 -5.84 29.58
C GLU A 229 -5.96 -6.36 29.25
N LEU A 230 -6.99 -5.55 29.47
CA LEU A 230 -8.36 -5.98 29.22
C LEU A 230 -8.63 -6.25 27.75
N SER A 231 -7.87 -5.65 26.84
CA SER A 231 -8.05 -5.92 25.42
C SER A 231 -7.62 -7.33 25.04
N LYS A 232 -6.94 -8.05 25.94
CA LYS A 232 -6.57 -9.44 25.70
C LYS A 232 -7.46 -10.40 26.47
N VAL A 233 -7.59 -10.21 27.78
CA VAL A 233 -8.42 -11.09 28.60
C VAL A 233 -9.86 -11.04 28.13
N GLU A 234 -10.42 -9.85 27.97
CA GLU A 234 -11.72 -9.67 27.33
C GLU A 234 -11.45 -9.65 25.82
N ASN A 235 -11.20 -10.84 25.28
CA ASN A 235 -10.77 -10.98 23.90
C ASN A 235 -11.87 -10.67 22.89
N GLU A 236 -13.12 -10.54 23.34
CA GLU A 236 -14.22 -10.28 22.42
C GLU A 236 -14.43 -8.78 22.17
N PHE A 237 -14.26 -7.95 23.20
CA PHE A 237 -14.49 -6.51 23.08
C PHE A 237 -13.20 -5.71 22.92
N LYS A 238 -12.20 -6.28 22.23
CA LYS A 238 -10.89 -5.66 22.17
C LYS A 238 -10.87 -4.36 21.37
N ALA A 239 -11.82 -4.17 20.45
CA ALA A 239 -11.80 -2.97 19.61
C ALA A 239 -12.10 -1.71 20.41
N GLU A 240 -12.95 -1.81 21.44
CA GLU A 240 -13.32 -0.66 22.24
C GLU A 240 -12.33 -0.38 23.37
N TYR A 241 -11.75 -1.43 23.94
CA TYR A 241 -10.78 -1.24 25.02
C TYR A 241 -9.48 -0.62 24.51
N GLU A 242 -9.06 -1.02 23.30
CA GLU A 242 -7.84 -0.45 22.73
C GLU A 242 -8.00 1.04 22.45
N GLU A 243 -9.17 1.45 21.98
CA GLU A 243 -9.43 2.88 21.78
C GLU A 243 -9.41 3.64 23.10
N LEU A 244 -9.95 3.03 24.16
CA LEU A 244 -9.89 3.65 25.48
C LEU A 244 -8.46 3.78 25.98
N SER A 245 -7.65 2.74 25.79
CA SER A 245 -6.26 2.77 26.23
C SER A 245 -5.47 3.83 25.49
N GLN A 246 -5.68 3.94 24.17
CA GLN A 246 -4.98 4.96 23.39
C GLN A 246 -5.39 6.36 23.82
N GLN A 247 -6.63 6.51 24.30
CA GLN A 247 -7.11 7.81 24.75
C GLN A 247 -6.42 8.23 26.04
N CYS A 248 -6.18 7.28 26.95
CA CYS A 248 -5.50 7.59 28.21
C CYS A 248 -4.04 7.94 27.96
N LYS A 249 -3.39 7.24 27.03
CA LYS A 249 -2.00 7.55 26.70
C LYS A 249 -1.86 8.94 26.12
N LEU A 250 -2.85 9.40 25.35
CA LEU A 250 -2.79 10.73 24.77
C LEU A 250 -2.96 11.81 25.83
N PHE A 251 -3.80 11.57 26.83
CA PHE A 251 -4.10 12.59 27.84
C PHE A 251 -2.85 12.97 28.63
N ALA A 252 -2.08 11.97 29.06
CA ALA A 252 -0.86 12.25 29.82
C ALA A 252 0.16 12.97 28.94
N LYS A 253 0.27 12.56 27.68
CA LYS A 253 1.20 13.22 26.76
C LYS A 253 0.79 14.67 26.50
N ASP A 254 -0.51 14.93 26.29
CA ASP A 254 -0.97 16.29 26.07
C ASP A 254 -0.90 17.15 27.33
N LEU A 255 -0.90 16.53 28.51
CA LEU A 255 -0.85 17.31 29.74
C LEU A 255 0.55 17.89 29.97
N LEU A 256 1.60 17.14 29.64
CA LEU A 256 2.95 17.67 29.73
C LEU A 256 3.29 18.63 28.59
N ASP A 257 2.53 18.59 27.50
CA ASP A 257 2.71 19.56 26.43
C ASP A 257 2.37 20.99 26.86
N GLN A 258 1.71 21.15 28.00
CA GLN A 258 1.41 22.46 28.54
C GLN A 258 2.50 23.00 29.46
N ALA A 259 3.59 22.26 29.64
CA ALA A 259 4.72 22.78 30.39
C ALA A 259 5.37 23.93 29.64
N ARG A 260 5.70 24.99 30.36
CA ARG A 260 6.19 26.23 29.75
C ARG A 260 7.62 26.55 30.11
N SER A 261 8.26 25.77 30.97
CA SER A 261 9.64 26.03 31.36
C SER A 261 10.29 24.72 31.79
N SER A 262 11.63 24.73 31.83
CA SER A 262 12.37 23.55 32.24
C SER A 262 12.21 23.27 33.72
N ARG A 263 11.96 24.30 34.53
CA ARG A 263 11.71 24.10 35.95
C ARG A 263 10.46 23.27 36.17
N GLU A 264 9.39 23.56 35.42
CA GLU A 264 8.16 22.78 35.54
C GLU A 264 8.38 21.34 35.10
N LEU A 265 9.13 21.13 34.02
CA LEU A 265 9.33 19.79 33.49
C LEU A 265 10.12 18.92 34.44
N GLU A 266 11.13 19.48 35.11
CA GLU A 266 11.94 18.71 36.05
C GLU A 266 11.18 18.42 37.33
N ILE A 267 10.26 19.29 37.73
CA ILE A 267 9.43 19.02 38.90
C ILE A 267 8.55 17.80 38.64
N ILE A 268 7.97 17.71 37.44
CA ILE A 268 7.09 16.60 37.11
C ILE A 268 7.88 15.29 37.04
N LEU A 269 9.00 15.31 36.32
CA LEU A 269 9.72 14.07 36.02
C LEU A 269 10.51 13.53 37.19
N ASN A 270 10.82 14.35 38.19
CA ASN A 270 11.60 13.92 39.34
C ASN A 270 10.74 13.67 40.57
N HIS A 271 9.42 13.68 40.42
CA HIS A 271 8.54 13.56 41.57
C HIS A 271 8.42 12.11 42.02
N ARG A 272 8.57 11.89 43.32
CA ARG A 272 8.43 10.58 43.92
C ARG A 272 7.08 10.48 44.64
N ASP A 273 6.35 9.40 44.36
CA ASP A 273 5.04 9.22 44.97
C ASP A 273 5.13 9.15 46.49
N ASP A 274 6.11 8.42 47.01
CA ASP A 274 6.30 8.32 48.44
C ASP A 274 7.75 7.99 48.78
N LEU A 287 14.83 10.91 38.27
CA LEU A 287 13.80 10.80 37.25
C LEU A 287 12.82 9.68 37.59
N ALA A 288 12.24 9.76 38.78
CA ALA A 288 11.33 8.70 39.24
C ALA A 288 10.10 8.60 38.35
N LYS A 289 9.50 9.74 37.99
CA LYS A 289 8.28 9.70 37.20
C LYS A 289 8.53 9.19 35.79
N LEU A 290 9.75 9.40 35.26
CA LEU A 290 10.09 8.87 33.95
C LEU A 290 10.31 7.37 33.98
N LYS A 291 10.78 6.83 35.11
CA LYS A 291 10.93 5.38 35.24
C LYS A 291 9.58 4.69 35.29
N VAL A 292 8.59 5.33 35.92
CA VAL A 292 7.23 4.78 35.94
C VAL A 292 6.65 4.73 34.54
N ALA A 293 6.95 5.73 33.72
CA ALA A 293 6.46 5.75 32.34
C ALA A 293 7.06 4.61 31.52
N ILE A 294 8.33 4.29 31.76
CA ILE A 294 8.95 3.17 31.07
C ILE A 294 8.35 1.85 31.54
N LYS A 295 8.03 1.74 32.83
CA LYS A 295 7.43 0.53 33.37
C LYS A 295 6.08 0.26 32.73
N TYR A 296 5.27 1.30 32.53
CA TYR A 296 3.95 1.16 31.94
C TYR A 296 3.96 1.24 30.42
N HIS A 297 5.14 1.29 29.81
CA HIS A 297 5.30 1.29 28.36
C HIS A 297 4.63 2.50 27.72
N GLN A 298 4.88 3.67 28.30
CA GLN A 298 4.37 4.94 27.75
C GLN A 298 5.40 5.46 26.76
N LYS A 299 5.37 4.88 25.56
CA LYS A 299 6.40 5.17 24.57
C LYS A 299 6.27 6.57 23.98
N GLU A 300 5.03 7.00 23.72
CA GLU A 300 4.81 8.35 23.20
C GLU A 300 5.18 9.40 24.24
N PHE A 301 4.87 9.13 25.51
CA PHE A 301 5.22 10.05 26.58
C PHE A 301 6.74 10.20 26.70
N VAL A 302 7.46 9.08 26.61
CA VAL A 302 8.91 9.10 26.80
C VAL A 302 9.60 9.80 25.62
N ALA A 303 9.11 9.56 24.41
CA ALA A 303 9.74 10.06 23.20
C ALA A 303 9.37 11.50 22.88
N GLN A 304 8.83 12.25 23.83
CA GLN A 304 8.51 13.65 23.59
C GLN A 304 9.80 14.44 23.41
N PRO A 305 9.80 15.44 22.52
CA PRO A 305 11.04 16.20 22.26
C PRO A 305 11.62 16.88 23.50
N ASN A 306 10.77 17.36 24.41
CA ASN A 306 11.29 18.02 25.62
C ASN A 306 11.81 17.00 26.63
N CYS A 307 11.17 15.84 26.74
CA CYS A 307 11.70 14.78 27.59
C CYS A 307 13.01 14.23 27.03
N GLN A 308 13.09 14.06 25.71
CA GLN A 308 14.32 13.59 25.08
C GLN A 308 15.44 14.62 25.19
N GLN A 309 15.09 15.91 25.13
CA GLN A 309 16.09 16.96 25.26
C GLN A 309 16.69 16.99 26.66
N LEU A 310 15.85 16.83 27.69
CA LEU A 310 16.36 16.79 29.05
C LEU A 310 17.26 15.57 29.27
N LEU A 311 16.88 14.43 28.70
CA LEU A 311 17.66 13.21 28.86
C LEU A 311 19.04 13.35 28.21
N ALA A 312 19.11 13.99 27.05
CA ALA A 312 20.39 14.16 26.37
C ALA A 312 21.33 15.05 27.17
N THR A 313 20.79 15.99 27.95
CA THR A 313 21.64 16.84 28.78
C THR A 313 22.36 16.02 29.85
N LEU A 314 21.67 15.06 30.46
CA LEU A 314 22.31 14.18 31.43
C LEU A 314 23.18 13.12 30.79
N TRP A 315 22.90 12.74 29.54
CA TRP A 315 23.69 11.72 28.87
C TRP A 315 25.07 12.24 28.50
N TYR A 316 25.12 13.39 27.83
CA TYR A 316 26.40 14.00 27.49
C TYR A 316 27.05 14.65 28.70
N ASP A 317 26.25 15.17 29.63
CA ASP A 317 26.72 15.77 30.88
C ASP A 317 27.68 16.92 30.52
N GLY A 318 28.80 17.07 31.21
CA GLY A 318 29.73 18.14 30.89
C GLY A 318 30.34 17.99 29.51
N PHE A 319 30.57 16.75 29.08
CA PHE A 319 31.21 16.50 27.80
C PHE A 319 30.42 17.14 26.66
N PRO A 320 31.08 17.81 25.73
CA PRO A 320 30.37 18.39 24.57
C PRO A 320 30.07 17.34 23.50
N GLY A 321 29.29 16.33 23.89
CA GLY A 321 28.92 15.26 22.99
C GLY A 321 27.78 15.58 22.05
N TRP A 322 27.20 16.77 22.15
CA TRP A 322 26.10 17.21 21.30
C TRP A 322 26.52 17.42 19.85
N ARG A 323 27.77 17.07 19.52
CA ARG A 323 28.28 17.27 18.16
C ARG A 323 27.41 16.54 17.14
N ARG A 324 27.07 17.25 16.05
CA ARG A 324 26.32 16.67 14.96
C ARG A 324 26.94 16.99 13.61
N LYS A 325 28.12 17.59 13.56
CA LYS A 325 28.73 18.08 12.33
C LYS A 325 29.92 17.21 11.96
N HIS A 326 30.06 16.95 10.67
CA HIS A 326 31.18 16.18 10.12
C HIS A 326 31.27 14.81 10.79
N TRP A 327 30.24 13.98 10.52
CA TRP A 327 30.13 12.66 11.13
C TRP A 327 31.44 11.86 11.08
N VAL A 328 32.33 12.19 10.15
CA VAL A 328 33.62 11.50 10.07
C VAL A 328 34.43 11.76 11.33
N VAL A 329 34.50 13.01 11.79
CA VAL A 329 35.32 13.31 12.95
C VAL A 329 34.67 12.79 14.23
N LYS A 330 33.35 12.59 14.22
CA LYS A 330 32.69 11.96 15.36
C LYS A 330 33.24 10.57 15.62
N LEU A 331 33.41 9.78 14.57
CA LEU A 331 34.00 8.45 14.72
C LEU A 331 35.44 8.52 15.18
N LEU A 332 36.22 9.46 14.62
CA LEU A 332 37.62 9.60 15.02
C LEU A 332 37.73 10.04 16.48
N THR A 333 36.91 11.00 16.90
CA THR A 333 36.93 11.44 18.28
C THR A 333 36.48 10.35 19.23
N CYS A 334 35.46 9.58 18.83
CA CYS A 334 34.96 8.50 19.69
C CYS A 334 36.02 7.44 19.94
N MET A 335 36.82 7.14 18.92
CA MET A 335 37.87 6.14 19.07
C MET A 335 38.99 6.61 20.01
N THR A 336 39.08 7.92 20.27
CA THR A 336 40.16 8.43 21.12
C THR A 336 40.00 7.97 22.56
N ILE A 337 38.78 8.12 23.12
CA ILE A 337 38.55 7.69 24.49
C ILE A 337 38.66 6.18 24.60
N GLY A 338 38.21 5.44 23.58
CA GLY A 338 38.27 4.00 23.63
C GLY A 338 39.69 3.47 23.74
N PHE A 339 40.63 4.13 23.07
CA PHE A 339 42.02 3.67 23.10
C PHE A 339 42.60 3.76 24.52
N LEU A 340 42.30 4.85 25.23
CA LEU A 340 42.84 5.08 26.57
C LEU A 340 41.85 4.68 27.67
N PHE A 341 40.95 3.75 27.37
CA PHE A 341 39.99 3.30 28.38
C PHE A 341 40.63 2.69 29.62
N PRO A 342 41.70 1.88 29.56
CA PRO A 342 42.27 1.37 30.81
C PRO A 342 42.80 2.46 31.72
N MET A 343 43.30 3.56 31.16
CA MET A 343 43.80 4.66 31.98
C MET A 343 42.67 5.28 32.80
N LEU A 344 41.50 5.45 32.19
CA LEU A 344 40.36 5.99 32.93
C LEU A 344 39.91 5.04 34.03
N SER A 345 39.90 3.73 33.74
CA SER A 345 39.44 2.76 34.74
C SER A 345 40.35 2.73 35.96
N ILE A 346 41.67 2.74 35.74
CA ILE A 346 42.60 2.70 36.86
C ILE A 346 42.58 4.04 37.62
N ALA A 347 42.40 5.15 36.91
CA ALA A 347 42.34 6.45 37.58
C ALA A 347 41.17 6.51 38.56
N TYR A 348 40.00 6.01 38.14
CA TYR A 348 38.86 5.94 39.06
C TYR A 348 39.11 4.93 40.18
N LEU A 349 39.79 3.82 39.87
CA LEU A 349 40.05 2.81 40.88
C LEU A 349 40.95 3.33 41.99
N ILE A 350 42.00 4.07 41.64
CA ILE A 350 42.95 4.56 42.62
C ILE A 350 42.62 5.96 43.16
N SER A 351 41.76 6.70 42.46
CA SER A 351 41.39 8.05 42.90
C SER A 351 40.01 8.39 42.34
N PRO A 352 38.95 8.06 43.08
CA PRO A 352 37.60 8.40 42.59
C PRO A 352 37.39 9.89 42.36
N ARG A 353 38.00 10.74 43.18
CA ARG A 353 37.83 12.19 43.07
C ARG A 353 39.10 12.75 42.44
N SER A 354 39.00 13.14 41.16
CA SER A 354 40.13 13.70 40.42
C SER A 354 39.58 14.38 39.18
N ASN A 355 40.41 15.22 38.57
CA ASN A 355 40.03 15.86 37.31
C ASN A 355 39.76 14.81 36.25
N LEU A 356 40.66 13.82 36.14
CA LEU A 356 40.45 12.70 35.24
C LEU A 356 39.70 11.55 35.91
N GLY A 357 39.62 11.54 37.23
CA GLY A 357 38.95 10.45 37.92
C GLY A 357 37.45 10.41 37.66
N LEU A 358 36.79 11.58 37.70
CA LEU A 358 35.35 11.65 37.50
C LEU A 358 34.98 11.81 36.03
N PHE A 359 35.95 11.85 35.12
CA PHE A 359 35.62 11.98 33.71
C PHE A 359 34.96 10.71 33.18
N ILE A 360 35.28 9.55 33.76
CA ILE A 360 34.63 8.31 33.38
C ILE A 360 33.19 8.27 33.88
N LYS A 361 32.87 9.06 34.90
CA LYS A 361 31.52 9.09 35.45
C LYS A 361 30.50 9.65 34.46
N LYS A 362 30.94 10.30 33.40
CA LYS A 362 30.03 10.80 32.38
C LYS A 362 29.29 9.63 31.74
N PRO A 363 27.96 9.67 31.68
CA PRO A 363 27.22 8.52 31.11
C PRO A 363 27.62 8.19 29.68
N PHE A 364 27.86 9.20 28.84
CA PHE A 364 28.27 8.94 27.47
C PHE A 364 29.70 8.42 27.41
N ILE A 365 30.58 8.96 28.26
CA ILE A 365 31.95 8.47 28.32
C ILE A 365 31.99 7.05 28.86
N LYS A 366 31.19 6.76 29.88
CA LYS A 366 31.16 5.42 30.45
C LYS A 366 30.72 4.38 29.43
N PHE A 367 29.76 4.74 28.58
CA PHE A 367 29.26 3.80 27.59
C PHE A 367 30.32 3.49 26.54
N ILE A 368 31.14 4.48 26.17
CA ILE A 368 32.21 4.26 25.22
C ILE A 368 33.30 3.39 25.84
N CYS A 369 33.61 3.62 27.12
CA CYS A 369 34.63 2.82 27.80
C CYS A 369 34.22 1.36 27.89
N HIS A 370 32.95 1.10 28.20
CA HIS A 370 32.48 -0.29 28.28
C HIS A 370 32.48 -0.95 26.91
N THR A 371 32.16 -0.18 25.86
CA THR A 371 32.16 -0.74 24.51
C THR A 371 33.57 -1.13 24.08
N ALA A 372 34.54 -0.27 24.32
CA ALA A 372 35.92 -0.58 23.96
C ALA A 372 36.46 -1.75 24.76
N SER A 373 36.09 -1.84 26.04
CA SER A 373 36.49 -2.98 26.85
C SER A 373 35.92 -4.28 26.31
N TYR A 374 34.65 -4.27 25.90
CA TYR A 374 34.06 -5.45 25.28
C TYR A 374 34.72 -5.76 23.94
N LEU A 375 35.02 -4.72 23.16
CA LEU A 375 35.64 -4.92 21.85
C LEU A 375 37.00 -5.58 21.97
N THR A 376 37.73 -5.30 23.05
CA THR A 376 39.02 -5.95 23.27
C THR A 376 38.84 -7.45 23.44
N PHE A 377 37.77 -7.85 24.13
CA PHE A 377 37.49 -9.28 24.33
C PHE A 377 37.28 -10.00 23.00
N LEU A 378 36.45 -9.43 22.12
CA LEU A 378 36.22 -10.06 20.82
C LEU A 378 37.48 -10.08 19.98
N PHE A 379 38.25 -9.00 20.01
CA PHE A 379 39.54 -8.97 19.34
C PHE A 379 40.57 -9.85 20.03
N MET A 380 40.26 -10.36 21.22
CA MET A 380 41.18 -11.22 21.96
C MET A 380 40.98 -12.68 21.62
N LEU A 381 39.71 -13.12 21.49
CA LEU A 381 39.42 -14.48 21.04
C LEU A 381 39.78 -14.67 19.57
N LEU A 382 39.65 -13.60 18.76
CA LEU A 382 40.00 -13.71 17.36
C LEU A 382 41.49 -14.02 17.18
N LEU A 383 42.34 -13.52 18.08
CA LEU A 383 43.76 -13.84 18.05
C LEU A 383 44.08 -15.08 18.90
N ALA A 384 43.34 -16.15 18.65
CA ALA A 384 43.60 -17.44 19.29
C ALA A 384 43.79 -18.58 18.30
N SER A 385 43.29 -18.46 17.07
CA SER A 385 43.51 -19.45 16.02
C SER A 385 44.43 -18.92 14.93
N GLN A 386 44.87 -17.67 15.02
CA GLN A 386 45.74 -17.06 14.03
C GLN A 386 47.07 -16.59 14.61
N HIS A 387 47.24 -16.66 15.93
CA HIS A 387 48.44 -16.11 16.57
C HIS A 387 49.08 -17.03 17.61
N ILE A 388 48.40 -18.08 18.08
CA ILE A 388 48.90 -18.82 19.23
C ILE A 388 49.15 -20.29 18.86
N VAL A 389 48.10 -21.00 18.47
CA VAL A 389 48.18 -22.45 18.27
C VAL A 389 48.95 -22.72 16.98
N ARG A 390 50.17 -23.21 17.11
CA ARG A 390 51.00 -23.58 15.96
C ARG A 390 50.98 -25.08 15.70
N THR A 391 51.39 -25.87 16.70
CA THR A 391 51.41 -27.32 16.55
C THR A 391 50.99 -28.07 17.81
N ASP A 392 50.52 -27.37 18.85
CA ASP A 392 50.10 -28.02 20.09
C ASP A 392 48.64 -28.46 20.02
N LEU A 393 48.36 -29.32 19.02
CA LEU A 393 47.02 -29.87 18.83
C LEU A 393 46.96 -31.38 18.98
N HIS A 394 48.10 -32.08 18.95
CA HIS A 394 48.10 -33.51 19.22
C HIS A 394 48.07 -33.83 20.71
N VAL A 395 48.21 -32.82 21.57
CA VAL A 395 48.13 -33.05 23.01
C VAL A 395 46.71 -33.45 23.37
N GLN A 396 46.57 -34.58 24.07
CA GLN A 396 45.24 -35.10 24.39
C GLN A 396 44.47 -34.12 25.27
N GLY A 397 45.06 -33.70 26.38
CA GLY A 397 44.50 -32.66 27.19
C GLY A 397 45.48 -31.51 27.38
N PRO A 398 45.20 -30.37 26.76
CA PRO A 398 46.11 -29.24 26.86
C PRO A 398 45.74 -28.35 28.04
N PRO A 399 46.73 -27.75 28.70
CA PRO A 399 46.43 -26.72 29.70
C PRO A 399 45.93 -25.46 29.03
N PRO A 400 45.26 -24.57 29.77
CA PRO A 400 44.86 -23.28 29.18
C PRO A 400 46.06 -22.54 28.62
N THR A 401 45.90 -22.01 27.42
CA THR A 401 47.01 -21.40 26.69
C THR A 401 47.24 -19.97 27.20
N VAL A 402 48.13 -19.24 26.54
CA VAL A 402 48.47 -17.89 26.99
C VAL A 402 47.26 -16.97 26.88
N VAL A 403 46.49 -17.09 25.81
CA VAL A 403 45.28 -16.27 25.67
C VAL A 403 44.21 -16.73 26.66
N GLU A 404 44.06 -18.04 26.83
CA GLU A 404 43.00 -18.57 27.69
C GLU A 404 43.16 -18.07 29.13
N TRP A 405 44.40 -18.06 29.64
CA TRP A 405 44.64 -17.51 30.97
C TRP A 405 44.34 -16.02 31.00
N MET A 406 44.68 -15.29 29.94
CA MET A 406 44.49 -13.86 29.87
C MET A 406 43.15 -13.46 29.24
N ILE A 407 42.34 -14.43 28.82
CA ILE A 407 40.93 -14.19 28.51
C ILE A 407 40.02 -14.58 29.67
N LEU A 408 40.51 -15.44 30.57
CA LEU A 408 39.72 -15.85 31.74
C LEU A 408 39.17 -14.70 32.58
N PRO A 409 39.92 -13.65 32.92
CA PRO A 409 39.30 -12.56 33.72
C PRO A 409 38.14 -11.88 33.01
N TRP A 410 38.18 -11.77 31.69
CA TRP A 410 37.03 -11.25 30.95
C TRP A 410 35.82 -12.14 31.12
N VAL A 411 36.02 -13.46 31.09
CA VAL A 411 34.91 -14.39 31.22
C VAL A 411 34.29 -14.28 32.62
N LEU A 412 35.12 -14.23 33.65
CA LEU A 412 34.61 -14.14 35.02
C LEU A 412 33.84 -12.85 35.23
N GLY A 413 34.31 -11.75 34.66
CA GLY A 413 33.61 -10.48 34.80
C GLY A 413 32.20 -10.52 34.23
N PHE A 414 32.02 -11.25 33.13
CA PHE A 414 30.70 -11.38 32.54
C PHE A 414 29.75 -12.15 33.44
N ILE A 415 30.21 -13.26 34.01
CA ILE A 415 29.37 -14.03 34.92
C ILE A 415 29.09 -13.24 36.19
N TRP A 416 30.11 -12.59 36.75
CA TRP A 416 29.89 -11.77 37.95
C TRP A 416 28.97 -10.60 37.66
N GLY A 417 29.15 -9.93 36.52
CA GLY A 417 28.28 -8.84 36.17
C GLY A 417 26.84 -9.27 35.96
N GLU A 418 26.65 -10.45 35.37
CA GLU A 418 25.30 -10.97 35.18
C GLU A 418 24.65 -11.31 36.52
N ILE A 419 25.40 -11.93 37.43
CA ILE A 419 24.85 -12.29 38.73
C ILE A 419 24.63 -11.05 39.58
N LYS A 420 25.56 -10.08 39.51
CA LYS A 420 25.44 -8.88 40.33
C LYS A 420 24.18 -8.10 40.00
N GLU A 421 23.81 -8.05 38.71
CA GLU A 421 22.56 -7.44 38.30
C GLU A 421 21.38 -8.40 38.41
N MET A 422 21.62 -9.69 38.65
CA MET A 422 20.53 -10.63 38.86
C MET A 422 19.83 -10.41 40.19
N TRP A 423 20.53 -9.83 41.18
CA TRP A 423 19.89 -9.51 42.45
C TRP A 423 18.74 -8.52 42.25
N ASP A 424 18.95 -7.51 41.41
CA ASP A 424 17.87 -6.60 41.06
C ASP A 424 16.93 -7.28 40.07
N GLY A 425 15.64 -7.26 40.37
CA GLY A 425 14.64 -7.88 39.51
C GLY A 425 14.37 -9.34 39.92
N GLY A 426 14.84 -10.28 39.11
CA GLY A 426 14.64 -11.69 39.39
C GLY A 426 14.38 -12.50 38.13
N PHE A 427 13.64 -13.60 38.27
CA PHE A 427 13.28 -14.39 37.10
C PHE A 427 12.39 -13.59 36.15
N THR A 428 11.45 -12.82 36.70
CA THR A 428 10.62 -11.96 35.87
C THR A 428 11.38 -10.69 35.51
N GLU A 429 10.86 -9.98 34.50
CA GLU A 429 11.39 -8.74 33.97
C GLU A 429 12.79 -8.91 33.38
N TYR A 430 13.30 -10.14 33.42
CA TYR A 430 14.60 -10.48 32.87
C TYR A 430 14.51 -11.41 31.67
N ILE A 431 13.59 -12.38 31.69
CA ILE A 431 13.38 -13.24 30.54
C ILE A 431 12.77 -12.46 29.38
N HIS A 432 11.89 -11.49 29.69
CA HIS A 432 11.20 -10.74 28.65
C HIS A 432 12.14 -9.87 27.83
N ASP A 433 13.36 -9.64 28.32
CA ASP A 433 14.41 -9.00 27.53
C ASP A 433 15.17 -10.09 26.79
N TRP A 434 14.93 -10.20 25.48
CA TRP A 434 15.51 -11.30 24.70
C TRP A 434 17.02 -11.20 24.58
N TRP A 435 17.61 -10.02 24.78
CA TRP A 435 19.06 -9.92 24.74
C TRP A 435 19.72 -10.54 25.96
N ASN A 436 18.99 -10.65 27.07
CA ASN A 436 19.51 -11.36 28.24
C ASN A 436 19.45 -12.86 28.05
N LEU A 437 18.52 -13.35 27.23
CA LEU A 437 18.50 -14.78 26.90
C LEU A 437 19.77 -15.18 26.17
N MET A 438 20.24 -14.33 25.25
CA MET A 438 21.51 -14.58 24.59
C MET A 438 22.66 -14.55 25.58
N ASP A 439 22.64 -13.58 26.51
CA ASP A 439 23.73 -13.45 27.48
C ASP A 439 23.82 -14.69 28.38
N PHE A 440 22.66 -15.27 28.73
CA PHE A 440 22.68 -16.48 29.54
C PHE A 440 23.34 -17.64 28.80
N ALA A 441 23.09 -17.75 27.50
CA ALA A 441 23.64 -18.85 26.72
C ALA A 441 25.17 -18.77 26.64
N MET A 442 25.71 -17.57 26.45
CA MET A 442 27.16 -17.41 26.35
C MET A 442 27.85 -17.84 27.63
N ASN A 443 27.37 -17.36 28.78
CA ASN A 443 28.03 -17.67 30.05
C ASN A 443 27.84 -19.13 30.44
N SER A 444 26.67 -19.71 30.14
CA SER A 444 26.48 -21.13 30.38
C SER A 444 27.43 -21.98 29.54
N LEU A 445 27.60 -21.60 28.26
CA LEU A 445 28.54 -22.32 27.41
C LEU A 445 29.98 -22.06 27.83
N TYR A 446 30.27 -20.85 28.30
CA TYR A 446 31.62 -20.53 28.77
C TYR A 446 31.96 -21.29 30.05
N LEU A 447 30.97 -21.58 30.88
CA LEU A 447 31.21 -22.40 32.06
C LEU A 447 31.49 -23.85 31.68
N ALA A 448 30.80 -24.35 30.65
CA ALA A 448 30.98 -25.74 30.25
C ALA A 448 32.37 -25.99 29.67
N THR A 449 32.85 -25.10 28.80
CA THR A 449 34.16 -25.32 28.18
C THR A 449 35.28 -25.18 29.20
N ILE A 450 35.14 -24.23 30.14
CA ILE A 450 36.15 -24.08 31.19
C ILE A 450 36.20 -25.32 32.07
N SER A 451 35.03 -25.83 32.46
CA SER A 451 34.99 -27.03 33.29
C SER A 451 35.47 -28.25 32.51
N LEU A 452 35.09 -28.36 31.24
CA LEU A 452 35.51 -29.50 30.44
C LEU A 452 36.99 -29.47 30.10
N LYS A 453 37.62 -28.30 30.16
CA LYS A 453 39.05 -28.22 29.87
C LYS A 453 39.89 -28.79 31.00
N ILE A 454 39.53 -28.50 32.24
CA ILE A 454 40.31 -28.99 33.37
C ILE A 454 40.02 -30.46 33.67
N MET A 455 38.89 -30.99 33.18
CA MET A 455 38.64 -32.42 33.31
C MET A 455 39.57 -33.22 32.42
N ALA A 456 39.78 -32.77 31.18
CA ALA A 456 40.71 -33.44 30.28
C ALA A 456 42.16 -33.22 30.68
N TYR A 457 42.44 -32.22 31.52
CA TYR A 457 43.80 -31.98 31.98
C TYR A 457 44.26 -33.00 33.01
N VAL A 458 43.33 -33.69 33.67
CA VAL A 458 43.68 -34.67 34.68
C VAL A 458 43.52 -36.10 34.19
N LYS A 459 42.67 -36.35 33.20
CA LYS A 459 42.46 -37.70 32.68
C LYS A 459 43.39 -38.04 31.51
N TYR A 460 44.10 -37.07 30.97
CA TYR A 460 44.99 -37.31 29.84
C TYR A 460 46.32 -36.62 30.09
N ASN A 461 47.41 -37.29 29.73
CA ASN A 461 48.74 -36.73 29.92
C ASN A 461 49.58 -36.73 28.66
N GLY A 462 49.43 -37.75 27.81
CA GLY A 462 50.26 -37.89 26.63
C GLY A 462 49.69 -37.16 25.42
N SER A 463 50.38 -37.34 24.29
CA SER A 463 50.01 -36.72 23.02
C SER A 463 49.80 -37.81 21.98
N ARG A 464 48.67 -37.74 21.27
CA ARG A 464 48.33 -38.70 20.23
C ARG A 464 47.80 -37.96 19.02
N PRO A 465 48.01 -38.49 17.82
CA PRO A 465 47.46 -37.85 16.62
C PRO A 465 45.94 -37.78 16.68
N ARG A 466 45.40 -36.67 16.17
CA ARG A 466 43.97 -36.41 16.30
C ARG A 466 43.13 -37.47 15.60
N GLU A 467 43.65 -38.11 14.56
CA GLU A 467 42.91 -39.15 13.86
C GLU A 467 42.71 -40.40 14.71
N GLU A 468 43.39 -40.50 15.85
CA GLU A 468 43.27 -41.67 16.72
C GLU A 468 42.46 -41.39 17.98
N TRP A 469 41.98 -40.16 18.17
CA TRP A 469 41.19 -39.84 19.35
C TRP A 469 39.81 -40.49 19.27
N GLU A 470 39.15 -40.56 20.42
CA GLU A 470 37.85 -41.20 20.54
C GLU A 470 36.78 -40.37 19.81
N MET A 471 35.59 -40.98 19.67
CA MET A 471 34.49 -40.33 18.98
C MET A 471 34.04 -39.08 19.73
N TRP A 472 33.94 -39.16 21.05
CA TRP A 472 33.42 -38.05 21.85
C TRP A 472 34.45 -37.57 22.85
N HIS A 473 35.68 -37.34 22.38
CA HIS A 473 36.75 -36.89 23.26
C HIS A 473 36.37 -35.58 23.94
N PRO A 474 36.64 -35.45 25.24
CA PRO A 474 36.26 -34.21 25.94
C PRO A 474 36.91 -32.96 25.38
N THR A 475 38.15 -33.06 24.89
CA THR A 475 38.81 -31.91 24.28
C THR A 475 38.07 -31.44 23.03
N LEU A 476 37.62 -32.39 22.20
CA LEU A 476 36.85 -32.04 21.02
C LEU A 476 35.53 -31.38 21.39
N ILE A 477 34.87 -31.87 22.45
CA ILE A 477 33.59 -31.33 22.85
C ILE A 477 33.75 -29.88 23.31
N ALA A 478 34.80 -29.59 24.08
CA ALA A 478 35.03 -28.23 24.56
C ALA A 478 35.30 -27.27 23.40
N GLU A 479 36.03 -27.73 22.39
CA GLU A 479 36.31 -26.88 21.23
C GLU A 479 35.02 -26.51 20.51
N ALA A 480 34.08 -27.44 20.39
CA ALA A 480 32.81 -27.15 19.75
C ALA A 480 32.01 -26.13 20.54
N LEU A 481 31.97 -26.29 21.88
CA LEU A 481 31.21 -25.36 22.71
C LEU A 481 31.85 -23.98 22.72
N PHE A 482 33.17 -23.91 22.68
CA PHE A 482 33.86 -22.62 22.67
C PHE A 482 33.56 -21.87 21.38
N ALA A 483 33.53 -22.57 20.24
CA ALA A 483 33.27 -21.92 18.96
C ALA A 483 31.85 -21.37 18.89
N ILE A 484 30.88 -22.08 19.46
CA ILE A 484 29.51 -21.58 19.48
C ILE A 484 29.39 -20.31 20.30
N SER A 485 30.16 -20.22 21.38
CA SER A 485 30.16 -19.01 22.20
C SER A 485 30.69 -17.81 21.42
N ASN A 486 31.68 -18.03 20.56
CA ASN A 486 32.24 -16.93 19.79
C ASN A 486 31.22 -16.35 18.83
N ILE A 487 30.32 -17.16 18.29
CA ILE A 487 29.25 -16.64 17.44
C ILE A 487 28.32 -15.77 18.26
N LEU A 488 27.94 -16.23 19.46
CA LEU A 488 27.01 -15.48 20.29
C LEU A 488 27.64 -14.20 20.81
N SER A 489 28.94 -14.23 21.13
CA SER A 489 29.61 -13.03 21.61
C SER A 489 29.62 -11.94 20.55
N SER A 490 29.90 -12.30 19.30
CA SER A 490 29.95 -11.30 18.24
C SER A 490 28.56 -10.82 17.85
N LEU A 491 27.55 -11.67 17.98
CA LEU A 491 26.18 -11.26 17.66
C LEU A 491 25.63 -10.24 18.65
N ARG A 492 26.27 -10.08 19.81
CA ARG A 492 25.81 -9.11 20.80
C ARG A 492 26.15 -7.68 20.41
N LEU A 493 27.06 -7.49 19.46
CA LEU A 493 27.38 -6.14 18.99
C LEU A 493 26.20 -5.50 18.27
N ILE A 494 25.20 -6.29 17.86
CA ILE A 494 24.02 -5.73 17.20
C ILE A 494 23.23 -4.85 18.16
N SER A 495 23.18 -5.22 19.44
CA SER A 495 22.44 -4.41 20.41
C SER A 495 23.04 -3.02 20.57
N LEU A 496 24.33 -2.86 20.30
CA LEU A 496 24.96 -1.55 20.35
C LEU A 496 24.46 -0.59 19.28
N PHE A 497 23.72 -1.09 18.29
CA PHE A 497 23.21 -0.27 17.21
C PHE A 497 22.09 0.67 17.66
N THR A 498 21.50 0.42 18.82
CA THR A 498 20.44 1.28 19.33
C THR A 498 20.94 2.69 19.61
N ALA A 499 22.22 2.83 19.98
CA ALA A 499 22.77 4.14 20.30
C ALA A 499 22.94 5.02 19.07
N ASN A 500 22.92 4.44 17.87
CA ASN A 500 23.17 5.18 16.64
C ASN A 500 21.84 5.60 16.02
N SER A 501 21.79 6.83 15.53
CA SER A 501 20.57 7.38 14.96
C SER A 501 20.29 6.90 13.56
N HIS A 502 21.26 6.28 12.89
CA HIS A 502 21.08 5.75 11.54
C HIS A 502 20.76 4.26 11.54
N LEU A 503 21.49 3.46 12.30
CA LEU A 503 21.26 2.03 12.38
C LEU A 503 20.31 1.64 13.50
N GLY A 504 19.94 2.58 14.37
CA GLY A 504 19.06 2.30 15.48
C GLY A 504 17.65 1.91 15.07
N PRO A 505 16.97 2.78 14.31
CA PRO A 505 15.61 2.44 13.87
C PRO A 505 15.54 1.17 13.04
N LEU A 506 16.58 0.86 12.26
CA LEU A 506 16.58 -0.36 11.46
C LEU A 506 16.73 -1.60 12.33
N GLN A 507 17.62 -1.53 13.32
CA GLN A 507 17.82 -2.67 14.21
C GLN A 507 16.57 -2.96 15.02
N ILE A 508 15.87 -1.91 15.47
CA ILE A 508 14.63 -2.10 16.22
C ILE A 508 13.55 -2.69 15.32
N SER A 509 13.50 -2.25 14.07
CA SER A 509 12.50 -2.78 13.13
C SER A 509 12.76 -4.24 12.80
N LEU A 510 14.04 -4.63 12.69
CA LEU A 510 14.37 -6.00 12.34
C LEU A 510 13.88 -6.97 13.40
N GLY A 511 14.08 -6.64 14.68
CA GLY A 511 13.63 -7.51 15.76
C GLY A 511 12.15 -7.41 16.07
N ARG A 512 11.48 -6.36 15.60
CA ARG A 512 10.08 -6.15 15.92
C ARG A 512 9.15 -7.10 15.19
N MET A 513 9.63 -7.79 14.16
CA MET A 513 8.78 -8.71 13.40
C MET A 513 9.41 -10.10 13.29
N LEU A 514 10.41 -10.40 14.13
CA LEU A 514 10.90 -11.76 14.24
C LEU A 514 9.87 -12.70 14.85
N LEU A 515 8.89 -12.17 15.59
CA LEU A 515 7.85 -13.02 16.14
C LEU A 515 6.94 -13.59 15.06
N ASP A 516 6.72 -12.84 13.98
CA ASP A 516 5.95 -13.38 12.87
C ASP A 516 6.70 -14.48 12.13
N ILE A 517 8.03 -14.45 12.18
CA ILE A 517 8.83 -15.54 11.62
C ILE A 517 8.58 -16.83 12.39
N LEU A 518 8.54 -16.75 13.72
CA LEU A 518 8.36 -17.94 14.53
C LEU A 518 7.02 -18.61 14.27
N LYS A 519 5.97 -17.81 14.05
CA LYS A 519 4.68 -18.38 13.69
C LYS A 519 4.76 -19.15 12.37
N PHE A 520 5.47 -18.59 11.39
CA PHE A 520 5.63 -19.25 10.10
C PHE A 520 6.47 -20.52 10.21
N LEU A 521 7.58 -20.46 10.94
CA LEU A 521 8.46 -21.62 11.05
C LEU A 521 7.77 -22.81 11.71
N PHE A 522 6.68 -22.58 12.44
CA PHE A 522 5.90 -23.69 12.96
C PHE A 522 5.02 -24.31 11.89
N ILE A 523 4.55 -23.49 10.93
CA ILE A 523 3.82 -24.01 9.79
C ILE A 523 4.74 -24.86 8.93
N TYR A 524 5.94 -24.36 8.64
CA TYR A 524 6.89 -25.08 7.79
C TYR A 524 7.37 -26.35 8.45
N CYS A 525 7.60 -26.32 9.77
CA CYS A 525 8.13 -27.48 10.46
C CYS A 525 7.20 -28.68 10.41
N LEU A 526 5.90 -28.44 10.18
CA LEU A 526 4.94 -29.53 10.06
C LEU A 526 4.86 -30.08 8.65
N VAL A 527 4.99 -29.21 7.64
CA VAL A 527 5.10 -29.68 6.27
C VAL A 527 6.38 -30.48 6.06
N LEU A 528 7.47 -30.03 6.69
CA LEU A 528 8.73 -30.75 6.62
C LEU A 528 8.61 -32.14 7.23
N LEU A 529 7.94 -32.24 8.37
CA LEU A 529 7.81 -33.54 9.04
C LEU A 529 6.87 -34.47 8.29
N ALA A 530 5.87 -33.93 7.59
CA ALA A 530 4.95 -34.76 6.83
C ALA A 530 5.65 -35.43 5.65
N PHE A 531 6.44 -34.68 4.91
CA PHE A 531 7.13 -35.23 3.74
C PHE A 531 8.33 -36.07 4.13
N ALA A 532 8.97 -35.79 5.27
CA ALA A 532 10.08 -36.62 5.72
C ALA A 532 9.61 -38.00 6.14
N ASN A 533 8.38 -38.10 6.67
CA ASN A 533 7.82 -39.41 7.01
C ASN A 533 7.59 -40.25 5.76
N GLY A 534 7.03 -39.65 4.71
CA GLY A 534 6.78 -40.40 3.49
C GLY A 534 8.04 -40.85 2.78
N LEU A 535 9.04 -39.96 2.70
CA LEU A 535 10.28 -40.30 2.00
C LEU A 535 11.06 -41.37 2.75
N ASN A 536 11.09 -41.29 4.08
CA ASN A 536 11.79 -42.31 4.86
C ASN A 536 11.04 -43.65 4.84
N GLN A 537 9.71 -43.62 4.81
CA GLN A 537 8.92 -44.84 4.77
C GLN A 537 9.09 -45.57 3.44
N LEU A 538 9.59 -44.90 2.41
CA LEU A 538 9.77 -45.48 1.09
C LEU A 538 11.19 -45.89 0.80
N TYR A 539 12.18 -45.27 1.46
CA TYR A 539 13.58 -45.43 1.10
C TYR A 539 14.41 -46.19 2.12
N PHE A 540 13.86 -46.48 3.30
CA PHE A 540 14.64 -47.14 4.34
C PHE A 540 14.99 -48.57 4.01
N TYR A 541 14.33 -49.18 3.02
CA TYR A 541 14.65 -50.55 2.64
C TYR A 541 16.03 -50.65 2.00
N TYR A 542 16.49 -49.58 1.36
CA TYR A 542 17.70 -49.61 0.55
C TYR A 542 18.90 -48.96 1.23
N GLU A 543 18.89 -48.89 2.56
CA GLU A 543 20.02 -48.33 3.27
C GLU A 543 21.26 -49.21 3.10
N THR A 544 22.40 -48.58 2.82
CA THR A 544 23.65 -49.27 2.59
C THR A 544 24.67 -48.89 3.65
N ARG A 545 25.57 -49.82 3.95
CA ARG A 545 26.61 -49.57 4.93
C ARG A 545 27.70 -48.66 4.33
N ALA A 546 28.42 -47.98 5.22
CA ALA A 546 29.49 -47.09 4.79
C ALA A 546 30.64 -47.83 4.12
N ILE A 547 30.74 -49.15 4.33
CA ILE A 547 31.79 -49.94 3.69
C ILE A 547 31.59 -49.94 2.17
N ASP A 548 30.35 -50.12 1.73
CA ASP A 548 30.07 -50.23 0.30
C ASP A 548 30.14 -48.90 -0.44
N GLU A 549 30.02 -47.78 0.27
CA GLU A 549 30.09 -46.49 -0.37
C GLU A 549 31.54 -46.11 -0.68
N PRO A 550 31.76 -45.32 -1.74
CA PRO A 550 33.13 -44.86 -2.04
C PRO A 550 33.69 -44.03 -0.91
N ASN A 551 34.99 -44.21 -0.66
CA ASN A 551 35.76 -43.46 0.34
C ASN A 551 35.21 -43.64 1.76
N ASN A 552 34.41 -44.67 1.99
CA ASN A 552 33.85 -44.97 3.31
C ASN A 552 33.06 -43.79 3.85
N CYS A 553 32.33 -43.10 2.99
CA CYS A 553 31.56 -41.92 3.35
C CYS A 553 30.07 -42.22 3.19
N LYS A 554 29.30 -41.97 4.25
CA LYS A 554 27.87 -42.19 4.25
C LYS A 554 27.16 -40.91 4.67
N GLY A 555 26.19 -40.49 3.88
CA GLY A 555 25.39 -39.31 4.16
C GLY A 555 25.45 -38.31 3.02
N ILE A 556 24.94 -37.11 3.29
CA ILE A 556 24.83 -36.07 2.28
C ILE A 556 25.97 -35.07 2.35
N ARG A 557 26.93 -35.26 3.25
CA ARG A 557 28.11 -34.42 3.34
C ARG A 557 29.30 -35.03 2.60
N CYS A 558 29.05 -35.90 1.64
CA CYS A 558 30.09 -36.53 0.84
C CYS A 558 30.12 -35.91 -0.56
N GLU A 559 31.17 -36.25 -1.30
CA GLU A 559 31.22 -35.86 -2.71
C GLU A 559 30.04 -36.43 -3.48
N LYS A 560 29.83 -37.73 -3.36
CA LYS A 560 28.64 -38.40 -3.88
C LYS A 560 27.67 -38.57 -2.72
N GLN A 561 26.64 -37.73 -2.69
CA GLN A 561 25.62 -37.83 -1.66
C GLN A 561 24.89 -39.17 -1.77
N ASN A 562 24.69 -39.81 -0.62
CA ASN A 562 24.05 -41.12 -0.59
C ASN A 562 23.29 -41.27 0.72
N ASN A 563 22.36 -42.22 0.73
CA ASN A 563 21.54 -42.51 1.91
C ASN A 563 20.84 -41.25 2.41
N ALA A 564 20.27 -40.50 1.47
CA ALA A 564 19.62 -39.24 1.82
C ALA A 564 18.37 -39.46 2.65
N PHE A 565 17.62 -40.53 2.38
CA PHE A 565 16.36 -40.81 3.04
C PHE A 565 16.39 -42.15 3.76
N SER A 566 17.57 -42.59 4.19
CA SER A 566 17.68 -43.90 4.83
C SER A 566 17.09 -43.90 6.23
N THR A 567 17.37 -42.87 7.02
CA THR A 567 16.84 -42.74 8.36
C THR A 567 16.06 -41.43 8.48
N LEU A 568 15.24 -41.35 9.53
CA LEU A 568 14.43 -40.15 9.74
C LEU A 568 15.29 -38.94 10.10
N PHE A 569 16.35 -39.16 10.87
CA PHE A 569 17.25 -38.06 11.23
C PHE A 569 17.98 -37.53 9.99
N GLU A 570 18.41 -38.42 9.10
CA GLU A 570 19.05 -37.99 7.87
C GLU A 570 18.05 -37.34 6.92
N THR A 571 16.82 -37.87 6.87
CA THR A 571 15.82 -37.34 5.97
C THR A 571 15.44 -35.91 6.32
N LEU A 572 15.40 -35.58 7.61
CA LEU A 572 15.07 -34.22 8.02
C LEU A 572 16.14 -33.23 7.60
N GLN A 573 17.41 -33.65 7.64
CA GLN A 573 18.50 -32.79 7.19
C GLN A 573 18.50 -32.64 5.68
N SER A 574 18.15 -33.70 4.95
CA SER A 574 18.15 -33.64 3.49
C SER A 574 17.13 -32.64 2.97
N LEU A 575 15.94 -32.61 3.58
CA LEU A 575 14.91 -31.67 3.14
C LEU A 575 15.21 -30.26 3.58
N PHE A 576 16.03 -30.08 4.61
CA PHE A 576 16.46 -28.73 5.00
C PHE A 576 17.42 -28.15 3.97
N TRP A 577 18.41 -28.96 3.55
CA TRP A 577 19.42 -28.46 2.61
C TRP A 577 18.87 -28.29 1.20
N SER A 578 17.73 -28.89 0.90
CA SER A 578 17.11 -28.70 -0.40
C SER A 578 16.43 -27.33 -0.52
N VAL A 579 16.19 -26.66 0.60
CA VAL A 579 15.68 -25.29 0.57
C VAL A 579 16.71 -24.36 -0.08
N PHE A 580 17.99 -24.63 0.15
CA PHE A 580 19.08 -23.85 -0.41
C PHE A 580 19.67 -24.48 -1.66
N GLY A 581 19.06 -25.55 -2.18
CA GLY A 581 19.53 -26.17 -3.39
C GLY A 581 20.80 -26.98 -3.27
N LEU A 582 21.11 -27.47 -2.07
CA LEU A 582 22.36 -28.17 -1.83
C LEU A 582 22.21 -29.68 -1.82
N LEU A 583 21.06 -30.20 -2.22
CA LEU A 583 20.83 -31.64 -2.34
C LEU A 583 20.67 -31.98 -3.82
N ASN A 584 21.52 -32.86 -4.31
CA ASN A 584 21.50 -33.23 -5.72
C ASN A 584 20.35 -34.18 -6.02
N LEU A 585 19.94 -34.20 -7.30
CA LEU A 585 18.78 -34.98 -7.70
C LEU A 585 19.04 -36.48 -7.73
N TYR A 586 20.29 -36.91 -7.81
CA TYR A 586 20.57 -38.33 -7.92
C TYR A 586 20.41 -39.08 -6.60
N VAL A 587 20.14 -38.38 -5.50
CA VAL A 587 19.85 -39.04 -4.24
C VAL A 587 18.51 -39.76 -4.24
N THR A 588 17.66 -39.48 -5.21
CA THR A 588 16.39 -40.19 -5.38
C THR A 588 16.56 -41.51 -6.12
N ASN A 589 17.78 -41.97 -6.30
CA ASN A 589 18.09 -43.18 -7.04
C ASN A 589 18.67 -44.23 -6.10
N VAL A 590 18.32 -45.49 -6.33
CA VAL A 590 18.79 -46.58 -5.49
C VAL A 590 19.40 -47.67 -6.38
N LYS A 591 20.17 -48.56 -5.75
CA LYS A 591 20.92 -49.56 -6.50
C LYS A 591 20.00 -50.56 -7.19
N ALA A 592 18.84 -50.86 -6.61
CA ALA A 592 17.93 -51.84 -7.20
C ALA A 592 17.38 -51.39 -8.53
N ARG A 593 17.39 -50.09 -8.82
CA ARG A 593 16.94 -49.53 -10.10
C ARG A 593 15.49 -49.89 -10.38
N HIS A 594 14.66 -49.89 -9.33
CA HIS A 594 13.22 -50.09 -9.48
C HIS A 594 12.60 -48.77 -9.90
N GLU A 595 12.18 -48.69 -11.17
CA GLU A 595 11.79 -47.42 -11.76
C GLU A 595 10.57 -46.82 -11.07
N PHE A 596 9.60 -47.66 -10.71
CA PHE A 596 8.38 -47.14 -10.08
C PHE A 596 8.68 -46.54 -8.71
N THR A 597 9.50 -47.21 -7.90
CA THR A 597 9.83 -46.71 -6.58
C THR A 597 10.59 -45.39 -6.66
N GLU A 598 11.56 -45.31 -7.58
CA GLU A 598 12.37 -44.11 -7.69
C GLU A 598 11.59 -42.92 -8.23
N PHE A 599 10.64 -43.17 -9.13
CA PHE A 599 9.81 -42.08 -9.64
C PHE A 599 8.89 -41.52 -8.57
N VAL A 600 8.32 -42.40 -7.73
CA VAL A 600 7.45 -41.95 -6.66
C VAL A 600 8.22 -41.09 -5.66
N GLY A 601 9.43 -41.52 -5.30
CA GLY A 601 10.24 -40.73 -4.38
C GLY A 601 10.62 -39.37 -4.94
N ALA A 602 10.92 -39.31 -6.23
CA ALA A 602 11.24 -38.04 -6.87
C ALA A 602 10.01 -37.13 -6.96
N THR A 603 8.82 -37.72 -7.00
CA THR A 603 7.59 -36.93 -7.01
C THR A 603 7.27 -36.39 -5.63
N MET A 604 7.56 -37.16 -4.57
CA MET A 604 7.46 -36.62 -3.22
C MET A 604 8.44 -35.48 -3.02
N PHE A 605 9.68 -35.64 -3.51
CA PHE A 605 10.67 -34.58 -3.41
C PHE A 605 10.26 -33.35 -4.19
N GLY A 606 9.70 -33.55 -5.40
CA GLY A 606 9.28 -32.42 -6.20
C GLY A 606 8.09 -31.68 -5.62
N THR A 607 7.14 -32.42 -5.04
CA THR A 607 5.99 -31.79 -4.41
C THR A 607 6.42 -30.96 -3.20
N TYR A 608 7.38 -31.46 -2.43
CA TYR A 608 7.88 -30.71 -1.28
C TYR A 608 8.56 -29.42 -1.73
N ASN A 609 9.30 -29.45 -2.84
CA ASN A 609 9.96 -28.26 -3.35
C ASN A 609 8.95 -27.20 -3.78
N VAL A 610 7.86 -27.63 -4.42
CA VAL A 610 6.83 -26.68 -4.85
C VAL A 610 6.17 -26.02 -3.65
N ILE A 611 5.82 -26.81 -2.63
CA ILE A 611 5.14 -26.27 -1.46
C ILE A 611 6.05 -25.31 -0.71
N SER A 612 7.33 -25.65 -0.57
CA SER A 612 8.25 -24.86 0.22
C SER A 612 8.75 -23.64 -0.54
N LEU A 613 9.32 -23.85 -1.71
CA LEU A 613 10.07 -22.81 -2.42
C LEU A 613 9.21 -21.98 -3.36
N VAL A 614 7.93 -22.30 -3.52
CA VAL A 614 7.09 -21.55 -4.46
C VAL A 614 5.87 -20.99 -3.73
N VAL A 615 5.45 -21.66 -2.65
CA VAL A 615 4.23 -21.31 -1.93
C VAL A 615 4.53 -20.75 -0.55
N LEU A 616 5.21 -21.54 0.29
CA LEU A 616 5.44 -21.11 1.68
C LEU A 616 6.38 -19.92 1.75
N LEU A 617 7.49 -19.95 1.00
CA LEU A 617 8.43 -18.84 1.05
C LEU A 617 7.89 -17.57 0.41
N ASN A 618 6.96 -17.69 -0.53
CA ASN A 618 6.31 -16.52 -1.09
C ASN A 618 5.27 -15.94 -0.14
N MET A 619 4.60 -16.79 0.64
CA MET A 619 3.78 -16.32 1.74
C MET A 619 4.60 -15.55 2.77
N LEU A 620 5.80 -16.05 3.10
CA LEU A 620 6.64 -15.36 4.08
C LEU A 620 6.99 -13.96 3.59
N ILE A 621 7.32 -13.82 2.31
CA ILE A 621 7.62 -12.50 1.75
C ILE A 621 6.41 -11.59 1.83
N ALA A 622 5.22 -12.15 1.63
CA ALA A 622 3.99 -11.34 1.62
C ALA A 622 3.72 -10.71 2.97
N MET A 623 3.94 -11.44 4.07
CA MET A 623 3.64 -10.88 5.38
C MET A 623 4.74 -9.96 5.90
N MET A 624 5.98 -10.08 5.40
CA MET A 624 6.97 -9.05 5.68
C MET A 624 6.54 -7.71 5.14
N ASN A 625 6.03 -7.68 3.91
CA ASN A 625 5.61 -6.42 3.30
C ASN A 625 4.47 -5.79 4.08
N ASN A 626 3.50 -6.60 4.50
CA ASN A 626 2.37 -6.06 5.26
C ASN A 626 2.81 -5.61 6.65
N SER A 627 3.65 -6.41 7.32
CA SER A 627 4.10 -6.05 8.66
C SER A 627 5.00 -4.82 8.63
N TYR A 628 5.89 -4.73 7.64
CA TYR A 628 6.84 -3.63 7.61
C TYR A 628 6.16 -2.28 7.41
N GLN A 629 5.05 -2.26 6.67
CA GLN A 629 4.33 -1.01 6.48
C GLN A 629 3.78 -0.46 7.80
N LEU A 630 3.20 -1.34 8.62
CA LEU A 630 2.68 -0.91 9.92
C LEU A 630 3.82 -0.53 10.86
N ILE A 631 4.92 -1.27 10.83
CA ILE A 631 6.03 -1.01 11.74
C ILE A 631 6.70 0.32 11.41
N ALA A 632 6.85 0.62 10.12
CA ALA A 632 7.64 1.78 9.70
C ALA A 632 7.05 3.09 10.21
N ASP A 633 5.73 3.13 10.43
CA ASP A 633 5.11 4.36 10.93
C ASP A 633 5.52 4.64 12.37
N HIS A 634 5.65 3.61 13.19
CA HIS A 634 5.97 3.74 14.60
C HIS A 634 7.46 3.55 14.90
N ALA A 635 8.30 3.49 13.88
CA ALA A 635 9.70 3.12 14.06
C ALA A 635 10.44 4.13 14.93
N ASP A 636 10.21 5.43 14.69
CA ASP A 636 10.94 6.47 15.42
C ASP A 636 10.60 6.45 16.90
N ILE A 637 9.32 6.28 17.24
CA ILE A 637 8.91 6.22 18.64
C ILE A 637 9.46 4.97 19.30
N GLU A 638 9.44 3.85 18.59
CA GLU A 638 9.93 2.59 19.15
C GLU A 638 11.44 2.65 19.42
N TRP A 639 12.20 3.26 18.52
CA TRP A 639 13.65 3.34 18.71
C TRP A 639 14.00 4.26 19.86
N LYS A 640 13.33 5.41 19.97
CA LYS A 640 13.63 6.36 21.04
C LYS A 640 13.31 5.77 22.41
N PHE A 641 12.26 4.96 22.50
CA PHE A 641 11.97 4.26 23.75
C PHE A 641 13.08 3.28 24.11
N ALA A 642 13.62 2.58 23.10
CA ALA A 642 14.69 1.62 23.35
C ALA A 642 16.00 2.32 23.70
N ARG A 643 16.30 3.44 23.04
CA ARG A 643 17.51 4.18 23.36
C ARG A 643 17.45 4.78 24.76
N THR A 644 16.26 5.14 25.22
CA THR A 644 16.12 5.68 26.57
C THR A 644 16.55 4.66 27.62
N LYS A 645 16.12 3.41 27.46
CA LYS A 645 16.52 2.36 28.39
C LYS A 645 18.01 2.11 28.36
N LEU A 646 18.64 2.27 27.19
CA LEU A 646 20.10 2.17 27.10
C LEU A 646 20.77 3.28 27.88
N TRP A 647 20.26 4.51 27.78
CA TRP A 647 20.90 5.65 28.43
C TRP A 647 20.77 5.55 29.95
N MET A 648 19.58 5.20 30.45
CA MET A 648 19.36 5.15 31.89
C MET A 648 20.16 4.04 32.56
N SER A 649 20.63 3.05 31.80
CA SER A 649 21.46 1.99 32.38
C SER A 649 22.86 2.49 32.74
N TYR A 650 23.25 3.66 32.24
CA TYR A 650 24.54 4.25 32.56
C TYR A 650 24.43 5.46 33.49
N PHE A 651 23.21 5.87 33.85
CA PHE A 651 23.05 7.02 34.73
C PHE A 651 23.39 6.66 36.17
N ASP A 652 22.98 5.49 36.63
CA ASP A 652 23.12 5.13 38.03
C ASP A 652 24.58 4.84 38.38
N GLU A 653 24.89 4.98 39.67
CA GLU A 653 26.25 4.75 40.17
C GLU A 653 26.33 3.29 40.61
N GLY A 654 26.64 2.42 39.64
CA GLY A 654 26.82 1.01 39.93
C GLY A 654 27.36 0.25 38.74
N GLY A 655 28.42 -0.53 38.95
CA GLY A 655 29.05 -1.25 37.86
C GLY A 655 29.62 -0.35 36.78
N THR A 656 30.22 0.77 37.18
CA THR A 656 30.81 1.67 36.20
C THR A 656 32.10 1.11 35.61
N LEU A 657 32.79 0.25 36.35
CA LEU A 657 34.03 -0.33 35.87
C LEU A 657 33.75 -1.40 34.83
N PRO A 658 34.65 -1.56 33.85
CA PRO A 658 34.47 -2.59 32.82
C PRO A 658 34.56 -3.99 33.40
N PRO A 659 34.07 -4.99 32.69
CA PRO A 659 34.12 -6.38 33.19
C PRO A 659 35.53 -6.84 33.52
N PRO A 660 36.56 -6.44 32.76
CA PRO A 660 37.93 -6.80 33.19
C PRO A 660 38.30 -6.25 34.56
N PHE A 661 37.68 -5.16 35.02
CA PHE A 661 38.03 -4.56 36.30
C PHE A 661 36.96 -4.74 37.38
N ASN A 662 35.71 -5.00 37.00
CA ASN A 662 34.64 -5.10 37.99
C ASN A 662 34.74 -6.37 38.84
N ILE A 663 35.61 -7.32 38.46
CA ILE A 663 35.74 -8.55 39.24
C ILE A 663 36.32 -8.29 40.62
N ILE A 664 37.00 -7.17 40.82
CA ILE A 664 37.55 -6.82 42.13
C ILE A 664 36.41 -6.31 43.01
N PRO A 665 36.20 -6.91 44.19
CA PRO A 665 35.12 -6.48 45.09
C PRO A 665 35.46 -5.22 45.88
N ASN A 703 8.50 13.33 55.89
CA ASN A 703 9.72 14.12 56.03
C ASN A 703 9.46 15.60 55.75
N ALA A 704 10.32 16.46 56.29
CA ALA A 704 10.17 17.90 56.06
C ALA A 704 10.36 18.25 54.59
N ASP A 705 11.34 17.63 53.94
CA ASP A 705 11.58 17.92 52.52
C ASP A 705 10.51 17.29 51.64
N SER A 706 10.10 16.05 51.96
CA SER A 706 9.11 15.37 51.14
C SER A 706 7.77 16.09 51.14
N LEU A 707 7.46 16.80 52.22
CA LEU A 707 6.24 17.61 52.24
C LEU A 707 6.33 18.76 51.25
N ILE A 708 7.51 19.38 51.14
CA ILE A 708 7.69 20.50 50.22
C ILE A 708 7.58 20.04 48.77
N GLN A 709 8.20 18.89 48.45
CA GLN A 709 8.23 18.43 47.07
C GLN A 709 6.83 18.12 46.57
N ASN A 710 5.97 17.54 47.43
CA ASN A 710 4.60 17.27 47.04
C ASN A 710 3.82 18.56 46.78
N GLN A 711 4.09 19.59 47.58
CA GLN A 711 3.44 20.88 47.36
C GLN A 711 3.85 21.50 46.03
N HIS A 712 5.14 21.40 45.69
CA HIS A 712 5.61 21.93 44.42
C HIS A 712 5.00 21.18 43.24
N TYR A 713 4.86 19.86 43.36
CA TYR A 713 4.29 19.07 42.28
C TYR A 713 2.82 19.42 42.05
N GLN A 714 2.06 19.62 43.14
CA GLN A 714 0.64 19.92 43.00
C GLN A 714 0.43 21.28 42.36
N GLU A 715 1.29 22.25 42.65
CA GLU A 715 1.17 23.58 42.06
C GLU A 715 1.38 23.54 40.56
N VAL A 716 2.38 22.78 40.10
CA VAL A 716 2.63 22.66 38.66
C VAL A 716 1.49 21.90 37.98
N ILE A 717 0.99 20.86 38.65
CA ILE A 717 -0.11 20.07 38.09
C ILE A 717 -1.35 20.93 37.90
N ARG A 718 -1.62 21.82 38.86
CA ARG A 718 -2.78 22.70 38.76
C ARG A 718 -2.67 23.61 37.54
N ASN A 719 -1.48 24.13 37.26
CA ASN A 719 -1.29 24.99 36.09
C ASN A 719 -1.40 24.20 34.80
N LEU A 720 -0.86 22.98 34.76
CA LEU A 720 -0.95 22.16 33.56
C LEU A 720 -2.41 21.82 33.23
N VAL A 721 -3.20 21.48 34.25
CA VAL A 721 -4.60 21.15 34.01
C VAL A 721 -5.38 22.37 33.54
N LYS A 722 -5.09 23.54 34.12
CA LYS A 722 -5.79 24.76 33.73
C LYS A 722 -5.52 25.11 32.27
N ARG A 723 -4.28 24.97 31.82
CA ARG A 723 -3.96 25.23 30.42
C ARG A 723 -4.58 24.18 29.51
N TYR A 724 -4.60 22.92 29.96
CA TYR A 724 -5.18 21.86 29.14
C TYR A 724 -6.68 22.02 29.00
N VAL A 725 -7.38 22.37 30.09
CA VAL A 725 -8.82 22.55 30.04
C VAL A 725 -9.19 23.73 29.15
N ALA A 726 -8.47 24.84 29.28
CA ALA A 726 -8.75 26.01 28.45
C ALA A 726 -8.51 25.71 26.97
N ALA A 727 -7.45 24.97 26.66
CA ALA A 727 -7.17 24.63 25.26
C ALA A 727 -8.24 23.70 24.69
N MET A 728 -8.64 22.69 25.44
CA MET A 728 -9.58 21.69 24.90
C MET A 728 -10.98 22.28 24.76
N ILE A 729 -11.31 23.27 25.57
CA ILE A 729 -12.60 23.96 25.41
C ILE A 729 -12.64 24.71 24.08
N ARG A 730 -11.53 25.37 23.72
CA ARG A 730 -11.48 26.11 22.46
C ARG A 730 -11.63 25.18 21.26
N ASN A 731 -10.94 24.04 21.28
CA ASN A 731 -11.04 23.09 20.17
C ASN A 731 -12.35 22.32 20.17
N SER A 732 -13.12 22.37 21.26
CA SER A 732 -14.42 21.70 21.26
C SER A 732 -15.44 22.47 20.44
N LYS A 733 -15.32 23.79 20.34
CA LYS A 733 -16.21 24.58 19.51
C LYS A 733 -15.98 24.27 18.04
N THR A 734 -17.08 24.13 17.30
CA THR A 734 -17.01 23.82 15.88
C THR A 734 -18.13 24.54 15.14
N HIS A 735 -17.93 24.72 13.84
CA HIS A 735 -18.93 25.41 13.03
C HIS A 735 -20.25 24.65 13.02
N GLU A 736 -20.17 23.32 13.04
CA GLU A 736 -21.38 22.49 13.08
C GLU A 736 -22.09 22.56 14.43
N GLY A 737 -21.48 23.19 15.42
CA GLY A 737 -22.13 23.39 16.71
C GLY A 737 -22.56 24.82 16.94
N LEU A 738 -21.75 25.77 16.46
CA LEU A 738 -22.11 27.18 16.60
C LEU A 738 -23.34 27.54 15.77
N THR A 739 -23.56 26.83 14.67
CA THR A 739 -24.73 27.10 13.83
C THR A 739 -26.02 26.85 14.60
N GLU A 740 -26.08 25.76 15.37
CA GLU A 740 -27.28 25.47 16.15
C GLU A 740 -27.51 26.51 17.23
N GLU A 741 -26.45 26.92 17.94
CA GLU A 741 -26.60 27.97 18.94
C GLU A 741 -26.96 29.31 18.30
N ASN A 742 -26.34 29.64 17.17
CA ASN A 742 -26.64 30.89 16.49
C ASN A 742 -28.09 30.93 16.02
N PHE A 743 -28.61 29.77 15.61
CA PHE A 743 -30.01 29.70 15.19
C PHE A 743 -30.95 29.91 16.36
N LYS A 744 -30.60 29.38 17.54
CA LYS A 744 -31.46 29.52 18.70
C LYS A 744 -31.55 30.97 19.17
N GLU A 745 -30.42 31.69 19.23
CA GLU A 745 -30.46 33.10 19.58
C GLU A 745 -31.25 33.90 18.54
N LEU A 746 -31.09 33.56 17.26
CA LEU A 746 -31.82 34.25 16.20
C LEU A 746 -33.31 33.95 16.24
N LYS A 747 -33.76 32.94 16.99
CA LYS A 747 -35.17 32.66 17.12
C LYS A 747 -35.92 33.80 17.81
N GLN A 748 -35.22 34.61 18.60
CA GLN A 748 -35.86 35.65 19.41
C GLN A 748 -36.11 36.88 18.54
N ASP A 749 -37.17 36.81 17.75
CA ASP A 749 -37.64 37.93 16.95
C ASP A 749 -38.92 38.54 17.52
N ILE A 750 -39.34 38.13 18.71
CA ILE A 750 -40.55 38.64 19.32
C ILE A 750 -40.44 40.12 19.69
N SER A 751 -39.21 40.63 19.81
CA SER A 751 -39.02 42.04 20.12
C SER A 751 -39.02 42.87 18.85
N ASP B 16 -15.80 -1.01 46.87
CA ASP B 16 -17.00 -1.28 46.10
C ASP B 16 -17.42 -0.06 45.28
N ARG B 17 -17.19 1.12 45.83
CA ARG B 17 -17.53 2.39 45.18
C ARG B 17 -16.32 3.31 45.15
N ILE B 18 -16.33 4.21 44.19
CA ILE B 18 -15.28 5.20 44.02
C ILE B 18 -15.88 6.59 44.22
N PRO B 19 -15.76 7.16 45.41
CA PRO B 19 -16.27 8.52 45.62
C PRO B 19 -15.51 9.53 44.77
N LEU B 20 -16.22 10.55 44.31
CA LEU B 20 -15.65 11.60 43.47
C LEU B 20 -15.87 12.96 44.11
N GLN B 21 -14.83 13.80 44.06
CA GLN B 21 -14.94 15.17 44.54
C GLN B 21 -13.89 16.00 43.81
N ILE B 22 -14.11 17.32 43.82
CA ILE B 22 -13.17 18.24 43.19
C ILE B 22 -11.90 18.31 44.03
N VAL B 23 -10.76 18.09 43.38
CA VAL B 23 -9.47 18.09 44.06
C VAL B 23 -8.80 19.46 43.98
N ARG B 24 -8.71 20.03 42.78
CA ARG B 24 -8.14 21.37 42.60
C ARG B 24 -9.31 22.35 42.50
N ALA B 25 -9.86 22.70 43.65
CA ALA B 25 -11.03 23.56 43.72
C ALA B 25 -10.60 25.03 43.74
N GLU B 26 -11.15 25.81 42.82
CA GLU B 26 -10.82 27.22 42.69
C GLU B 26 -11.88 28.08 43.36
N THR B 27 -11.66 29.39 43.33
CA THR B 27 -12.65 30.32 43.84
C THR B 27 -13.88 30.33 42.92
N GLU B 28 -15.06 30.38 43.53
CA GLU B 28 -16.31 30.30 42.81
C GLU B 28 -16.90 31.70 42.63
N LEU B 29 -17.35 31.99 41.41
CA LEU B 29 -17.96 33.28 41.12
C LEU B 29 -19.32 33.39 41.81
N SER B 30 -19.59 34.56 42.37
CA SER B 30 -20.86 34.80 43.03
C SER B 30 -21.99 34.90 42.00
N ALA B 31 -23.23 34.84 42.51
CA ALA B 31 -24.39 34.94 41.63
C ALA B 31 -24.47 36.31 40.97
N GLU B 32 -24.17 37.37 41.73
CA GLU B 32 -24.20 38.71 41.16
C GLU B 32 -23.15 38.89 40.07
N GLU B 33 -21.94 38.37 40.30
CA GLU B 33 -20.89 38.48 39.28
C GLU B 33 -21.20 37.61 38.07
N LYS B 34 -21.79 36.43 38.30
CA LYS B 34 -22.18 35.58 37.18
C LYS B 34 -23.24 36.24 36.32
N ALA B 35 -24.18 36.96 36.95
CA ALA B 35 -25.18 37.69 36.21
C ALA B 35 -24.55 38.81 35.37
N PHE B 36 -23.43 39.37 35.84
CA PHE B 36 -22.73 40.40 35.08
C PHE B 36 -22.20 39.80 33.78
N LEU B 37 -21.50 38.66 33.87
CA LEU B 37 -20.83 38.10 32.70
C LEU B 37 -21.83 37.67 31.63
N ASN B 38 -22.93 37.05 32.01
CA ASN B 38 -23.91 36.63 31.01
C ASN B 38 -24.65 37.81 30.40
N ALA B 39 -24.65 38.96 31.07
CA ALA B 39 -25.18 40.17 30.45
C ALA B 39 -24.29 40.64 29.31
N VAL B 40 -22.97 40.59 29.50
CA VAL B 40 -22.04 40.93 28.44
C VAL B 40 -22.11 39.90 27.33
N GLU B 41 -22.32 38.62 27.69
CA GLU B 41 -22.39 37.57 26.68
C GLU B 41 -23.57 37.76 25.74
N LYS B 42 -24.65 38.38 26.21
CA LYS B 42 -25.81 38.68 25.38
C LYS B 42 -25.76 40.08 24.78
N GLY B 43 -24.71 40.85 25.06
CA GLY B 43 -24.59 42.19 24.52
C GLY B 43 -25.64 43.16 25.00
N ASP B 44 -25.97 43.12 26.29
CA ASP B 44 -26.96 44.03 26.87
C ASP B 44 -26.23 45.25 27.39
N TYR B 45 -26.22 46.32 26.61
CA TYR B 45 -25.49 47.53 26.99
C TYR B 45 -26.05 48.13 28.26
N ALA B 46 -27.37 48.20 28.38
CA ALA B 46 -28.00 48.92 29.48
C ALA B 46 -27.57 48.36 30.84
N THR B 47 -27.57 47.04 30.98
CA THR B 47 -27.18 46.43 32.25
C THR B 47 -25.71 46.69 32.56
N VAL B 48 -24.84 46.48 31.58
CA VAL B 48 -23.40 46.63 31.81
C VAL B 48 -23.06 48.08 32.16
N LYS B 49 -23.65 49.02 31.43
CA LYS B 49 -23.44 50.43 31.76
C LYS B 49 -23.97 50.76 33.15
N GLN B 50 -25.17 50.25 33.47
CA GLN B 50 -25.73 50.47 34.80
C GLN B 50 -24.87 49.83 35.88
N ALA B 51 -24.43 48.59 35.65
CA ALA B 51 -23.67 47.86 36.65
C ALA B 51 -22.33 48.53 36.92
N LEU B 52 -21.60 48.89 35.87
CA LEU B 52 -20.30 49.53 36.07
C LEU B 52 -20.44 50.92 36.69
N GLN B 53 -21.43 51.70 36.25
CA GLN B 53 -21.61 53.04 36.80
C GLN B 53 -21.99 52.99 38.27
N GLU B 54 -22.89 52.08 38.65
CA GLU B 54 -23.31 52.00 40.05
C GLU B 54 -22.22 51.40 40.92
N ALA B 55 -21.36 50.55 40.36
CA ALA B 55 -20.28 49.92 41.12
C ALA B 55 -19.00 50.74 41.04
N GLU B 56 -19.11 52.04 41.35
CA GLU B 56 -17.91 52.88 41.40
C GLU B 56 -17.04 52.53 42.60
N ILE B 57 -17.66 52.29 43.75
CA ILE B 57 -16.94 51.85 44.94
C ILE B 57 -17.08 50.35 45.19
N TYR B 58 -17.95 49.67 44.45
CA TYR B 58 -18.07 48.22 44.57
C TYR B 58 -17.00 47.54 43.73
N TYR B 59 -16.52 46.39 44.22
CA TYR B 59 -15.45 45.63 43.59
C TYR B 59 -14.18 46.46 43.49
N ASN B 60 -13.19 45.96 42.74
CA ASN B 60 -11.93 46.69 42.57
C ASN B 60 -11.34 46.28 41.22
N VAL B 61 -11.44 47.16 40.24
CA VAL B 61 -10.80 46.94 38.94
C VAL B 61 -9.39 47.53 39.06
N ASN B 62 -8.50 46.71 39.63
CA ASN B 62 -7.15 47.16 39.93
C ASN B 62 -6.25 47.03 38.72
N ILE B 63 -5.13 47.76 38.76
CA ILE B 63 -4.13 47.68 37.70
C ILE B 63 -3.39 46.36 37.67
N ASN B 64 -3.51 45.55 38.73
CA ASN B 64 -2.92 44.22 38.75
C ASN B 64 -3.91 43.18 39.27
N CYS B 65 -5.20 43.41 39.07
CA CYS B 65 -6.22 42.49 39.55
C CYS B 65 -7.47 42.65 38.70
N MET B 66 -8.36 41.66 38.78
CA MET B 66 -9.60 41.66 38.02
C MET B 66 -10.47 42.87 38.38
N SER B 72 -11.86 37.67 32.80
CA SER B 72 -12.35 39.04 32.83
C SER B 72 -13.44 39.26 31.79
N ALA B 73 -14.15 40.38 31.90
CA ALA B 73 -15.24 40.69 30.97
C ALA B 73 -14.72 41.14 29.61
N LEU B 74 -13.52 41.71 29.56
CA LEU B 74 -12.99 42.20 28.29
C LEU B 74 -12.79 41.08 27.29
N LEU B 75 -12.35 39.90 27.76
CA LEU B 75 -12.14 38.79 26.84
C LEU B 75 -13.43 38.28 26.24
N ILE B 76 -14.54 38.35 26.99
CA ILE B 76 -15.83 37.95 26.43
C ILE B 76 -16.29 38.93 25.36
N ALA B 77 -16.06 40.22 25.59
CA ALA B 77 -16.39 41.22 24.58
C ALA B 77 -15.57 41.01 23.32
N ILE B 78 -14.28 40.72 23.46
CA ILE B 78 -13.44 40.41 22.31
C ILE B 78 -13.92 39.13 21.64
N GLU B 79 -14.27 38.12 22.44
CA GLU B 79 -14.74 36.85 21.90
C GLU B 79 -15.98 37.06 21.03
N ASN B 80 -16.99 37.73 21.57
CA ASN B 80 -18.23 37.97 20.84
C ASN B 80 -18.14 39.15 19.87
N GLU B 81 -16.93 39.65 19.60
CA GLU B 81 -16.68 40.83 18.78
C GLU B 81 -17.75 41.89 18.93
N ASN B 82 -18.10 42.23 20.17
CA ASN B 82 -19.04 43.31 20.47
C ASN B 82 -18.23 44.57 20.73
N LEU B 83 -18.28 45.51 19.79
CA LEU B 83 -17.36 46.64 19.82
C LEU B 83 -17.76 47.67 20.89
N GLU B 84 -19.07 47.86 21.10
CA GLU B 84 -19.52 48.97 21.95
C GLU B 84 -19.34 48.69 23.44
N ILE B 85 -19.58 47.47 23.91
CA ILE B 85 -19.21 47.18 25.30
C ILE B 85 -17.70 47.18 25.45
N MET B 86 -16.97 46.73 24.42
CA MET B 86 -15.52 46.80 24.46
C MET B 86 -15.04 48.23 24.60
N GLU B 87 -15.68 49.17 23.90
CA GLU B 87 -15.26 50.57 23.94
C GLU B 87 -15.39 51.15 25.34
N LEU B 88 -16.50 50.87 26.03
CA LEU B 88 -16.74 51.49 27.32
C LEU B 88 -15.95 50.83 28.46
N LEU B 89 -15.41 49.63 28.24
CA LEU B 89 -14.64 48.97 29.29
C LEU B 89 -13.35 49.74 29.59
N LEU B 90 -12.60 50.10 28.53
CA LEU B 90 -11.40 50.88 28.73
C LEU B 90 -11.71 52.30 29.22
N ASN B 91 -12.96 52.75 29.07
CA ASN B 91 -13.35 54.04 29.63
C ASN B 91 -13.24 54.04 31.15
N HIS B 92 -13.63 52.94 31.79
CA HIS B 92 -13.52 52.78 33.23
C HIS B 92 -12.18 52.19 33.66
N SER B 93 -11.22 52.08 32.73
CA SER B 93 -9.86 51.65 33.02
C SER B 93 -9.82 50.24 33.62
N VAL B 94 -10.25 49.28 32.82
CA VAL B 94 -10.08 47.87 33.15
C VAL B 94 -8.68 47.45 32.72
N TYR B 95 -8.04 46.59 33.51
CA TYR B 95 -6.71 46.11 33.18
C TYR B 95 -6.73 45.35 31.86
N VAL B 96 -6.12 45.93 30.82
CA VAL B 96 -6.12 45.29 29.51
C VAL B 96 -5.23 44.04 29.51
N GLY B 97 -4.05 44.13 30.11
CA GLY B 97 -3.14 43.00 30.08
C GLY B 97 -2.69 42.71 28.67
N ASP B 98 -2.85 41.45 28.25
CA ASP B 98 -2.49 41.02 26.91
C ASP B 98 -3.73 40.70 26.08
N ALA B 99 -4.77 41.51 26.23
CA ALA B 99 -5.99 41.31 25.46
C ALA B 99 -5.79 41.54 23.97
N LEU B 100 -4.74 42.26 23.58
CA LEU B 100 -4.45 42.45 22.16
C LEU B 100 -4.17 41.13 21.47
N LEU B 101 -3.49 40.21 22.16
CA LEU B 101 -3.21 38.90 21.59
C LEU B 101 -4.49 38.13 21.32
N TYR B 102 -5.46 38.23 22.23
CA TYR B 102 -6.74 37.54 22.03
C TYR B 102 -7.51 38.10 20.84
N ALA B 103 -7.44 39.42 20.63
CA ALA B 103 -8.08 40.02 19.47
C ALA B 103 -7.41 39.59 18.17
N ILE B 104 -6.08 39.49 18.17
CA ILE B 104 -5.36 39.10 16.96
C ILE B 104 -5.69 37.67 16.58
N ARG B 105 -5.78 36.77 17.56
CA ARG B 105 -6.09 35.38 17.27
C ARG B 105 -7.49 35.24 16.67
N LYS B 106 -8.44 36.04 17.16
CA LYS B 106 -9.79 36.04 16.59
C LYS B 106 -9.81 36.58 15.16
N GLU B 107 -8.78 37.33 14.76
CA GLU B 107 -8.68 37.88 13.41
C GLU B 107 -9.81 38.84 13.10
N VAL B 108 -10.18 39.66 14.08
CA VAL B 108 -11.18 40.70 13.93
C VAL B 108 -10.46 42.04 13.85
N VAL B 109 -10.54 42.69 12.70
CA VAL B 109 -9.74 43.90 12.47
C VAL B 109 -10.24 45.04 13.34
N GLY B 110 -11.56 45.15 13.52
CA GLY B 110 -12.11 46.27 14.27
C GLY B 110 -11.66 46.29 15.72
N ALA B 111 -11.62 45.11 16.37
CA ALA B 111 -11.20 45.04 17.75
C ALA B 111 -9.71 45.32 17.92
N VAL B 112 -8.90 44.98 16.92
CA VAL B 112 -7.46 45.15 17.02
C VAL B 112 -7.10 46.63 17.05
N GLU B 113 -7.65 47.42 16.13
CA GLU B 113 -7.30 48.84 16.07
C GLU B 113 -7.92 49.62 17.22
N LEU B 114 -9.05 49.15 17.76
CA LEU B 114 -9.59 49.78 18.96
C LEU B 114 -8.64 49.62 20.14
N LEU B 115 -8.10 48.42 20.32
CA LEU B 115 -7.17 48.18 21.43
C LEU B 115 -5.86 48.92 21.22
N LEU B 116 -5.50 49.21 19.97
CA LEU B 116 -4.27 49.94 19.69
C LEU B 116 -4.40 51.43 19.97
N SER B 117 -5.62 51.95 20.10
CA SER B 117 -5.81 53.37 20.37
C SER B 117 -5.37 53.73 21.78
N TYR B 118 -5.78 52.93 22.78
CA TYR B 118 -5.40 53.16 24.16
C TYR B 118 -4.07 52.47 24.43
N ARG B 119 -3.00 53.16 24.06
CA ARG B 119 -1.64 52.66 24.30
C ARG B 119 -0.70 53.80 24.66
N GLN B 135 -3.49 36.83 35.68
CA GLN B 135 -2.11 36.40 35.49
C GLN B 135 -2.07 35.15 34.61
N PHE B 136 -3.22 34.49 34.47
CA PHE B 136 -3.32 33.34 33.59
C PHE B 136 -3.49 33.80 32.15
N SER B 137 -2.74 33.19 31.24
CA SER B 137 -2.83 33.49 29.82
C SER B 137 -2.80 32.20 29.02
N GLU B 138 -3.41 32.23 27.85
CA GLU B 138 -3.36 31.11 26.92
C GLU B 138 -2.18 31.21 25.97
N PHE B 139 -1.29 32.18 26.17
CA PHE B 139 -0.13 32.42 25.33
C PHE B 139 1.14 32.34 26.16
N THR B 140 2.18 31.76 25.56
CA THR B 140 3.49 31.74 26.18
C THR B 140 4.02 33.17 26.32
N PRO B 141 4.77 33.47 27.39
CA PRO B 141 5.23 34.86 27.59
C PRO B 141 6.11 35.42 26.49
N ASP B 142 6.67 34.58 25.62
CA ASP B 142 7.58 35.07 24.59
C ASP B 142 6.85 35.62 23.36
N ILE B 143 5.55 35.48 23.28
CA ILE B 143 4.79 35.81 22.08
C ILE B 143 4.44 37.29 22.09
N THR B 144 4.72 37.97 20.97
CA THR B 144 4.45 39.38 20.77
C THR B 144 3.31 39.58 19.78
N PRO B 145 2.67 40.75 19.76
CA PRO B 145 1.57 40.96 18.82
C PRO B 145 1.94 40.76 17.36
N ILE B 146 3.12 41.21 16.94
CA ILE B 146 3.52 41.04 15.54
C ILE B 146 3.82 39.59 15.25
N MET B 147 4.47 38.88 16.19
CA MET B 147 4.78 37.48 15.98
C MET B 147 3.52 36.62 15.90
N LEU B 148 2.52 36.92 16.73
CA LEU B 148 1.28 36.16 16.71
C LEU B 148 0.48 36.45 15.45
N ALA B 149 0.51 37.69 14.96
CA ALA B 149 -0.20 38.03 13.73
C ALA B 149 0.37 37.27 12.53
N ALA B 150 1.70 37.11 12.49
CA ALA B 150 2.32 36.37 11.40
C ALA B 150 2.01 34.89 11.49
N HIS B 151 1.77 34.36 12.69
CA HIS B 151 1.36 32.97 12.82
C HIS B 151 0.02 32.72 12.16
N THR B 152 -0.90 33.68 12.30
CA THR B 152 -2.22 33.56 11.67
C THR B 152 -2.18 33.78 10.16
N ASN B 153 -1.14 34.44 9.66
CA ASN B 153 -0.99 34.74 8.23
C ASN B 153 -2.16 35.58 7.72
N ASN B 154 -2.63 36.51 8.54
CA ASN B 154 -3.70 37.42 8.16
C ASN B 154 -3.07 38.68 7.57
N TYR B 155 -3.28 38.90 6.27
CA TYR B 155 -2.59 39.97 5.57
C TYR B 155 -2.98 41.34 6.11
N GLU B 156 -4.26 41.53 6.42
CA GLU B 156 -4.74 42.85 6.82
C GLU B 156 -4.22 43.24 8.21
N ILE B 157 -4.24 42.31 9.16
CA ILE B 157 -3.79 42.62 10.51
C ILE B 157 -2.28 42.79 10.56
N ILE B 158 -1.54 41.97 9.81
CA ILE B 158 -0.09 42.11 9.78
C ILE B 158 0.30 43.49 9.23
N LYS B 159 -0.36 43.92 8.17
CA LYS B 159 -0.07 45.23 7.59
C LYS B 159 -0.40 46.35 8.57
N LEU B 160 -1.48 46.18 9.34
CA LEU B 160 -1.86 47.18 10.33
C LEU B 160 -0.79 47.33 11.41
N LEU B 161 -0.21 46.22 11.86
CA LEU B 161 0.77 46.27 12.94
C LEU B 161 2.13 46.76 12.45
N VAL B 162 2.53 46.37 11.24
CA VAL B 162 3.85 46.75 10.73
C VAL B 162 3.97 48.26 10.57
N GLN B 163 2.85 48.93 10.25
CA GLN B 163 2.86 50.37 10.11
C GLN B 163 3.16 51.11 11.41
N LYS B 164 3.12 50.42 12.55
CA LYS B 164 3.39 51.02 13.85
C LYS B 164 4.82 50.77 14.32
N ARG B 165 5.75 50.52 13.40
CA ARG B 165 7.18 50.41 13.69
C ARG B 165 7.45 49.29 14.70
N VAL B 166 7.15 48.07 14.27
CA VAL B 166 7.38 46.89 15.08
C VAL B 166 8.67 46.20 14.64
N THR B 167 9.15 45.27 15.47
CA THR B 167 10.38 44.55 15.21
C THR B 167 10.21 43.09 15.61
N ILE B 168 11.12 42.25 15.14
CA ILE B 168 11.12 40.83 15.50
C ILE B 168 12.54 40.44 15.92
N PRO B 169 12.71 39.73 17.04
CA PRO B 169 14.06 39.34 17.45
C PRO B 169 14.71 38.40 16.46
N ARG B 170 16.02 38.52 16.33
CA ARG B 170 16.76 37.69 15.39
C ARG B 170 17.10 36.35 16.05
N PRO B 171 16.78 35.22 15.41
CA PRO B 171 17.13 33.93 15.98
C PRO B 171 18.64 33.72 15.99
N HIS B 172 19.10 32.94 16.96
CA HIS B 172 20.52 32.67 17.12
C HIS B 172 21.05 31.83 15.97
N SER B 184 22.96 31.02 26.93
CA SER B 184 21.54 31.36 26.89
C SER B 184 20.69 30.12 26.72
N SER B 185 21.31 29.02 26.27
CA SER B 185 20.61 27.76 26.06
C SER B 185 20.61 26.86 27.29
N GLU B 186 21.28 27.27 28.37
CA GLU B 186 21.37 26.44 29.57
C GLU B 186 20.51 26.93 30.72
N VAL B 187 20.15 28.22 30.74
CA VAL B 187 19.28 28.72 31.81
C VAL B 187 17.90 28.08 31.73
N ASP B 188 17.34 27.99 30.54
CA ASP B 188 16.04 27.35 30.35
C ASP B 188 16.02 26.76 28.95
N SER B 189 16.31 25.46 28.85
CA SER B 189 16.37 24.80 27.55
C SER B 189 14.99 24.68 26.92
N LEU B 190 13.97 24.38 27.71
CA LEU B 190 12.62 24.24 27.16
C LEU B 190 12.12 25.55 26.58
N ARG B 191 12.32 26.65 27.31
CA ARG B 191 11.84 27.96 26.86
C ARG B 191 12.64 28.48 25.68
N HIS B 192 13.95 28.21 25.65
CA HIS B 192 14.78 28.67 24.55
C HIS B 192 14.39 27.99 23.24
N SER B 193 14.12 26.68 23.27
CA SER B 193 13.73 25.97 22.07
C SER B 193 12.39 26.46 21.53
N ARG B 194 11.42 26.69 22.42
CA ARG B 194 10.10 27.15 21.99
C ARG B 194 10.16 28.57 21.44
N SER B 195 10.99 29.43 22.03
CA SER B 195 11.13 30.79 21.53
C SER B 195 11.71 30.80 20.13
N ARG B 196 12.70 29.95 19.86
CA ARG B 196 13.32 29.90 18.54
C ARG B 196 12.33 29.42 17.49
N LEU B 197 11.51 28.43 17.81
CA LEU B 197 10.52 27.94 16.86
C LEU B 197 9.45 28.98 16.59
N ASN B 198 9.08 29.77 17.60
CA ASN B 198 8.07 30.81 17.42
C ASN B 198 8.56 31.91 16.50
N ILE B 199 9.84 32.24 16.57
CA ILE B 199 10.40 33.30 15.71
C ILE B 199 10.41 32.84 14.25
N TYR B 200 10.88 31.62 13.99
CA TYR B 200 10.91 31.11 12.63
C TYR B 200 9.51 30.90 12.06
N LYS B 201 8.53 30.60 12.92
CA LYS B 201 7.16 30.44 12.46
C LYS B 201 6.57 31.76 11.98
N ALA B 202 7.08 32.89 12.45
CA ALA B 202 6.63 34.21 12.02
C ALA B 202 7.40 34.69 10.79
N LEU B 203 8.71 34.43 10.74
CA LEU B 203 9.51 34.81 9.58
C LEU B 203 9.07 34.06 8.33
N ALA B 204 8.60 32.82 8.49
CA ALA B 204 8.18 31.99 7.37
C ALA B 204 6.73 32.24 6.96
N SER B 205 6.18 33.39 7.31
CA SER B 205 4.81 33.73 6.95
C SER B 205 4.77 34.30 5.54
N PRO B 206 3.99 33.74 4.62
CA PRO B 206 3.91 34.31 3.28
C PRO B 206 3.43 35.75 3.24
N SER B 207 2.52 36.14 4.15
CA SER B 207 2.03 37.51 4.17
C SER B 207 3.07 38.48 4.68
N LEU B 208 3.92 38.05 5.62
CA LEU B 208 4.97 38.92 6.13
C LEU B 208 6.10 39.10 5.10
N ILE B 209 6.45 38.02 4.40
CA ILE B 209 7.47 38.12 3.36
C ILE B 209 6.99 39.02 2.22
N ALA B 210 5.71 38.86 1.82
CA ALA B 210 5.19 39.66 0.72
C ALA B 210 5.13 41.14 1.08
N LEU B 211 5.01 41.47 2.37
CA LEU B 211 4.88 42.85 2.79
C LEU B 211 6.20 43.53 3.10
N SER B 212 7.20 42.80 3.62
CA SER B 212 8.36 43.44 4.23
C SER B 212 9.69 42.86 3.73
N SER B 213 9.71 42.22 2.57
CA SER B 213 10.94 41.64 2.02
C SER B 213 11.25 42.31 0.70
N GLU B 214 12.50 42.77 0.55
CA GLU B 214 12.92 43.40 -0.70
C GLU B 214 12.89 42.40 -1.85
N ASP B 215 13.36 41.18 -1.62
CA ASP B 215 13.34 40.11 -2.61
C ASP B 215 12.64 38.91 -1.97
N PRO B 216 11.32 38.79 -2.15
CA PRO B 216 10.59 37.66 -1.56
C PRO B 216 11.08 36.30 -2.05
N ILE B 217 11.49 36.20 -3.31
CA ILE B 217 11.90 34.91 -3.85
C ILE B 217 13.20 34.45 -3.19
N LEU B 218 14.18 35.34 -3.08
CA LEU B 218 15.44 35.00 -2.43
C LEU B 218 15.25 34.73 -0.96
N THR B 219 14.37 35.50 -0.29
CA THR B 219 14.10 35.27 1.12
C THR B 219 13.51 33.90 1.36
N ALA B 220 12.57 33.47 0.52
CA ALA B 220 11.99 32.14 0.66
C ALA B 220 13.01 31.04 0.34
N PHE B 221 13.95 31.31 -0.56
CA PHE B 221 15.01 30.34 -0.85
C PHE B 221 15.90 30.12 0.37
N ARG B 222 16.40 31.20 0.95
CA ARG B 222 17.28 31.09 2.10
C ARG B 222 16.54 30.54 3.32
N LEU B 223 15.32 31.03 3.58
CA LEU B 223 14.58 30.59 4.74
C LEU B 223 14.22 29.11 4.65
N GLY B 224 13.77 28.66 3.48
CA GLY B 224 13.43 27.26 3.32
C GLY B 224 14.60 26.33 3.51
N TRP B 225 15.78 26.75 3.08
CA TRP B 225 16.97 25.94 3.27
C TRP B 225 17.43 25.97 4.73
N GLU B 226 17.32 27.13 5.38
CA GLU B 226 17.69 27.24 6.79
C GLU B 226 16.80 26.36 7.67
N LEU B 227 15.50 26.33 7.38
CA LEU B 227 14.58 25.51 8.15
C LEU B 227 14.83 24.02 7.91
N LYS B 228 15.30 23.65 6.72
CA LYS B 228 15.65 22.27 6.46
C LYS B 228 16.85 21.83 7.30
N GLU B 229 17.84 22.71 7.44
CA GLU B 229 18.99 22.40 8.28
C GLU B 229 18.58 22.24 9.74
N LEU B 230 17.70 23.12 10.22
CA LEU B 230 17.25 23.07 11.61
C LEU B 230 16.45 21.81 11.91
N SER B 231 15.87 21.17 10.90
CA SER B 231 15.14 19.92 11.13
C SER B 231 16.06 18.76 11.46
N LYS B 232 17.37 18.94 11.34
CA LYS B 232 18.36 17.94 11.74
C LYS B 232 19.05 18.30 13.05
N VAL B 233 19.58 19.52 13.15
CA VAL B 233 20.28 19.93 14.37
C VAL B 233 19.33 19.92 15.56
N GLU B 234 18.14 20.49 15.39
CA GLU B 234 17.06 20.34 16.37
C GLU B 234 16.29 19.06 16.07
N ASN B 235 17.00 17.93 16.22
CA ASN B 235 16.46 16.63 15.84
C ASN B 235 15.20 16.27 16.62
N GLU B 236 14.99 16.89 17.79
CA GLU B 236 13.80 16.59 18.56
C GLU B 236 12.55 17.23 17.98
N PHE B 237 12.66 18.44 17.44
CA PHE B 237 11.49 19.18 16.93
C PHE B 237 11.43 19.16 15.40
N LYS B 238 11.77 18.04 14.78
CA LYS B 238 11.89 18.00 13.33
C LYS B 238 10.54 18.08 12.62
N ALA B 239 9.47 17.62 13.27
CA ALA B 239 8.17 17.58 12.62
C ALA B 239 7.66 18.97 12.27
N GLU B 240 7.84 19.92 13.18
CA GLU B 240 7.35 21.28 12.94
C GLU B 240 8.22 22.04 11.95
N TYR B 241 9.53 21.79 11.97
CA TYR B 241 10.43 22.49 11.06
C TYR B 241 10.27 22.01 9.62
N GLU B 242 9.96 20.73 9.43
CA GLU B 242 9.79 20.20 8.09
C GLU B 242 8.63 20.87 7.37
N GLU B 243 7.50 21.07 8.06
CA GLU B 243 6.36 21.72 7.44
C GLU B 243 6.56 23.22 7.28
N LEU B 244 7.48 23.82 8.03
CA LEU B 244 7.82 25.22 7.80
C LEU B 244 8.66 25.38 6.54
N SER B 245 9.62 24.48 6.33
CA SER B 245 10.43 24.53 5.12
C SER B 245 9.59 24.28 3.87
N GLN B 246 8.67 23.30 3.95
CA GLN B 246 7.79 23.04 2.82
C GLN B 246 6.89 24.23 2.52
N GLN B 247 6.51 24.99 3.54
CA GLN B 247 5.70 26.18 3.34
C GLN B 247 6.45 27.24 2.56
N CYS B 248 7.74 27.42 2.85
CA CYS B 248 8.53 28.42 2.14
C CYS B 248 8.78 28.01 0.70
N LYS B 249 9.00 26.72 0.46
CA LYS B 249 9.21 26.24 -0.90
C LYS B 249 7.97 26.45 -1.76
N LEU B 250 6.79 26.28 -1.17
CA LEU B 250 5.54 26.49 -1.91
C LEU B 250 5.33 27.94 -2.26
N PHE B 251 5.71 28.86 -1.36
CA PHE B 251 5.44 30.28 -1.57
C PHE B 251 6.18 30.80 -2.79
N ALA B 252 7.46 30.45 -2.93
CA ALA B 252 8.23 30.89 -4.09
C ALA B 252 7.69 30.30 -5.38
N LYS B 253 7.29 29.03 -5.34
CA LYS B 253 6.71 28.38 -6.50
C LYS B 253 5.37 29.02 -6.88
N ASP B 254 4.53 29.32 -5.89
CA ASP B 254 3.24 29.95 -6.18
C ASP B 254 3.40 31.40 -6.63
N LEU B 255 4.43 32.09 -6.15
CA LEU B 255 4.64 33.47 -6.56
C LEU B 255 5.00 33.57 -8.03
N LEU B 256 5.83 32.65 -8.53
CA LEU B 256 6.18 32.64 -9.94
C LEU B 256 5.07 32.10 -10.83
N ASP B 257 4.09 31.41 -10.25
CA ASP B 257 2.92 30.96 -10.99
C ASP B 257 2.02 32.11 -11.42
N GLN B 258 2.25 33.31 -10.91
CA GLN B 258 1.48 34.48 -11.29
C GLN B 258 2.06 35.23 -12.47
N ALA B 259 3.16 34.74 -13.05
CA ALA B 259 3.70 35.35 -14.26
C ALA B 259 2.77 35.12 -15.44
N ARG B 260 2.54 36.17 -16.22
CA ARG B 260 1.61 36.13 -17.33
C ARG B 260 2.29 36.30 -18.69
N SER B 261 3.61 36.38 -18.71
CA SER B 261 4.34 36.63 -19.95
C SER B 261 5.73 36.02 -19.85
N SER B 262 6.33 35.77 -21.01
CA SER B 262 7.70 35.27 -21.03
C SER B 262 8.70 36.37 -20.71
N ARG B 263 8.35 37.62 -20.98
CA ARG B 263 9.20 38.74 -20.59
C ARG B 263 9.32 38.84 -19.07
N GLU B 264 8.20 38.65 -18.37
CA GLU B 264 8.22 38.65 -16.92
C GLU B 264 9.05 37.50 -16.36
N LEU B 265 8.88 36.31 -16.93
CA LEU B 265 9.62 35.14 -16.47
C LEU B 265 11.12 35.30 -16.71
N GLU B 266 11.49 35.89 -17.85
CA GLU B 266 12.91 36.08 -18.16
C GLU B 266 13.54 37.13 -17.27
N ILE B 267 12.79 38.16 -16.87
CA ILE B 267 13.31 39.16 -15.96
C ILE B 267 13.62 38.53 -14.59
N ILE B 268 12.72 37.67 -14.11
CA ILE B 268 12.92 37.05 -12.81
C ILE B 268 14.13 36.11 -12.82
N LEU B 269 14.19 35.24 -13.83
CA LEU B 269 15.19 34.17 -13.83
C LEU B 269 16.60 34.65 -14.18
N ASN B 270 16.73 35.80 -14.82
CA ASN B 270 18.03 36.33 -15.21
C ASN B 270 18.54 37.42 -14.29
N HIS B 271 17.84 37.67 -13.18
CA HIS B 271 18.20 38.77 -12.29
C HIS B 271 19.41 38.40 -11.46
N ARG B 272 20.39 39.31 -11.41
CA ARG B 272 21.60 39.12 -10.64
C ARG B 272 21.51 39.94 -9.36
N ASP B 273 21.64 39.28 -8.21
CA ASP B 273 21.58 39.98 -6.93
C ASP B 273 22.74 40.94 -6.76
N ASP B 274 23.94 40.52 -7.15
CA ASP B 274 25.15 41.32 -7.02
C ASP B 274 25.39 41.76 -5.58
N LEU B 287 20.91 33.07 -16.50
CA LEU B 287 19.94 32.45 -15.60
C LEU B 287 20.49 32.40 -14.18
N ALA B 288 20.86 33.57 -13.66
CA ALA B 288 21.46 33.64 -12.33
C ALA B 288 20.49 33.18 -11.25
N LYS B 289 19.23 33.64 -11.33
CA LYS B 289 18.26 33.30 -10.29
C LYS B 289 17.91 31.81 -10.33
N LEU B 290 18.00 31.18 -11.50
CA LEU B 290 17.76 29.74 -11.58
C LEU B 290 18.91 28.93 -11.01
N LYS B 291 20.14 29.45 -11.10
CA LYS B 291 21.29 28.77 -10.50
C LYS B 291 21.20 28.80 -8.98
N VAL B 292 20.68 29.90 -8.42
CA VAL B 292 20.49 29.98 -6.98
C VAL B 292 19.46 28.95 -6.52
N ALA B 293 18.43 28.71 -7.32
CA ALA B 293 17.41 27.72 -6.98
C ALA B 293 17.99 26.31 -6.96
N ILE B 294 18.93 26.01 -7.86
CA ILE B 294 19.59 24.71 -7.86
C ILE B 294 20.48 24.57 -6.64
N LYS B 295 21.14 25.66 -6.25
CA LYS B 295 22.02 25.63 -5.08
C LYS B 295 21.25 25.32 -3.81
N TYR B 296 20.06 25.89 -3.66
CA TYR B 296 19.23 25.68 -2.48
C TYR B 296 18.31 24.48 -2.62
N HIS B 297 18.45 23.70 -3.69
CA HIS B 297 17.70 22.47 -3.90
C HIS B 297 16.19 22.74 -3.98
N GLN B 298 15.83 23.77 -4.74
CA GLN B 298 14.42 24.11 -4.97
C GLN B 298 13.94 23.30 -6.17
N LYS B 299 13.64 22.03 -5.91
CA LYS B 299 13.33 21.09 -6.98
C LYS B 299 11.97 21.37 -7.60
N GLU B 300 10.98 21.71 -6.78
CA GLU B 300 9.66 22.03 -7.31
C GLU B 300 9.68 23.32 -8.10
N PHE B 301 10.45 24.31 -7.65
CA PHE B 301 10.58 25.57 -8.38
C PHE B 301 11.22 25.34 -9.74
N VAL B 302 12.26 24.52 -9.80
CA VAL B 302 12.99 24.30 -11.04
C VAL B 302 12.14 23.51 -12.04
N ALA B 303 11.39 22.51 -11.55
CA ALA B 303 10.63 21.62 -12.41
C ALA B 303 9.28 22.19 -12.83
N GLN B 304 9.08 23.50 -12.70
CA GLN B 304 7.83 24.10 -13.15
C GLN B 304 7.73 24.03 -14.67
N PRO B 305 6.53 23.81 -15.22
CA PRO B 305 6.41 23.67 -16.69
C PRO B 305 6.90 24.88 -17.47
N ASN B 306 6.72 26.08 -16.94
CA ASN B 306 7.19 27.27 -17.67
C ASN B 306 8.70 27.44 -17.55
N CYS B 307 9.28 27.10 -16.40
CA CYS B 307 10.74 27.12 -16.28
C CYS B 307 11.37 26.03 -17.15
N GLN B 308 10.77 24.84 -17.18
CA GLN B 308 11.29 23.77 -18.03
C GLN B 308 11.12 24.10 -19.51
N GLN B 309 10.04 24.79 -19.86
CA GLN B 309 9.82 25.18 -21.25
C GLN B 309 10.87 26.19 -21.72
N LEU B 310 11.23 27.14 -20.87
CA LEU B 310 12.26 28.11 -21.22
C LEU B 310 13.62 27.44 -21.37
N LEU B 311 13.93 26.48 -20.51
CA LEU B 311 15.21 25.78 -20.58
C LEU B 311 15.31 24.96 -21.86
N ALA B 312 14.21 24.31 -22.27
CA ALA B 312 14.23 23.52 -23.50
C ALA B 312 14.49 24.39 -24.72
N THR B 313 14.03 25.64 -24.70
CA THR B 313 14.31 26.55 -25.80
C THR B 313 15.81 26.82 -25.92
N LEU B 314 16.50 26.95 -24.79
CA LEU B 314 17.95 27.12 -24.82
C LEU B 314 18.68 25.82 -25.12
N TRP B 315 18.07 24.68 -24.81
CA TRP B 315 18.70 23.39 -25.09
C TRP B 315 18.88 23.17 -26.59
N TYR B 316 17.87 23.54 -27.38
CA TYR B 316 17.97 23.55 -28.84
C TYR B 316 17.97 25.01 -29.28
N ASP B 317 19.16 25.55 -29.57
CA ASP B 317 19.25 26.97 -29.92
C ASP B 317 18.43 27.28 -31.18
N GLY B 318 18.64 26.53 -32.25
CA GLY B 318 17.85 26.68 -33.45
C GLY B 318 17.41 25.33 -33.98
N PHE B 319 17.98 24.27 -33.39
CA PHE B 319 17.66 22.91 -33.80
C PHE B 319 16.20 22.62 -33.48
N PRO B 320 15.54 21.76 -34.27
CA PRO B 320 14.13 21.47 -34.02
C PRO B 320 13.90 20.94 -32.60
N GLY B 321 12.78 21.35 -32.02
CA GLY B 321 12.48 21.11 -30.62
C GLY B 321 12.28 19.65 -30.23
N TRP B 322 12.44 18.74 -31.20
CA TRP B 322 12.39 17.30 -30.93
C TRP B 322 11.06 16.88 -30.29
N ARG B 323 9.97 17.30 -30.93
CA ARG B 323 8.64 17.01 -30.40
C ARG B 323 7.65 16.63 -31.50
N ARG B 324 8.10 16.42 -32.73
CA ARG B 324 7.17 16.23 -33.84
C ARG B 324 7.58 15.08 -34.78
N LYS B 325 8.46 14.19 -34.35
CA LYS B 325 8.91 13.08 -35.17
C LYS B 325 8.78 11.77 -34.40
N HIS B 326 8.71 10.67 -35.14
CA HIS B 326 8.68 9.35 -34.54
C HIS B 326 10.00 9.08 -33.81
N TRP B 327 9.92 8.30 -32.73
CA TRP B 327 11.10 8.09 -31.89
C TRP B 327 12.18 7.31 -32.62
N VAL B 328 11.80 6.44 -33.57
CA VAL B 328 12.79 5.71 -34.34
C VAL B 328 13.52 6.65 -35.31
N VAL B 329 12.80 7.60 -35.91
CA VAL B 329 13.43 8.47 -36.91
C VAL B 329 14.22 9.61 -36.27
N LYS B 330 13.90 10.00 -35.04
CA LYS B 330 14.73 10.97 -34.34
C LYS B 330 16.01 10.35 -33.84
N LEU B 331 15.98 9.07 -33.48
CA LEU B 331 17.20 8.38 -33.05
C LEU B 331 18.21 8.32 -34.18
N LEU B 332 17.75 8.03 -35.41
CA LEU B 332 18.66 8.02 -36.54
C LEU B 332 19.25 9.40 -36.79
N THR B 333 18.44 10.46 -36.65
CA THR B 333 18.96 11.80 -36.78
C THR B 333 19.96 12.11 -35.66
N CYS B 334 19.67 11.69 -34.44
CA CYS B 334 20.61 11.87 -33.33
C CYS B 334 21.84 10.99 -33.49
N MET B 335 21.78 9.97 -34.35
CA MET B 335 22.86 9.01 -34.48
C MET B 335 23.84 9.39 -35.58
N THR B 336 23.35 9.99 -36.68
CA THR B 336 24.25 10.42 -37.75
C THR B 336 25.14 11.58 -37.31
N ILE B 337 24.65 12.43 -36.40
CA ILE B 337 25.47 13.54 -35.90
C ILE B 337 26.70 13.00 -35.17
N GLY B 338 26.60 11.80 -34.61
CA GLY B 338 27.76 11.20 -33.97
C GLY B 338 28.91 10.94 -34.93
N PHE B 339 28.58 10.50 -36.15
CA PHE B 339 29.62 10.26 -37.15
C PHE B 339 30.37 11.55 -37.51
N LEU B 340 29.65 12.66 -37.61
CA LEU B 340 30.27 13.91 -38.04
C LEU B 340 30.90 14.69 -36.88
N PHE B 341 31.07 14.06 -35.72
CA PHE B 341 31.71 14.77 -34.60
C PHE B 341 33.15 15.17 -34.87
N PRO B 342 34.03 14.35 -35.49
CA PRO B 342 35.41 14.81 -35.67
C PRO B 342 35.54 16.02 -36.57
N MET B 343 34.73 16.11 -37.63
CA MET B 343 34.81 17.29 -38.49
C MET B 343 34.14 18.50 -37.85
N LEU B 344 33.16 18.28 -36.97
CA LEU B 344 32.56 19.39 -36.25
C LEU B 344 33.54 20.02 -35.28
N SER B 345 34.39 19.20 -34.67
CA SER B 345 35.35 19.73 -33.70
C SER B 345 36.47 20.52 -34.39
N ILE B 346 37.00 19.98 -35.49
CA ILE B 346 38.10 20.67 -36.18
C ILE B 346 37.59 21.94 -36.84
N ALA B 347 36.34 21.93 -37.34
CA ALA B 347 35.79 23.14 -37.95
C ALA B 347 35.71 24.28 -36.94
N TYR B 348 35.29 23.98 -35.72
CA TYR B 348 35.29 25.00 -34.67
C TYR B 348 36.71 25.40 -34.29
N LEU B 349 37.68 24.50 -34.48
CA LEU B 349 39.06 24.79 -34.10
C LEU B 349 39.71 25.78 -35.08
N ILE B 350 39.39 25.67 -36.36
CA ILE B 350 40.05 26.49 -37.39
C ILE B 350 39.17 27.64 -37.84
N SER B 351 37.86 27.42 -38.01
CA SER B 351 36.92 28.44 -38.45
C SER B 351 35.72 28.44 -37.52
N PRO B 352 35.85 29.03 -36.33
CA PRO B 352 34.71 29.03 -35.39
C PRO B 352 33.46 29.69 -35.95
N ARG B 353 33.61 30.76 -36.73
CA ARG B 353 32.47 31.48 -37.29
C ARG B 353 32.18 30.90 -38.67
N SER B 354 31.16 30.04 -38.74
CA SER B 354 30.77 29.41 -39.99
C SER B 354 29.38 28.83 -39.81
N ASN B 355 28.81 28.34 -40.92
CA ASN B 355 27.52 27.67 -40.85
C ASN B 355 27.59 26.41 -40.00
N LEU B 356 28.67 25.64 -40.13
CA LEU B 356 28.88 24.47 -39.30
C LEU B 356 29.81 24.72 -38.13
N GLY B 357 30.56 25.82 -38.14
CA GLY B 357 31.45 26.13 -37.03
C GLY B 357 30.70 26.43 -35.74
N LEU B 358 29.60 27.17 -35.84
CA LEU B 358 28.75 27.48 -34.69
C LEU B 358 27.70 26.41 -34.43
N PHE B 359 27.64 25.36 -35.25
CA PHE B 359 26.65 24.32 -35.03
C PHE B 359 26.96 23.50 -33.78
N ILE B 360 28.26 23.30 -33.48
CA ILE B 360 28.64 22.55 -32.29
C ILE B 360 28.30 23.33 -31.03
N LYS B 361 28.21 24.66 -31.12
CA LYS B 361 27.93 25.48 -29.94
C LYS B 361 26.52 25.26 -29.40
N LYS B 362 25.63 24.67 -30.18
CA LYS B 362 24.29 24.37 -29.67
C LYS B 362 24.38 23.34 -28.55
N PRO B 363 23.74 23.59 -27.40
CA PRO B 363 23.90 22.68 -26.26
C PRO B 363 23.49 21.24 -26.55
N PHE B 364 22.40 21.04 -27.31
CA PHE B 364 21.99 19.69 -27.65
C PHE B 364 22.99 19.03 -28.58
N ILE B 365 23.51 19.77 -29.55
CA ILE B 365 24.51 19.23 -30.47
C ILE B 365 25.81 18.93 -29.74
N LYS B 366 26.20 19.80 -28.81
CA LYS B 366 27.40 19.57 -28.03
C LYS B 366 27.30 18.30 -27.20
N PHE B 367 26.13 18.04 -26.63
CA PHE B 367 25.95 16.82 -25.83
C PHE B 367 26.09 15.57 -26.69
N ILE B 368 25.56 15.61 -27.91
CA ILE B 368 25.66 14.45 -28.81
C ILE B 368 27.11 14.25 -29.25
N CYS B 369 27.82 15.34 -29.53
CA CYS B 369 29.21 15.22 -29.95
C CYS B 369 30.08 14.65 -28.85
N HIS B 370 29.88 15.10 -27.60
CA HIS B 370 30.66 14.58 -26.49
C HIS B 370 30.34 13.11 -26.21
N THR B 371 29.07 12.73 -26.37
CA THR B 371 28.69 11.34 -26.14
C THR B 371 29.33 10.41 -27.16
N ALA B 372 29.31 10.80 -28.44
CA ALA B 372 29.92 9.98 -29.48
C ALA B 372 31.44 9.92 -29.32
N SER B 373 32.06 11.01 -28.87
CA SER B 373 33.50 10.99 -28.60
C SER B 373 33.83 10.01 -27.48
N TYR B 374 33.02 9.99 -26.42
CA TYR B 374 33.22 9.01 -25.35
C TYR B 374 32.92 7.60 -25.83
N LEU B 375 31.87 7.43 -26.65
CA LEU B 375 31.51 6.11 -27.14
C LEU B 375 32.60 5.54 -28.03
N THR B 376 33.35 6.40 -28.72
CA THR B 376 34.47 5.92 -29.52
C THR B 376 35.55 5.29 -28.63
N PHE B 377 35.82 5.91 -27.48
CA PHE B 377 36.81 5.37 -26.56
C PHE B 377 36.40 4.02 -25.99
N LEU B 378 35.11 3.87 -25.63
CA LEU B 378 34.64 2.61 -25.08
C LEU B 378 34.68 1.50 -26.13
N PHE B 379 34.21 1.80 -27.34
CA PHE B 379 34.32 0.83 -28.42
C PHE B 379 35.78 0.56 -28.76
N MET B 380 36.65 1.55 -28.51
CA MET B 380 38.07 1.37 -28.78
C MET B 380 38.65 0.28 -27.88
N LEU B 381 38.22 0.24 -26.62
CA LEU B 381 38.66 -0.80 -25.70
C LEU B 381 38.14 -2.17 -26.10
N LEU B 382 36.98 -2.22 -26.77
CA LEU B 382 36.47 -3.48 -27.28
C LEU B 382 37.41 -4.09 -28.32
N LEU B 383 37.93 -3.25 -29.22
CA LEU B 383 38.83 -3.74 -30.26
C LEU B 383 40.21 -4.08 -29.73
N ALA B 384 40.50 -3.77 -28.46
CA ALA B 384 41.81 -4.08 -27.89
C ALA B 384 42.02 -5.59 -27.80
N SER B 385 41.14 -6.29 -27.08
CA SER B 385 41.34 -7.71 -26.78
C SER B 385 41.38 -8.56 -28.05
N GLN B 386 40.86 -8.07 -29.17
CA GLN B 386 40.94 -8.77 -30.44
C GLN B 386 42.09 -8.29 -31.30
N HIS B 387 42.94 -7.41 -30.77
CA HIS B 387 44.14 -6.97 -31.49
C HIS B 387 45.40 -7.16 -30.65
N ILE B 388 45.29 -6.98 -29.34
CA ILE B 388 46.46 -7.17 -28.47
C ILE B 388 46.89 -8.63 -28.46
N VAL B 389 45.98 -9.56 -28.76
CA VAL B 389 46.36 -10.97 -28.86
C VAL B 389 47.38 -11.14 -29.97
N ARG B 390 48.51 -11.76 -29.63
CA ARG B 390 49.62 -11.90 -30.56
C ARG B 390 50.50 -13.05 -30.10
N THR B 391 51.39 -13.48 -31.00
CA THR B 391 52.30 -14.58 -30.68
C THR B 391 53.35 -14.20 -29.66
N ASP B 392 53.62 -12.91 -29.48
CA ASP B 392 54.60 -12.42 -28.51
C ASP B 392 54.01 -12.27 -27.11
N LEU B 393 52.93 -12.99 -26.81
CA LEU B 393 52.31 -12.95 -25.49
C LEU B 393 53.29 -13.24 -24.35
N HIS B 394 54.45 -13.83 -24.67
CA HIS B 394 55.43 -14.19 -23.66
C HIS B 394 56.41 -13.06 -23.34
N VAL B 395 56.27 -11.89 -23.98
CA VAL B 395 57.15 -10.78 -23.64
C VAL B 395 56.94 -10.36 -22.20
N GLN B 396 58.02 -10.30 -21.44
CA GLN B 396 57.92 -9.99 -20.01
C GLN B 396 57.37 -8.58 -19.79
N GLY B 397 57.94 -7.60 -20.46
CA GLY B 397 57.39 -6.27 -20.47
C GLY B 397 57.28 -5.72 -21.87
N PRO B 398 56.06 -5.52 -22.34
CA PRO B 398 55.85 -5.03 -23.70
C PRO B 398 55.72 -3.51 -23.71
N PRO B 399 56.08 -2.86 -24.81
CA PRO B 399 55.78 -1.44 -24.98
C PRO B 399 54.31 -1.26 -25.29
N PRO B 400 53.77 -0.04 -25.15
CA PRO B 400 52.39 0.20 -25.57
C PRO B 400 52.20 -0.14 -27.04
N THR B 401 51.09 -0.79 -27.35
CA THR B 401 50.82 -1.29 -28.69
C THR B 401 50.16 -0.19 -29.52
N VAL B 402 49.70 -0.55 -30.73
CA VAL B 402 49.05 0.42 -31.60
C VAL B 402 47.77 0.94 -30.96
N VAL B 403 46.98 0.05 -30.36
CA VAL B 403 45.75 0.46 -29.71
C VAL B 403 46.05 1.35 -28.51
N GLU B 404 47.02 0.95 -27.67
CA GLU B 404 47.37 1.72 -26.49
C GLU B 404 47.93 3.09 -26.85
N TRP B 405 48.78 3.15 -27.88
CA TRP B 405 49.35 4.43 -28.28
C TRP B 405 48.27 5.39 -28.77
N MET B 406 47.30 4.89 -29.52
CA MET B 406 46.21 5.70 -30.04
C MET B 406 45.02 5.76 -29.09
N ILE B 407 45.16 5.22 -27.89
CA ILE B 407 44.18 5.42 -26.82
C ILE B 407 44.68 6.42 -25.77
N LEU B 408 46.00 6.61 -25.65
CA LEU B 408 46.59 7.53 -24.68
C LEU B 408 46.02 8.95 -24.74
N PRO B 409 45.84 9.59 -25.91
CA PRO B 409 45.28 10.95 -25.89
C PRO B 409 43.88 11.03 -25.30
N TRP B 410 43.07 9.99 -25.44
CA TRP B 410 41.78 9.96 -24.76
C TRP B 410 41.95 9.97 -23.25
N VAL B 411 42.92 9.21 -22.75
CA VAL B 411 43.15 9.12 -21.31
C VAL B 411 43.59 10.48 -20.76
N LEU B 412 44.52 11.14 -21.45
CA LEU B 412 45.00 12.44 -20.98
C LEU B 412 43.90 13.48 -20.97
N GLY B 413 42.99 13.42 -21.95
CA GLY B 413 41.87 14.35 -21.97
C GLY B 413 40.98 14.20 -20.75
N PHE B 414 40.75 12.96 -20.31
CA PHE B 414 39.94 12.74 -19.11
C PHE B 414 40.62 13.29 -17.86
N ILE B 415 41.93 13.05 -17.72
CA ILE B 415 42.66 13.56 -16.56
C ILE B 415 42.71 15.08 -16.58
N TRP B 416 43.02 15.66 -17.75
CA TRP B 416 43.03 17.11 -17.87
C TRP B 416 41.64 17.70 -17.65
N GLY B 417 40.61 17.05 -18.20
CA GLY B 417 39.25 17.57 -18.04
C GLY B 417 38.74 17.50 -16.63
N GLU B 418 39.28 16.61 -15.80
CA GLU B 418 38.86 16.53 -14.41
C GLU B 418 39.53 17.60 -13.56
N ILE B 419 40.84 17.80 -13.76
CA ILE B 419 41.56 18.84 -13.02
C ILE B 419 41.08 20.22 -13.44
N LYS B 420 40.77 20.39 -14.73
CA LYS B 420 40.38 21.70 -15.23
C LYS B 420 39.13 22.23 -14.52
N GLU B 421 38.13 21.37 -14.32
CA GLU B 421 36.96 21.78 -13.54
C GLU B 421 37.19 21.66 -12.04
N MET B 422 38.23 20.95 -11.61
CA MET B 422 38.54 20.88 -10.18
C MET B 422 38.99 22.24 -9.66
N TRP B 423 39.81 22.95 -10.43
CA TRP B 423 40.20 24.30 -10.04
C TRP B 423 39.03 25.27 -10.13
N ASP B 424 38.12 25.05 -11.09
CA ASP B 424 36.91 25.86 -11.16
C ASP B 424 36.06 25.67 -9.91
N GLY B 425 35.92 24.43 -9.46
CA GLY B 425 35.20 24.11 -8.24
C GLY B 425 36.12 24.07 -7.03
N GLY B 426 35.62 23.44 -5.97
CA GLY B 426 36.40 23.27 -4.76
C GLY B 426 36.57 21.82 -4.38
N PHE B 427 36.15 21.46 -3.16
CA PHE B 427 36.16 20.07 -2.73
C PHE B 427 34.86 19.64 -2.07
N THR B 428 33.89 20.54 -1.88
CA THR B 428 32.60 20.16 -1.30
C THR B 428 31.60 19.76 -2.37
N GLU B 429 31.54 20.50 -3.47
CA GLU B 429 30.64 20.14 -4.56
C GLU B 429 31.11 18.88 -5.28
N TYR B 430 32.41 18.58 -5.22
CA TYR B 430 32.92 17.36 -5.83
C TYR B 430 32.34 16.13 -5.15
N ILE B 431 32.29 16.12 -3.82
CA ILE B 431 31.72 14.99 -3.09
C ILE B 431 30.20 14.94 -3.25
N HIS B 432 29.58 16.05 -3.65
CA HIS B 432 28.13 16.09 -3.82
C HIS B 432 27.68 15.12 -4.91
N ASP B 433 28.42 15.08 -6.02
CA ASP B 433 28.08 14.21 -7.15
C ASP B 433 28.86 12.91 -7.01
N TRP B 434 28.15 11.82 -6.76
CA TRP B 434 28.79 10.51 -6.62
C TRP B 434 29.40 10.02 -7.93
N TRP B 435 28.94 10.54 -9.08
CA TRP B 435 29.54 10.17 -10.35
C TRP B 435 30.97 10.69 -10.48
N ASN B 436 31.34 11.70 -9.70
CA ASN B 436 32.72 12.17 -9.68
C ASN B 436 33.62 11.22 -8.89
N LEU B 437 33.07 10.51 -7.89
CA LEU B 437 33.84 9.50 -7.18
C LEU B 437 34.26 8.38 -8.11
N MET B 438 33.35 7.94 -8.99
CA MET B 438 33.71 6.96 -10.00
C MET B 438 34.74 7.52 -10.97
N ASP B 439 34.59 8.79 -11.34
CA ASP B 439 35.54 9.42 -12.27
C ASP B 439 36.94 9.50 -11.68
N PHE B 440 37.03 9.84 -10.39
CA PHE B 440 38.34 9.94 -9.75
C PHE B 440 39.02 8.58 -9.67
N ALA B 441 38.28 7.55 -9.27
CA ALA B 441 38.85 6.21 -9.18
C ALA B 441 39.24 5.68 -10.55
N MET B 442 38.42 5.95 -11.56
CA MET B 442 38.71 5.48 -12.91
C MET B 442 39.98 6.11 -13.45
N ASN B 443 40.18 7.41 -13.21
CA ASN B 443 41.37 8.10 -13.71
C ASN B 443 42.62 7.76 -12.90
N SER B 444 42.47 7.51 -11.60
CA SER B 444 43.62 7.12 -10.78
C SER B 444 44.18 5.78 -11.24
N LEU B 445 43.31 4.82 -11.55
CA LEU B 445 43.77 3.52 -12.02
C LEU B 445 44.45 3.61 -13.37
N TYR B 446 44.06 4.58 -14.20
CA TYR B 446 44.74 4.77 -15.47
C TYR B 446 46.14 5.34 -15.28
N LEU B 447 46.34 6.16 -14.25
CA LEU B 447 47.68 6.65 -13.95
C LEU B 447 48.59 5.52 -13.47
N ALA B 448 48.08 4.65 -12.60
CA ALA B 448 48.87 3.53 -12.13
C ALA B 448 49.19 2.56 -13.27
N THR B 449 48.22 2.33 -14.15
CA THR B 449 48.46 1.41 -15.27
C THR B 449 49.56 1.93 -16.19
N ILE B 450 49.52 3.22 -16.50
CA ILE B 450 50.54 3.80 -17.39
C ILE B 450 51.91 3.75 -16.73
N SER B 451 51.99 4.12 -15.45
CA SER B 451 53.27 4.12 -14.75
C SER B 451 53.84 2.71 -14.60
N LEU B 452 52.98 1.75 -14.28
CA LEU B 452 53.45 0.38 -14.08
C LEU B 452 53.95 -0.24 -15.38
N LYS B 453 53.35 0.13 -16.51
CA LYS B 453 53.86 -0.33 -17.80
C LYS B 453 55.23 0.26 -18.11
N ILE B 454 55.52 1.45 -17.59
CA ILE B 454 56.81 2.08 -17.84
C ILE B 454 57.92 1.31 -17.11
N MET B 455 57.67 0.93 -15.85
CA MET B 455 58.68 0.21 -15.08
C MET B 455 59.02 -1.13 -15.72
N ALA B 456 58.00 -1.86 -16.18
CA ALA B 456 58.25 -3.16 -16.81
C ALA B 456 59.03 -3.03 -18.12
N TYR B 457 58.98 -1.87 -18.75
CA TYR B 457 59.71 -1.66 -20.00
C TYR B 457 61.21 -1.49 -19.78
N VAL B 458 61.62 -0.96 -18.62
CA VAL B 458 63.02 -0.65 -18.39
C VAL B 458 63.67 -1.75 -17.56
N LYS B 459 62.88 -2.51 -16.81
CA LYS B 459 63.40 -3.56 -15.95
C LYS B 459 63.38 -4.93 -16.61
N TYR B 460 62.80 -5.07 -17.80
CA TYR B 460 62.72 -6.35 -18.47
C TYR B 460 62.91 -6.16 -19.97
N ASN B 461 63.68 -7.04 -20.58
CA ASN B 461 63.94 -6.97 -22.01
C ASN B 461 63.63 -8.27 -22.74
N GLY B 462 63.85 -9.42 -22.11
CA GLY B 462 63.64 -10.70 -22.75
C GLY B 462 62.20 -11.17 -22.68
N SER B 463 61.97 -12.34 -23.27
CA SER B 463 60.66 -12.97 -23.31
C SER B 463 60.74 -14.34 -22.65
N ARG B 464 59.83 -14.59 -21.70
CA ARG B 464 59.77 -15.84 -20.98
C ARG B 464 58.33 -16.34 -20.96
N PRO B 465 58.13 -17.66 -20.89
CA PRO B 465 56.76 -18.18 -20.81
C PRO B 465 56.03 -17.66 -19.59
N ARG B 466 54.72 -17.42 -19.76
CA ARG B 466 53.93 -16.79 -18.71
C ARG B 466 53.85 -17.65 -17.46
N GLU B 467 53.85 -18.97 -17.62
CA GLU B 467 53.75 -19.87 -16.47
C GLU B 467 54.97 -19.79 -15.56
N GLU B 468 56.09 -19.25 -16.07
CA GLU B 468 57.30 -19.11 -15.28
C GLU B 468 57.44 -17.75 -14.61
N TRP B 469 56.48 -16.85 -14.82
CA TRP B 469 56.57 -15.52 -14.24
C TRP B 469 56.37 -15.57 -12.73
N GLU B 470 56.84 -14.52 -12.05
CA GLU B 470 56.70 -14.44 -10.61
C GLU B 470 55.25 -14.14 -10.22
N MET B 471 54.98 -14.27 -8.91
CA MET B 471 53.62 -14.09 -8.43
C MET B 471 53.12 -12.67 -8.62
N TRP B 472 53.97 -11.67 -8.35
CA TRP B 472 53.53 -10.28 -8.38
C TRP B 472 54.26 -9.51 -9.48
N HIS B 473 54.33 -10.10 -10.66
CA HIS B 473 54.99 -9.45 -11.78
C HIS B 473 54.30 -8.12 -12.10
N PRO B 474 55.07 -7.04 -12.30
CA PRO B 474 54.44 -5.74 -12.58
C PRO B 474 53.56 -5.72 -13.80
N THR B 475 53.90 -6.49 -14.85
CA THR B 475 53.04 -6.56 -16.03
C THR B 475 51.69 -7.15 -15.69
N LEU B 476 51.66 -8.19 -14.86
CA LEU B 476 50.39 -8.80 -14.46
C LEU B 476 49.53 -7.82 -13.68
N ILE B 477 50.15 -7.03 -12.79
CA ILE B 477 49.39 -6.10 -11.97
C ILE B 477 48.78 -5.00 -12.83
N ALA B 478 49.52 -4.52 -13.83
CA ALA B 478 48.99 -3.49 -14.71
C ALA B 478 47.78 -3.99 -15.49
N GLU B 479 47.81 -5.26 -15.92
CA GLU B 479 46.66 -5.82 -16.63
C GLU B 479 45.43 -5.89 -15.74
N ALA B 480 45.62 -6.24 -14.46
CA ALA B 480 44.50 -6.29 -13.53
C ALA B 480 43.90 -4.90 -13.30
N LEU B 481 44.76 -3.88 -13.13
CA LEU B 481 44.27 -2.53 -12.92
C LEU B 481 43.58 -1.98 -14.16
N PHE B 482 44.11 -2.33 -15.34
CA PHE B 482 43.49 -1.86 -16.59
C PHE B 482 42.10 -2.45 -16.78
N ALA B 483 41.93 -3.73 -16.44
CA ALA B 483 40.63 -4.39 -16.59
C ALA B 483 39.59 -3.78 -15.66
N ILE B 484 39.98 -3.42 -14.44
CA ILE B 484 39.04 -2.81 -13.50
C ILE B 484 38.59 -1.45 -14.03
N SER B 485 39.49 -0.72 -14.68
CA SER B 485 39.12 0.58 -15.26
C SER B 485 38.08 0.42 -16.35
N ASN B 486 38.17 -0.66 -17.14
CA ASN B 486 37.21 -0.87 -18.21
C ASN B 486 35.80 -1.08 -17.67
N ILE B 487 35.67 -1.72 -16.51
CA ILE B 487 34.35 -1.87 -15.89
C ILE B 487 33.81 -0.51 -15.48
N LEU B 488 34.65 0.32 -14.86
CA LEU B 488 34.21 1.63 -14.40
C LEU B 488 33.89 2.55 -15.58
N SER B 489 34.66 2.47 -16.65
CA SER B 489 34.41 3.31 -17.82
C SER B 489 33.06 3.00 -18.44
N SER B 490 32.71 1.70 -18.55
CA SER B 490 31.44 1.33 -19.16
C SER B 490 30.27 1.63 -18.23
N LEU B 491 30.47 1.51 -16.91
CA LEU B 491 29.40 1.84 -15.96
C LEU B 491 29.05 3.33 -15.98
N ARG B 492 29.94 4.16 -16.51
CA ARG B 492 29.69 5.60 -16.59
C ARG B 492 28.58 5.94 -17.59
N LEU B 493 28.28 5.04 -18.54
CA LEU B 493 27.21 5.28 -19.50
C LEU B 493 25.85 5.34 -18.84
N ILE B 494 25.71 4.82 -17.61
CA ILE B 494 24.44 4.88 -16.90
C ILE B 494 24.08 6.33 -16.57
N SER B 495 25.09 7.16 -16.28
CA SER B 495 24.84 8.54 -15.88
C SER B 495 24.08 9.31 -16.95
N LEU B 496 24.39 9.07 -18.23
CA LEU B 496 23.72 9.78 -19.31
C LEU B 496 22.38 9.17 -19.68
N PHE B 497 21.79 8.36 -18.81
CA PHE B 497 20.40 7.95 -18.94
C PHE B 497 19.45 9.06 -18.51
N THR B 498 19.95 10.08 -17.82
CA THR B 498 19.11 11.17 -17.35
C THR B 498 18.53 11.98 -18.52
N ALA B 499 19.27 12.06 -19.63
CA ALA B 499 18.80 12.82 -20.78
C ALA B 499 17.56 12.21 -21.42
N ASN B 500 17.29 10.94 -21.18
CA ASN B 500 16.17 10.26 -21.80
C ASN B 500 14.95 10.33 -20.90
N SER B 501 13.78 10.56 -21.52
CA SER B 501 12.54 10.71 -20.77
C SER B 501 11.94 9.39 -20.34
N HIS B 502 12.40 8.27 -20.89
CA HIS B 502 11.91 6.95 -20.53
C HIS B 502 12.78 6.26 -19.50
N LEU B 503 14.09 6.27 -19.68
CA LEU B 503 15.03 5.66 -18.75
C LEU B 503 15.52 6.61 -17.68
N GLY B 504 15.26 7.90 -17.82
CA GLY B 504 15.71 8.90 -16.87
C GLY B 504 15.10 8.76 -15.48
N PRO B 505 13.77 8.74 -15.39
CA PRO B 505 13.14 8.57 -14.07
C PRO B 505 13.50 7.26 -13.40
N LEU B 506 13.72 6.19 -14.17
CA LEU B 506 14.09 4.91 -13.56
C LEU B 506 15.52 4.94 -13.03
N GLN B 507 16.45 5.53 -13.78
CA GLN B 507 17.84 5.61 -13.33
C GLN B 507 17.95 6.46 -12.07
N ILE B 508 17.20 7.55 -11.99
CA ILE B 508 17.21 8.38 -10.79
C ILE B 508 16.60 7.62 -9.61
N SER B 509 15.56 6.82 -9.87
CA SER B 509 14.94 6.05 -8.81
C SER B 509 15.89 5.00 -8.24
N LEU B 510 16.66 4.34 -9.10
CA LEU B 510 17.58 3.29 -8.64
C LEU B 510 18.62 3.85 -7.68
N GLY B 511 19.19 5.00 -8.02
CA GLY B 511 20.21 5.59 -7.16
C GLY B 511 19.67 6.26 -5.91
N ARG B 512 18.40 6.63 -5.91
CA ARG B 512 17.82 7.37 -4.79
C ARG B 512 17.72 6.54 -3.52
N MET B 513 17.77 5.20 -3.64
CA MET B 513 17.61 4.34 -2.48
C MET B 513 18.71 3.28 -2.41
N LEU B 514 19.89 3.60 -2.95
CA LEU B 514 21.08 2.80 -2.71
C LEU B 514 21.65 3.04 -1.31
N LEU B 515 21.32 4.16 -0.69
CA LEU B 515 21.79 4.42 0.68
C LEU B 515 21.13 3.47 1.67
N ASP B 516 19.87 3.09 1.42
CA ASP B 516 19.21 2.12 2.29
C ASP B 516 19.84 0.74 2.16
N ILE B 517 20.35 0.41 0.98
CA ILE B 517 21.10 -0.85 0.81
C ILE B 517 22.37 -0.82 1.65
N LEU B 518 23.07 0.32 1.68
CA LEU B 518 24.31 0.41 2.42
C LEU B 518 24.10 0.19 3.91
N LYS B 519 23.00 0.72 4.45
CA LYS B 519 22.70 0.50 5.87
C LYS B 519 22.44 -0.97 6.16
N PHE B 520 21.74 -1.66 5.26
CA PHE B 520 21.53 -3.10 5.41
C PHE B 520 22.83 -3.87 5.31
N LEU B 521 23.70 -3.49 4.38
CA LEU B 521 24.95 -4.22 4.17
C LEU B 521 25.88 -4.13 5.37
N PHE B 522 25.63 -3.21 6.30
CA PHE B 522 26.38 -3.18 7.56
C PHE B 522 25.80 -4.13 8.59
N ILE B 523 24.48 -4.37 8.56
CA ILE B 523 23.88 -5.41 9.40
C ILE B 523 24.41 -6.77 8.99
N TYR B 524 24.44 -7.03 7.68
CA TYR B 524 24.88 -8.33 7.17
C TYR B 524 26.35 -8.58 7.47
N CYS B 525 27.19 -7.55 7.35
CA CYS B 525 28.62 -7.72 7.58
C CYS B 525 28.92 -8.11 9.02
N LEU B 526 28.07 -7.70 9.96
CA LEU B 526 28.24 -8.09 11.34
C LEU B 526 27.85 -9.55 11.55
N VAL B 527 26.77 -9.99 10.91
CA VAL B 527 26.37 -11.39 11.00
C VAL B 527 27.37 -12.29 10.29
N LEU B 528 27.91 -11.83 9.15
CA LEU B 528 28.92 -12.59 8.44
C LEU B 528 30.18 -12.79 9.29
N LEU B 529 30.62 -11.74 9.98
CA LEU B 529 31.81 -11.83 10.82
C LEU B 529 31.60 -12.74 12.02
N ALA B 530 30.38 -12.76 12.58
CA ALA B 530 30.11 -13.59 13.74
C ALA B 530 30.21 -15.07 13.41
N PHE B 531 29.61 -15.50 12.29
CA PHE B 531 29.63 -16.90 11.92
C PHE B 531 30.97 -17.33 11.32
N ALA B 532 31.69 -16.40 10.70
CA ALA B 532 33.01 -16.74 10.18
C ALA B 532 34.01 -16.97 11.30
N ASN B 533 33.81 -16.32 12.44
CA ASN B 533 34.68 -16.56 13.60
C ASN B 533 34.45 -17.95 14.18
N GLY B 534 33.19 -18.37 14.31
CA GLY B 534 32.91 -19.69 14.85
C GLY B 534 33.36 -20.82 13.96
N LEU B 535 33.15 -20.68 12.65
CA LEU B 535 33.53 -21.75 11.72
C LEU B 535 35.04 -21.88 11.62
N ASN B 536 35.75 -20.76 11.62
CA ASN B 536 37.21 -20.82 11.57
C ASN B 536 37.80 -21.33 12.88
N GLN B 537 37.18 -21.00 14.01
CA GLN B 537 37.65 -21.47 15.31
C GLN B 537 37.47 -22.97 15.48
N LEU B 538 36.63 -23.60 14.65
CA LEU B 538 36.35 -25.02 14.74
C LEU B 538 37.10 -25.85 13.71
N TYR B 539 37.49 -25.25 12.59
CA TYR B 539 38.00 -25.99 11.45
C TYR B 539 39.48 -25.77 11.17
N PHE B 540 40.15 -24.86 11.89
CA PHE B 540 41.53 -24.55 11.56
C PHE B 540 42.51 -25.65 11.99
N TYR B 541 42.08 -26.59 12.82
CA TYR B 541 42.97 -27.68 13.20
C TYR B 541 43.24 -28.62 12.03
N TYR B 542 42.33 -28.68 11.05
CA TYR B 542 42.37 -29.66 9.99
C TYR B 542 42.84 -29.07 8.66
N GLU B 543 43.56 -27.95 8.69
CA GLU B 543 44.08 -27.36 7.47
C GLU B 543 45.12 -28.29 6.84
N THR B 544 45.02 -28.47 5.53
CA THR B 544 45.91 -29.36 4.79
C THR B 544 46.72 -28.57 3.77
N ARG B 545 47.91 -29.06 3.47
CA ARG B 545 48.76 -28.41 2.49
C ARG B 545 48.24 -28.67 1.08
N ALA B 546 48.61 -27.77 0.16
CA ALA B 546 48.22 -27.93 -1.24
C ALA B 546 48.85 -29.14 -1.90
N ILE B 547 49.94 -29.66 -1.34
CA ILE B 547 50.57 -30.85 -1.91
C ILE B 547 49.67 -32.06 -1.77
N ASP B 548 48.99 -32.18 -0.63
CA ASP B 548 48.15 -33.34 -0.34
C ASP B 548 46.79 -33.29 -1.02
N GLU B 549 46.47 -32.20 -1.69
CA GLU B 549 45.20 -32.13 -2.39
C GLU B 549 45.37 -32.52 -3.85
N PRO B 550 44.30 -32.99 -4.49
CA PRO B 550 44.40 -33.36 -5.91
C PRO B 550 44.85 -32.20 -6.78
N ASN B 551 45.73 -32.51 -7.74
CA ASN B 551 46.35 -31.58 -8.67
C ASN B 551 46.76 -30.26 -8.02
N ASN B 552 47.30 -30.32 -6.80
CA ASN B 552 47.94 -29.18 -6.14
C ASN B 552 47.04 -27.94 -6.11
N CYS B 553 45.76 -28.14 -5.80
CA CYS B 553 44.81 -27.05 -5.74
C CYS B 553 44.23 -26.99 -4.33
N LYS B 554 44.32 -25.81 -3.71
CA LYS B 554 43.82 -25.60 -2.36
C LYS B 554 42.91 -24.39 -2.34
N GLY B 555 41.73 -24.54 -1.75
CA GLY B 555 40.75 -23.48 -1.65
C GLY B 555 39.42 -23.87 -2.28
N ILE B 556 38.51 -22.90 -2.30
CA ILE B 556 37.17 -23.13 -2.82
C ILE B 556 37.05 -22.81 -4.30
N ARG B 557 38.12 -22.35 -4.94
CA ARG B 557 38.12 -22.09 -6.37
C ARG B 557 38.55 -23.30 -7.17
N CYS B 558 38.63 -24.47 -6.54
CA CYS B 558 39.06 -25.71 -7.18
C CYS B 558 37.84 -26.50 -7.65
N GLU B 559 38.09 -27.48 -8.51
CA GLU B 559 37.04 -28.39 -8.93
C GLU B 559 36.50 -29.19 -7.75
N LYS B 560 37.40 -29.67 -6.89
CA LYS B 560 37.05 -30.26 -5.61
C LYS B 560 37.36 -29.23 -4.53
N GLN B 561 36.32 -28.61 -3.98
CA GLN B 561 36.51 -27.57 -2.98
C GLN B 561 37.06 -28.15 -1.68
N ASN B 562 37.99 -27.43 -1.07
CA ASN B 562 38.63 -27.89 0.15
C ASN B 562 39.13 -26.69 0.93
N ASN B 563 39.41 -26.92 2.22
CA ASN B 563 39.93 -25.88 3.11
C ASN B 563 39.05 -24.65 3.10
N ALA B 564 37.73 -24.87 3.19
CA ALA B 564 36.78 -23.77 3.14
C ALA B 564 36.86 -22.88 4.37
N PHE B 565 37.12 -23.46 5.53
CA PHE B 565 37.14 -22.72 6.79
C PHE B 565 38.49 -22.82 7.49
N SER B 566 39.56 -23.00 6.71
CA SER B 566 40.88 -23.20 7.30
C SER B 566 41.42 -21.90 7.89
N THR B 567 41.28 -20.80 7.16
CA THR B 567 41.73 -19.49 7.61
C THR B 567 40.56 -18.52 7.62
N LEU B 568 40.74 -17.40 8.33
CA LEU B 568 39.68 -16.41 8.43
C LEU B 568 39.43 -15.72 7.09
N PHE B 569 40.49 -15.47 6.33
CA PHE B 569 40.32 -14.85 5.01
C PHE B 569 39.57 -15.77 4.06
N GLU B 570 39.87 -17.07 4.10
CA GLU B 570 39.14 -18.02 3.27
C GLU B 570 37.72 -18.21 3.77
N THR B 571 37.51 -18.19 5.09
CA THR B 571 36.19 -18.41 5.64
C THR B 571 35.22 -17.29 5.25
N LEU B 572 35.72 -16.06 5.18
CA LEU B 572 34.87 -14.94 4.79
C LEU B 572 34.43 -15.05 3.34
N GLN B 573 35.29 -15.57 2.46
CA GLN B 573 34.91 -15.76 1.07
C GLN B 573 33.94 -16.92 0.92
N SER B 574 34.10 -17.98 1.72
CA SER B 574 33.22 -19.14 1.62
C SER B 574 31.79 -18.78 1.97
N LEU B 575 31.59 -17.97 3.02
CA LEU B 575 30.25 -17.57 3.41
C LEU B 575 29.65 -16.56 2.44
N PHE B 576 30.48 -15.83 1.69
CA PHE B 576 29.96 -14.94 0.66
C PHE B 576 29.39 -15.73 -0.50
N TRP B 577 30.13 -16.75 -0.98
CA TRP B 577 29.70 -17.52 -2.13
C TRP B 577 28.54 -18.45 -1.81
N SER B 578 28.29 -18.71 -0.53
CA SER B 578 27.13 -19.51 -0.15
C SER B 578 25.82 -18.73 -0.27
N VAL B 579 25.88 -17.40 -0.36
CA VAL B 579 24.70 -16.61 -0.62
C VAL B 579 24.14 -16.92 -2.00
N PHE B 580 25.02 -17.20 -2.96
CA PHE B 580 24.63 -17.54 -4.32
C PHE B 580 24.61 -19.04 -4.56
N GLY B 581 24.79 -19.84 -3.53
CA GLY B 581 24.73 -21.28 -3.66
C GLY B 581 25.91 -21.92 -4.34
N LEU B 582 27.07 -21.28 -4.31
CA LEU B 582 28.25 -21.76 -5.02
C LEU B 582 29.23 -22.49 -4.12
N LEU B 583 28.86 -22.77 -2.89
CA LEU B 583 29.69 -23.56 -1.96
C LEU B 583 29.01 -24.89 -1.72
N ASN B 584 29.71 -25.98 -2.07
CA ASN B 584 29.14 -27.31 -1.92
C ASN B 584 29.13 -27.75 -0.45
N LEU B 585 28.23 -28.68 -0.15
CA LEU B 585 28.02 -29.09 1.23
C LEU B 585 29.13 -29.99 1.77
N TYR B 586 29.93 -30.60 0.91
CA TYR B 586 30.97 -31.50 1.40
C TYR B 586 32.17 -30.77 1.98
N VAL B 587 32.20 -29.44 1.91
CA VAL B 587 33.27 -28.68 2.54
C VAL B 587 33.18 -28.69 4.06
N THR B 588 32.06 -29.15 4.61
CA THR B 588 31.92 -29.31 6.05
C THR B 588 32.52 -30.61 6.56
N ASN B 589 33.07 -31.43 5.68
CA ASN B 589 33.68 -32.70 6.03
C ASN B 589 35.19 -32.54 6.12
N VAL B 590 35.81 -33.28 7.05
CA VAL B 590 37.25 -33.29 7.21
C VAL B 590 37.73 -34.74 7.20
N LYS B 591 39.01 -34.91 6.88
CA LYS B 591 39.58 -36.25 6.72
C LYS B 591 39.58 -37.04 8.02
N ALA B 592 39.52 -36.38 9.18
CA ALA B 592 39.54 -37.09 10.45
C ALA B 592 38.23 -37.82 10.71
N ARG B 593 37.10 -37.26 10.25
CA ARG B 593 35.78 -37.87 10.38
C ARG B 593 35.44 -38.14 11.85
N HIS B 594 35.35 -37.06 12.61
CA HIS B 594 34.95 -37.13 14.02
C HIS B 594 33.45 -36.96 14.22
N GLU B 595 32.68 -36.84 13.14
CA GLU B 595 31.21 -36.86 13.21
C GLU B 595 30.65 -35.70 14.02
N PHE B 596 30.98 -35.65 15.31
CA PHE B 596 30.48 -34.57 16.16
C PHE B 596 31.00 -33.22 15.69
N THR B 597 32.29 -33.13 15.38
CA THR B 597 32.86 -31.87 14.90
C THR B 597 32.24 -31.47 13.56
N GLU B 598 32.06 -32.44 12.66
CA GLU B 598 31.52 -32.13 11.35
C GLU B 598 30.04 -31.77 11.41
N PHE B 599 29.28 -32.39 12.32
CA PHE B 599 27.87 -32.04 12.47
C PHE B 599 27.69 -30.64 13.04
N VAL B 600 28.53 -30.26 14.00
CA VAL B 600 28.45 -28.92 14.58
C VAL B 600 28.77 -27.86 13.52
N GLY B 601 29.81 -28.11 12.71
CA GLY B 601 30.15 -27.17 11.66
C GLY B 601 29.04 -27.03 10.62
N ALA B 602 28.40 -28.14 10.27
CA ALA B 602 27.29 -28.09 9.32
C ALA B 602 26.08 -27.38 9.92
N THR B 603 25.93 -27.41 11.24
CA THR B 603 24.85 -26.68 11.89
C THR B 603 25.12 -25.19 11.97
N MET B 604 26.39 -24.79 12.16
CA MET B 604 26.74 -23.39 12.03
C MET B 604 26.50 -22.89 10.62
N PHE B 605 26.88 -23.69 9.61
CA PHE B 605 26.64 -23.32 8.23
C PHE B 605 25.15 -23.22 7.92
N GLY B 606 24.36 -24.17 8.44
CA GLY B 606 22.93 -24.15 8.19
C GLY B 606 22.23 -22.97 8.86
N THR B 607 22.65 -22.63 10.08
CA THR B 607 22.07 -21.50 10.77
C THR B 607 22.38 -20.19 10.05
N TYR B 608 23.60 -20.07 9.51
CA TYR B 608 23.96 -18.88 8.75
C TYR B 608 23.10 -18.76 7.49
N ASN B 609 22.82 -19.88 6.83
CA ASN B 609 21.99 -19.85 5.63
C ASN B 609 20.56 -19.39 5.94
N VAL B 610 20.01 -19.85 7.06
CA VAL B 610 18.66 -19.45 7.44
C VAL B 610 18.60 -17.95 7.73
N ILE B 611 19.58 -17.44 8.47
CA ILE B 611 19.57 -16.02 8.83
C ILE B 611 19.74 -15.15 7.60
N SER B 612 20.63 -15.54 6.69
CA SER B 612 20.92 -14.71 5.52
C SER B 612 19.86 -14.86 4.44
N LEU B 613 19.62 -16.09 3.98
CA LEU B 613 18.83 -16.33 2.78
C LEU B 613 17.34 -16.44 3.04
N VAL B 614 16.90 -16.43 4.30
CA VAL B 614 15.48 -16.60 4.60
C VAL B 614 14.97 -15.41 5.41
N VAL B 615 15.86 -14.77 6.15
CA VAL B 615 15.50 -13.71 7.09
C VAL B 615 16.02 -12.35 6.64
N LEU B 616 17.34 -12.24 6.43
CA LEU B 616 17.93 -10.95 6.11
C LEU B 616 17.59 -10.50 4.70
N LEU B 617 17.68 -11.40 3.72
CA LEU B 617 17.39 -11.03 2.34
C LEU B 617 15.90 -10.74 2.12
N ASN B 618 15.03 -11.45 2.82
CA ASN B 618 13.61 -11.14 2.75
C ASN B 618 13.30 -9.82 3.46
N MET B 619 14.06 -9.49 4.50
CA MET B 619 13.93 -8.19 5.14
C MET B 619 14.32 -7.06 4.19
N LEU B 620 15.36 -7.28 3.39
CA LEU B 620 15.76 -6.29 2.40
C LEU B 620 14.67 -6.06 1.36
N ILE B 621 14.01 -7.13 0.93
CA ILE B 621 12.93 -7.00 -0.05
C ILE B 621 11.78 -6.18 0.53
N ALA B 622 11.43 -6.44 1.80
CA ALA B 622 10.29 -5.78 2.42
C ALA B 622 10.52 -4.27 2.52
N MET B 623 11.70 -3.86 2.94
CA MET B 623 11.98 -2.44 3.09
C MET B 623 12.33 -1.77 1.78
N MET B 624 12.68 -2.55 0.74
CA MET B 624 12.89 -2.00 -0.58
C MET B 624 11.55 -1.68 -1.25
N ASN B 625 10.52 -2.49 -0.98
CA ASN B 625 9.18 -2.19 -1.50
C ASN B 625 8.62 -0.94 -0.86
N ASN B 626 8.82 -0.77 0.46
CA ASN B 626 8.29 0.40 1.15
C ASN B 626 8.94 1.69 0.67
N SER B 627 10.25 1.67 0.46
CA SER B 627 10.95 2.86 -0.02
C SER B 627 10.50 3.25 -1.42
N TYR B 628 10.29 2.26 -2.28
CA TYR B 628 9.91 2.56 -3.67
C TYR B 628 8.55 3.24 -3.75
N GLN B 629 7.66 2.97 -2.79
CA GLN B 629 6.35 3.61 -2.81
C GLN B 629 6.46 5.12 -2.60
N LEU B 630 7.31 5.54 -1.65
CA LEU B 630 7.48 6.96 -1.39
C LEU B 630 8.24 7.64 -2.52
N ILE B 631 9.23 6.96 -3.09
CA ILE B 631 10.06 7.55 -4.13
C ILE B 631 9.26 7.77 -5.40
N ALA B 632 8.37 6.82 -5.74
CA ALA B 632 7.68 6.87 -7.02
C ALA B 632 6.80 8.11 -7.15
N ASP B 633 6.31 8.66 -6.04
CA ASP B 633 5.48 9.86 -6.10
C ASP B 633 6.29 11.07 -6.54
N HIS B 634 7.54 11.18 -6.08
CA HIS B 634 8.39 12.33 -6.36
C HIS B 634 9.35 12.07 -7.52
N ALA B 635 9.17 11.00 -8.27
CA ALA B 635 10.14 10.60 -9.28
C ALA B 635 10.27 11.65 -10.39
N ASP B 636 9.14 12.20 -10.85
CA ASP B 636 9.18 13.15 -11.95
C ASP B 636 9.90 14.44 -11.58
N ILE B 637 9.65 14.96 -10.37
CA ILE B 637 10.33 16.16 -9.93
C ILE B 637 11.82 15.91 -9.75
N GLU B 638 12.18 14.75 -9.19
CA GLU B 638 13.58 14.42 -8.97
C GLU B 638 14.35 14.28 -10.28
N TRP B 639 13.74 13.65 -11.28
CA TRP B 639 14.41 13.48 -12.57
C TRP B 639 14.60 14.81 -13.29
N LYS B 640 13.57 15.66 -13.28
CA LYS B 640 13.66 16.94 -13.97
C LYS B 640 14.70 17.85 -13.33
N PHE B 641 14.87 17.77 -12.01
CA PHE B 641 15.93 18.51 -11.35
C PHE B 641 17.30 18.01 -11.80
N ALA B 642 17.45 16.69 -11.94
CA ALA B 642 18.72 16.12 -12.38
C ALA B 642 19.01 16.44 -13.84
N ARG B 643 17.99 16.41 -14.70
CA ARG B 643 18.19 16.73 -16.10
C ARG B 643 18.56 18.20 -16.30
N THR B 644 18.04 19.08 -15.43
CA THR B 644 18.39 20.49 -15.54
C THR B 644 19.88 20.72 -15.33
N LYS B 645 20.46 20.04 -14.33
CA LYS B 645 21.90 20.17 -14.09
C LYS B 645 22.71 19.61 -15.25
N LEU B 646 22.20 18.58 -15.92
CA LEU B 646 22.85 18.08 -17.13
C LEU B 646 22.84 19.12 -18.24
N TRP B 647 21.70 19.79 -18.44
CA TRP B 647 21.58 20.75 -19.53
C TRP B 647 22.45 21.98 -19.29
N MET B 648 22.45 22.52 -18.07
CA MET B 648 23.23 23.72 -17.79
C MET B 648 24.73 23.49 -17.87
N SER B 649 25.17 22.23 -17.80
CA SER B 649 26.60 21.95 -17.94
C SER B 649 27.09 22.13 -19.36
N TYR B 650 26.18 22.12 -20.34
CA TYR B 650 26.52 22.32 -21.74
C TYR B 650 26.21 23.73 -22.22
N PHE B 651 25.68 24.59 -21.35
CA PHE B 651 25.44 25.99 -21.73
C PHE B 651 26.72 26.81 -21.73
N ASP B 652 27.67 26.46 -20.88
CA ASP B 652 28.89 27.24 -20.75
C ASP B 652 29.76 27.12 -22.00
N GLU B 653 30.44 28.22 -22.32
CA GLU B 653 31.30 28.24 -23.51
C GLU B 653 32.51 27.33 -23.32
N GLY B 654 33.11 27.35 -22.13
CA GLY B 654 34.30 26.55 -21.90
C GLY B 654 34.00 25.07 -21.88
N GLY B 655 35.01 24.27 -22.26
CA GLY B 655 34.84 22.84 -22.31
C GLY B 655 34.02 22.33 -23.47
N THR B 656 33.90 23.13 -24.55
CA THR B 656 33.12 22.70 -25.70
C THR B 656 33.76 21.50 -26.40
N LEU B 657 35.08 21.50 -26.53
CA LEU B 657 35.76 20.46 -27.29
C LEU B 657 35.79 19.15 -26.49
N PRO B 658 35.69 18.01 -27.16
CA PRO B 658 35.74 16.72 -26.46
C PRO B 658 37.14 16.42 -25.96
N PRO B 659 37.28 15.44 -25.06
CA PRO B 659 38.60 15.14 -24.47
C PRO B 659 39.66 14.81 -25.50
N PRO B 660 39.34 14.11 -26.60
CA PRO B 660 40.38 13.88 -27.62
C PRO B 660 40.97 15.16 -28.18
N PHE B 661 40.22 16.26 -28.20
CA PHE B 661 40.71 17.53 -28.72
C PHE B 661 40.91 18.60 -27.65
N ASN B 662 40.44 18.37 -26.41
CA ASN B 662 40.49 19.40 -25.38
C ASN B 662 41.88 19.59 -24.80
N ILE B 663 42.84 18.71 -25.10
CA ILE B 663 44.19 18.85 -24.56
C ILE B 663 45.09 19.73 -25.43
N ILE B 664 44.64 20.09 -26.63
CA ILE B 664 45.42 20.96 -27.52
C ILE B 664 45.36 22.38 -26.99
N PRO B 665 46.51 23.04 -26.74
CA PRO B 665 46.55 24.41 -26.24
C PRO B 665 46.36 25.44 -27.36
N ASN B 703 28.10 49.01 -11.97
CA ASN B 703 27.84 49.33 -13.37
C ASN B 703 26.58 50.19 -13.51
N ALA B 704 26.52 50.96 -14.59
CA ALA B 704 25.35 51.81 -14.83
C ALA B 704 24.12 50.97 -15.17
N ASP B 705 24.30 49.90 -15.93
CA ASP B 705 23.15 49.10 -16.36
C ASP B 705 22.51 48.35 -15.20
N SER B 706 23.28 48.08 -14.14
CA SER B 706 22.73 47.35 -13.01
C SER B 706 21.63 48.10 -12.28
N LEU B 707 21.56 49.43 -12.44
CA LEU B 707 20.49 50.19 -11.82
C LEU B 707 19.16 49.94 -12.52
N ILE B 708 19.17 49.89 -13.86
CA ILE B 708 17.94 49.65 -14.60
C ILE B 708 17.46 48.22 -14.40
N GLN B 709 18.40 47.27 -14.34
CA GLN B 709 18.01 45.87 -14.17
C GLN B 709 17.26 45.64 -12.87
N ASN B 710 17.72 46.28 -11.79
CA ASN B 710 17.04 46.14 -10.50
C ASN B 710 15.67 46.79 -10.53
N GLN B 711 15.53 47.91 -11.24
CA GLN B 711 14.23 48.57 -11.35
C GLN B 711 13.21 47.70 -12.08
N HIS B 712 13.65 47.03 -13.15
CA HIS B 712 12.75 46.15 -13.89
C HIS B 712 12.33 44.95 -13.05
N TYR B 713 13.26 44.40 -12.26
CA TYR B 713 12.94 43.26 -11.41
C TYR B 713 11.92 43.63 -10.33
N GLN B 714 12.08 44.81 -9.72
CA GLN B 714 11.17 45.23 -8.67
C GLN B 714 9.76 45.46 -9.20
N GLU B 715 9.64 45.97 -10.42
CA GLU B 715 8.33 46.21 -11.02
C GLU B 715 7.58 44.91 -11.26
N VAL B 716 8.28 43.88 -11.74
CA VAL B 716 7.64 42.58 -11.95
C VAL B 716 7.29 41.93 -10.62
N ILE B 717 8.16 42.08 -9.62
CA ILE B 717 7.90 41.50 -8.31
C ILE B 717 6.65 42.13 -7.69
N ARG B 718 6.45 43.43 -7.89
CA ARG B 718 5.27 44.10 -7.37
C ARG B 718 3.99 43.52 -7.97
N ASN B 719 4.00 43.24 -9.28
CA ASN B 719 2.82 42.67 -9.92
C ASN B 719 2.59 41.23 -9.48
N LEU B 720 3.66 40.45 -9.32
CA LEU B 720 3.52 39.06 -8.88
C LEU B 720 2.93 38.99 -7.48
N VAL B 721 3.40 39.85 -6.57
CA VAL B 721 2.89 39.85 -5.21
C VAL B 721 1.43 40.28 -5.17
N LYS B 722 1.08 41.30 -5.97
CA LYS B 722 -0.29 41.80 -5.99
C LYS B 722 -1.26 40.73 -6.47
N ARG B 723 -0.88 39.98 -7.51
CA ARG B 723 -1.72 38.89 -7.99
C ARG B 723 -1.79 37.76 -6.96
N TYR B 724 -0.69 37.47 -6.28
CA TYR B 724 -0.67 36.41 -5.30
C TYR B 724 -1.54 36.75 -4.09
N VAL B 725 -1.47 38.00 -3.63
CA VAL B 725 -2.26 38.43 -2.48
C VAL B 725 -3.75 38.40 -2.81
N ALA B 726 -4.12 38.88 -4.00
CA ALA B 726 -5.53 38.89 -4.39
C ALA B 726 -6.08 37.48 -4.47
N ALA B 727 -5.30 36.54 -5.02
CA ALA B 727 -5.74 35.14 -5.08
C ALA B 727 -5.80 34.54 -3.69
N MET B 728 -4.83 34.87 -2.83
CA MET B 728 -4.79 34.28 -1.49
C MET B 728 -6.00 34.71 -0.66
N ILE B 729 -6.41 35.97 -0.78
CA ILE B 729 -7.59 36.45 -0.07
C ILE B 729 -8.84 35.70 -0.52
N ARG B 730 -8.98 35.50 -1.84
CA ARG B 730 -10.17 34.82 -2.35
C ARG B 730 -10.26 33.38 -1.84
N ASN B 731 -9.14 32.66 -1.85
CA ASN B 731 -9.16 31.28 -1.37
C ASN B 731 -9.26 31.20 0.15
N SER B 732 -9.03 32.31 0.85
CA SER B 732 -9.18 32.30 2.31
C SER B 732 -10.65 32.27 2.72
N LYS B 733 -11.54 32.72 1.86
CA LYS B 733 -12.97 32.64 2.15
C LYS B 733 -13.42 31.19 2.20
N THR B 734 -14.30 30.87 3.15
CA THR B 734 -14.76 29.51 3.32
C THR B 734 -16.19 29.51 3.85
N HIS B 735 -16.88 28.40 3.64
CA HIS B 735 -18.22 28.22 4.19
C HIS B 735 -18.20 28.25 5.71
N GLU B 736 -17.21 27.59 6.31
CA GLU B 736 -17.12 27.52 7.76
C GLU B 736 -16.85 28.85 8.42
N GLY B 737 -16.45 29.87 7.65
CA GLY B 737 -16.21 31.18 8.21
C GLY B 737 -17.20 32.22 7.76
N LEU B 738 -17.73 32.06 6.54
CA LEU B 738 -18.71 33.02 6.01
C LEU B 738 -20.01 32.97 6.81
N THR B 739 -20.40 31.79 7.31
CA THR B 739 -21.60 31.66 8.11
C THR B 739 -21.54 32.48 9.39
N GLU B 740 -20.34 32.84 9.85
CA GLU B 740 -20.20 33.53 11.13
C GLU B 740 -20.66 34.98 11.02
N GLU B 741 -20.01 35.77 10.15
CA GLU B 741 -20.45 37.16 9.99
C GLU B 741 -21.79 37.27 9.30
N ASN B 742 -22.24 36.22 8.62
CA ASN B 742 -23.62 36.20 8.12
C ASN B 742 -24.60 36.17 9.28
N PHE B 743 -24.30 35.38 10.32
CA PHE B 743 -25.10 35.41 11.53
C PHE B 743 -24.97 36.76 12.25
N LYS B 744 -23.76 37.32 12.29
CA LYS B 744 -23.55 38.58 13.01
C LYS B 744 -24.32 39.72 12.37
N GLU B 745 -24.37 39.75 11.03
CA GLU B 745 -25.13 40.80 10.35
C GLU B 745 -26.60 40.70 10.70
N LEU B 746 -27.14 39.48 10.74
CA LEU B 746 -28.54 39.28 11.10
C LEU B 746 -28.84 39.67 12.54
N LYS B 747 -27.82 39.74 13.41
CA LYS B 747 -28.04 40.24 14.77
C LYS B 747 -28.47 41.69 14.78
N GLN B 748 -28.17 42.44 13.71
CA GLN B 748 -28.64 43.82 13.57
C GLN B 748 -30.10 43.83 13.14
N ASP B 749 -30.94 43.25 14.00
CA ASP B 749 -32.36 43.13 13.74
C ASP B 749 -33.18 44.29 14.29
N ILE B 750 -32.52 45.31 14.83
CA ILE B 750 -33.22 46.46 15.39
C ILE B 750 -33.91 47.31 14.32
N SER B 751 -33.63 47.06 13.05
CA SER B 751 -34.25 47.79 11.94
C SER B 751 -34.08 49.30 12.08
N ASP C 16 -10.64 29.96 -38.44
CA ASP C 16 -9.86 30.22 -37.24
C ASP C 16 -10.76 30.48 -36.03
N ARG C 17 -12.07 30.46 -36.27
CA ARG C 17 -13.06 30.70 -35.23
C ARG C 17 -14.08 29.57 -35.22
N ILE C 18 -14.68 29.35 -34.05
CA ILE C 18 -15.68 28.30 -33.87
C ILE C 18 -17.01 28.96 -33.51
N PRO C 19 -17.90 29.19 -34.47
CA PRO C 19 -19.20 29.77 -34.13
C PRO C 19 -20.00 28.83 -33.24
N LEU C 20 -20.74 29.41 -32.31
CA LEU C 20 -21.56 28.66 -31.36
C LEU C 20 -23.01 29.12 -31.45
N GLN C 21 -23.92 28.16 -31.46
CA GLN C 21 -25.34 28.46 -31.45
C GLN C 21 -26.07 27.29 -30.82
N ILE C 22 -27.29 27.54 -30.37
CA ILE C 22 -28.09 26.50 -29.73
C ILE C 22 -28.58 25.52 -30.79
N VAL C 23 -28.30 24.23 -30.57
CA VAL C 23 -28.73 23.19 -31.48
C VAL C 23 -29.94 22.42 -30.93
N ARG C 24 -30.02 22.24 -29.62
CA ARG C 24 -31.17 21.58 -28.99
C ARG C 24 -32.22 22.62 -28.60
N ALA C 25 -32.63 23.39 -29.60
CA ALA C 25 -33.55 24.50 -29.36
C ALA C 25 -34.92 23.99 -28.94
N GLU C 26 -35.51 24.66 -27.96
CA GLU C 26 -36.81 24.28 -27.40
C GLU C 26 -37.72 25.50 -27.38
N THR C 27 -38.96 25.28 -26.97
CA THR C 27 -39.90 26.38 -26.80
C THR C 27 -39.47 27.27 -25.64
N GLU C 28 -39.61 28.58 -25.82
CA GLU C 28 -39.17 29.55 -24.84
C GLU C 28 -40.36 30.07 -24.04
N LEU C 29 -40.19 30.17 -22.72
CA LEU C 29 -41.25 30.69 -21.87
C LEU C 29 -41.48 32.16 -22.12
N SER C 30 -42.75 32.56 -22.16
CA SER C 30 -43.11 33.94 -22.42
C SER C 30 -42.80 34.81 -21.22
N ALA C 31 -42.94 36.13 -21.41
CA ALA C 31 -42.64 37.07 -20.33
C ALA C 31 -43.66 36.95 -19.19
N GLU C 32 -44.93 36.81 -19.52
CA GLU C 32 -45.95 36.71 -18.48
C GLU C 32 -45.96 35.34 -17.81
N GLU C 33 -45.62 34.28 -18.55
CA GLU C 33 -45.53 32.96 -17.94
C GLU C 33 -44.36 32.87 -16.97
N LYS C 34 -43.24 33.50 -17.30
CA LYS C 34 -42.11 33.52 -16.39
C LYS C 34 -42.45 34.26 -15.10
N ALA C 35 -43.26 35.31 -15.18
CA ALA C 35 -43.68 36.02 -13.97
C ALA C 35 -44.51 35.12 -13.06
N PHE C 36 -45.25 34.17 -13.63
CA PHE C 36 -46.00 33.22 -12.82
C PHE C 36 -45.06 32.36 -11.98
N LEU C 37 -43.97 31.88 -12.59
CA LEU C 37 -43.10 30.94 -11.90
C LEU C 37 -42.25 31.62 -10.84
N ASN C 38 -41.71 32.81 -11.14
CA ASN C 38 -40.85 33.47 -10.17
C ASN C 38 -41.64 33.96 -8.96
N ALA C 39 -42.92 34.29 -9.16
CA ALA C 39 -43.78 34.61 -8.02
C ALA C 39 -43.97 33.40 -7.12
N VAL C 40 -44.12 32.21 -7.72
CA VAL C 40 -44.30 30.99 -6.93
C VAL C 40 -43.02 30.67 -6.16
N GLU C 41 -41.86 30.91 -6.76
CA GLU C 41 -40.60 30.52 -6.15
C GLU C 41 -40.39 31.24 -4.82
N LYS C 42 -40.64 32.55 -4.78
CA LYS C 42 -40.54 33.29 -3.52
C LYS C 42 -41.73 33.05 -2.61
N GLY C 43 -42.92 32.88 -3.20
CA GLY C 43 -44.13 32.67 -2.42
C GLY C 43 -44.96 33.93 -2.34
N ASP C 44 -46.01 34.00 -3.16
CA ASP C 44 -46.90 35.16 -3.22
C ASP C 44 -48.32 34.64 -3.40
N TYR C 45 -49.03 34.42 -2.28
CA TYR C 45 -50.38 33.87 -2.36
C TYR C 45 -51.31 34.80 -3.14
N ALA C 46 -51.22 36.11 -2.89
CA ALA C 46 -52.10 37.06 -3.56
C ALA C 46 -51.85 37.07 -5.06
N THR C 47 -50.59 37.07 -5.48
CA THR C 47 -50.28 37.10 -6.91
C THR C 47 -50.74 35.84 -7.61
N VAL C 48 -50.40 34.67 -7.06
CA VAL C 48 -50.78 33.41 -7.68
C VAL C 48 -52.30 33.24 -7.69
N LYS C 49 -52.97 33.58 -6.59
CA LYS C 49 -54.42 33.50 -6.56
C LYS C 49 -55.03 34.43 -7.60
N GLN C 50 -54.51 35.65 -7.72
CA GLN C 50 -54.97 36.55 -8.77
C GLN C 50 -54.68 35.99 -10.15
N ALA C 51 -53.56 35.29 -10.30
CA ALA C 51 -53.18 34.75 -11.60
C ALA C 51 -54.19 33.72 -12.11
N LEU C 52 -54.49 32.71 -11.27
CA LEU C 52 -55.42 31.66 -11.72
C LEU C 52 -56.86 32.16 -11.74
N GLN C 53 -57.19 33.16 -10.92
CA GLN C 53 -58.55 33.70 -10.93
C GLN C 53 -58.88 34.32 -12.28
N GLU C 54 -57.93 35.05 -12.86
CA GLU C 54 -58.16 35.67 -14.17
C GLU C 54 -57.80 34.76 -15.33
N ALA C 55 -56.91 33.80 -15.12
CA ALA C 55 -56.47 32.89 -16.18
C ALA C 55 -57.41 31.67 -16.21
N GLU C 56 -58.62 31.92 -16.70
CA GLU C 56 -59.60 30.86 -16.92
C GLU C 56 -60.06 30.75 -18.37
N ILE C 57 -59.69 31.69 -19.23
CA ILE C 57 -60.06 31.64 -20.64
C ILE C 57 -58.89 31.85 -21.57
N TYR C 58 -57.70 32.15 -21.07
CA TYR C 58 -56.52 32.28 -21.90
C TYR C 58 -55.37 31.38 -21.46
N TYR C 59 -55.55 30.60 -20.41
CA TYR C 59 -54.55 29.63 -19.95
C TYR C 59 -55.15 28.23 -20.07
N ASN C 60 -54.40 27.31 -20.68
CA ASN C 60 -54.89 25.97 -20.93
C ASN C 60 -55.19 25.23 -19.63
N VAL C 61 -54.15 24.97 -18.84
CA VAL C 61 -54.26 24.22 -17.58
C VAL C 61 -55.02 22.93 -17.84
N ASN C 62 -54.39 21.99 -18.53
CA ASN C 62 -55.04 20.76 -18.96
C ASN C 62 -54.00 19.65 -18.97
N ILE C 63 -54.46 18.41 -19.18
CA ILE C 63 -53.59 17.24 -19.21
C ILE C 63 -52.48 17.35 -20.24
N ASN C 64 -52.55 18.31 -21.16
CA ASN C 64 -51.54 18.53 -22.19
C ASN C 64 -50.93 19.91 -22.06
N CYS C 65 -50.58 20.31 -20.85
CA CYS C 65 -50.01 21.62 -20.57
C CYS C 65 -48.81 21.49 -19.65
N MET C 66 -48.11 22.60 -19.46
CA MET C 66 -46.94 22.62 -18.57
C MET C 66 -47.01 23.81 -17.62
N SER C 72 -44.15 22.52 -14.98
CA SER C 72 -45.32 22.94 -14.22
C SER C 72 -44.91 23.63 -12.92
N ALA C 73 -45.82 24.43 -12.37
CA ALA C 73 -45.55 25.15 -11.13
C ALA C 73 -45.76 24.30 -9.89
N LEU C 74 -46.43 23.14 -10.02
CA LEU C 74 -46.64 22.27 -8.88
C LEU C 74 -45.31 21.73 -8.34
N LEU C 75 -44.39 21.39 -9.25
CA LEU C 75 -43.09 20.89 -8.82
C LEU C 75 -42.28 21.95 -8.09
N ILE C 76 -42.43 23.22 -8.46
CA ILE C 76 -41.75 24.29 -7.73
C ILE C 76 -42.30 24.41 -6.32
N ALA C 77 -43.63 24.32 -6.17
CA ALA C 77 -44.23 24.37 -4.84
C ALA C 77 -43.78 23.20 -3.99
N ILE C 78 -43.70 22.01 -4.58
CA ILE C 78 -43.17 20.85 -3.86
C ILE C 78 -41.71 21.06 -3.50
N GLU C 79 -40.94 21.68 -4.40
CA GLU C 79 -39.52 21.90 -4.17
C GLU C 79 -39.31 22.74 -2.91
N ASN C 80 -39.96 23.90 -2.85
CA ASN C 80 -39.90 24.74 -1.66
C ASN C 80 -40.74 24.19 -0.51
N GLU C 81 -41.53 23.14 -0.76
CA GLU C 81 -42.35 22.47 0.26
C GLU C 81 -43.17 23.45 1.09
N ASN C 82 -43.52 24.60 0.50
CA ASN C 82 -44.44 25.54 1.14
C ASN C 82 -45.85 25.08 0.82
N LEU C 83 -46.59 24.67 1.85
CA LEU C 83 -47.91 24.07 1.66
C LEU C 83 -49.03 25.10 1.57
N GLU C 84 -48.90 26.09 0.70
CA GLU C 84 -49.96 27.05 0.47
C GLU C 84 -50.37 27.12 -0.99
N ILE C 85 -49.41 27.33 -1.90
CA ILE C 85 -49.72 27.27 -3.33
C ILE C 85 -50.10 25.85 -3.72
N MET C 86 -49.47 24.85 -3.10
CA MET C 86 -49.81 23.46 -3.36
C MET C 86 -51.29 23.20 -3.09
N GLU C 87 -51.79 23.65 -1.95
CA GLU C 87 -53.18 23.43 -1.61
C GLU C 87 -54.12 24.13 -2.58
N LEU C 88 -53.75 25.34 -3.00
CA LEU C 88 -54.60 26.12 -3.89
C LEU C 88 -54.45 25.75 -5.36
N LEU C 89 -53.59 24.79 -5.70
CA LEU C 89 -53.43 24.39 -7.08
C LEU C 89 -54.37 23.26 -7.47
N LEU C 90 -54.46 22.20 -6.67
CA LEU C 90 -55.23 21.03 -7.06
C LEU C 90 -56.71 21.36 -7.20
N ASN C 91 -57.25 22.20 -6.32
CA ASN C 91 -58.66 22.57 -6.42
C ASN C 91 -58.94 23.41 -7.67
N HIS C 92 -57.91 23.99 -8.29
CA HIS C 92 -58.03 24.62 -9.60
C HIS C 92 -57.79 23.64 -10.74
N SER C 93 -57.65 22.35 -10.43
CA SER C 93 -57.55 21.28 -11.43
C SER C 93 -56.29 21.45 -12.30
N VAL C 94 -55.14 21.45 -11.63
CA VAL C 94 -53.85 21.36 -12.31
C VAL C 94 -53.52 19.89 -12.50
N TYR C 95 -53.04 19.55 -13.69
CA TYR C 95 -52.69 18.15 -13.97
C TYR C 95 -51.58 17.68 -13.04
N VAL C 96 -51.91 16.70 -12.21
CA VAL C 96 -50.94 16.06 -11.32
C VAL C 96 -50.64 14.68 -11.89
N GLY C 97 -49.36 14.41 -12.13
CA GLY C 97 -48.94 13.14 -12.68
C GLY C 97 -48.17 12.32 -11.67
N ASP C 98 -46.84 12.32 -11.80
CA ASP C 98 -45.97 11.68 -10.83
C ASP C 98 -45.40 12.68 -9.83
N ALA C 99 -46.17 13.72 -9.50
CA ALA C 99 -45.73 14.70 -8.50
C ALA C 99 -45.59 14.08 -7.13
N LEU C 100 -46.32 12.99 -6.86
CA LEU C 100 -46.14 12.27 -5.60
C LEU C 100 -44.72 11.74 -5.48
N LEU C 101 -44.14 11.28 -6.58
CA LEU C 101 -42.76 10.81 -6.57
C LEU C 101 -41.79 11.93 -6.21
N TYR C 102 -42.03 13.13 -6.72
CA TYR C 102 -41.18 14.27 -6.40
C TYR C 102 -41.28 14.62 -4.92
N ALA C 103 -42.47 14.54 -4.35
CA ALA C 103 -42.64 14.81 -2.92
C ALA C 103 -41.93 13.77 -2.07
N ILE C 104 -42.02 12.49 -2.48
CA ILE C 104 -41.38 11.42 -1.71
C ILE C 104 -39.86 11.59 -1.71
N ARG C 105 -39.29 11.94 -2.87
CA ARG C 105 -37.85 12.12 -2.95
C ARG C 105 -37.38 13.27 -2.06
N LYS C 106 -38.18 14.35 -1.99
CA LYS C 106 -37.87 15.45 -1.09
C LYS C 106 -37.95 15.04 0.38
N GLU C 107 -38.65 13.95 0.68
CA GLU C 107 -38.79 13.44 2.04
C GLU C 107 -39.48 14.44 2.96
N VAL C 108 -40.49 15.13 2.43
CA VAL C 108 -41.30 16.06 3.19
C VAL C 108 -42.65 15.39 3.45
N VAL C 109 -42.93 15.13 4.73
CA VAL C 109 -44.12 14.36 5.08
C VAL C 109 -45.38 15.15 4.77
N GLY C 110 -45.38 16.45 5.03
CA GLY C 110 -46.59 17.24 4.84
C GLY C 110 -47.09 17.23 3.40
N ALA C 111 -46.16 17.33 2.44
CA ALA C 111 -46.55 17.34 1.03
C ALA C 111 -47.08 15.98 0.59
N VAL C 112 -46.59 14.89 1.18
CA VAL C 112 -47.02 13.56 0.76
C VAL C 112 -48.46 13.32 1.15
N GLU C 113 -48.84 13.64 2.39
CA GLU C 113 -50.21 13.45 2.83
C GLU C 113 -51.17 14.36 2.07
N LEU C 114 -50.73 15.58 1.76
CA LEU C 114 -51.57 16.50 0.99
C LEU C 114 -51.88 15.92 -0.39
N LEU C 115 -50.85 15.39 -1.06
CA LEU C 115 -51.07 14.81 -2.38
C LEU C 115 -51.84 13.50 -2.30
N LEU C 116 -51.70 12.76 -1.19
CA LEU C 116 -52.39 11.49 -1.07
C LEU C 116 -53.88 11.67 -0.80
N SER C 117 -54.26 12.80 -0.21
CA SER C 117 -55.68 13.01 0.13
C SER C 117 -56.54 13.08 -1.11
N TYR C 118 -56.10 13.80 -2.14
CA TYR C 118 -56.87 13.87 -3.37
C TYR C 118 -56.83 12.55 -4.14
N ARG C 119 -55.64 11.95 -4.26
CA ARG C 119 -55.49 10.69 -4.98
C ARG C 119 -54.17 10.02 -4.63
N GLN C 135 -44.82 15.31 -20.00
CA GLN C 135 -44.41 13.98 -20.44
C GLN C 135 -43.00 13.66 -19.94
N PHE C 136 -42.20 14.70 -19.71
CA PHE C 136 -40.86 14.51 -19.18
C PHE C 136 -40.91 14.21 -17.69
N SER C 137 -40.14 13.22 -17.27
CA SER C 137 -40.04 12.86 -15.86
C SER C 137 -38.58 12.54 -15.54
N GLU C 138 -38.22 12.77 -14.28
CA GLU C 138 -36.90 12.41 -13.77
C GLU C 138 -36.86 10.99 -13.23
N PHE C 139 -37.94 10.24 -13.39
CA PHE C 139 -38.05 8.87 -12.88
C PHE C 139 -38.37 7.92 -14.01
N THR C 140 -37.78 6.72 -13.95
CA THR C 140 -38.10 5.67 -14.90
C THR C 140 -39.56 5.25 -14.72
N PRO C 141 -40.24 4.88 -15.81
CA PRO C 141 -41.68 4.54 -15.70
C PRO C 141 -42.00 3.38 -14.77
N ASP C 142 -41.02 2.55 -14.42
CA ASP C 142 -41.30 1.38 -13.59
C ASP C 142 -41.39 1.71 -12.10
N ILE C 143 -41.06 2.93 -11.70
CA ILE C 143 -40.94 3.28 -10.29
C ILE C 143 -42.32 3.66 -9.73
N THR C 144 -42.68 3.07 -8.60
CA THR C 144 -43.93 3.30 -7.91
C THR C 144 -43.69 4.07 -6.61
N PRO C 145 -44.73 4.71 -6.05
CA PRO C 145 -44.52 5.48 -4.80
C PRO C 145 -43.96 4.66 -3.65
N ILE C 146 -44.41 3.42 -3.47
CA ILE C 146 -43.90 2.60 -2.38
C ILE C 146 -42.47 2.18 -2.65
N MET C 147 -42.16 1.84 -3.91
CA MET C 147 -40.79 1.43 -4.25
C MET C 147 -39.81 2.58 -4.07
N LEU C 148 -40.20 3.80 -4.45
CA LEU C 148 -39.32 4.95 -4.30
C LEU C 148 -39.14 5.33 -2.83
N ALA C 149 -40.18 5.19 -2.02
CA ALA C 149 -40.07 5.50 -0.60
C ALA C 149 -39.08 4.56 0.09
N ALA C 150 -39.08 3.28 -0.31
CA ALA C 150 -38.13 2.33 0.27
C ALA C 150 -36.70 2.62 -0.17
N HIS C 151 -36.52 3.19 -1.36
CA HIS C 151 -35.18 3.58 -1.79
C HIS C 151 -34.60 4.65 -0.89
N THR C 152 -35.43 5.60 -0.46
CA THR C 152 -34.98 6.65 0.45
C THR C 152 -34.77 6.15 1.87
N ASN C 153 -35.37 5.02 2.25
CA ASN C 153 -35.27 4.45 3.58
C ASN C 153 -35.78 5.42 4.65
N ASN C 154 -36.84 6.14 4.32
CA ASN C 154 -37.48 7.06 5.27
C ASN C 154 -38.57 6.31 6.01
N TYR C 155 -38.38 6.11 7.31
CA TYR C 155 -39.28 5.26 8.09
C TYR C 155 -40.69 5.85 8.13
N GLU C 156 -40.81 7.17 8.28
CA GLU C 156 -42.12 7.79 8.46
C GLU C 156 -42.93 7.75 7.17
N ILE C 157 -42.31 8.03 6.02
CA ILE C 157 -43.04 8.04 4.76
C ILE C 157 -43.41 6.63 4.34
N ILE C 158 -42.50 5.65 4.55
CA ILE C 158 -42.81 4.27 4.20
C ILE C 158 -44.01 3.77 5.00
N LYS C 159 -44.04 4.06 6.30
CA LYS C 159 -45.16 3.63 7.14
C LYS C 159 -46.47 4.30 6.71
N LEU C 160 -46.39 5.56 6.30
CA LEU C 160 -47.58 6.26 5.84
C LEU C 160 -48.17 5.60 4.60
N LEU C 161 -47.31 5.18 3.66
CA LEU C 161 -47.79 4.54 2.45
C LEU C 161 -48.27 3.11 2.70
N VAL C 162 -47.53 2.36 3.53
CA VAL C 162 -47.90 0.97 3.80
C VAL C 162 -49.22 0.90 4.56
N GLN C 163 -49.56 1.95 5.33
CA GLN C 163 -50.87 1.99 5.98
C GLN C 163 -52.01 1.96 4.97
N LYS C 164 -51.78 2.42 3.75
CA LYS C 164 -52.75 2.27 2.66
C LYS C 164 -52.62 0.86 2.09
N ARG C 165 -53.26 0.62 0.95
CA ARG C 165 -53.15 -0.67 0.27
C ARG C 165 -52.11 -0.55 -0.83
N VAL C 166 -50.89 -1.01 -0.55
CA VAL C 166 -49.80 -0.98 -1.52
C VAL C 166 -49.20 -2.38 -1.64
N THR C 167 -48.46 -2.59 -2.73
CA THR C 167 -47.91 -3.89 -3.06
C THR C 167 -46.59 -3.69 -3.78
N ILE C 168 -45.77 -4.74 -3.80
CA ILE C 168 -44.50 -4.75 -4.52
C ILE C 168 -44.50 -5.93 -5.48
N PRO C 169 -44.17 -5.73 -6.75
CA PRO C 169 -44.11 -6.87 -7.68
C PRO C 169 -43.03 -7.85 -7.28
N ARG C 170 -43.31 -9.13 -7.49
CA ARG C 170 -42.36 -10.19 -7.15
C ARG C 170 -41.27 -10.28 -8.21
N PRO C 171 -40.00 -10.20 -7.82
CA PRO C 171 -38.93 -10.38 -8.81
C PRO C 171 -38.89 -11.80 -9.34
N HIS C 172 -38.44 -11.93 -10.58
CA HIS C 172 -38.38 -13.24 -11.22
C HIS C 172 -37.21 -14.06 -10.69
N SER C 184 -35.57 -12.60 -19.93
CA SER C 184 -35.23 -11.22 -20.28
C SER C 184 -36.37 -10.56 -21.02
N SER C 185 -37.46 -11.30 -21.21
CA SER C 185 -38.71 -10.88 -21.84
C SER C 185 -38.57 -10.62 -23.33
N GLU C 186 -37.37 -10.75 -23.90
CA GLU C 186 -37.08 -10.73 -25.33
C GLU C 186 -37.63 -9.50 -26.05
N VAL C 187 -38.11 -8.51 -25.30
CA VAL C 187 -38.63 -7.27 -25.86
C VAL C 187 -37.80 -6.07 -25.43
N ASP C 188 -37.39 -6.00 -24.17
CA ASP C 188 -36.58 -4.89 -23.68
C ASP C 188 -35.68 -5.43 -22.57
N SER C 189 -34.46 -5.79 -22.94
CA SER C 189 -33.50 -6.29 -21.95
C SER C 189 -33.04 -5.20 -21.01
N LEU C 190 -32.90 -3.96 -21.51
CA LEU C 190 -32.50 -2.86 -20.64
C LEU C 190 -33.56 -2.56 -19.58
N ARG C 191 -34.83 -2.56 -19.99
CA ARG C 191 -35.92 -2.32 -19.05
C ARG C 191 -35.99 -3.43 -18.00
N HIS C 192 -35.83 -4.68 -18.42
CA HIS C 192 -35.95 -5.80 -17.50
C HIS C 192 -34.87 -5.76 -16.42
N SER C 193 -33.63 -5.47 -16.80
CA SER C 193 -32.55 -5.43 -15.82
C SER C 193 -32.76 -4.31 -14.80
N ARG C 194 -33.21 -3.14 -15.27
CA ARG C 194 -33.42 -2.02 -14.36
C ARG C 194 -34.59 -2.27 -13.42
N SER C 195 -35.68 -2.86 -13.93
CA SER C 195 -36.84 -3.14 -13.09
C SER C 195 -36.51 -4.13 -11.98
N ARG C 196 -35.72 -5.14 -12.30
CA ARG C 196 -35.32 -6.13 -11.29
C ARG C 196 -34.46 -5.50 -10.20
N LEU C 197 -33.52 -4.64 -10.59
CA LEU C 197 -32.66 -3.98 -9.61
C LEU C 197 -33.46 -3.01 -8.75
N ASN C 198 -34.45 -2.34 -9.32
CA ASN C 198 -35.27 -1.41 -8.55
C ASN C 198 -36.11 -2.14 -7.51
N ILE C 199 -36.61 -3.33 -7.85
CA ILE C 199 -37.42 -4.10 -6.91
C ILE C 199 -36.57 -4.58 -5.74
N TYR C 200 -35.39 -5.12 -6.02
CA TYR C 200 -34.52 -5.61 -4.96
C TYR C 200 -33.99 -4.46 -4.09
N LYS C 201 -33.82 -3.27 -4.67
CA LYS C 201 -33.38 -2.12 -3.91
C LYS C 201 -34.42 -1.68 -2.88
N ALA C 202 -35.70 -1.96 -3.13
CA ALA C 202 -36.76 -1.62 -2.20
C ALA C 202 -36.96 -2.71 -1.15
N LEU C 203 -36.88 -3.97 -1.55
CA LEU C 203 -37.00 -5.07 -0.61
C LEU C 203 -35.87 -5.08 0.41
N ALA C 204 -34.68 -4.62 0.01
CA ALA C 204 -33.50 -4.65 0.86
C ALA C 204 -33.35 -3.39 1.70
N SER C 205 -34.44 -2.69 2.00
CA SER C 205 -34.32 -1.50 2.84
C SER C 205 -34.64 -1.85 4.28
N PRO C 206 -33.80 -1.43 5.23
CA PRO C 206 -34.04 -1.77 6.63
C PRO C 206 -35.38 -1.29 7.18
N SER C 207 -35.86 -0.12 6.73
CA SER C 207 -37.11 0.41 7.26
C SER C 207 -38.31 -0.40 6.81
N LEU C 208 -38.29 -0.94 5.58
CA LEU C 208 -39.38 -1.77 5.11
C LEU C 208 -39.35 -3.15 5.76
N ILE C 209 -38.17 -3.73 5.94
CA ILE C 209 -38.06 -5.02 6.59
C ILE C 209 -38.53 -4.94 8.04
N ALA C 210 -38.10 -3.89 8.75
CA ALA C 210 -38.50 -3.72 10.14
C ALA C 210 -39.99 -3.46 10.30
N LEU C 211 -40.66 -3.02 9.25
CA LEU C 211 -42.07 -2.66 9.31
C LEU C 211 -43.01 -3.77 8.84
N SER C 212 -42.57 -4.63 7.93
CA SER C 212 -43.48 -5.54 7.26
C SER C 212 -43.02 -6.99 7.23
N SER C 213 -41.95 -7.33 7.95
CA SER C 213 -41.46 -8.70 8.02
C SER C 213 -41.75 -9.28 9.40
N GLU C 214 -42.38 -10.45 9.43
CA GLU C 214 -42.66 -11.10 10.71
C GLU C 214 -41.40 -11.66 11.35
N ASP C 215 -40.38 -11.96 10.56
CA ASP C 215 -39.06 -12.37 11.07
C ASP C 215 -38.02 -11.55 10.32
N PRO C 216 -37.70 -10.35 10.80
CA PRO C 216 -36.71 -9.52 10.10
C PRO C 216 -35.34 -10.17 9.97
N ILE C 217 -34.92 -10.96 10.96
CA ILE C 217 -33.58 -11.55 10.93
C ILE C 217 -33.48 -12.58 9.81
N LEU C 218 -34.48 -13.45 9.70
CA LEU C 218 -34.47 -14.47 8.65
C LEU C 218 -34.61 -13.83 7.27
N THR C 219 -35.41 -12.77 7.16
CA THR C 219 -35.59 -12.08 5.89
C THR C 219 -34.26 -11.49 5.40
N ALA C 220 -33.50 -10.88 6.30
CA ALA C 220 -32.21 -10.33 5.93
C ALA C 220 -31.20 -11.41 5.59
N PHE C 221 -31.32 -12.59 6.21
CA PHE C 221 -30.44 -13.71 5.87
C PHE C 221 -30.70 -14.19 4.45
N ARG C 222 -31.96 -14.45 4.12
CA ARG C 222 -32.30 -14.91 2.78
C ARG C 222 -32.01 -13.86 1.72
N LEU C 223 -32.39 -12.61 1.99
CA LEU C 223 -32.20 -11.55 1.00
C LEU C 223 -30.73 -11.28 0.74
N GLY C 224 -29.92 -11.23 1.80
CA GLY C 224 -28.51 -10.97 1.61
C GLY C 224 -27.80 -12.05 0.82
N TRP C 225 -28.21 -13.30 1.00
CA TRP C 225 -27.64 -14.40 0.23
C TRP C 225 -28.15 -14.38 -1.21
N GLU C 226 -29.43 -14.06 -1.41
CA GLU C 226 -29.99 -13.98 -2.75
C GLU C 226 -29.32 -12.89 -3.57
N LEU C 227 -29.06 -11.73 -2.95
CA LEU C 227 -28.38 -10.65 -3.66
C LEU C 227 -26.93 -10.99 -3.96
N LYS C 228 -26.31 -11.88 -3.17
CA LYS C 228 -24.95 -12.32 -3.45
C LYS C 228 -24.92 -13.22 -4.68
N GLU C 229 -25.91 -14.08 -4.85
CA GLU C 229 -25.98 -14.91 -6.04
C GLU C 229 -26.18 -14.04 -7.29
N LEU C 230 -27.04 -13.04 -7.21
CA LEU C 230 -27.28 -12.16 -8.35
C LEU C 230 -26.06 -11.33 -8.71
N SER C 231 -25.13 -11.13 -7.77
CA SER C 231 -23.92 -10.38 -8.06
C SER C 231 -22.99 -11.11 -9.01
N LYS C 232 -23.25 -12.40 -9.29
CA LYS C 232 -22.45 -13.19 -10.22
C LYS C 232 -23.22 -13.53 -11.49
N VAL C 233 -24.47 -14.01 -11.34
CA VAL C 233 -25.27 -14.38 -12.51
C VAL C 233 -25.48 -13.15 -13.41
N GLU C 234 -25.82 -12.02 -12.81
CA GLU C 234 -25.82 -10.74 -13.52
C GLU C 234 -24.38 -10.26 -13.61
N ASN C 235 -23.69 -10.73 -14.65
CA ASN C 235 -22.27 -10.46 -14.86
C ASN C 235 -22.00 -8.97 -15.09
N GLU C 236 -23.06 -8.17 -15.12
CA GLU C 236 -22.97 -6.78 -15.53
C GLU C 236 -23.20 -5.80 -14.39
N PHE C 237 -24.21 -6.01 -13.55
CA PHE C 237 -24.57 -5.07 -12.49
C PHE C 237 -24.04 -5.49 -11.13
N LYS C 238 -22.84 -6.09 -11.09
CA LYS C 238 -22.35 -6.69 -9.85
C LYS C 238 -22.04 -5.64 -8.78
N ALA C 239 -21.70 -4.42 -9.19
CA ALA C 239 -21.31 -3.41 -8.20
C ALA C 239 -22.49 -2.99 -7.33
N GLU C 240 -23.68 -2.83 -7.92
CA GLU C 240 -24.83 -2.39 -7.15
C GLU C 240 -25.41 -3.52 -6.30
N TYR C 241 -25.37 -4.76 -6.79
CA TYR C 241 -25.92 -5.88 -6.04
C TYR C 241 -25.06 -6.18 -4.81
N GLU C 242 -23.75 -6.02 -4.93
CA GLU C 242 -22.85 -6.26 -3.80
C GLU C 242 -23.11 -5.26 -2.68
N GLU C 243 -23.35 -4.00 -3.02
CA GLU C 243 -23.67 -2.99 -2.01
C GLU C 243 -25.00 -3.32 -1.33
N LEU C 244 -25.98 -3.81 -2.08
CA LEU C 244 -27.25 -4.20 -1.50
C LEU C 244 -27.09 -5.37 -0.54
N SER C 245 -26.29 -6.37 -0.93
CA SER C 245 -26.07 -7.53 -0.07
C SER C 245 -25.34 -7.14 1.21
N GLN C 246 -24.38 -6.23 1.11
CA GLN C 246 -23.62 -5.81 2.28
C GLN C 246 -24.52 -5.12 3.30
N GLN C 247 -25.48 -4.31 2.83
CA GLN C 247 -26.36 -3.59 3.73
C GLN C 247 -27.38 -4.50 4.39
N CYS C 248 -27.70 -5.65 3.78
CA CYS C 248 -28.58 -6.62 4.43
C CYS C 248 -27.86 -7.37 5.54
N LYS C 249 -26.59 -7.69 5.32
CA LYS C 249 -25.79 -8.33 6.37
C LYS C 249 -25.61 -7.40 7.55
N LEU C 250 -25.41 -6.11 7.29
CA LEU C 250 -25.24 -5.13 8.36
C LEU C 250 -26.51 -5.00 9.20
N PHE C 251 -27.68 -5.01 8.55
CA PHE C 251 -28.93 -4.82 9.27
C PHE C 251 -29.20 -5.92 10.27
N ALA C 252 -28.93 -7.18 9.88
CA ALA C 252 -29.20 -8.30 10.76
C ALA C 252 -28.33 -8.24 12.02
N LYS C 253 -27.05 -7.94 11.85
CA LYS C 253 -26.15 -7.84 12.99
C LYS C 253 -26.32 -6.55 13.78
N ASP C 254 -26.90 -5.51 13.18
CA ASP C 254 -27.25 -4.32 13.92
C ASP C 254 -28.49 -4.53 14.80
N LEU C 255 -29.39 -5.42 14.37
CA LEU C 255 -30.56 -5.74 15.18
C LEU C 255 -30.16 -6.46 16.46
N LEU C 256 -29.23 -7.40 16.38
CA LEU C 256 -28.79 -8.12 17.57
C LEU C 256 -27.93 -7.26 18.48
N ASP C 257 -27.34 -6.19 17.96
CA ASP C 257 -26.60 -5.25 18.80
C ASP C 257 -27.49 -4.51 19.78
N GLN C 258 -28.81 -4.57 19.61
CA GLN C 258 -29.76 -3.95 20.52
C GLN C 258 -30.19 -4.87 21.64
N ALA C 259 -29.68 -6.10 21.69
CA ALA C 259 -29.97 -6.98 22.81
C ALA C 259 -29.31 -6.47 24.08
N ARG C 260 -30.06 -6.51 25.18
CA ARG C 260 -29.61 -5.93 26.44
C ARG C 260 -29.40 -6.95 27.55
N SER C 261 -29.66 -8.23 27.29
CA SER C 261 -29.46 -9.26 28.30
C SER C 261 -29.21 -10.59 27.60
N SER C 262 -28.66 -11.54 28.37
CA SER C 262 -28.41 -12.87 27.84
C SER C 262 -29.69 -13.66 27.61
N ARG C 263 -30.76 -13.35 28.34
CA ARG C 263 -32.05 -13.99 28.09
C ARG C 263 -32.57 -13.64 26.70
N GLU C 264 -32.44 -12.37 26.30
CA GLU C 264 -32.88 -11.96 24.96
C GLU C 264 -32.05 -12.63 23.88
N LEU C 265 -30.72 -12.68 24.07
CA LEU C 265 -29.85 -13.29 23.08
C LEU C 265 -30.11 -14.78 22.93
N GLU C 266 -30.40 -15.46 24.04
CA GLU C 266 -30.67 -16.89 23.99
C GLU C 266 -31.99 -17.19 23.30
N ILE C 267 -32.99 -16.33 23.48
CA ILE C 267 -34.27 -16.51 22.80
C ILE C 267 -34.10 -16.40 21.28
N ILE C 268 -33.30 -15.43 20.84
CA ILE C 268 -33.11 -15.21 19.41
C ILE C 268 -32.37 -16.39 18.79
N LEU C 269 -31.26 -16.80 19.41
CA LEU C 269 -30.37 -17.77 18.78
C LEU C 269 -30.88 -19.20 18.84
N ASN C 270 -31.83 -19.49 19.72
CA ASN C 270 -32.37 -20.84 19.86
C ASN C 270 -33.74 -21.01 19.22
N HIS C 271 -34.18 -20.03 18.43
CA HIS C 271 -35.52 -20.06 17.87
C HIS C 271 -35.58 -20.94 16.64
N ARG C 272 -36.58 -21.82 16.60
CA ARG C 272 -36.83 -22.69 15.45
C ARG C 272 -38.02 -22.16 14.66
N ASP C 273 -37.90 -22.23 13.33
CA ASP C 273 -38.97 -21.74 12.47
C ASP C 273 -40.27 -22.50 12.70
N ASP C 274 -40.19 -23.81 12.83
CA ASP C 274 -41.37 -24.65 13.08
C ASP C 274 -41.68 -24.73 14.57
N LEU C 287 -29.24 -24.08 19.21
CA LEU C 287 -28.79 -22.90 18.49
C LEU C 287 -29.22 -22.97 17.02
N ALA C 288 -30.52 -23.14 16.81
CA ALA C 288 -31.04 -23.28 15.44
C ALA C 288 -30.81 -22.02 14.62
N LYS C 289 -31.07 -20.85 15.21
CA LYS C 289 -30.94 -19.60 14.45
C LYS C 289 -29.48 -19.29 14.14
N LEU C 290 -28.55 -19.79 14.95
CA LEU C 290 -27.13 -19.63 14.65
C LEU C 290 -26.68 -20.56 13.53
N LYS C 291 -27.35 -21.71 13.38
CA LYS C 291 -26.96 -22.65 12.34
C LYS C 291 -27.33 -22.15 10.96
N VAL C 292 -28.49 -21.52 10.81
CA VAL C 292 -28.87 -20.95 9.52
C VAL C 292 -28.00 -19.74 9.17
N ALA C 293 -27.45 -19.06 10.18
CA ALA C 293 -26.51 -17.99 9.91
C ALA C 293 -25.22 -18.53 9.30
N ILE C 294 -24.77 -19.70 9.76
CA ILE C 294 -23.62 -20.35 9.16
C ILE C 294 -23.94 -20.83 7.76
N LYS C 295 -25.17 -21.32 7.56
CA LYS C 295 -25.58 -21.80 6.24
C LYS C 295 -25.57 -20.68 5.21
N TYR C 296 -26.01 -19.49 5.59
CA TYR C 296 -26.05 -18.34 4.70
C TYR C 296 -24.75 -17.54 4.71
N HIS C 297 -23.72 -18.03 5.40
CA HIS C 297 -22.40 -17.41 5.43
C HIS C 297 -22.46 -15.99 6.01
N GLN C 298 -23.17 -15.86 7.13
CA GLN C 298 -23.25 -14.59 7.85
C GLN C 298 -22.07 -14.53 8.82
N LYS C 299 -20.90 -14.20 8.28
CA LYS C 299 -19.67 -14.27 9.05
C LYS C 299 -19.59 -13.15 10.08
N GLU C 300 -20.03 -11.94 9.73
CA GLU C 300 -20.02 -10.84 10.68
C GLU C 300 -21.02 -11.07 11.80
N PHE C 301 -22.18 -11.64 11.47
CA PHE C 301 -23.18 -11.95 12.48
C PHE C 301 -22.67 -12.98 13.47
N VAL C 302 -21.98 -14.01 12.97
CA VAL C 302 -21.50 -15.10 13.83
C VAL C 302 -20.37 -14.61 14.72
N ALA C 303 -19.47 -13.80 14.18
CA ALA C 303 -18.28 -13.36 14.89
C ALA C 303 -18.53 -12.20 15.85
N GLN C 304 -19.79 -11.92 16.19
CA GLN C 304 -20.08 -10.86 17.13
C GLN C 304 -19.58 -11.24 18.52
N PRO C 305 -19.07 -10.27 19.30
CA PRO C 305 -18.51 -10.61 20.62
C PRO C 305 -19.48 -11.29 21.56
N ASN C 306 -20.76 -10.93 21.51
CA ASN C 306 -21.74 -11.55 22.39
C ASN C 306 -22.11 -12.95 21.92
N CYS C 307 -22.19 -13.16 20.61
CA CYS C 307 -22.42 -14.51 20.09
C CYS C 307 -21.22 -15.41 20.37
N GLN C 308 -20.00 -14.89 20.19
CA GLN C 308 -18.81 -15.67 20.48
C GLN C 308 -18.67 -15.97 21.98
N GLN C 309 -19.10 -15.03 22.83
CA GLN C 309 -19.05 -15.25 24.27
C GLN C 309 -19.99 -16.36 24.70
N LEU C 310 -21.19 -16.40 24.12
CA LEU C 310 -22.13 -17.47 24.44
C LEU C 310 -21.60 -18.83 23.99
N LEU C 311 -20.99 -18.88 22.81
CA LEU C 311 -20.44 -20.13 22.30
C LEU C 311 -19.31 -20.64 23.18
N ALA C 312 -18.44 -19.74 23.65
CA ALA C 312 -17.34 -20.16 24.51
C ALA C 312 -17.83 -20.76 25.82
N THR C 313 -18.96 -20.29 26.33
CA THR C 313 -19.55 -20.87 27.53
C THR C 313 -19.93 -22.32 27.30
N LEU C 314 -20.50 -22.63 26.14
CA LEU C 314 -20.85 -24.00 25.80
C LEU C 314 -19.62 -24.84 25.44
N TRP C 315 -18.60 -24.21 24.86
CA TRP C 315 -17.39 -24.94 24.48
C TRP C 315 -16.67 -25.50 25.70
N TYR C 316 -16.41 -24.64 26.69
CA TYR C 316 -15.78 -25.07 27.92
C TYR C 316 -16.76 -25.71 28.89
N ASP C 317 -18.06 -25.59 28.62
CA ASP C 317 -19.11 -26.10 29.49
C ASP C 317 -18.93 -25.59 30.91
N GLY C 318 -18.64 -26.49 31.85
CA GLY C 318 -18.46 -26.10 33.23
C GLY C 318 -17.01 -26.13 33.67
N PHE C 319 -16.26 -27.08 33.12
CA PHE C 319 -14.86 -27.26 33.53
C PHE C 319 -14.05 -26.01 33.14
N PRO C 320 -13.20 -25.51 34.04
CA PRO C 320 -12.50 -24.25 33.77
C PRO C 320 -11.45 -24.37 32.68
N GLY C 321 -11.90 -24.54 31.45
CA GLY C 321 -10.99 -24.66 30.32
C GLY C 321 -10.45 -23.36 29.79
N TRP C 322 -11.03 -22.23 30.19
CA TRP C 322 -10.52 -20.94 29.73
C TRP C 322 -9.07 -20.75 30.16
N ARG C 323 -8.75 -21.13 31.39
CA ARG C 323 -7.38 -21.20 31.88
C ARG C 323 -6.66 -19.86 31.73
N ARG C 324 -7.13 -18.88 32.49
CA ARG C 324 -6.59 -17.53 32.46
C ARG C 324 -5.22 -17.53 33.15
N LYS C 325 -4.22 -17.97 32.41
CA LYS C 325 -2.83 -18.00 32.86
C LYS C 325 -1.95 -18.08 31.63
N HIS C 326 -0.63 -18.05 31.86
CA HIS C 326 0.30 -18.03 30.73
C HIS C 326 0.25 -19.35 29.97
N TRP C 327 0.60 -19.28 28.69
CA TRP C 327 0.40 -20.41 27.79
C TRP C 327 1.32 -21.59 28.09
N VAL C 328 2.41 -21.38 28.84
CA VAL C 328 3.32 -22.47 29.14
C VAL C 328 2.64 -23.52 30.01
N VAL C 329 1.89 -23.08 31.02
CA VAL C 329 1.19 -24.01 31.90
C VAL C 329 -0.15 -24.46 31.30
N LYS C 330 -0.69 -23.69 30.35
CA LYS C 330 -1.92 -24.11 29.68
C LYS C 330 -1.70 -25.41 28.91
N LEU C 331 -0.59 -25.52 28.19
CA LEU C 331 -0.28 -26.74 27.46
C LEU C 331 0.02 -27.89 28.41
N LEU C 332 0.52 -27.60 29.61
CA LEU C 332 0.74 -28.66 30.59
C LEU C 332 -0.58 -29.31 30.98
N THR C 333 -1.64 -28.52 31.12
CA THR C 333 -2.95 -29.08 31.40
C THR C 333 -3.47 -29.90 30.22
N CYS C 334 -3.43 -29.33 29.02
CA CYS C 334 -3.96 -30.01 27.84
C CYS C 334 -3.27 -31.34 27.58
N MET C 335 -1.99 -31.46 27.96
CA MET C 335 -1.30 -32.73 27.82
C MET C 335 -1.83 -33.77 28.80
N THR C 336 -2.32 -33.34 29.96
CA THR C 336 -2.77 -34.28 30.99
C THR C 336 -3.96 -35.10 30.51
N ILE C 337 -5.02 -34.44 30.03
CA ILE C 337 -6.20 -35.17 29.57
C ILE C 337 -5.86 -36.00 28.33
N GLY C 338 -4.99 -35.48 27.47
CA GLY C 338 -4.59 -36.24 26.29
C GLY C 338 -3.92 -37.55 26.64
N PHE C 339 -3.10 -37.55 27.69
CA PHE C 339 -2.43 -38.78 28.11
C PHE C 339 -3.44 -39.82 28.61
N LEU C 340 -4.45 -39.38 29.37
CA LEU C 340 -5.44 -40.27 29.94
C LEU C 340 -6.70 -40.37 29.09
N PHE C 341 -6.56 -40.21 27.77
CA PHE C 341 -7.71 -40.37 26.88
C PHE C 341 -8.28 -41.79 26.85
N PRO C 342 -7.47 -42.90 26.87
CA PRO C 342 -8.07 -44.24 26.65
C PRO C 342 -9.17 -44.61 27.64
N MET C 343 -8.88 -44.59 28.95
CA MET C 343 -9.90 -45.00 29.91
C MET C 343 -11.01 -43.99 30.07
N LEU C 344 -10.83 -42.75 29.59
CA LEU C 344 -11.96 -41.82 29.51
C LEU C 344 -13.03 -42.33 28.55
N SER C 345 -12.60 -42.89 27.41
CA SER C 345 -13.55 -43.43 26.45
C SER C 345 -14.24 -44.67 26.99
N ILE C 346 -13.49 -45.55 27.67
CA ILE C 346 -14.10 -46.76 28.22
C ILE C 346 -15.01 -46.44 29.39
N ALA C 347 -14.72 -45.37 30.13
CA ALA C 347 -15.60 -44.96 31.22
C ALA C 347 -16.97 -44.57 30.69
N TYR C 348 -17.02 -43.85 29.57
CA TYR C 348 -18.29 -43.55 28.94
C TYR C 348 -18.93 -44.80 28.36
N LEU C 349 -18.11 -45.80 28.00
CA LEU C 349 -18.65 -47.02 27.39
C LEU C 349 -19.37 -47.88 28.41
N ILE C 350 -18.88 -47.93 29.66
CA ILE C 350 -19.44 -48.82 30.67
C ILE C 350 -20.34 -48.04 31.62
N SER C 351 -19.99 -46.78 31.89
CA SER C 351 -20.74 -45.92 32.80
C SER C 351 -21.00 -44.58 32.11
N PRO C 352 -21.98 -44.53 31.21
CA PRO C 352 -22.25 -43.26 30.51
C PRO C 352 -22.69 -42.14 31.43
N ARG C 353 -23.29 -42.45 32.58
CA ARG C 353 -23.83 -41.43 33.49
C ARG C 353 -23.08 -41.40 34.82
N SER C 354 -21.77 -41.66 34.80
CA SER C 354 -20.96 -41.58 36.00
C SER C 354 -20.37 -40.17 36.15
N ASN C 355 -19.78 -39.92 37.33
CA ASN C 355 -19.12 -38.63 37.55
C ASN C 355 -17.96 -38.44 36.59
N LEU C 356 -17.16 -39.48 36.38
CA LEU C 356 -16.06 -39.41 35.42
C LEU C 356 -16.50 -39.75 34.01
N GLY C 357 -17.54 -40.56 33.86
CA GLY C 357 -18.00 -40.93 32.52
C GLY C 357 -18.62 -39.77 31.76
N LEU C 358 -19.15 -38.78 32.48
CA LEU C 358 -19.73 -37.60 31.84
C LEU C 358 -18.69 -36.55 31.48
N PHE C 359 -17.45 -36.71 31.95
CA PHE C 359 -16.43 -35.70 31.69
C PHE C 359 -16.05 -35.63 30.22
N ILE C 360 -16.14 -36.74 29.50
CA ILE C 360 -15.79 -36.74 28.08
C ILE C 360 -16.81 -35.96 27.27
N LYS C 361 -18.03 -35.78 27.79
CA LYS C 361 -19.07 -35.05 27.09
C LYS C 361 -18.79 -33.55 27.00
N LYS C 362 -17.81 -33.04 27.75
CA LYS C 362 -17.45 -31.63 27.63
C LYS C 362 -16.91 -31.38 26.22
N PRO C 363 -17.45 -30.40 25.49
CA PRO C 363 -16.99 -30.19 24.10
C PRO C 363 -15.50 -29.93 23.98
N PHE C 364 -14.92 -29.16 24.90
CA PHE C 364 -13.48 -28.92 24.86
C PHE C 364 -12.71 -30.19 25.21
N ILE C 365 -13.19 -30.96 26.18
CA ILE C 365 -12.52 -32.20 26.56
C ILE C 365 -12.59 -33.22 25.43
N LYS C 366 -13.75 -33.30 24.76
CA LYS C 366 -13.89 -34.25 23.65
C LYS C 366 -12.92 -33.93 22.52
N PHE C 367 -12.72 -32.64 22.23
CA PHE C 367 -11.80 -32.25 21.17
C PHE C 367 -10.37 -32.65 21.50
N ILE C 368 -9.97 -32.47 22.76
CA ILE C 368 -8.63 -32.88 23.18
C ILE C 368 -8.50 -34.40 23.15
N CYS C 369 -9.53 -35.11 23.59
CA CYS C 369 -9.49 -36.57 23.58
C CYS C 369 -9.39 -37.11 22.16
N HIS C 370 -10.13 -36.52 21.22
CA HIS C 370 -10.06 -36.96 19.83
C HIS C 370 -8.72 -36.63 19.20
N THR C 371 -8.14 -35.49 19.57
CA THR C 371 -6.84 -35.10 19.02
C THR C 371 -5.74 -36.06 19.47
N ALA C 372 -5.73 -36.43 20.76
CA ALA C 372 -4.72 -37.35 21.26
C ALA C 372 -4.86 -38.73 20.64
N SER C 373 -6.10 -39.17 20.40
CA SER C 373 -6.30 -40.45 19.73
C SER C 373 -5.74 -40.43 18.32
N TYR C 374 -5.96 -39.34 17.58
CA TYR C 374 -5.36 -39.20 16.26
C TYR C 374 -3.84 -39.08 16.35
N LEU C 375 -3.36 -38.31 17.33
CA LEU C 375 -1.91 -38.12 17.48
C LEU C 375 -1.21 -39.43 17.79
N THR C 376 -1.89 -40.34 18.50
CA THR C 376 -1.32 -41.66 18.75
C THR C 376 -1.11 -42.43 17.45
N PHE C 377 -2.07 -42.35 16.54
CA PHE C 377 -1.98 -43.07 15.27
C PHE C 377 -0.84 -42.56 14.41
N LEU C 378 -0.65 -41.24 14.35
CA LEU C 378 0.43 -40.67 13.55
C LEU C 378 1.79 -41.08 14.09
N PHE C 379 1.98 -40.98 15.40
CA PHE C 379 3.20 -41.47 16.02
C PHE C 379 3.33 -42.97 15.83
N MET C 380 2.20 -43.67 15.76
CA MET C 380 2.21 -45.13 15.66
C MET C 380 2.80 -45.58 14.33
N LEU C 381 2.44 -44.90 13.25
CA LEU C 381 3.03 -45.19 11.94
C LEU C 381 4.50 -44.80 11.88
N LEU C 382 4.90 -43.79 12.65
CA LEU C 382 6.29 -43.35 12.67
C LEU C 382 7.22 -44.43 13.18
N LEU C 383 6.70 -45.40 13.93
CA LEU C 383 7.51 -46.50 14.44
C LEU C 383 7.54 -47.71 13.49
N ALA C 384 6.92 -47.60 12.32
CA ALA C 384 6.91 -48.73 11.40
C ALA C 384 8.25 -48.91 10.70
N SER C 385 8.97 -47.82 10.46
CA SER C 385 10.27 -47.86 9.79
C SER C 385 11.43 -47.61 10.73
N GLN C 386 11.31 -46.65 11.65
CA GLN C 386 12.35 -46.38 12.63
C GLN C 386 12.42 -47.44 13.71
N HIS C 387 11.44 -48.35 13.78
CA HIS C 387 11.41 -49.39 14.79
C HIS C 387 10.78 -50.63 14.18
N ILE C 388 11.01 -51.77 14.82
CA ILE C 388 10.44 -53.06 14.42
C ILE C 388 10.86 -53.37 12.99
N VAL C 389 12.14 -53.69 12.80
CA VAL C 389 12.66 -54.20 11.54
C VAL C 389 13.42 -55.48 11.83
N ARG C 390 13.31 -56.45 10.91
CA ARG C 390 13.91 -57.76 11.13
C ARG C 390 14.51 -58.32 9.85
N THR C 391 14.93 -57.44 8.94
CA THR C 391 15.59 -57.83 7.69
C THR C 391 14.73 -58.79 6.87
N ASP C 392 13.47 -58.39 6.64
CA ASP C 392 12.57 -59.10 5.75
C ASP C 392 12.54 -58.49 4.35
N LEU C 393 13.66 -57.89 3.93
CA LEU C 393 13.75 -57.34 2.59
C LEU C 393 13.53 -58.40 1.52
N HIS C 394 13.95 -59.63 1.79
CA HIS C 394 13.87 -60.71 0.80
C HIS C 394 12.49 -61.37 0.74
N VAL C 395 11.63 -61.12 1.73
CA VAL C 395 10.31 -61.75 1.73
C VAL C 395 9.46 -61.14 0.63
N GLN C 396 8.90 -61.99 -0.23
CA GLN C 396 8.13 -61.50 -1.37
C GLN C 396 6.75 -61.04 -0.93
N GLY C 397 5.93 -61.96 -0.43
CA GLY C 397 4.65 -61.60 0.14
C GLY C 397 4.66 -61.74 1.64
N PRO C 398 4.76 -60.61 2.35
CA PRO C 398 4.79 -60.66 3.80
C PRO C 398 3.40 -60.46 4.38
N PRO C 399 3.08 -61.17 5.46
CA PRO C 399 1.84 -60.89 6.19
C PRO C 399 1.94 -59.58 6.92
N PRO C 400 0.82 -58.98 7.32
CA PRO C 400 0.89 -57.76 8.12
C PRO C 400 1.69 -58.00 9.40
N THR C 401 2.56 -57.04 9.74
CA THR C 401 3.47 -57.19 10.86
C THR C 401 2.71 -56.99 12.17
N VAL C 402 3.44 -56.96 13.29
CA VAL C 402 2.80 -56.76 14.58
C VAL C 402 2.13 -55.39 14.63
N VAL C 403 2.80 -54.36 14.12
CA VAL C 403 2.22 -53.02 14.11
C VAL C 403 1.02 -52.97 13.16
N GLU C 404 1.17 -53.54 11.96
CA GLU C 404 0.12 -53.44 10.96
C GLU C 404 -1.16 -54.14 11.43
N TRP C 405 -1.03 -55.31 12.05
CA TRP C 405 -2.21 -56.02 12.55
C TRP C 405 -2.92 -55.23 13.64
N MET C 406 -2.15 -54.63 14.54
CA MET C 406 -2.70 -53.87 15.66
C MET C 406 -2.86 -52.38 15.38
N ILE C 407 -2.49 -51.91 14.18
CA ILE C 407 -2.88 -50.60 13.73
C ILE C 407 -4.09 -50.66 12.79
N LEU C 408 -4.51 -51.86 12.40
CA LEU C 408 -5.66 -52.00 11.50
C LEU C 408 -6.95 -51.40 12.05
N PRO C 409 -7.34 -51.58 13.32
CA PRO C 409 -8.59 -50.95 13.79
C PRO C 409 -8.60 -49.44 13.69
N TRP C 410 -7.43 -48.80 13.77
CA TRP C 410 -7.38 -47.35 13.66
C TRP C 410 -7.81 -46.87 12.28
N VAL C 411 -7.38 -47.57 11.22
CA VAL C 411 -7.76 -47.15 9.89
C VAL C 411 -9.21 -47.51 9.56
N LEU C 412 -9.74 -48.57 10.19
CA LEU C 412 -11.14 -48.92 9.97
C LEU C 412 -12.07 -47.84 10.52
N GLY C 413 -11.73 -47.26 11.66
CA GLY C 413 -12.54 -46.20 12.22
C GLY C 413 -12.62 -44.97 11.34
N PHE C 414 -11.53 -44.66 10.64
CA PHE C 414 -11.52 -43.50 9.76
C PHE C 414 -12.50 -43.69 8.59
N ILE C 415 -12.49 -44.88 7.98
CA ILE C 415 -13.43 -45.17 6.91
C ILE C 415 -14.86 -45.20 7.44
N TRP C 416 -15.04 -45.78 8.63
CA TRP C 416 -16.36 -45.81 9.25
C TRP C 416 -16.84 -44.39 9.58
N GLY C 417 -15.94 -43.54 10.08
CA GLY C 417 -16.31 -42.17 10.38
C GLY C 417 -16.65 -41.36 9.14
N GLU C 418 -15.90 -41.58 8.06
CA GLU C 418 -16.16 -40.86 6.82
C GLU C 418 -17.53 -41.20 6.25
N ILE C 419 -17.93 -42.47 6.34
CA ILE C 419 -19.25 -42.88 5.87
C ILE C 419 -20.34 -42.17 6.66
N LYS C 420 -20.14 -42.02 7.97
CA LYS C 420 -21.12 -41.34 8.80
C LYS C 420 -21.35 -39.90 8.33
N GLU C 421 -20.26 -39.15 8.11
CA GLU C 421 -20.41 -37.76 7.69
C GLU C 421 -21.05 -37.66 6.31
N MET C 422 -20.68 -38.56 5.40
CA MET C 422 -21.21 -38.50 4.04
C MET C 422 -22.65 -39.00 3.96
N TRP C 423 -23.04 -39.93 4.84
CA TRP C 423 -24.40 -40.47 4.80
C TRP C 423 -25.38 -39.72 5.70
N ASP C 424 -24.90 -38.98 6.69
CA ASP C 424 -25.77 -38.10 7.47
C ASP C 424 -25.89 -36.72 6.86
N GLY C 425 -25.25 -36.48 5.71
CA GLY C 425 -25.38 -35.24 4.98
C GLY C 425 -25.46 -35.52 3.49
N GLY C 426 -25.61 -34.45 2.72
CA GLY C 426 -25.65 -34.58 1.28
C GLY C 426 -24.27 -34.81 0.68
N PHE C 427 -24.27 -35.09 -0.62
CA PHE C 427 -23.03 -35.29 -1.37
C PHE C 427 -22.49 -34.00 -1.96
N THR C 428 -22.91 -32.84 -1.47
CA THR C 428 -22.45 -31.56 -1.98
C THR C 428 -21.81 -30.66 -0.93
N GLU C 429 -22.13 -30.85 0.35
CA GLU C 429 -21.44 -30.11 1.41
C GLU C 429 -20.21 -30.84 1.91
N TYR C 430 -20.16 -32.17 1.75
CA TYR C 430 -18.95 -32.92 2.10
C TYR C 430 -17.79 -32.50 1.23
N ILE C 431 -18.02 -32.37 -0.08
CA ILE C 431 -16.96 -31.92 -0.99
C ILE C 431 -16.75 -30.41 -0.91
N HIS C 432 -17.65 -29.68 -0.25
CA HIS C 432 -17.47 -28.24 -0.09
C HIS C 432 -16.25 -27.93 0.76
N ASP C 433 -16.02 -28.72 1.81
CA ASP C 433 -14.84 -28.59 2.66
C ASP C 433 -13.70 -29.42 2.07
N TRP C 434 -12.60 -28.76 1.73
CA TRP C 434 -11.48 -29.44 1.09
C TRP C 434 -10.77 -30.42 2.02
N TRP C 435 -10.87 -30.23 3.35
CA TRP C 435 -10.26 -31.19 4.25
C TRP C 435 -10.93 -32.56 4.15
N ASN C 436 -12.19 -32.61 3.72
CA ASN C 436 -12.82 -33.89 3.45
C ASN C 436 -12.31 -34.49 2.15
N LEU C 437 -11.87 -33.66 1.21
CA LEU C 437 -11.25 -34.17 -0.02
C LEU C 437 -9.97 -34.92 0.30
N MET C 438 -9.17 -34.39 1.23
CA MET C 438 -7.97 -35.11 1.66
C MET C 438 -8.32 -36.39 2.40
N ASP C 439 -9.40 -36.37 3.19
CA ASP C 439 -9.81 -37.57 3.90
C ASP C 439 -10.23 -38.67 2.95
N PHE C 440 -10.92 -38.31 1.86
CA PHE C 440 -11.33 -39.32 0.89
C PHE C 440 -10.12 -39.93 0.19
N ALA C 441 -9.19 -39.08 -0.25
CA ALA C 441 -7.98 -39.59 -0.90
C ALA C 441 -7.12 -40.40 0.06
N MET C 442 -6.99 -39.94 1.31
CA MET C 442 -6.20 -40.67 2.29
C MET C 442 -6.79 -42.02 2.60
N ASN C 443 -8.13 -42.09 2.72
CA ASN C 443 -8.78 -43.36 3.06
C ASN C 443 -8.85 -44.32 1.87
N SER C 444 -8.97 -43.79 0.65
CA SER C 444 -8.97 -44.64 -0.53
C SER C 444 -7.63 -45.35 -0.69
N LEU C 445 -6.53 -44.63 -0.46
CA LEU C 445 -5.21 -45.24 -0.57
C LEU C 445 -4.99 -46.31 0.50
N TYR C 446 -5.61 -46.15 1.67
CA TYR C 446 -5.52 -47.18 2.70
C TYR C 446 -6.29 -48.44 2.30
N LEU C 447 -7.41 -48.29 1.58
CA LEU C 447 -8.13 -49.44 1.08
C LEU C 447 -7.30 -50.19 0.04
N ALA C 448 -6.65 -49.46 -0.87
CA ALA C 448 -5.81 -50.10 -1.87
C ALA C 448 -4.60 -50.80 -1.23
N THR C 449 -4.00 -50.16 -0.23
CA THR C 449 -2.84 -50.76 0.43
C THR C 449 -3.21 -52.06 1.12
N ILE C 450 -4.34 -52.07 1.84
CA ILE C 450 -4.79 -53.28 2.53
C ILE C 450 -5.13 -54.37 1.52
N SER C 451 -5.87 -54.01 0.46
CA SER C 451 -6.26 -55.00 -0.54
C SER C 451 -5.05 -55.57 -1.27
N LEU C 452 -4.09 -54.71 -1.63
CA LEU C 452 -2.92 -55.16 -2.35
C LEU C 452 -1.98 -56.00 -1.48
N LYS C 453 -2.04 -55.82 -0.16
CA LYS C 453 -1.18 -56.60 0.71
C LYS C 453 -1.65 -58.04 0.82
N ILE C 454 -2.95 -58.26 0.88
CA ILE C 454 -3.47 -59.63 0.99
C ILE C 454 -3.50 -60.35 -0.35
N MET C 455 -3.42 -59.61 -1.46
CA MET C 455 -3.29 -60.26 -2.76
C MET C 455 -1.91 -60.86 -2.94
N ALA C 456 -0.86 -60.15 -2.51
CA ALA C 456 0.49 -60.67 -2.56
C ALA C 456 0.74 -61.76 -1.54
N TYR C 457 -0.15 -61.92 -0.56
CA TYR C 457 0.00 -62.97 0.43
C TYR C 457 -0.41 -64.34 -0.09
N VAL C 458 -1.14 -64.40 -1.21
CA VAL C 458 -1.58 -65.66 -1.77
C VAL C 458 -0.82 -66.03 -3.04
N LYS C 459 -0.25 -65.07 -3.75
CA LYS C 459 0.49 -65.36 -4.98
C LYS C 459 1.97 -65.56 -4.75
N TYR C 460 2.47 -65.31 -3.54
CA TYR C 460 3.88 -65.46 -3.24
C TYR C 460 4.06 -66.14 -1.89
N ASN C 461 4.97 -67.09 -1.83
CA ASN C 461 5.26 -67.79 -0.58
C ASN C 461 6.76 -67.80 -0.30
N GLY C 462 7.56 -67.77 -1.37
CA GLY C 462 9.01 -67.82 -1.22
C GLY C 462 9.60 -66.47 -0.89
N SER C 463 10.93 -66.47 -0.75
CA SER C 463 11.69 -65.28 -0.41
C SER C 463 12.80 -65.07 -1.43
N ARG C 464 12.83 -63.89 -2.05
CA ARG C 464 13.82 -63.57 -3.06
C ARG C 464 14.33 -62.14 -2.85
N PRO C 465 15.62 -61.90 -3.07
CA PRO C 465 16.14 -60.53 -2.94
C PRO C 465 15.47 -59.58 -3.92
N ARG C 466 15.28 -58.34 -3.47
CA ARG C 466 14.55 -57.36 -4.28
C ARG C 466 15.31 -56.95 -5.54
N GLU C 467 16.62 -57.18 -5.61
CA GLU C 467 17.36 -56.89 -6.83
C GLU C 467 16.90 -57.77 -7.99
N GLU C 468 16.22 -58.87 -7.71
CA GLU C 468 15.69 -59.76 -8.74
C GLU C 468 14.17 -59.71 -8.81
N TRP C 469 13.52 -58.81 -8.08
CA TRP C 469 12.07 -58.71 -8.10
C TRP C 469 11.58 -58.14 -9.42
N GLU C 470 10.28 -58.31 -9.65
CA GLU C 470 9.65 -57.81 -10.87
C GLU C 470 9.58 -56.29 -10.86
N MET C 471 9.39 -55.73 -12.06
CA MET C 471 9.36 -54.27 -12.19
C MET C 471 8.17 -53.67 -11.45
N TRP C 472 7.00 -54.32 -11.53
CA TRP C 472 5.79 -53.78 -10.91
C TRP C 472 5.24 -54.76 -9.89
N HIS C 473 6.11 -55.24 -9.00
CA HIS C 473 5.71 -56.20 -7.99
C HIS C 473 4.61 -55.60 -7.11
N PRO C 474 3.57 -56.37 -6.79
CA PRO C 474 2.48 -55.83 -5.96
C PRO C 474 2.93 -55.35 -4.59
N THR C 475 3.92 -56.01 -3.99
CA THR C 475 4.42 -55.57 -2.69
C THR C 475 5.05 -54.19 -2.80
N LEU C 476 5.82 -53.94 -3.86
CA LEU C 476 6.41 -52.63 -4.08
C LEU C 476 5.34 -51.57 -4.28
N ILE C 477 4.27 -51.90 -5.01
CA ILE C 477 3.22 -50.93 -5.27
C ILE C 477 2.52 -50.53 -3.99
N ALA C 478 2.25 -51.50 -3.11
CA ALA C 478 1.58 -51.21 -1.84
C ALA C 478 2.44 -50.31 -0.96
N GLU C 479 3.75 -50.54 -0.95
CA GLU C 479 4.64 -49.70 -0.15
C GLU C 479 4.61 -48.25 -0.61
N ALA C 480 4.55 -48.02 -1.93
CA ALA C 480 4.47 -46.67 -2.44
C ALA C 480 3.15 -45.99 -2.03
N LEU C 481 2.04 -46.73 -2.13
CA LEU C 481 0.74 -46.15 -1.76
C LEU C 481 0.66 -45.88 -0.27
N PHE C 482 1.26 -46.75 0.55
CA PHE C 482 1.24 -46.55 1.99
C PHE C 482 2.03 -45.30 2.38
N ALA C 483 3.17 -45.05 1.73
CA ALA C 483 3.98 -43.89 2.05
C ALA C 483 3.28 -42.59 1.69
N ILE C 484 2.54 -42.58 0.57
CA ILE C 484 1.80 -41.39 0.19
C ILE C 484 0.71 -41.07 1.20
N SER C 485 0.10 -42.11 1.77
CA SER C 485 -0.93 -41.90 2.80
C SER C 485 -0.33 -41.26 4.04
N ASN C 486 0.90 -41.62 4.40
CA ASN C 486 1.52 -41.03 5.58
C ASN C 486 1.75 -39.54 5.42
N ILE C 487 2.04 -39.07 4.21
CA ILE C 487 2.16 -37.64 3.98
C ILE C 487 0.82 -36.95 4.19
N LEU C 488 -0.26 -37.52 3.64
CA LEU C 488 -1.58 -36.92 3.76
C LEU C 488 -2.09 -36.96 5.19
N SER C 489 -1.79 -38.04 5.92
CA SER C 489 -2.23 -38.15 7.30
C SER C 489 -1.59 -37.07 8.18
N SER C 490 -0.30 -36.80 7.98
CA SER C 490 0.37 -35.80 8.79
C SER C 490 -0.01 -34.38 8.36
N LEU C 491 -0.37 -34.19 7.11
CA LEU C 491 -0.79 -32.87 6.63
C LEU C 491 -2.13 -32.45 7.21
N ARG C 492 -2.91 -33.38 7.77
CA ARG C 492 -4.20 -33.05 8.34
C ARG C 492 -4.08 -32.37 9.70
N LEU C 493 -2.91 -32.42 10.33
CA LEU C 493 -2.71 -31.70 11.59
C LEU C 493 -2.78 -30.20 11.40
N ILE C 494 -2.67 -29.71 10.16
CA ILE C 494 -2.77 -28.28 9.89
C ILE C 494 -4.19 -27.79 10.19
N SER C 495 -5.20 -28.62 9.91
CA SER C 495 -6.58 -28.23 10.16
C SER C 495 -6.86 -27.99 11.64
N LEU C 496 -6.07 -28.59 12.53
CA LEU C 496 -6.24 -28.38 13.96
C LEU C 496 -5.81 -26.98 14.40
N PHE C 497 -5.21 -26.20 13.51
CA PHE C 497 -4.65 -24.90 13.87
C PHE C 497 -5.71 -23.83 14.06
N THR C 498 -6.93 -24.04 13.54
CA THR C 498 -7.98 -23.04 13.70
C THR C 498 -8.42 -22.90 15.14
N ALA C 499 -8.15 -23.89 15.99
CA ALA C 499 -8.50 -23.82 17.40
C ALA C 499 -7.56 -22.92 18.20
N ASN C 500 -6.44 -22.50 17.61
CA ASN C 500 -5.46 -21.68 18.30
C ASN C 500 -5.62 -20.22 17.92
N SER C 501 -5.43 -19.34 18.90
CA SER C 501 -5.62 -17.91 18.65
C SER C 501 -4.48 -17.31 17.85
N HIS C 502 -3.29 -17.89 17.94
CA HIS C 502 -2.11 -17.37 17.25
C HIS C 502 -1.94 -17.97 15.86
N LEU C 503 -2.02 -19.30 15.75
CA LEU C 503 -1.85 -19.98 14.48
C LEU C 503 -3.13 -20.07 13.67
N GLY C 504 -4.27 -19.75 14.26
CA GLY C 504 -5.54 -19.84 13.59
C GLY C 504 -5.70 -18.87 12.42
N PRO C 505 -5.59 -17.56 12.71
CA PRO C 505 -5.72 -16.58 11.62
C PRO C 505 -4.71 -16.76 10.51
N LEU C 506 -3.48 -17.20 10.83
CA LEU C 506 -2.47 -17.39 9.80
C LEU C 506 -2.81 -18.56 8.89
N GLN C 507 -3.28 -19.67 9.46
CA GLN C 507 -3.62 -20.84 8.65
C GLN C 507 -4.83 -20.56 7.76
N ILE C 508 -5.79 -19.79 8.25
CA ILE C 508 -6.94 -19.42 7.44
C ILE C 508 -6.53 -18.51 6.29
N SER C 509 -5.57 -17.60 6.55
CA SER C 509 -5.09 -16.71 5.49
C SER C 509 -4.33 -17.48 4.42
N LEU C 510 -3.57 -18.49 4.82
CA LEU C 510 -2.77 -19.26 3.86
C LEU C 510 -3.66 -19.94 2.82
N GLY C 511 -4.74 -20.56 3.27
CA GLY C 511 -5.65 -21.25 2.36
C GLY C 511 -6.63 -20.36 1.64
N ARG C 512 -6.74 -19.10 2.04
CA ARG C 512 -7.73 -18.20 1.45
C ARG C 512 -7.35 -17.71 0.06
N MET C 513 -6.12 -17.96 -0.38
CA MET C 513 -5.70 -17.50 -1.70
C MET C 513 -4.92 -18.57 -2.46
N LEU C 514 -5.07 -19.85 -2.10
CA LEU C 514 -4.60 -20.93 -2.94
C LEU C 514 -5.31 -20.95 -4.29
N LEU C 515 -6.49 -20.33 -4.39
CA LEU C 515 -7.16 -20.20 -5.67
C LEU C 515 -6.34 -19.36 -6.63
N ASP C 516 -5.74 -18.28 -6.14
CA ASP C 516 -4.91 -17.44 -7.00
C ASP C 516 -3.66 -18.17 -7.46
N ILE C 517 -3.10 -19.04 -6.63
CA ILE C 517 -1.99 -19.88 -7.05
C ILE C 517 -2.42 -20.82 -8.17
N LEU C 518 -3.60 -21.43 -8.02
CA LEU C 518 -4.07 -22.39 -9.01
C LEU C 518 -4.28 -21.73 -10.37
N LYS C 519 -4.83 -20.52 -10.39
CA LYS C 519 -5.01 -19.80 -11.64
C LYS C 519 -3.67 -19.48 -12.30
N PHE C 520 -2.67 -19.11 -11.48
CA PHE C 520 -1.34 -18.86 -12.02
C PHE C 520 -0.70 -20.12 -12.59
N LEU C 521 -0.86 -21.24 -11.89
CA LEU C 521 -0.22 -22.49 -12.32
C LEU C 521 -0.77 -22.98 -13.66
N PHE C 522 -1.94 -22.52 -14.07
CA PHE C 522 -2.46 -22.87 -15.38
C PHE C 522 -1.77 -22.10 -16.49
N ILE C 523 -1.37 -20.86 -16.22
CA ILE C 523 -0.61 -20.08 -17.19
C ILE C 523 0.81 -20.65 -17.32
N TYR C 524 1.43 -21.01 -16.20
CA TYR C 524 2.77 -21.58 -16.22
C TYR C 524 2.79 -22.91 -16.98
N CYS C 525 1.77 -23.75 -16.77
CA CYS C 525 1.71 -25.04 -17.45
C CYS C 525 1.61 -24.90 -18.95
N LEU C 526 1.06 -23.77 -19.44
CA LEU C 526 1.01 -23.53 -20.87
C LEU C 526 2.38 -23.16 -21.41
N VAL C 527 3.13 -22.34 -20.66
CA VAL C 527 4.48 -21.96 -21.07
C VAL C 527 5.41 -23.17 -20.99
N LEU C 528 5.24 -24.01 -19.96
CA LEU C 528 6.05 -25.21 -19.83
C LEU C 528 5.85 -26.15 -21.00
N LEU C 529 4.59 -26.34 -21.43
CA LEU C 529 4.30 -27.24 -22.55
C LEU C 529 4.80 -26.68 -23.87
N ALA C 530 4.84 -25.35 -24.01
CA ALA C 530 5.31 -24.75 -25.25
C ALA C 530 6.79 -24.99 -25.45
N PHE C 531 7.61 -24.77 -24.42
CA PHE C 531 9.05 -24.94 -24.53
C PHE C 531 9.46 -26.41 -24.51
N ALA C 532 8.67 -27.28 -23.87
CA ALA C 532 8.98 -28.70 -23.88
C ALA C 532 8.77 -29.30 -25.26
N ASN C 533 7.83 -28.75 -26.04
CA ASN C 533 7.63 -29.21 -27.40
C ASN C 533 8.81 -28.86 -28.29
N GLY C 534 9.31 -27.63 -28.17
CA GLY C 534 10.44 -27.22 -28.99
C GLY C 534 11.72 -27.96 -28.65
N LEU C 535 12.00 -28.15 -27.36
CA LEU C 535 13.23 -28.83 -26.97
C LEU C 535 13.21 -30.30 -27.35
N ASN C 536 12.06 -30.96 -27.21
CA ASN C 536 11.95 -32.36 -27.61
C ASN C 536 11.99 -32.53 -29.12
N GLN C 537 11.43 -31.57 -29.87
CA GLN C 537 11.45 -31.64 -31.32
C GLN C 537 12.85 -31.46 -31.88
N LEU C 538 13.77 -30.92 -31.09
CA LEU C 538 15.14 -30.67 -31.53
C LEU C 538 16.13 -31.73 -31.06
N TYR C 539 15.83 -32.43 -29.97
CA TYR C 539 16.81 -33.30 -29.32
C TYR C 539 16.49 -34.78 -29.42
N PHE C 540 15.32 -35.15 -29.96
CA PHE C 540 14.94 -36.56 -29.98
C PHE C 540 15.75 -37.38 -30.98
N TYR C 541 16.46 -36.74 -31.90
CA TYR C 541 17.29 -37.49 -32.84
C TYR C 541 18.48 -38.16 -32.15
N TYR C 542 18.93 -37.59 -31.02
CA TYR C 542 20.16 -38.01 -30.39
C TYR C 542 19.94 -38.86 -29.14
N GLU C 543 18.77 -39.48 -29.01
CA GLU C 543 18.50 -40.34 -27.87
C GLU C 543 19.43 -41.54 -27.89
N THR C 544 20.00 -41.87 -26.74
CA THR C 544 20.96 -42.96 -26.60
C THR C 544 20.39 -44.03 -25.67
N ARG C 545 20.83 -45.26 -25.90
CA ARG C 545 20.40 -46.37 -25.06
C ARG C 545 21.08 -46.32 -23.70
N ALA C 546 20.43 -46.93 -22.70
CA ALA C 546 21.00 -46.97 -21.36
C ALA C 546 22.27 -47.80 -21.30
N ILE C 547 22.47 -48.70 -22.26
CA ILE C 547 23.69 -49.51 -22.28
C ILE C 547 24.91 -48.64 -22.53
N ASP C 548 24.80 -47.68 -23.46
CA ASP C 548 25.92 -46.83 -23.84
C ASP C 548 26.23 -45.74 -22.81
N GLU C 549 25.36 -45.53 -21.84
CA GLU C 549 25.63 -44.51 -20.85
C GLU C 549 26.47 -45.06 -19.71
N PRO C 550 27.27 -44.22 -19.05
CA PRO C 550 28.06 -44.68 -17.91
C PRO C 550 27.17 -45.20 -16.79
N ASN C 551 27.63 -46.26 -16.13
CA ASN C 551 26.94 -46.92 -15.02
C ASN C 551 25.58 -47.48 -15.41
N ASN C 552 25.29 -47.59 -16.70
CA ASN C 552 24.03 -48.15 -17.19
C ASN C 552 22.83 -47.37 -16.65
N CYS C 553 22.98 -46.05 -16.55
CA CYS C 553 21.95 -45.16 -16.02
C CYS C 553 21.52 -44.19 -17.10
N LYS C 554 20.21 -44.03 -17.27
CA LYS C 554 19.64 -43.17 -18.30
C LYS C 554 18.61 -42.24 -17.68
N GLY C 555 18.75 -40.94 -17.93
CA GLY C 555 17.83 -39.94 -17.43
C GLY C 555 18.54 -38.86 -16.67
N ILE C 556 17.76 -37.96 -16.07
CA ILE C 556 18.30 -36.84 -15.31
C ILE C 556 18.43 -37.15 -13.83
N ARG C 557 18.15 -38.39 -13.43
CA ARG C 557 18.25 -38.81 -12.04
C ARG C 557 19.56 -39.53 -11.77
N CYS C 558 20.51 -39.46 -12.70
CA CYS C 558 21.80 -40.12 -12.59
C CYS C 558 22.85 -39.13 -12.09
N GLU C 559 24.03 -39.67 -11.77
CA GLU C 559 25.14 -38.81 -11.38
C GLU C 559 25.54 -37.88 -12.51
N LYS C 560 25.61 -38.40 -13.73
CA LYS C 560 25.79 -37.60 -14.93
C LYS C 560 24.46 -37.60 -15.67
N GLN C 561 23.75 -36.48 -15.62
CA GLN C 561 22.46 -36.37 -16.27
C GLN C 561 22.61 -36.50 -17.78
N ASN C 562 21.69 -37.23 -18.41
CA ASN C 562 21.74 -37.46 -19.84
C ASN C 562 20.32 -37.67 -20.34
N ASN C 563 20.14 -37.52 -21.66
CA ASN C 563 18.85 -37.71 -22.31
C ASN C 563 17.77 -36.84 -21.66
N ALA C 564 18.13 -35.58 -21.42
CA ALA C 564 17.20 -34.67 -20.75
C ALA C 564 16.01 -34.33 -21.62
N PHE C 565 16.19 -34.24 -22.93
CA PHE C 565 15.13 -33.83 -23.85
C PHE C 565 14.86 -34.90 -24.90
N SER C 566 15.13 -36.16 -24.56
CA SER C 566 14.98 -37.24 -25.53
C SER C 566 13.51 -37.53 -25.82
N THR C 567 12.70 -37.61 -24.77
CA THR C 567 11.27 -37.85 -24.91
C THR C 567 10.49 -36.71 -24.26
N LEU C 568 9.20 -36.63 -24.62
CA LEU C 568 8.35 -35.56 -24.10
C LEU C 568 8.11 -35.72 -22.61
N PHE C 569 7.98 -36.96 -22.13
CA PHE C 569 7.79 -37.18 -20.70
C PHE C 569 9.02 -36.80 -19.90
N GLU C 570 10.21 -37.10 -20.43
CA GLU C 570 11.45 -36.70 -19.76
C GLU C 570 11.65 -35.20 -19.87
N THR C 571 11.28 -34.59 -21.00
CA THR C 571 11.49 -33.17 -21.19
C THR C 571 10.65 -32.34 -20.21
N LEU C 572 9.44 -32.80 -19.91
CA LEU C 572 8.58 -32.09 -18.96
C LEU C 572 9.16 -32.12 -17.56
N GLN C 573 9.80 -33.22 -17.17
CA GLN C 573 10.43 -33.28 -15.85
C GLN C 573 11.69 -32.44 -15.80
N SER C 574 12.45 -32.38 -16.90
CA SER C 574 13.69 -31.61 -16.92
C SER C 574 13.42 -30.13 -16.73
N LEU C 575 12.37 -29.60 -17.36
CA LEU C 575 12.04 -28.19 -17.20
C LEU C 575 11.44 -27.89 -15.84
N PHE C 576 10.85 -28.88 -15.17
CA PHE C 576 10.37 -28.69 -13.81
C PHE C 576 11.52 -28.53 -12.84
N TRP C 577 12.53 -29.42 -12.94
CA TRP C 577 13.65 -29.39 -12.02
C TRP C 577 14.58 -28.21 -12.25
N SER C 578 14.49 -27.57 -13.42
CA SER C 578 15.29 -26.37 -13.67
C SER C 578 14.74 -25.15 -12.95
N VAL C 579 13.49 -25.21 -12.48
CA VAL C 579 12.95 -24.13 -11.65
C VAL C 579 13.72 -24.04 -10.34
N PHE C 580 14.16 -25.17 -9.81
CA PHE C 580 14.91 -25.23 -8.57
C PHE C 580 16.41 -25.34 -8.81
N GLY C 581 16.86 -25.21 -10.05
CA GLY C 581 18.27 -25.23 -10.36
C GLY C 581 18.93 -26.59 -10.29
N LEU C 582 18.17 -27.66 -10.44
CA LEU C 582 18.68 -29.02 -10.28
C LEU C 582 19.00 -29.69 -11.61
N LEU C 583 18.96 -28.97 -12.72
CA LEU C 583 19.33 -29.48 -14.02
C LEU C 583 20.63 -28.81 -14.47
N ASN C 584 21.66 -29.60 -14.69
CA ASN C 584 22.96 -29.06 -15.07
C ASN C 584 22.95 -28.60 -16.53
N LEU C 585 23.85 -27.69 -16.84
CA LEU C 585 23.88 -27.06 -18.16
C LEU C 585 24.44 -27.97 -19.24
N TYR C 586 25.19 -29.02 -18.89
CA TYR C 586 25.78 -29.88 -19.91
C TYR C 586 24.76 -30.82 -20.55
N VAL C 587 23.51 -30.83 -20.08
CA VAL C 587 22.48 -31.63 -20.72
C VAL C 587 22.07 -31.08 -22.07
N THR C 588 22.43 -29.83 -22.38
CA THR C 588 22.20 -29.24 -23.69
C THR C 588 23.26 -29.64 -24.71
N ASN C 589 24.08 -30.64 -24.39
CA ASN C 589 25.18 -31.08 -25.22
C ASN C 589 24.93 -32.51 -25.69
N VAL C 590 25.20 -32.77 -26.96
CA VAL C 590 25.00 -34.10 -27.55
C VAL C 590 26.33 -34.60 -28.12
N LYS C 591 26.39 -35.91 -28.33
CA LYS C 591 27.63 -36.54 -28.75
C LYS C 591 28.02 -36.17 -30.17
N ALA C 592 27.06 -35.79 -31.02
CA ALA C 592 27.38 -35.40 -32.39
C ALA C 592 28.20 -34.12 -32.45
N ARG C 593 28.18 -33.31 -31.39
CA ARG C 593 28.98 -32.09 -31.29
C ARG C 593 28.66 -31.09 -32.39
N HIS C 594 27.41 -31.06 -32.83
CA HIS C 594 26.97 -30.08 -33.82
C HIS C 594 26.71 -28.76 -33.12
N GLU C 595 27.58 -27.78 -33.36
CA GLU C 595 27.58 -26.56 -32.55
C GLU C 595 26.28 -25.77 -32.74
N PHE C 596 25.78 -25.70 -33.96
CA PHE C 596 24.57 -24.91 -34.22
C PHE C 596 23.36 -25.49 -33.49
N THR C 597 23.20 -26.82 -33.53
CA THR C 597 22.07 -27.46 -32.87
C THR C 597 22.14 -27.27 -31.36
N GLU C 598 23.33 -27.42 -30.77
CA GLU C 598 23.47 -27.32 -29.33
C GLU C 598 23.28 -25.88 -28.84
N PHE C 599 23.70 -24.89 -29.63
CA PHE C 599 23.50 -23.51 -29.24
C PHE C 599 22.02 -23.13 -29.25
N VAL C 600 21.28 -23.62 -30.26
CA VAL C 600 19.85 -23.33 -30.34
C VAL C 600 19.11 -23.92 -29.15
N GLY C 601 19.45 -25.17 -28.78
CA GLY C 601 18.82 -25.79 -27.63
C GLY C 601 19.12 -25.06 -26.33
N ALA C 602 20.36 -24.59 -26.17
CA ALA C 602 20.71 -23.83 -24.97
C ALA C 602 20.02 -22.47 -24.94
N THR C 603 19.68 -21.93 -26.12
CA THR C 603 18.93 -20.68 -26.17
C THR C 603 17.45 -20.87 -25.86
N MET C 604 16.88 -22.01 -26.26
CA MET C 604 15.53 -22.34 -25.82
C MET C 604 15.50 -22.53 -24.31
N PHE C 605 16.49 -23.23 -23.76
CA PHE C 605 16.57 -23.43 -22.32
C PHE C 605 16.75 -22.10 -21.58
N GLY C 606 17.59 -21.21 -22.12
CA GLY C 606 17.81 -19.93 -21.48
C GLY C 606 16.59 -19.03 -21.52
N THR C 607 15.86 -19.04 -22.64
CA THR C 607 14.66 -18.24 -22.76
C THR C 607 13.59 -18.73 -21.78
N TYR C 608 13.48 -20.04 -21.60
CA TYR C 608 12.52 -20.59 -20.65
C TYR C 608 12.86 -20.16 -19.22
N ASN C 609 14.15 -20.13 -18.88
CA ASN C 609 14.57 -19.71 -17.55
C ASN C 609 14.23 -18.25 -17.29
N VAL C 610 14.40 -17.38 -18.29
CA VAL C 610 14.08 -15.98 -18.12
C VAL C 610 12.58 -15.79 -17.91
N ILE C 611 11.76 -16.47 -18.70
CA ILE C 611 10.32 -16.31 -18.60
C ILE C 611 9.81 -16.83 -17.26
N SER C 612 10.34 -17.97 -16.81
CA SER C 612 9.85 -18.60 -15.59
C SER C 612 10.41 -17.93 -14.34
N LEU C 613 11.73 -17.83 -14.24
CA LEU C 613 12.38 -17.46 -12.99
C LEU C 613 12.61 -15.95 -12.84
N VAL C 614 12.27 -15.15 -13.85
CA VAL C 614 12.52 -13.71 -13.77
C VAL C 614 11.21 -12.96 -13.97
N VAL C 615 10.28 -13.55 -14.71
CA VAL C 615 9.03 -12.89 -15.09
C VAL C 615 7.83 -13.54 -14.39
N LEU C 616 7.61 -14.83 -14.63
CA LEU C 616 6.42 -15.49 -14.08
C LEU C 616 6.47 -15.58 -12.56
N LEU C 617 7.61 -15.97 -12.00
CA LEU C 617 7.71 -16.11 -10.55
C LEU C 617 7.74 -14.77 -9.83
N ASN C 618 8.02 -13.68 -10.54
CA ASN C 618 7.93 -12.35 -9.94
C ASN C 618 6.53 -11.78 -10.00
N MET C 619 5.75 -12.15 -11.01
CA MET C 619 4.32 -11.87 -10.98
C MET C 619 3.63 -12.60 -9.83
N LEU C 620 3.99 -13.87 -9.60
CA LEU C 620 3.39 -14.60 -8.50
C LEU C 620 3.61 -13.88 -7.18
N ILE C 621 4.79 -13.31 -6.98
CA ILE C 621 5.06 -12.53 -5.77
C ILE C 621 4.21 -11.26 -5.76
N ALA C 622 4.02 -10.64 -6.93
CA ALA C 622 3.34 -9.35 -6.98
C ALA C 622 1.88 -9.47 -6.60
N MET C 623 1.15 -10.43 -7.20
CA MET C 623 -0.27 -10.57 -6.86
C MET C 623 -0.49 -11.23 -5.51
N MET C 624 0.52 -11.93 -5.00
CA MET C 624 0.42 -12.56 -3.69
C MET C 624 0.51 -11.53 -2.58
N ASN C 625 1.28 -10.47 -2.80
CA ASN C 625 1.33 -9.36 -1.85
C ASN C 625 0.06 -8.52 -1.91
N ASN C 626 -0.48 -8.32 -3.11
CA ASN C 626 -1.71 -7.56 -3.27
C ASN C 626 -2.89 -8.28 -2.63
N SER C 627 -2.98 -9.60 -2.82
CA SER C 627 -4.06 -10.38 -2.23
C SER C 627 -3.97 -10.36 -0.71
N TYR C 628 -2.75 -10.47 -0.17
CA TYR C 628 -2.59 -10.54 1.29
C TYR C 628 -3.03 -9.25 1.96
N GLN C 629 -2.93 -8.11 1.26
CA GLN C 629 -3.38 -6.85 1.83
C GLN C 629 -4.89 -6.85 2.04
N LEU C 630 -5.64 -7.35 1.06
CA LEU C 630 -7.09 -7.40 1.16
C LEU C 630 -7.55 -8.45 2.16
N ILE C 631 -6.82 -9.58 2.22
CA ILE C 631 -7.20 -10.65 3.13
C ILE C 631 -6.95 -10.24 4.59
N ALA C 632 -5.86 -9.50 4.84
CA ALA C 632 -5.40 -9.30 6.21
C ALA C 632 -6.41 -8.56 7.07
N ASP C 633 -7.14 -7.60 6.50
CA ASP C 633 -8.05 -6.80 7.33
C ASP C 633 -9.28 -7.60 7.73
N HIS C 634 -9.65 -8.62 6.95
CA HIS C 634 -10.81 -9.46 7.23
C HIS C 634 -10.43 -10.78 7.88
N ALA C 635 -9.17 -10.93 8.31
CA ALA C 635 -8.69 -12.23 8.78
C ALA C 635 -9.38 -12.66 10.07
N ASP C 636 -9.62 -11.72 10.99
CA ASP C 636 -10.20 -12.07 12.28
C ASP C 636 -11.62 -12.61 12.13
N ILE C 637 -12.43 -11.99 11.27
CA ILE C 637 -13.79 -12.47 11.05
C ILE C 637 -13.77 -13.83 10.39
N GLU C 638 -12.88 -14.04 9.43
CA GLU C 638 -12.80 -15.32 8.72
C GLU C 638 -12.38 -16.45 9.66
N TRP C 639 -11.41 -16.20 10.54
CA TRP C 639 -10.96 -17.24 11.46
C TRP C 639 -12.04 -17.60 12.47
N LYS C 640 -12.73 -16.59 13.02
CA LYS C 640 -13.76 -16.85 14.01
C LYS C 640 -14.93 -17.62 13.41
N PHE C 641 -15.25 -17.36 12.15
CA PHE C 641 -16.27 -18.16 11.46
C PHE C 641 -15.83 -19.61 11.33
N ALA C 642 -14.55 -19.83 11.01
CA ALA C 642 -14.04 -21.18 10.86
C ALA C 642 -13.96 -21.92 12.20
N ARG C 643 -13.55 -21.20 13.25
CA ARG C 643 -13.48 -21.83 14.57
C ARG C 643 -14.86 -22.19 15.10
N THR C 644 -15.89 -21.41 14.74
CA THR C 644 -17.24 -21.74 15.16
C THR C 644 -17.69 -23.08 14.59
N LYS C 645 -17.39 -23.33 13.32
CA LYS C 645 -17.74 -24.60 12.70
C LYS C 645 -17.03 -25.77 13.39
N LEU C 646 -15.79 -25.55 13.82
CA LEU C 646 -15.07 -26.58 14.56
C LEU C 646 -15.73 -26.86 15.91
N TRP C 647 -16.14 -25.80 16.62
CA TRP C 647 -16.73 -25.99 17.94
C TRP C 647 -18.07 -26.71 17.87
N MET C 648 -18.93 -26.33 16.93
CA MET C 648 -20.25 -26.95 16.83
C MET C 648 -20.18 -28.41 16.40
N SER C 649 -19.07 -28.85 15.83
CA SER C 649 -18.94 -30.25 15.45
C SER C 649 -18.77 -31.16 16.67
N TYR C 650 -18.36 -30.59 17.81
CA TYR C 650 -18.22 -31.35 19.04
C TYR C 650 -19.37 -31.15 20.00
N PHE C 651 -20.37 -30.34 19.63
CA PHE C 651 -21.55 -30.17 20.47
C PHE C 651 -22.51 -31.35 20.37
N ASP C 652 -22.58 -31.99 19.20
CA ASP C 652 -23.53 -33.07 18.99
C ASP C 652 -23.13 -34.31 19.78
N GLU C 653 -24.13 -35.04 20.28
CA GLU C 653 -23.85 -36.24 21.06
C GLU C 653 -23.25 -37.34 20.18
N GLY C 654 -23.80 -37.53 18.98
CA GLY C 654 -23.32 -38.57 18.08
C GLY C 654 -21.89 -38.38 17.62
N GLY C 655 -21.08 -39.43 17.71
CA GLY C 655 -19.70 -39.36 17.31
C GLY C 655 -18.77 -38.88 18.40
N THR C 656 -19.02 -39.34 19.63
CA THR C 656 -18.21 -38.96 20.78
C THR C 656 -16.96 -39.84 20.92
N LEU C 657 -17.07 -41.12 20.62
CA LEU C 657 -15.95 -42.02 20.78
C LEU C 657 -14.87 -41.77 19.72
N PRO C 658 -13.60 -41.96 20.07
CA PRO C 658 -12.52 -41.82 19.09
C PRO C 658 -12.57 -42.93 18.05
N PRO C 659 -11.91 -42.76 16.92
CA PRO C 659 -11.95 -43.79 15.86
C PRO C 659 -11.47 -45.15 16.33
N PRO C 660 -10.47 -45.25 17.23
CA PRO C 660 -10.16 -46.57 17.78
C PRO C 660 -11.31 -47.24 18.49
N PHE C 661 -12.23 -46.46 19.08
CA PHE C 661 -13.38 -47.03 19.78
C PHE C 661 -14.70 -46.80 19.08
N ASN C 662 -14.76 -45.93 18.06
CA ASN C 662 -16.03 -45.63 17.41
C ASN C 662 -16.59 -46.79 16.60
N ILE C 663 -15.76 -47.80 16.29
CA ILE C 663 -16.24 -48.97 15.57
C ILE C 663 -16.71 -50.08 16.51
N ILE C 664 -16.34 -50.02 17.79
CA ILE C 664 -16.74 -51.05 18.75
C ILE C 664 -18.23 -50.92 19.04
N PRO C 665 -19.03 -51.98 18.87
CA PRO C 665 -20.47 -51.94 19.15
C PRO C 665 -20.78 -52.19 20.63
N ASN C 703 -47.79 -27.65 18.56
CA ASN C 703 -47.55 -28.04 19.95
C ASN C 703 -47.82 -26.88 20.90
N ALA C 704 -48.19 -27.20 22.14
CA ALA C 704 -48.44 -26.17 23.13
C ALA C 704 -47.16 -25.41 23.47
N ASP C 705 -46.03 -26.11 23.57
CA ASP C 705 -44.77 -25.44 23.86
C ASP C 705 -44.30 -24.59 22.68
N SER C 706 -44.42 -25.13 21.46
CA SER C 706 -43.95 -24.40 20.28
C SER C 706 -44.73 -23.11 20.08
N LEU C 707 -45.98 -23.05 20.51
CA LEU C 707 -46.74 -21.81 20.45
C LEU C 707 -46.15 -20.76 21.39
N ILE C 708 -45.70 -21.19 22.57
CA ILE C 708 -45.13 -20.26 23.54
C ILE C 708 -43.80 -19.70 23.02
N GLN C 709 -42.96 -20.56 22.42
CA GLN C 709 -41.64 -20.12 21.97
C GLN C 709 -41.75 -19.06 20.89
N ASN C 710 -42.71 -19.20 19.99
CA ASN C 710 -42.91 -18.19 18.95
C ASN C 710 -43.37 -16.87 19.55
N GLN C 711 -44.21 -16.92 20.58
CA GLN C 711 -44.65 -15.69 21.24
C GLN C 711 -43.49 -14.98 21.93
N HIS C 712 -42.61 -15.75 22.57
CA HIS C 712 -41.45 -15.15 23.23
C HIS C 712 -40.50 -14.52 22.22
N TYR C 713 -40.32 -15.18 21.08
CA TYR C 713 -39.42 -14.64 20.04
C TYR C 713 -39.97 -13.34 19.48
N GLN C 714 -41.28 -13.25 19.24
CA GLN C 714 -41.87 -12.05 18.68
C GLN C 714 -41.76 -10.87 19.63
N GLU C 715 -41.88 -11.13 20.94
CA GLU C 715 -41.78 -10.06 21.92
C GLU C 715 -40.38 -9.46 21.95
N VAL C 716 -39.35 -10.31 21.88
CA VAL C 716 -37.98 -9.81 21.86
C VAL C 716 -37.70 -9.08 20.55
N ILE C 717 -38.22 -9.59 19.44
CA ILE C 717 -38.01 -8.96 18.14
C ILE C 717 -38.62 -7.57 18.12
N ARG C 718 -39.79 -7.41 18.74
CA ARG C 718 -40.44 -6.11 18.79
C ARG C 718 -39.59 -5.08 19.54
N ASN C 719 -38.96 -5.51 20.65
CA ASN C 719 -38.11 -4.62 21.41
C ASN C 719 -36.83 -4.27 20.65
N LEU C 720 -36.26 -5.24 19.94
CA LEU C 720 -35.06 -4.98 19.15
C LEU C 720 -35.33 -3.97 18.05
N VAL C 721 -36.48 -4.09 17.38
CA VAL C 721 -36.81 -3.16 16.29
C VAL C 721 -37.04 -1.76 16.83
N LYS C 722 -37.69 -1.64 17.99
CA LYS C 722 -37.95 -0.33 18.58
C LYS C 722 -36.64 0.39 18.90
N ARG C 723 -35.68 -0.33 19.47
CA ARG C 723 -34.39 0.28 19.78
C ARG C 723 -33.62 0.61 18.51
N TYR C 724 -33.70 -0.25 17.49
CA TYR C 724 -32.99 0.01 16.24
C TYR C 724 -33.57 1.20 15.51
N VAL C 725 -34.90 1.31 15.46
CA VAL C 725 -35.55 2.42 14.78
C VAL C 725 -35.25 3.73 15.48
N ALA C 726 -35.33 3.73 16.82
CA ALA C 726 -35.04 4.94 17.59
C ALA C 726 -33.60 5.38 17.40
N ALA C 727 -32.66 4.43 17.36
CA ALA C 727 -31.26 4.77 17.20
C ALA C 727 -30.98 5.34 15.82
N MET C 728 -31.52 4.71 14.78
CA MET C 728 -31.22 5.14 13.41
C MET C 728 -31.87 6.47 13.07
N ILE C 729 -32.98 6.80 13.74
CA ILE C 729 -33.60 8.12 13.56
C ILE C 729 -32.67 9.21 14.09
N ARG C 730 -32.04 8.97 15.25
CA ARG C 730 -31.12 9.95 15.81
C ARG C 730 -29.92 10.17 14.91
N ASN C 731 -29.34 9.10 14.37
CA ASN C 731 -28.19 9.25 13.50
C ASN C 731 -28.56 9.74 12.10
N SER C 732 -29.85 9.73 11.75
CA SER C 732 -30.26 10.27 10.46
C SER C 732 -30.17 11.79 10.43
N LYS C 733 -30.38 12.43 11.57
CA LYS C 733 -30.24 13.89 11.65
C LYS C 733 -28.79 14.29 11.43
N THR C 734 -28.59 15.36 10.68
CA THR C 734 -27.26 15.83 10.33
C THR C 734 -27.25 17.35 10.29
N HIS C 735 -26.04 17.91 10.38
CA HIS C 735 -25.89 19.36 10.33
C HIS C 735 -26.34 19.92 8.98
N GLU C 736 -25.99 19.23 7.89
CA GLU C 736 -26.43 19.69 6.57
C GLU C 736 -27.94 19.64 6.44
N GLY C 737 -28.57 18.56 6.92
CA GLY C 737 -30.01 18.43 6.78
C GLY C 737 -30.80 19.41 7.64
N LEU C 738 -30.37 19.60 8.89
CA LEU C 738 -31.15 20.39 9.84
C LEU C 738 -31.01 21.89 9.61
N THR C 739 -30.06 22.35 8.81
CA THR C 739 -29.90 23.78 8.56
C THR C 739 -31.11 24.35 7.82
N GLU C 740 -31.69 23.58 6.90
CA GLU C 740 -32.85 24.07 6.16
C GLU C 740 -34.08 24.20 7.05
N GLU C 741 -34.21 23.32 8.06
CA GLU C 741 -35.37 23.39 8.96
C GLU C 741 -35.39 24.72 9.71
N ASN C 742 -34.24 25.17 10.21
CA ASN C 742 -34.19 26.47 10.89
C ASN C 742 -34.34 27.61 9.90
N PHE C 743 -33.80 27.45 8.69
CA PHE C 743 -34.00 28.47 7.66
C PHE C 743 -35.47 28.56 7.27
N LYS C 744 -36.15 27.42 7.16
CA LYS C 744 -37.57 27.44 6.84
C LYS C 744 -38.38 28.06 7.97
N GLU C 745 -38.07 27.70 9.22
CA GLU C 745 -38.82 28.24 10.35
C GLU C 745 -38.60 29.74 10.45
N LEU C 746 -37.36 30.20 10.27
CA LEU C 746 -37.08 31.63 10.34
C LEU C 746 -37.61 32.39 9.15
N LYS C 747 -37.97 31.71 8.06
CA LYS C 747 -38.51 32.38 6.88
C LYS C 747 -39.85 33.06 7.18
N GLN C 748 -40.57 32.61 8.21
CA GLN C 748 -41.81 33.23 8.61
C GLN C 748 -41.54 34.24 9.72
N ASP C 749 -41.74 35.52 9.44
CA ASP C 749 -41.55 36.57 10.42
C ASP C 749 -42.86 36.99 11.06
N ILE C 750 -43.81 37.46 10.25
CA ILE C 750 -45.12 37.92 10.70
C ILE C 750 -44.92 38.91 11.85
N SER C 751 -44.79 38.39 13.07
CA SER C 751 -44.58 39.23 14.24
C SER C 751 -43.12 39.72 14.30
N ASP D 16 20.60 42.19 16.61
CA ASP D 16 19.82 41.20 17.32
C ASP D 16 18.33 41.37 17.04
N ARG D 17 17.98 42.42 16.31
CA ARG D 17 16.60 42.73 15.97
C ARG D 17 16.45 42.87 14.47
N ILE D 18 15.26 42.54 13.98
CA ILE D 18 14.95 42.64 12.56
C ILE D 18 13.85 43.69 12.37
N PRO D 19 14.21 44.92 11.98
CA PRO D 19 13.18 45.93 11.72
C PRO D 19 12.30 45.53 10.54
N LEU D 20 11.03 45.87 10.62
CA LEU D 20 10.05 45.55 9.60
C LEU D 20 9.45 46.83 9.04
N GLN D 21 9.32 46.87 7.71
CA GLN D 21 8.79 48.03 7.01
C GLN D 21 7.97 47.58 5.83
N ILE D 22 7.07 48.44 5.38
CA ILE D 22 6.33 48.20 4.15
C ILE D 22 7.21 48.63 2.98
N VAL D 23 7.58 47.67 2.14
CA VAL D 23 8.49 47.96 1.03
C VAL D 23 7.75 48.27 -0.25
N ARG D 24 6.62 47.61 -0.51
CA ARG D 24 5.77 47.92 -1.64
C ARG D 24 4.48 48.53 -1.10
N ALA D 25 4.50 49.85 -0.91
CA ALA D 25 3.36 50.58 -0.37
C ALA D 25 2.78 51.46 -1.47
N GLU D 26 1.49 51.28 -1.74
CA GLU D 26 0.79 52.06 -2.75
C GLU D 26 0.10 53.24 -2.09
N THR D 27 -0.71 53.98 -2.87
CA THR D 27 -1.48 55.08 -2.33
C THR D 27 -2.59 54.55 -1.43
N GLU D 28 -2.72 55.13 -0.25
CA GLU D 28 -3.71 54.70 0.72
C GLU D 28 -5.03 55.44 0.50
N LEU D 29 -6.13 54.72 0.70
CA LEU D 29 -7.45 55.32 0.55
C LEU D 29 -7.72 56.29 1.68
N SER D 30 -8.22 57.48 1.34
CA SER D 30 -8.50 58.49 2.34
C SER D 30 -9.74 58.10 3.17
N ALA D 31 -10.02 58.92 4.18
CA ALA D 31 -11.09 58.60 5.12
C ALA D 31 -12.46 58.62 4.44
N GLU D 32 -12.72 59.64 3.61
CA GLU D 32 -14.03 59.73 2.98
C GLU D 32 -14.23 58.63 1.93
N GLU D 33 -13.18 58.29 1.19
CA GLU D 33 -13.29 57.21 0.21
C GLU D 33 -13.54 55.87 0.91
N LYS D 34 -12.86 55.62 2.03
CA LYS D 34 -13.09 54.40 2.77
C LYS D 34 -14.52 54.33 3.30
N ALA D 35 -15.07 55.45 3.76
CA ALA D 35 -16.45 55.49 4.20
C ALA D 35 -17.40 55.19 3.04
N PHE D 36 -17.06 55.65 1.84
CA PHE D 36 -17.85 55.33 0.66
C PHE D 36 -17.85 53.81 0.42
N LEU D 37 -16.66 53.20 0.52
CA LEU D 37 -16.54 51.77 0.22
C LEU D 37 -17.37 50.91 1.16
N ASN D 38 -17.36 51.21 2.46
CA ASN D 38 -18.13 50.42 3.41
C ASN D 38 -19.62 50.73 3.36
N ALA D 39 -20.02 51.86 2.76
CA ALA D 39 -21.43 52.12 2.54
C ALA D 39 -22.00 51.16 1.51
N VAL D 40 -21.28 50.97 0.40
CA VAL D 40 -21.70 49.99 -0.60
C VAL D 40 -21.60 48.58 -0.05
N GLU D 41 -20.59 48.32 0.79
CA GLU D 41 -20.41 46.99 1.36
C GLU D 41 -21.60 46.58 2.21
N LYS D 42 -22.11 47.49 3.03
CA LYS D 42 -23.24 47.20 3.91
C LYS D 42 -24.58 47.31 3.21
N GLY D 43 -24.61 47.71 1.94
CA GLY D 43 -25.86 47.78 1.20
C GLY D 43 -26.63 49.06 1.37
N ASP D 44 -26.07 50.07 2.02
CA ASP D 44 -26.75 51.35 2.15
C ASP D 44 -26.91 52.00 0.78
N TYR D 45 -28.10 52.52 0.51
CA TYR D 45 -28.43 53.13 -0.78
C TYR D 45 -28.41 54.65 -0.70
N ALA D 46 -29.10 55.21 0.30
CA ALA D 46 -29.21 56.67 0.40
C ALA D 46 -27.84 57.33 0.53
N THR D 47 -26.95 56.72 1.31
CA THR D 47 -25.59 57.28 1.45
C THR D 47 -24.88 57.31 0.12
N VAL D 48 -24.87 56.18 -0.60
CA VAL D 48 -24.19 56.13 -1.90
C VAL D 48 -24.88 57.03 -2.90
N LYS D 49 -26.22 57.04 -2.91
CA LYS D 49 -26.95 57.90 -3.84
C LYS D 49 -26.62 59.37 -3.58
N GLN D 50 -26.69 59.79 -2.32
CA GLN D 50 -26.37 61.19 -2.00
C GLN D 50 -24.91 61.50 -2.28
N ALA D 51 -24.00 60.58 -1.93
CA ALA D 51 -22.59 60.80 -2.21
C ALA D 51 -22.33 60.88 -3.71
N LEU D 52 -22.96 60.00 -4.49
CA LEU D 52 -22.82 60.07 -5.94
C LEU D 52 -23.47 61.32 -6.50
N GLN D 53 -24.62 61.72 -5.96
CA GLN D 53 -25.31 62.90 -6.44
C GLN D 53 -24.55 64.19 -6.19
N GLU D 54 -23.64 64.20 -5.21
CA GLU D 54 -22.84 65.37 -4.91
C GLU D 54 -21.41 65.26 -5.45
N ALA D 55 -21.05 64.13 -6.04
CA ALA D 55 -19.70 63.91 -6.55
C ALA D 55 -19.64 64.17 -8.06
N GLU D 56 -19.98 65.39 -8.46
CA GLU D 56 -19.79 65.81 -9.85
C GLU D 56 -18.61 66.76 -10.05
N ILE D 57 -17.99 67.25 -8.98
CA ILE D 57 -16.95 68.26 -9.07
C ILE D 57 -15.62 67.80 -8.50
N TYR D 58 -15.63 67.10 -7.36
CA TYR D 58 -14.38 66.71 -6.72
C TYR D 58 -13.96 65.28 -7.03
N TYR D 59 -14.89 64.42 -7.43
CA TYR D 59 -14.56 63.04 -7.78
C TYR D 59 -14.51 62.92 -9.30
N ASN D 60 -13.34 62.57 -9.82
CA ASN D 60 -13.11 62.47 -11.26
C ASN D 60 -13.28 61.02 -11.73
N VAL D 61 -14.54 60.60 -11.75
CA VAL D 61 -14.88 59.26 -12.24
C VAL D 61 -14.72 59.26 -13.76
N ASN D 62 -13.78 58.46 -14.26
CA ASN D 62 -13.46 58.44 -15.68
C ASN D 62 -12.81 57.08 -15.99
N ILE D 63 -12.19 56.97 -17.17
CA ILE D 63 -11.56 55.74 -17.62
C ILE D 63 -10.28 55.48 -16.85
N ASN D 64 -9.89 56.43 -15.99
CA ASN D 64 -8.65 56.34 -15.23
C ASN D 64 -8.91 56.65 -13.75
N CYS D 65 -9.93 56.01 -13.19
CA CYS D 65 -10.32 56.22 -11.80
C CYS D 65 -10.54 54.87 -11.11
N MET D 66 -10.63 54.92 -9.79
CA MET D 66 -10.92 53.74 -8.98
C MET D 66 -12.35 53.75 -8.46
N SER D 72 -12.39 49.95 -8.04
CA SER D 72 -13.69 50.54 -8.32
C SER D 72 -14.76 50.00 -7.38
N ALA D 73 -15.87 50.73 -7.27
CA ALA D 73 -16.97 50.34 -6.39
C ALA D 73 -17.89 49.30 -7.03
N LEU D 74 -17.78 49.07 -8.34
CA LEU D 74 -18.65 48.11 -9.00
C LEU D 74 -18.37 46.68 -8.55
N LEU D 75 -17.10 46.36 -8.31
CA LEU D 75 -16.74 44.98 -7.99
C LEU D 75 -17.33 44.52 -6.66
N ILE D 76 -17.32 45.39 -5.64
CA ILE D 76 -17.93 45.03 -4.37
C ILE D 76 -19.43 44.89 -4.52
N ALA D 77 -20.05 45.73 -5.34
CA ALA D 77 -21.48 45.59 -5.60
C ALA D 77 -21.79 44.26 -6.26
N ILE D 78 -20.93 43.82 -7.18
CA ILE D 78 -21.09 42.49 -7.78
C ILE D 78 -20.85 41.40 -6.75
N GLU D 79 -19.89 41.61 -5.84
CA GLU D 79 -19.54 40.57 -4.87
C GLU D 79 -20.72 40.20 -3.98
N ASN D 80 -21.41 41.20 -3.45
CA ASN D 80 -22.58 40.95 -2.61
C ASN D 80 -23.86 40.84 -3.43
N GLU D 81 -23.74 40.77 -4.76
CA GLU D 81 -24.87 40.69 -5.69
C GLU D 81 -26.05 41.54 -5.24
N ASN D 82 -25.78 42.81 -4.98
CA ASN D 82 -26.80 43.81 -4.67
C ASN D 82 -27.07 44.58 -5.95
N LEU D 83 -28.19 44.27 -6.61
CA LEU D 83 -28.43 44.79 -7.96
C LEU D 83 -28.80 46.27 -7.94
N GLU D 84 -29.36 46.76 -6.83
CA GLU D 84 -29.82 48.15 -6.77
C GLU D 84 -28.68 49.13 -6.92
N ILE D 85 -27.64 48.99 -6.09
CA ILE D 85 -26.47 49.86 -6.20
C ILE D 85 -25.73 49.59 -7.49
N MET D 86 -25.66 48.32 -7.91
CA MET D 86 -25.06 47.99 -9.20
C MET D 86 -25.74 48.77 -10.33
N GLU D 87 -27.07 48.73 -10.38
CA GLU D 87 -27.81 49.48 -11.39
C GLU D 87 -27.53 50.98 -11.26
N LEU D 88 -27.36 51.47 -10.04
CA LEU D 88 -27.13 52.88 -9.82
C LEU D 88 -25.84 53.35 -10.47
N LEU D 89 -24.78 52.54 -10.37
CA LEU D 89 -23.45 52.98 -10.83
C LEU D 89 -23.42 53.20 -12.34
N LEU D 90 -24.01 52.28 -13.12
CA LEU D 90 -24.04 52.47 -14.57
C LEU D 90 -24.81 53.73 -14.96
N ASN D 91 -25.73 54.19 -14.11
CA ASN D 91 -26.44 55.43 -14.39
C ASN D 91 -25.54 56.66 -14.25
N HIS D 92 -24.36 56.52 -13.63
CA HIS D 92 -23.44 57.64 -13.44
C HIS D 92 -22.15 57.47 -14.23
N SER D 93 -22.14 56.60 -15.24
CA SER D 93 -21.02 56.44 -16.17
C SER D 93 -19.73 56.05 -15.44
N VAL D 94 -19.75 54.86 -14.84
CA VAL D 94 -18.58 54.26 -14.22
C VAL D 94 -17.90 53.37 -15.24
N TYR D 95 -16.57 53.46 -15.32
CA TYR D 95 -15.81 52.64 -16.25
C TYR D 95 -15.95 51.17 -15.88
N VAL D 96 -16.68 50.41 -16.71
CA VAL D 96 -16.99 49.02 -16.37
C VAL D 96 -15.74 48.15 -16.49
N GLY D 97 -14.96 48.34 -17.55
CA GLY D 97 -13.82 47.48 -17.77
C GLY D 97 -14.26 46.04 -18.04
N ASP D 98 -13.67 45.10 -17.31
CA ASP D 98 -13.97 43.69 -17.44
C ASP D 98 -14.79 43.18 -16.25
N ALA D 99 -15.72 44.00 -15.76
CA ALA D 99 -16.55 43.60 -14.63
C ALA D 99 -17.49 42.45 -14.99
N LEU D 100 -17.75 42.22 -16.28
CA LEU D 100 -18.59 41.09 -16.69
C LEU D 100 -17.94 39.77 -16.30
N LEU D 101 -16.61 39.69 -16.39
CA LEU D 101 -15.91 38.47 -15.99
C LEU D 101 -16.10 38.18 -14.50
N TYR D 102 -16.07 39.23 -13.68
CA TYR D 102 -16.27 39.05 -12.25
C TYR D 102 -17.68 38.55 -11.94
N ALA D 103 -18.68 39.05 -12.66
CA ALA D 103 -20.04 38.59 -12.47
C ALA D 103 -20.19 37.12 -12.88
N ILE D 104 -19.56 36.73 -13.99
CA ILE D 104 -19.67 35.35 -14.47
C ILE D 104 -19.04 34.38 -13.47
N ARG D 105 -17.90 34.75 -12.91
CA ARG D 105 -17.24 33.88 -11.93
C ARG D 105 -18.10 33.70 -10.68
N LYS D 106 -18.79 34.77 -10.26
CA LYS D 106 -19.70 34.67 -9.12
C LYS D 106 -20.91 33.78 -9.42
N GLU D 107 -21.20 33.55 -10.70
CA GLU D 107 -22.31 32.70 -11.13
C GLU D 107 -23.66 33.24 -10.65
N VAL D 108 -23.81 34.56 -10.72
CA VAL D 108 -25.06 35.23 -10.39
C VAL D 108 -25.71 35.66 -11.70
N VAL D 109 -26.85 35.06 -12.03
CA VAL D 109 -27.47 35.28 -13.32
C VAL D 109 -27.99 36.70 -13.45
N GLY D 110 -28.54 37.25 -12.36
CA GLY D 110 -29.12 38.59 -12.43
C GLY D 110 -28.10 39.66 -12.76
N ALA D 111 -26.91 39.57 -12.16
CA ALA D 111 -25.88 40.57 -12.42
C ALA D 111 -25.32 40.45 -13.83
N VAL D 112 -25.31 39.25 -14.40
CA VAL D 112 -24.74 39.05 -15.73
C VAL D 112 -25.59 39.74 -16.79
N GLU D 113 -26.91 39.53 -16.76
CA GLU D 113 -27.76 40.11 -17.79
C GLU D 113 -27.93 41.62 -17.61
N LEU D 114 -27.82 42.11 -16.37
CA LEU D 114 -27.84 43.55 -16.15
C LEU D 114 -26.63 44.20 -16.81
N LEU D 115 -25.45 43.60 -16.64
CA LEU D 115 -24.25 44.13 -17.27
C LEU D 115 -24.31 44.00 -18.79
N LEU D 116 -25.02 42.99 -19.29
CA LEU D 116 -25.16 42.82 -20.73
C LEU D 116 -26.13 43.83 -21.32
N SER D 117 -27.01 44.41 -20.51
CA SER D 117 -27.96 45.39 -21.03
C SER D 117 -27.26 46.64 -21.54
N TYR D 118 -26.28 47.14 -20.78
CA TYR D 118 -25.49 48.30 -21.21
C TYR D 118 -24.38 47.83 -22.13
N ARG D 119 -24.77 47.55 -23.38
CA ARG D 119 -23.84 47.13 -24.44
C ARG D 119 -23.08 45.87 -24.04
N GLN D 135 -6.51 49.01 -14.11
CA GLN D 135 -5.61 48.27 -14.97
C GLN D 135 -5.34 46.88 -14.41
N PHE D 136 -5.39 46.75 -13.08
CA PHE D 136 -5.21 45.45 -12.45
C PHE D 136 -6.44 44.58 -12.67
N SER D 137 -6.21 43.31 -13.00
CA SER D 137 -7.28 42.35 -13.17
C SER D 137 -6.84 41.01 -12.60
N GLU D 138 -7.82 40.23 -12.14
CA GLU D 138 -7.58 38.88 -11.66
C GLU D 138 -7.66 37.85 -12.76
N PHE D 139 -7.80 38.29 -14.01
CA PHE D 139 -7.94 37.40 -15.16
C PHE D 139 -6.86 37.71 -16.18
N THR D 140 -6.35 36.66 -16.82
CA THR D 140 -5.39 36.82 -17.90
C THR D 140 -6.09 37.52 -19.07
N PRO D 141 -5.35 38.35 -19.82
CA PRO D 141 -5.99 39.12 -20.91
C PRO D 141 -6.62 38.28 -22.01
N ASP D 142 -6.28 36.99 -22.11
CA ASP D 142 -6.82 36.16 -23.18
C ASP D 142 -8.22 35.63 -22.90
N ILE D 143 -8.74 35.83 -21.71
CA ILE D 143 -10.00 35.21 -21.28
C ILE D 143 -11.17 36.07 -21.73
N THR D 144 -12.15 35.44 -22.38
CA THR D 144 -13.36 36.07 -22.87
C THR D 144 -14.57 35.65 -22.03
N PRO D 145 -15.67 36.41 -22.08
CA PRO D 145 -16.84 36.03 -21.28
C PRO D 145 -17.39 34.63 -21.56
N ILE D 146 -17.42 34.21 -22.82
CA ILE D 146 -17.92 32.88 -23.13
C ILE D 146 -16.95 31.81 -22.67
N MET D 147 -15.64 32.05 -22.83
CA MET D 147 -14.65 31.08 -22.39
C MET D 147 -14.66 30.91 -20.89
N LEU D 148 -14.82 32.00 -20.14
CA LEU D 148 -14.86 31.90 -18.68
C LEU D 148 -16.13 31.24 -18.20
N ALA D 149 -17.25 31.47 -18.88
CA ALA D 149 -18.51 30.82 -18.51
C ALA D 149 -18.42 29.31 -18.68
N ALA D 150 -17.75 28.85 -19.73
CA ALA D 150 -17.59 27.42 -19.95
C ALA D 150 -16.66 26.80 -18.92
N HIS D 151 -15.70 27.58 -18.40
CA HIS D 151 -14.84 27.06 -17.33
C HIS D 151 -15.65 26.76 -16.07
N THR D 152 -16.63 27.60 -15.75
CA THR D 152 -17.48 27.37 -14.59
C THR D 152 -18.49 26.25 -14.81
N ASN D 153 -18.77 25.89 -16.06
CA ASN D 153 -19.73 24.84 -16.40
C ASN D 153 -21.13 25.16 -15.85
N ASN D 154 -21.50 26.43 -15.90
CA ASN D 154 -22.83 26.86 -15.46
C ASN D 154 -23.75 26.85 -16.68
N TYR D 155 -24.74 25.95 -16.67
CA TYR D 155 -25.59 25.76 -17.83
C TYR D 155 -26.39 27.00 -18.17
N GLU D 156 -26.90 27.70 -17.15
CA GLU D 156 -27.80 28.83 -17.40
C GLU D 156 -27.03 30.02 -17.95
N ILE D 157 -25.85 30.32 -17.42
CA ILE D 157 -25.09 31.47 -17.88
C ILE D 157 -24.51 31.22 -19.27
N ILE D 158 -24.04 29.99 -19.54
CA ILE D 158 -23.54 29.67 -20.86
C ILE D 158 -24.64 29.83 -21.90
N LYS D 159 -25.84 29.34 -21.59
CA LYS D 159 -26.97 29.48 -22.52
C LYS D 159 -27.32 30.93 -22.77
N LEU D 160 -27.22 31.77 -21.73
CA LEU D 160 -27.51 33.19 -21.88
C LEU D 160 -26.53 33.86 -22.84
N LEU D 161 -25.24 33.52 -22.76
CA LEU D 161 -24.23 34.16 -23.59
C LEU D 161 -24.28 33.65 -25.03
N VAL D 162 -24.52 32.35 -25.23
CA VAL D 162 -24.49 31.77 -26.56
C VAL D 162 -25.59 32.36 -27.44
N GLN D 163 -26.72 32.75 -26.82
CA GLN D 163 -27.82 33.33 -27.57
C GLN D 163 -27.47 34.67 -28.22
N LYS D 164 -26.35 35.28 -27.85
CA LYS D 164 -25.93 36.57 -28.40
C LYS D 164 -24.83 36.42 -29.45
N ARG D 165 -24.73 35.25 -30.09
CA ARG D 165 -23.82 35.02 -31.22
C ARG D 165 -22.36 35.28 -30.82
N VAL D 166 -21.89 34.44 -29.91
CA VAL D 166 -20.49 34.48 -29.47
C VAL D 166 -19.70 33.42 -30.22
N THR D 167 -18.37 33.51 -30.13
CA THR D 167 -17.47 32.61 -30.84
C THR D 167 -16.32 32.21 -29.92
N ILE D 168 -15.65 31.13 -30.30
CA ILE D 168 -14.49 30.62 -29.58
C ILE D 168 -13.34 30.51 -30.58
N PRO D 169 -12.16 31.05 -30.28
CA PRO D 169 -11.03 30.88 -31.21
C PRO D 169 -10.64 29.42 -31.37
N ARG D 170 -10.23 29.07 -32.57
CA ARG D 170 -9.87 27.69 -32.87
C ARG D 170 -8.43 27.42 -32.46
N PRO D 171 -8.18 26.41 -31.64
CA PRO D 171 -6.78 26.08 -31.29
C PRO D 171 -6.01 25.57 -32.49
N HIS D 172 -4.70 25.84 -32.47
CA HIS D 172 -3.83 25.43 -33.56
C HIS D 172 -3.62 23.92 -33.55
N SER D 184 5.92 27.66 -30.69
CA SER D 184 5.50 28.86 -29.98
C SER D 184 5.17 29.99 -30.95
N SER D 185 4.92 31.17 -30.41
CA SER D 185 4.58 32.35 -31.20
C SER D 185 5.81 33.21 -31.42
N GLU D 186 5.62 34.35 -32.09
CA GLU D 186 6.71 35.28 -32.30
C GLU D 186 7.27 35.77 -30.97
N VAL D 187 6.39 36.06 -30.01
CA VAL D 187 6.78 36.44 -28.67
C VAL D 187 5.85 35.73 -27.69
N ASP D 188 6.29 35.62 -26.44
CA ASP D 188 5.48 35.11 -25.34
C ASP D 188 5.03 33.67 -25.60
N SER D 189 6.02 32.79 -25.62
CA SER D 189 5.74 31.36 -25.59
C SER D 189 4.95 30.96 -24.35
N LEU D 190 5.13 31.69 -23.24
CA LEU D 190 4.33 31.45 -22.05
C LEU D 190 2.86 31.75 -22.31
N ARG D 191 2.57 32.84 -23.03
CA ARG D 191 1.20 33.22 -23.31
C ARG D 191 0.53 32.24 -24.28
N HIS D 192 1.27 31.69 -25.23
CA HIS D 192 0.71 30.73 -26.17
C HIS D 192 0.24 29.47 -25.45
N SER D 193 1.06 28.95 -24.54
CA SER D 193 0.70 27.73 -23.84
C SER D 193 -0.54 27.92 -22.97
N ARG D 194 -0.62 29.06 -22.28
CA ARG D 194 -1.77 29.33 -21.42
C ARG D 194 -3.03 29.57 -22.24
N SER D 195 -2.90 30.27 -23.37
CA SER D 195 -4.05 30.53 -24.23
C SER D 195 -4.62 29.23 -24.79
N ARG D 196 -3.76 28.32 -25.22
CA ARG D 196 -4.23 27.05 -25.78
C ARG D 196 -4.96 26.21 -24.74
N LEU D 197 -4.43 26.16 -23.51
CA LEU D 197 -5.09 25.39 -22.46
C LEU D 197 -6.42 26.01 -22.06
N ASN D 198 -6.52 27.33 -22.09
CA ASN D 198 -7.78 28.00 -21.76
C ASN D 198 -8.86 27.68 -22.78
N ILE D 199 -8.48 27.58 -24.06
CA ILE D 199 -9.45 27.27 -25.12
C ILE D 199 -9.96 25.85 -24.97
N TYR D 200 -9.05 24.89 -24.75
CA TYR D 200 -9.45 23.50 -24.60
C TYR D 200 -10.26 23.28 -23.33
N LYS D 201 -9.99 24.07 -22.29
CA LYS D 201 -10.77 23.97 -21.05
C LYS D 201 -12.21 24.40 -21.25
N ALA D 202 -12.49 25.22 -22.25
CA ALA D 202 -13.85 25.66 -22.55
C ALA D 202 -14.56 24.71 -23.50
N LEU D 203 -13.86 24.19 -24.50
CA LEU D 203 -14.45 23.22 -25.41
C LEU D 203 -14.81 21.92 -24.70
N ALA D 204 -14.04 21.55 -23.68
CA ALA D 204 -14.26 20.33 -22.93
C ALA D 204 -15.29 20.50 -21.82
N SER D 205 -16.13 21.51 -21.90
CA SER D 205 -17.17 21.73 -20.90
C SER D 205 -18.41 20.94 -21.27
N PRO D 206 -18.90 20.05 -20.41
CA PRO D 206 -20.11 19.27 -20.75
C PRO D 206 -21.34 20.14 -21.01
N SER D 207 -21.48 21.28 -20.34
CA SER D 207 -22.62 22.15 -20.59
C SER D 207 -22.55 22.80 -21.97
N LEU D 208 -21.34 23.13 -22.43
CA LEU D 208 -21.20 23.72 -23.75
C LEU D 208 -21.41 22.68 -24.84
N ILE D 209 -20.91 21.46 -24.64
CA ILE D 209 -21.11 20.39 -25.61
C ILE D 209 -22.58 20.05 -25.74
N ALA D 210 -23.28 19.96 -24.61
CA ALA D 210 -24.70 19.63 -24.63
C ALA D 210 -25.55 20.69 -25.30
N LEU D 211 -25.08 21.94 -25.35
CA LEU D 211 -25.87 23.03 -25.92
C LEU D 211 -25.59 23.28 -27.40
N SER D 212 -24.35 23.03 -27.87
CA SER D 212 -23.98 23.51 -29.19
C SER D 212 -23.23 22.47 -30.01
N SER D 213 -23.52 21.18 -29.81
CA SER D 213 -22.92 20.12 -30.60
C SER D 213 -24.02 19.33 -31.30
N GLU D 214 -23.85 19.11 -32.60
CA GLU D 214 -24.80 18.30 -33.35
C GLU D 214 -24.84 16.87 -32.84
N ASP D 215 -23.68 16.30 -32.55
CA ASP D 215 -23.55 14.95 -32.01
C ASP D 215 -22.65 15.03 -30.79
N PRO D 216 -23.23 15.21 -29.60
CA PRO D 216 -22.39 15.36 -28.39
C PRO D 216 -21.50 14.16 -28.12
N ILE D 217 -21.92 12.95 -28.47
CA ILE D 217 -21.13 11.75 -28.19
C ILE D 217 -19.86 11.75 -29.04
N LEU D 218 -19.99 12.10 -30.32
CA LEU D 218 -18.84 12.07 -31.22
C LEU D 218 -17.79 13.12 -30.84
N THR D 219 -18.24 14.33 -30.50
CA THR D 219 -17.28 15.37 -30.13
C THR D 219 -16.57 15.04 -28.82
N ALA D 220 -17.26 14.39 -27.88
CA ALA D 220 -16.60 13.94 -26.66
C ALA D 220 -15.57 12.85 -26.95
N PHE D 221 -15.83 12.01 -27.95
CA PHE D 221 -14.85 11.02 -28.35
C PHE D 221 -13.62 11.68 -28.95
N ARG D 222 -13.83 12.59 -29.90
CA ARG D 222 -12.71 13.28 -30.55
C ARG D 222 -11.94 14.16 -29.57
N LEU D 223 -12.65 14.90 -28.72
CA LEU D 223 -11.99 15.80 -27.79
C LEU D 223 -11.16 15.04 -26.77
N GLY D 224 -11.70 13.94 -26.23
CA GLY D 224 -10.95 13.15 -25.28
C GLY D 224 -9.69 12.56 -25.88
N TRP D 225 -9.77 12.14 -27.13
CA TRP D 225 -8.59 11.64 -27.83
C TRP D 225 -7.57 12.76 -28.06
N GLU D 226 -8.04 13.93 -28.47
CA GLU D 226 -7.13 15.06 -28.73
C GLU D 226 -6.42 15.50 -27.47
N LEU D 227 -7.14 15.57 -26.34
CA LEU D 227 -6.53 15.98 -25.09
C LEU D 227 -5.55 14.94 -24.58
N LYS D 228 -5.76 13.67 -24.90
CA LYS D 228 -4.80 12.63 -24.54
C LYS D 228 -3.48 12.81 -25.28
N GLU D 229 -3.55 13.14 -26.57
CA GLU D 229 -2.34 13.39 -27.34
C GLU D 229 -1.59 14.61 -26.80
N LEU D 230 -2.31 15.67 -26.45
CA LEU D 230 -1.68 16.89 -25.95
C LEU D 230 -1.01 16.67 -24.60
N SER D 231 -1.41 15.65 -23.84
CA SER D 231 -0.76 15.36 -22.56
C SER D 231 0.65 14.82 -22.74
N LYS D 232 1.06 14.50 -23.97
CA LYS D 232 2.41 14.06 -24.27
C LYS D 232 3.20 15.11 -25.03
N VAL D 233 2.63 15.67 -26.10
CA VAL D 233 3.34 16.69 -26.88
C VAL D 233 3.62 17.92 -26.01
N GLU D 234 2.61 18.40 -25.31
CA GLU D 234 2.80 19.42 -24.28
C GLU D 234 3.19 18.75 -22.96
N ASN D 235 4.35 18.10 -22.99
CA ASN D 235 4.80 17.26 -21.89
C ASN D 235 4.94 18.04 -20.58
N GLU D 236 5.08 19.37 -20.65
CA GLU D 236 5.22 20.16 -19.43
C GLU D 236 3.90 20.31 -18.70
N PHE D 237 2.80 20.50 -19.43
CA PHE D 237 1.48 20.74 -18.83
C PHE D 237 0.60 19.49 -18.82
N LYS D 238 1.19 18.32 -18.60
CA LYS D 238 0.44 17.07 -18.75
C LYS D 238 -0.62 16.89 -17.67
N ALA D 239 -0.40 17.46 -16.48
CA ALA D 239 -1.31 17.22 -15.36
C ALA D 239 -2.70 17.78 -15.65
N GLU D 240 -2.77 18.97 -16.24
CA GLU D 240 -4.07 19.59 -16.52
C GLU D 240 -4.77 18.95 -17.71
N TYR D 241 -4.02 18.48 -18.71
CA TYR D 241 -4.64 17.89 -19.88
C TYR D 241 -5.24 16.52 -19.58
N GLU D 242 -4.61 15.75 -18.69
CA GLU D 242 -5.16 14.44 -18.32
C GLU D 242 -6.51 14.59 -17.64
N GLU D 243 -6.64 15.59 -16.77
CA GLU D 243 -7.92 15.82 -16.11
C GLU D 243 -9.00 16.22 -17.11
N LEU D 244 -8.64 17.03 -18.11
CA LEU D 244 -9.60 17.40 -19.15
C LEU D 244 -10.04 16.20 -19.96
N SER D 245 -9.08 15.33 -20.33
CA SER D 245 -9.42 14.15 -21.12
C SER D 245 -10.31 13.20 -20.34
N GLN D 246 -10.02 13.00 -19.04
CA GLN D 246 -10.84 12.13 -18.22
C GLN D 246 -12.26 12.66 -18.08
N GLN D 247 -12.41 13.98 -18.04
CA GLN D 247 -13.73 14.58 -17.92
C GLN D 247 -14.55 14.38 -19.18
N CYS D 248 -13.91 14.42 -20.35
CA CYS D 248 -14.61 14.19 -21.60
C CYS D 248 -15.07 12.75 -21.72
N LYS D 249 -14.22 11.81 -21.32
CA LYS D 249 -14.58 10.40 -21.37
C LYS D 249 -15.73 10.07 -20.43
N LEU D 250 -15.85 10.82 -19.33
CA LEU D 250 -16.93 10.60 -18.39
C LEU D 250 -18.25 11.16 -18.91
N PHE D 251 -18.22 12.25 -19.66
CA PHE D 251 -19.45 12.86 -20.15
C PHE D 251 -20.19 11.94 -21.11
N ALA D 252 -19.47 11.31 -22.04
CA ALA D 252 -20.10 10.39 -22.97
C ALA D 252 -20.66 9.17 -22.25
N LYS D 253 -19.93 8.67 -21.26
CA LYS D 253 -20.40 7.53 -20.49
C LYS D 253 -21.66 7.87 -19.69
N ASP D 254 -21.68 9.05 -19.06
CA ASP D 254 -22.86 9.46 -18.30
C ASP D 254 -24.04 9.81 -19.20
N LEU D 255 -23.80 10.17 -20.46
CA LEU D 255 -24.89 10.50 -21.37
C LEU D 255 -25.67 9.26 -21.78
N LEU D 256 -24.98 8.14 -22.01
CA LEU D 256 -25.68 6.90 -22.32
C LEU D 256 -26.30 6.25 -21.10
N ASP D 257 -25.88 6.64 -19.89
CA ASP D 257 -26.51 6.16 -18.68
C ASP D 257 -27.94 6.64 -18.53
N GLN D 258 -28.36 7.62 -19.33
CA GLN D 258 -29.72 8.13 -19.32
C GLN D 258 -30.64 7.37 -20.28
N ALA D 259 -30.12 6.38 -21.00
CA ALA D 259 -30.97 5.55 -21.84
C ALA D 259 -31.90 4.71 -20.99
N ARG D 260 -33.17 4.64 -21.39
CA ARG D 260 -34.20 3.99 -20.60
C ARG D 260 -34.80 2.77 -21.28
N SER D 261 -34.35 2.41 -22.48
CA SER D 261 -34.86 1.24 -23.16
C SER D 261 -33.81 0.72 -24.12
N SER D 262 -33.99 -0.52 -24.55
CA SER D 262 -33.08 -1.11 -25.52
C SER D 262 -33.25 -0.52 -26.91
N ARG D 263 -34.43 0.01 -27.23
CA ARG D 263 -34.60 0.70 -28.50
C ARG D 263 -33.73 1.94 -28.58
N GLU D 264 -33.67 2.72 -27.50
CA GLU D 264 -32.82 3.90 -27.48
C GLU D 264 -31.35 3.54 -27.58
N LEU D 265 -30.93 2.49 -26.86
CA LEU D 265 -29.52 2.07 -26.90
C LEU D 265 -29.12 1.58 -28.28
N GLU D 266 -30.02 0.86 -28.95
CA GLU D 266 -29.71 0.34 -30.28
C GLU D 266 -29.64 1.46 -31.31
N ILE D 267 -30.45 2.50 -31.16
CA ILE D 267 -30.38 3.63 -32.09
C ILE D 267 -29.04 4.34 -31.96
N ILE D 268 -28.55 4.51 -30.74
CA ILE D 268 -27.28 5.21 -30.53
C ILE D 268 -26.12 4.40 -31.09
N LEU D 269 -26.06 3.12 -30.76
CA LEU D 269 -24.89 2.30 -31.07
C LEU D 269 -24.80 1.91 -32.54
N ASN D 270 -25.90 1.94 -33.27
CA ASN D 270 -25.92 1.54 -34.67
C ASN D 270 -25.93 2.72 -35.63
N HIS D 271 -25.71 3.93 -35.12
CA HIS D 271 -25.83 5.12 -35.95
C HIS D 271 -24.54 5.36 -36.74
N ARG D 272 -24.69 5.57 -38.03
CA ARG D 272 -23.57 5.90 -38.92
C ARG D 272 -23.59 7.40 -39.19
N ASP D 273 -22.50 8.08 -38.87
CA ASP D 273 -22.46 9.53 -39.03
C ASP D 273 -22.54 9.94 -40.49
N ASP D 274 -21.91 9.17 -41.38
CA ASP D 274 -21.95 9.45 -42.81
C ASP D 274 -22.75 8.40 -43.56
N LEU D 287 -23.17 -1.90 -35.55
CA LEU D 287 -22.63 -1.26 -34.36
C LEU D 287 -21.54 -0.26 -34.74
N ALA D 288 -21.88 0.66 -35.63
CA ALA D 288 -20.90 1.62 -36.12
C ALA D 288 -20.41 2.53 -35.01
N LYS D 289 -21.31 3.03 -34.17
CA LYS D 289 -20.91 3.94 -33.11
C LYS D 289 -20.06 3.25 -32.06
N LEU D 290 -20.25 1.95 -31.86
CA LEU D 290 -19.42 1.19 -30.94
C LEU D 290 -18.02 0.96 -31.48
N LYS D 291 -17.90 0.82 -32.81
CA LYS D 291 -16.58 0.66 -33.43
C LYS D 291 -15.77 1.95 -33.31
N VAL D 292 -16.43 3.11 -33.40
CA VAL D 292 -15.75 4.38 -33.21
C VAL D 292 -15.20 4.49 -31.79
N ALA D 293 -15.95 3.98 -30.81
CA ALA D 293 -15.49 4.02 -29.43
C ALA D 293 -14.26 3.14 -29.22
N ILE D 294 -14.16 2.03 -29.95
CA ILE D 294 -12.99 1.18 -29.84
C ILE D 294 -11.76 1.87 -30.42
N LYS D 295 -11.93 2.56 -31.55
CA LYS D 295 -10.80 3.23 -32.20
C LYS D 295 -10.29 4.40 -31.39
N TYR D 296 -11.16 5.03 -30.58
CA TYR D 296 -10.76 6.13 -29.73
C TYR D 296 -10.40 5.66 -28.32
N HIS D 297 -10.37 4.35 -28.09
CA HIS D 297 -9.96 3.78 -26.80
C HIS D 297 -10.87 4.24 -25.66
N GLN D 298 -12.18 4.25 -25.92
CA GLN D 298 -13.17 4.59 -24.90
C GLN D 298 -13.50 3.33 -24.11
N LYS D 299 -12.57 2.97 -23.22
CA LYS D 299 -12.68 1.69 -22.52
C LYS D 299 -13.83 1.68 -21.53
N GLU D 300 -14.04 2.78 -20.80
CA GLU D 300 -15.14 2.84 -19.84
C GLU D 300 -16.49 2.84 -20.55
N PHE D 301 -16.56 3.52 -21.70
CA PHE D 301 -17.80 3.55 -22.48
C PHE D 301 -18.15 2.15 -22.98
N VAL D 302 -17.16 1.40 -23.47
CA VAL D 302 -17.41 0.09 -24.04
C VAL D 302 -17.80 -0.91 -22.95
N ALA D 303 -17.15 -0.83 -21.79
CA ALA D 303 -17.35 -1.79 -20.71
C ALA D 303 -18.58 -1.50 -19.87
N GLN D 304 -19.49 -0.65 -20.34
CA GLN D 304 -20.72 -0.38 -19.61
C GLN D 304 -21.59 -1.63 -19.57
N PRO D 305 -22.24 -1.92 -18.43
CA PRO D 305 -23.03 -3.16 -18.32
C PRO D 305 -24.14 -3.28 -19.36
N ASN D 306 -24.75 -2.17 -19.79
CA ASN D 306 -25.79 -2.26 -20.80
C ASN D 306 -25.21 -2.47 -22.19
N CYS D 307 -24.06 -1.88 -22.49
CA CYS D 307 -23.38 -2.15 -23.75
C CYS D 307 -22.86 -3.58 -23.80
N GLN D 308 -22.32 -4.07 -22.68
CA GLN D 308 -21.83 -5.45 -22.64
C GLN D 308 -22.98 -6.45 -22.72
N GLN D 309 -24.15 -6.10 -22.18
CA GLN D 309 -25.30 -6.98 -22.24
C GLN D 309 -25.81 -7.13 -23.67
N LEU D 310 -25.84 -6.03 -24.43
CA LEU D 310 -26.27 -6.09 -25.82
C LEU D 310 -25.30 -6.92 -26.65
N LEU D 311 -24.01 -6.76 -26.39
CA LEU D 311 -23.00 -7.52 -27.13
C LEU D 311 -23.11 -9.02 -26.86
N ALA D 312 -23.45 -9.38 -25.63
CA ALA D 312 -23.56 -10.79 -25.27
C ALA D 312 -24.67 -11.48 -26.06
N THR D 313 -25.80 -10.80 -26.27
CA THR D 313 -26.89 -11.40 -27.03
C THR D 313 -26.49 -11.64 -28.48
N LEU D 314 -25.63 -10.80 -29.04
CA LEU D 314 -25.11 -11.04 -30.37
C LEU D 314 -24.04 -12.14 -30.38
N TRP D 315 -23.27 -12.25 -29.30
CA TRP D 315 -22.27 -13.31 -29.20
C TRP D 315 -22.93 -14.68 -29.17
N TYR D 316 -23.95 -14.85 -28.33
CA TYR D 316 -24.78 -16.05 -28.34
C TYR D 316 -25.99 -15.77 -29.24
N ASP D 317 -25.80 -16.00 -30.53
CA ASP D 317 -26.79 -15.61 -31.53
C ASP D 317 -27.98 -16.55 -31.49
N GLY D 318 -28.78 -16.46 -30.42
CA GLY D 318 -29.92 -17.33 -30.21
C GLY D 318 -29.58 -18.62 -29.49
N PHE D 319 -28.36 -19.10 -29.64
CA PHE D 319 -27.93 -20.29 -28.93
C PHE D 319 -27.89 -20.00 -27.44
N PRO D 320 -28.16 -21.00 -26.59
CA PRO D 320 -28.35 -20.74 -25.16
C PRO D 320 -27.25 -19.88 -24.53
N GLY D 321 -27.67 -18.95 -23.69
CA GLY D 321 -26.79 -17.94 -23.11
C GLY D 321 -25.71 -18.50 -22.21
N TRP D 322 -25.79 -19.78 -21.83
CA TRP D 322 -24.72 -20.45 -21.09
C TRP D 322 -24.43 -19.76 -19.76
N ARG D 323 -25.50 -19.34 -19.07
CA ARG D 323 -25.37 -18.68 -17.78
C ARG D 323 -25.79 -19.53 -16.60
N ARG D 324 -26.54 -20.61 -16.83
CA ARG D 324 -26.99 -21.50 -15.76
C ARG D 324 -26.32 -22.88 -15.82
N LYS D 325 -25.21 -23.00 -16.52
CA LYS D 325 -24.48 -24.25 -16.60
C LYS D 325 -23.44 -24.34 -15.48
N HIS D 326 -23.15 -25.57 -15.07
CA HIS D 326 -22.16 -25.82 -14.04
C HIS D 326 -20.75 -25.61 -14.62
N TRP D 327 -19.80 -25.32 -13.72
CA TRP D 327 -18.42 -25.10 -14.14
C TRP D 327 -17.87 -26.33 -14.88
N VAL D 328 -18.04 -27.51 -14.28
CA VAL D 328 -17.57 -28.73 -14.92
C VAL D 328 -18.42 -29.05 -16.15
N VAL D 329 -19.73 -28.81 -16.07
CA VAL D 329 -20.61 -29.05 -17.19
C VAL D 329 -20.29 -28.11 -18.34
N LYS D 330 -19.84 -26.90 -18.03
CA LYS D 330 -19.52 -25.90 -19.06
C LYS D 330 -18.54 -26.46 -20.08
N LEU D 331 -17.46 -27.08 -19.60
CA LEU D 331 -16.43 -27.61 -20.51
C LEU D 331 -16.93 -28.82 -21.28
N LEU D 332 -17.81 -29.62 -20.68
CA LEU D 332 -18.24 -30.86 -21.32
C LEU D 332 -18.96 -30.60 -22.65
N THR D 333 -19.88 -29.63 -22.65
CA THR D 333 -20.61 -29.31 -23.87
C THR D 333 -19.87 -28.33 -24.77
N CYS D 334 -18.77 -27.74 -24.31
CA CYS D 334 -17.86 -27.07 -25.22
C CYS D 334 -17.05 -28.06 -26.05
N MET D 335 -16.74 -29.23 -25.47
CA MET D 335 -15.89 -30.20 -26.17
C MET D 335 -16.62 -30.85 -27.34
N THR D 336 -17.91 -31.15 -27.18
CA THR D 336 -18.65 -31.84 -28.23
C THR D 336 -18.79 -30.98 -29.48
N ILE D 337 -18.89 -29.66 -29.33
CA ILE D 337 -18.96 -28.79 -30.49
C ILE D 337 -17.63 -28.79 -31.24
N GLY D 338 -16.53 -28.82 -30.51
CA GLY D 338 -15.23 -28.86 -31.16
C GLY D 338 -15.00 -30.14 -31.95
N PHE D 339 -15.43 -31.27 -31.42
CA PHE D 339 -15.28 -32.54 -32.13
C PHE D 339 -16.10 -32.55 -33.41
N LEU D 340 -17.17 -31.77 -33.49
CA LEU D 340 -18.03 -31.71 -34.66
C LEU D 340 -17.62 -30.62 -35.63
N PHE D 341 -16.49 -29.96 -35.41
CA PHE D 341 -16.06 -28.89 -36.32
C PHE D 341 -15.87 -29.36 -37.77
N PRO D 342 -15.31 -30.55 -38.07
CA PRO D 342 -15.16 -30.90 -39.49
C PRO D 342 -16.48 -31.02 -40.23
N MET D 343 -17.53 -31.56 -39.59
CA MET D 343 -18.81 -31.70 -40.26
C MET D 343 -19.56 -30.39 -40.36
N LEU D 344 -19.28 -29.43 -39.47
CA LEU D 344 -19.92 -28.13 -39.56
C LEU D 344 -19.34 -27.31 -40.71
N SER D 345 -18.02 -27.40 -40.91
CA SER D 345 -17.38 -26.63 -41.97
C SER D 345 -17.84 -27.08 -43.35
N ILE D 346 -17.92 -28.40 -43.56
CA ILE D 346 -18.34 -28.91 -44.87
C ILE D 346 -19.81 -28.63 -45.11
N ALA D 347 -20.63 -28.70 -44.06
CA ALA D 347 -22.06 -28.44 -44.21
C ALA D 347 -22.31 -27.02 -44.69
N TYR D 348 -21.58 -26.04 -44.13
CA TYR D 348 -21.68 -24.68 -44.62
C TYR D 348 -21.13 -24.53 -46.03
N LEU D 349 -20.18 -25.39 -46.41
CA LEU D 349 -19.58 -25.29 -47.74
C LEU D 349 -20.56 -25.71 -48.83
N ILE D 350 -21.36 -26.73 -48.57
CA ILE D 350 -22.25 -27.28 -49.58
C ILE D 350 -23.68 -26.75 -49.44
N SER D 351 -24.18 -26.64 -48.21
CA SER D 351 -25.54 -26.19 -47.94
C SER D 351 -25.50 -25.07 -46.91
N PRO D 352 -25.14 -23.86 -47.33
CA PRO D 352 -25.11 -22.74 -46.37
C PRO D 352 -26.46 -22.43 -45.74
N ARG D 353 -27.55 -22.62 -46.47
CA ARG D 353 -28.88 -22.28 -45.99
C ARG D 353 -29.61 -23.47 -45.37
N SER D 354 -28.87 -24.47 -44.89
CA SER D 354 -29.46 -25.67 -44.32
C SER D 354 -29.79 -25.44 -42.84
N ASN D 355 -30.37 -26.47 -42.21
CA ASN D 355 -30.69 -26.40 -40.80
C ASN D 355 -29.43 -26.27 -39.96
N LEU D 356 -28.37 -27.00 -40.31
CA LEU D 356 -27.11 -26.93 -39.60
C LEU D 356 -26.05 -26.12 -40.32
N GLY D 357 -26.30 -25.72 -41.57
CA GLY D 357 -25.33 -24.92 -42.29
C GLY D 357 -25.12 -23.55 -41.68
N LEU D 358 -26.20 -22.93 -41.21
CA LEU D 358 -26.12 -21.61 -40.59
C LEU D 358 -25.77 -21.66 -39.11
N PHE D 359 -25.59 -22.86 -38.55
CA PHE D 359 -25.18 -22.97 -37.15
C PHE D 359 -23.79 -22.37 -36.94
N ILE D 360 -22.88 -22.59 -37.90
CA ILE D 360 -21.53 -22.05 -37.80
C ILE D 360 -21.51 -20.53 -37.92
N LYS D 361 -22.64 -19.91 -38.31
CA LYS D 361 -22.70 -18.46 -38.42
C LYS D 361 -22.74 -17.78 -37.07
N LYS D 362 -23.20 -18.46 -36.03
CA LYS D 362 -23.25 -17.86 -34.70
C LYS D 362 -21.83 -17.54 -34.22
N PRO D 363 -21.57 -16.31 -33.76
CA PRO D 363 -20.19 -15.93 -33.42
C PRO D 363 -19.55 -16.81 -32.37
N PHE D 364 -20.31 -17.24 -31.36
CA PHE D 364 -19.73 -18.08 -30.32
C PHE D 364 -19.42 -19.48 -30.83
N ILE D 365 -20.29 -20.03 -31.68
CA ILE D 365 -20.03 -21.34 -32.27
C ILE D 365 -18.83 -21.26 -33.20
N LYS D 366 -18.72 -20.18 -33.97
CA LYS D 366 -17.58 -20.00 -34.86
C LYS D 366 -16.27 -19.91 -34.08
N PHE D 367 -16.29 -19.29 -32.91
CA PHE D 367 -15.10 -19.21 -32.08
C PHE D 367 -14.64 -20.60 -31.64
N ILE D 368 -15.59 -21.45 -31.23
CA ILE D 368 -15.25 -22.80 -30.79
C ILE D 368 -14.72 -23.63 -31.95
N CYS D 369 -15.33 -23.48 -33.13
CA CYS D 369 -14.88 -24.23 -34.30
C CYS D 369 -13.46 -23.85 -34.70
N HIS D 370 -13.16 -22.56 -34.70
CA HIS D 370 -11.81 -22.10 -35.05
C HIS D 370 -10.78 -22.55 -34.02
N THR D 371 -11.16 -22.53 -32.73
CA THR D 371 -10.24 -22.96 -31.68
C THR D 371 -9.91 -24.44 -31.82
N ALA D 372 -10.93 -25.28 -32.06
CA ALA D 372 -10.69 -26.70 -32.21
C ALA D 372 -9.86 -27.00 -33.46
N SER D 373 -10.10 -26.25 -34.54
CA SER D 373 -9.30 -26.41 -35.75
C SER D 373 -7.83 -26.07 -35.48
N TYR D 374 -7.58 -24.98 -34.76
CA TYR D 374 -6.20 -24.65 -34.38
C TYR D 374 -5.64 -25.68 -33.42
N LEU D 375 -6.46 -26.15 -32.48
CA LEU D 375 -5.98 -27.12 -31.49
C LEU D 375 -5.57 -28.43 -32.16
N THR D 376 -6.30 -28.84 -33.19
CA THR D 376 -5.94 -30.05 -33.92
C THR D 376 -4.55 -29.94 -34.53
N PHE D 377 -4.20 -28.73 -34.99
CA PHE D 377 -2.87 -28.51 -35.55
C PHE D 377 -1.77 -28.68 -34.50
N LEU D 378 -2.03 -28.21 -33.27
CA LEU D 378 -0.99 -28.25 -32.24
C LEU D 378 -0.72 -29.67 -31.76
N PHE D 379 -1.78 -30.46 -31.50
CA PHE D 379 -1.57 -31.87 -31.20
C PHE D 379 -0.97 -32.60 -32.39
N MET D 380 -1.17 -32.08 -33.60
CA MET D 380 -0.67 -32.74 -34.79
C MET D 380 0.85 -32.64 -34.89
N LEU D 381 1.38 -31.44 -34.62
CA LEU D 381 2.83 -31.28 -34.51
C LEU D 381 3.39 -32.10 -33.36
N LEU D 382 2.68 -32.14 -32.24
CA LEU D 382 3.11 -32.94 -31.09
C LEU D 382 3.22 -34.42 -31.43
N LEU D 383 2.47 -34.89 -32.43
CA LEU D 383 2.51 -36.28 -32.85
C LEU D 383 3.60 -36.55 -33.88
N ALA D 384 4.26 -35.51 -34.39
CA ALA D 384 5.27 -35.71 -35.42
C ALA D 384 6.50 -36.40 -34.89
N SER D 385 6.92 -36.08 -33.66
CA SER D 385 8.13 -36.64 -33.08
C SER D 385 7.91 -38.01 -32.43
N GLN D 386 6.67 -38.51 -32.42
CA GLN D 386 6.37 -39.82 -31.85
C GLN D 386 5.80 -40.78 -32.88
N HIS D 387 5.96 -40.48 -34.17
CA HIS D 387 5.47 -41.36 -35.23
C HIS D 387 6.48 -41.63 -36.34
N ILE D 388 7.50 -40.80 -36.51
CA ILE D 388 8.46 -40.99 -37.58
C ILE D 388 9.51 -42.01 -37.15
N VAL D 389 9.71 -43.04 -37.98
CA VAL D 389 10.71 -44.05 -37.69
C VAL D 389 12.11 -43.46 -37.86
N ARG D 390 13.08 -44.05 -37.15
CA ARG D 390 14.48 -43.63 -37.20
C ARG D 390 15.14 -43.90 -38.55
N THR D 391 14.40 -44.33 -39.57
CA THR D 391 14.98 -44.54 -40.90
C THR D 391 15.53 -43.24 -41.46
N ASP D 392 14.78 -42.14 -41.32
CA ASP D 392 15.20 -40.86 -41.87
C ASP D 392 16.31 -40.20 -41.07
N LEU D 393 16.82 -40.85 -40.02
CA LEU D 393 17.89 -40.27 -39.21
C LEU D 393 19.14 -40.03 -40.04
N HIS D 394 19.51 -41.01 -40.87
CA HIS D 394 20.72 -40.90 -41.68
C HIS D 394 20.48 -40.32 -43.07
N VAL D 395 19.21 -40.10 -43.44
CA VAL D 395 18.93 -39.54 -44.76
C VAL D 395 19.35 -38.09 -44.80
N GLN D 396 20.25 -37.75 -45.74
CA GLN D 396 20.75 -36.40 -45.86
C GLN D 396 19.63 -35.42 -46.19
N GLY D 397 19.04 -35.57 -47.38
CA GLY D 397 17.87 -34.80 -47.74
C GLY D 397 16.63 -35.67 -47.77
N PRO D 398 15.80 -35.56 -46.74
CA PRO D 398 14.58 -36.37 -46.68
C PRO D 398 13.40 -35.62 -47.28
N PRO D 399 12.52 -36.32 -47.99
CA PRO D 399 11.28 -35.71 -48.43
C PRO D 399 10.35 -35.47 -47.25
N PRO D 400 9.35 -34.61 -47.39
CA PRO D 400 8.37 -34.45 -46.32
C PRO D 400 7.72 -35.78 -45.97
N THR D 401 7.58 -36.03 -44.67
CA THR D 401 7.08 -37.31 -44.20
C THR D 401 5.55 -37.35 -44.33
N VAL D 402 4.94 -38.37 -43.73
CA VAL D 402 3.48 -38.48 -43.77
C VAL D 402 2.85 -37.28 -43.07
N VAL D 403 3.39 -36.89 -41.92
CA VAL D 403 2.83 -35.76 -41.18
C VAL D 403 3.07 -34.45 -41.94
N GLU D 404 4.30 -34.26 -42.42
CA GLU D 404 4.66 -33.00 -43.06
C GLU D 404 3.81 -32.73 -44.29
N TRP D 405 3.56 -33.75 -45.10
CA TRP D 405 2.70 -33.59 -46.26
C TRP D 405 1.26 -33.29 -45.86
N MET D 406 0.79 -33.83 -44.74
CA MET D 406 -0.60 -33.67 -44.35
C MET D 406 -0.83 -32.49 -43.40
N ILE D 407 0.23 -31.78 -43.00
CA ILE D 407 0.11 -30.50 -42.30
C ILE D 407 0.45 -29.33 -43.18
N LEU D 408 0.92 -29.57 -44.40
CA LEU D 408 1.23 -28.47 -45.31
C LEU D 408 0.01 -27.60 -45.64
N PRO D 409 -1.18 -28.15 -45.93
CA PRO D 409 -2.33 -27.26 -46.18
C PRO D 409 -2.68 -26.36 -45.01
N TRP D 410 -2.50 -26.84 -43.77
CA TRP D 410 -2.85 -26.01 -42.62
C TRP D 410 -1.86 -24.87 -42.43
N VAL D 411 -0.61 -25.06 -42.87
CA VAL D 411 0.37 -23.98 -42.82
C VAL D 411 -0.01 -22.87 -43.79
N LEU D 412 -0.41 -23.25 -45.02
CA LEU D 412 -0.80 -22.26 -46.01
C LEU D 412 -2.03 -21.48 -45.57
N GLY D 413 -2.93 -22.11 -44.82
CA GLY D 413 -4.10 -21.41 -44.33
C GLY D 413 -3.75 -20.25 -43.42
N PHE D 414 -2.74 -20.44 -42.57
CA PHE D 414 -2.29 -19.37 -41.70
C PHE D 414 -1.68 -18.22 -42.51
N ILE D 415 -0.88 -18.55 -43.53
CA ILE D 415 -0.27 -17.51 -44.37
C ILE D 415 -1.34 -16.75 -45.14
N TRP D 416 -2.31 -17.48 -45.71
CA TRP D 416 -3.39 -16.82 -46.44
C TRP D 416 -4.24 -15.96 -45.51
N GLY D 417 -4.53 -16.44 -44.31
CA GLY D 417 -5.30 -15.65 -43.37
C GLY D 417 -4.53 -14.42 -42.90
N GLU D 418 -3.21 -14.56 -42.75
CA GLU D 418 -2.39 -13.43 -42.34
C GLU D 418 -2.40 -12.32 -43.39
N ILE D 419 -2.27 -12.68 -44.66
CA ILE D 419 -2.29 -11.69 -45.73
C ILE D 419 -3.66 -11.04 -45.83
N LYS D 420 -4.72 -11.82 -45.61
CA LYS D 420 -6.08 -11.29 -45.74
C LYS D 420 -6.33 -10.15 -44.76
N GLU D 421 -5.89 -10.30 -43.51
CA GLU D 421 -6.10 -9.27 -42.50
C GLU D 421 -4.96 -8.26 -42.44
N MET D 422 -3.86 -8.49 -43.17
CA MET D 422 -2.75 -7.54 -43.17
C MET D 422 -3.12 -6.25 -43.89
N TRP D 423 -3.71 -6.38 -45.09
CA TRP D 423 -4.07 -5.20 -45.88
C TRP D 423 -5.31 -4.50 -45.35
N ASP D 424 -6.19 -5.23 -44.64
CA ASP D 424 -7.40 -4.63 -44.12
C ASP D 424 -7.07 -3.54 -43.10
N GLY D 425 -6.10 -3.79 -42.22
CA GLY D 425 -5.71 -2.83 -41.22
C GLY D 425 -4.62 -1.87 -41.63
N GLY D 426 -3.93 -2.13 -42.74
CA GLY D 426 -2.86 -1.28 -43.20
C GLY D 426 -1.50 -1.78 -42.74
N PHE D 427 -0.70 -0.89 -42.16
CA PHE D 427 0.63 -1.25 -41.70
C PHE D 427 0.85 -0.79 -40.26
N THR D 428 0.14 0.27 -39.85
CA THR D 428 0.26 0.80 -38.50
C THR D 428 -0.67 0.11 -37.51
N GLU D 429 -1.90 -0.22 -37.94
CA GLU D 429 -2.81 -0.96 -37.08
C GLU D 429 -2.29 -2.36 -36.80
N TYR D 430 -1.65 -2.98 -37.81
CA TYR D 430 -1.09 -4.31 -37.63
C TYR D 430 0.03 -4.31 -36.60
N ILE D 431 0.91 -3.31 -36.64
CA ILE D 431 2.07 -3.29 -35.75
C ILE D 431 1.63 -3.15 -34.30
N HIS D 432 0.67 -2.27 -34.03
CA HIS D 432 0.27 -2.01 -32.65
C HIS D 432 -0.63 -3.13 -32.14
N ASP D 433 -0.16 -4.36 -32.25
CA ASP D 433 -0.84 -5.52 -31.67
C ASP D 433 0.24 -6.58 -31.47
N TRP D 434 0.68 -6.75 -30.23
CA TRP D 434 1.82 -7.63 -29.96
C TRP D 434 1.55 -9.09 -30.26
N TRP D 435 0.29 -9.49 -30.44
CA TRP D 435 -0.03 -10.84 -30.84
C TRP D 435 0.09 -11.05 -32.34
N ASN D 436 0.23 -9.97 -33.11
CA ASN D 436 0.45 -10.08 -34.55
C ASN D 436 1.93 -10.16 -34.91
N LEU D 437 2.81 -9.61 -34.06
CA LEU D 437 4.24 -9.78 -34.26
C LEU D 437 4.63 -11.25 -34.12
N MET D 438 4.03 -11.94 -33.14
CA MET D 438 4.27 -13.38 -33.01
C MET D 438 3.76 -14.14 -34.23
N ASP D 439 2.60 -13.73 -34.75
CA ASP D 439 2.04 -14.42 -35.92
C ASP D 439 2.92 -14.25 -37.14
N PHE D 440 3.48 -13.04 -37.33
CA PHE D 440 4.36 -12.81 -38.48
C PHE D 440 5.64 -13.62 -38.38
N ALA D 441 6.26 -13.63 -37.20
CA ALA D 441 7.49 -14.39 -37.01
C ALA D 441 7.24 -15.88 -37.13
N MET D 442 6.10 -16.36 -36.61
CA MET D 442 5.79 -17.79 -36.69
C MET D 442 5.61 -18.23 -38.15
N ASN D 443 4.93 -17.42 -38.96
CA ASN D 443 4.70 -17.78 -40.35
C ASN D 443 5.95 -17.61 -41.20
N SER D 444 6.82 -16.64 -40.87
CA SER D 444 8.07 -16.49 -41.60
C SER D 444 8.97 -17.70 -41.42
N LEU D 445 9.04 -18.23 -40.20
CA LEU D 445 9.86 -19.42 -39.94
C LEU D 445 9.33 -20.63 -40.67
N TYR D 446 8.01 -20.72 -40.87
CA TYR D 446 7.45 -21.83 -41.64
C TYR D 446 7.79 -21.73 -43.12
N LEU D 447 7.89 -20.50 -43.64
CA LEU D 447 8.31 -20.33 -45.03
C LEU D 447 9.77 -20.77 -45.22
N ALA D 448 10.64 -20.38 -44.29
CA ALA D 448 12.05 -20.79 -44.39
C ALA D 448 12.20 -22.29 -44.21
N THR D 449 11.44 -22.89 -43.31
CA THR D 449 11.52 -24.33 -43.08
C THR D 449 11.12 -25.11 -44.32
N ILE D 450 10.01 -24.70 -44.95
CA ILE D 450 9.55 -25.38 -46.15
C ILE D 450 10.55 -25.21 -47.30
N SER D 451 11.03 -23.98 -47.50
CA SER D 451 11.97 -23.71 -48.58
C SER D 451 13.28 -24.45 -48.39
N LEU D 452 13.79 -24.49 -47.15
CA LEU D 452 15.07 -25.13 -46.89
C LEU D 452 14.99 -26.63 -47.08
N LYS D 453 13.82 -27.22 -46.87
CA LYS D 453 13.66 -28.65 -47.12
C LYS D 453 13.68 -28.97 -48.61
N ILE D 454 13.12 -28.09 -49.44
CA ILE D 454 13.14 -28.29 -50.88
C ILE D 454 14.58 -28.25 -51.40
N MET D 455 15.37 -27.29 -50.93
CA MET D 455 16.75 -27.17 -51.37
C MET D 455 17.57 -28.39 -50.98
N ALA D 456 17.37 -28.90 -49.76
CA ALA D 456 18.09 -30.08 -49.32
C ALA D 456 17.64 -31.35 -50.05
N TYR D 457 16.47 -31.30 -50.70
CA TYR D 457 15.97 -32.46 -51.44
C TYR D 457 16.59 -32.61 -52.82
N VAL D 458 17.26 -31.57 -53.33
CA VAL D 458 17.86 -31.62 -54.65
C VAL D 458 19.38 -31.73 -54.61
N LYS D 459 20.03 -31.30 -53.52
CA LYS D 459 21.48 -31.38 -53.40
C LYS D 459 21.94 -32.62 -52.65
N TYR D 460 21.03 -33.49 -52.24
CA TYR D 460 21.40 -34.68 -51.48
C TYR D 460 20.48 -35.83 -51.89
N ASN D 461 21.07 -36.98 -52.13
CA ASN D 461 20.32 -38.18 -52.49
C ASN D 461 20.63 -39.37 -51.60
N GLY D 462 21.88 -39.52 -51.17
CA GLY D 462 22.27 -40.64 -50.35
C GLY D 462 22.00 -40.42 -48.87
N SER D 463 22.39 -41.42 -48.08
CA SER D 463 22.19 -41.41 -46.64
C SER D 463 23.55 -41.55 -45.95
N ARG D 464 23.82 -40.66 -45.00
CA ARG D 464 25.06 -40.70 -44.23
C ARG D 464 24.76 -40.52 -42.76
N PRO D 465 25.57 -41.12 -41.88
CA PRO D 465 25.38 -40.92 -40.44
C PRO D 465 25.53 -39.45 -40.05
N ARG D 466 24.73 -39.03 -39.07
CA ARG D 466 24.70 -37.63 -38.67
C ARG D 466 26.02 -37.20 -38.02
N GLU D 467 26.75 -38.14 -37.42
CA GLU D 467 27.99 -37.77 -36.73
C GLU D 467 29.06 -37.23 -37.67
N GLU D 468 28.95 -37.50 -38.97
CA GLU D 468 29.89 -36.98 -39.96
C GLU D 468 29.24 -35.98 -40.90
N TRP D 469 28.09 -35.43 -40.53
CA TRP D 469 27.44 -34.43 -41.36
C TRP D 469 28.19 -33.10 -41.30
N GLU D 470 27.84 -32.20 -42.22
CA GLU D 470 28.47 -30.89 -42.26
C GLU D 470 28.07 -30.07 -41.04
N MET D 471 28.88 -29.05 -40.76
CA MET D 471 28.63 -28.19 -39.60
C MET D 471 27.33 -27.42 -39.74
N TRP D 472 27.05 -26.91 -40.94
CA TRP D 472 25.86 -26.10 -41.17
C TRP D 472 24.98 -26.74 -42.24
N HIS D 473 24.73 -28.04 -42.09
CA HIS D 473 23.92 -28.77 -43.06
C HIS D 473 22.53 -28.14 -43.16
N PRO D 474 21.99 -27.98 -44.37
CA PRO D 474 20.66 -27.37 -44.51
C PRO D 474 19.56 -28.14 -43.80
N THR D 475 19.65 -29.48 -43.75
CA THR D 475 18.64 -30.24 -43.02
C THR D 475 18.66 -29.93 -41.53
N LEU D 476 19.86 -29.78 -40.95
CA LEU D 476 19.95 -29.40 -39.55
C LEU D 476 19.37 -28.02 -39.30
N ILE D 477 19.62 -27.08 -40.22
CA ILE D 477 19.13 -25.71 -40.04
C ILE D 477 17.61 -25.68 -40.05
N ALA D 478 17.00 -26.43 -40.97
CA ALA D 478 15.54 -26.47 -41.06
C ALA D 478 14.92 -27.05 -39.79
N GLU D 479 15.55 -28.07 -39.22
CA GLU D 479 15.03 -28.67 -38.00
C GLU D 479 15.04 -27.67 -36.84
N ALA D 480 16.09 -26.85 -36.75
CA ALA D 480 16.14 -25.83 -35.71
C ALA D 480 15.05 -24.78 -35.90
N LEU D 481 14.83 -24.34 -37.14
CA LEU D 481 13.80 -23.34 -37.39
C LEU D 481 12.41 -23.90 -37.15
N PHE D 482 12.19 -25.17 -37.49
CA PHE D 482 10.89 -25.79 -37.26
C PHE D 482 10.56 -25.88 -35.78
N ALA D 483 11.56 -26.22 -34.96
CA ALA D 483 11.34 -26.35 -33.52
C ALA D 483 11.04 -25.00 -32.88
N ILE D 484 11.69 -23.93 -33.34
CA ILE D 484 11.44 -22.61 -32.78
C ILE D 484 10.00 -22.18 -33.04
N SER D 485 9.50 -22.41 -34.26
CA SER D 485 8.13 -22.06 -34.59
C SER D 485 7.12 -22.90 -33.82
N ASN D 486 7.51 -24.10 -33.37
CA ASN D 486 6.61 -24.90 -32.54
C ASN D 486 6.39 -24.25 -31.18
N ILE D 487 7.42 -23.59 -30.64
CA ILE D 487 7.25 -22.86 -29.39
C ILE D 487 6.30 -21.69 -29.57
N LEU D 488 6.46 -20.96 -30.68
CA LEU D 488 5.61 -19.80 -30.93
C LEU D 488 4.17 -20.20 -31.18
N SER D 489 3.95 -21.33 -31.85
CA SER D 489 2.59 -21.79 -32.11
C SER D 489 1.86 -22.11 -30.81
N SER D 490 2.53 -22.77 -29.88
CA SER D 490 1.90 -23.12 -28.61
C SER D 490 1.71 -21.91 -27.71
N LEU D 491 2.63 -20.94 -27.78
CA LEU D 491 2.49 -19.72 -26.99
C LEU D 491 1.31 -18.88 -27.44
N ARG D 492 0.82 -19.09 -28.66
CA ARG D 492 -0.32 -18.35 -29.17
C ARG D 492 -1.62 -18.71 -28.46
N LEU D 493 -1.67 -19.88 -27.80
CA LEU D 493 -2.86 -20.28 -27.06
C LEU D 493 -3.15 -19.37 -25.87
N ILE D 494 -2.16 -18.56 -25.45
CA ILE D 494 -2.37 -17.67 -24.31
C ILE D 494 -3.41 -16.60 -24.66
N SER D 495 -3.45 -16.16 -25.92
CA SER D 495 -4.42 -15.14 -26.31
C SER D 495 -5.85 -15.62 -26.16
N LEU D 496 -6.08 -16.93 -26.20
CA LEU D 496 -7.42 -17.48 -26.00
C LEU D 496 -7.92 -17.30 -24.57
N PHE D 497 -7.05 -16.89 -23.65
CA PHE D 497 -7.45 -16.69 -22.26
C PHE D 497 -8.38 -15.50 -22.10
N THR D 498 -8.40 -14.59 -23.08
CA THR D 498 -9.24 -13.40 -22.99
C THR D 498 -10.72 -13.75 -22.95
N ALA D 499 -11.11 -14.84 -23.61
CA ALA D 499 -12.51 -15.25 -23.65
C ALA D 499 -13.01 -15.78 -22.31
N ASN D 500 -12.11 -16.08 -21.37
CA ASN D 500 -12.48 -16.67 -20.10
C ASN D 500 -12.57 -15.59 -19.04
N SER D 501 -13.58 -15.69 -18.17
CA SER D 501 -13.80 -14.70 -17.13
C SER D 501 -12.90 -14.88 -15.92
N HIS D 502 -12.23 -16.03 -15.80
CA HIS D 502 -11.32 -16.29 -14.70
C HIS D 502 -9.87 -16.02 -15.06
N LEU D 503 -9.42 -16.51 -16.22
CA LEU D 503 -8.05 -16.31 -16.68
C LEU D 503 -7.89 -15.07 -17.55
N GLY D 504 -8.99 -14.42 -17.92
CA GLY D 504 -8.94 -13.26 -18.79
C GLY D 504 -8.28 -12.05 -18.16
N PRO D 505 -8.82 -11.56 -17.06
CA PRO D 505 -8.20 -10.39 -16.40
C PRO D 505 -6.78 -10.64 -15.94
N LEU D 506 -6.41 -11.89 -15.63
CA LEU D 506 -5.03 -12.18 -15.25
C LEU D 506 -4.10 -12.14 -16.45
N GLN D 507 -4.55 -12.68 -17.59
CA GLN D 507 -3.73 -12.64 -18.79
C GLN D 507 -3.52 -11.21 -19.27
N ILE D 508 -4.55 -10.38 -19.18
CA ILE D 508 -4.43 -8.98 -19.56
C ILE D 508 -3.49 -8.25 -18.61
N SER D 509 -3.53 -8.60 -17.32
CA SER D 509 -2.65 -7.96 -16.35
C SER D 509 -1.18 -8.26 -16.63
N LEU D 510 -0.87 -9.51 -16.99
CA LEU D 510 0.51 -9.89 -17.21
C LEU D 510 1.15 -9.09 -18.34
N GLY D 511 0.41 -8.90 -19.44
CA GLY D 511 0.95 -8.16 -20.57
C GLY D 511 0.95 -6.66 -20.40
N ARG D 512 0.16 -6.15 -19.45
CA ARG D 512 0.01 -4.70 -19.28
C ARG D 512 1.25 -4.03 -18.73
N MET D 513 2.24 -4.80 -18.24
CA MET D 513 3.43 -4.22 -17.67
C MET D 513 4.72 -4.94 -18.10
N LEU D 514 4.64 -5.75 -19.16
CA LEU D 514 5.86 -6.25 -19.78
C LEU D 514 6.73 -5.12 -20.33
N LEU D 515 6.13 -3.96 -20.62
CA LEU D 515 6.90 -2.81 -21.05
C LEU D 515 7.83 -2.31 -19.94
N ASP D 516 7.38 -2.38 -18.69
CA ASP D 516 8.23 -2.00 -17.57
C ASP D 516 9.41 -2.96 -17.43
N ILE D 517 9.21 -4.25 -17.73
CA ILE D 517 10.30 -5.19 -17.74
C ILE D 517 11.33 -4.82 -18.81
N LEU D 518 10.86 -4.42 -19.99
CA LEU D 518 11.77 -4.09 -21.09
C LEU D 518 12.66 -2.91 -20.73
N LYS D 519 12.10 -1.89 -20.07
CA LYS D 519 12.91 -0.75 -19.63
C LYS D 519 13.96 -1.20 -18.63
N PHE D 520 13.59 -2.07 -17.70
CA PHE D 520 14.55 -2.56 -16.70
C PHE D 520 15.65 -3.40 -17.34
N LEU D 521 15.28 -4.25 -18.31
CA LEU D 521 16.24 -5.13 -18.95
C LEU D 521 17.28 -4.37 -19.76
N PHE D 522 17.01 -3.12 -20.12
CA PHE D 522 18.00 -2.31 -20.82
C PHE D 522 19.08 -1.80 -19.87
N ILE D 523 18.73 -1.52 -18.62
CA ILE D 523 19.72 -1.14 -17.63
C ILE D 523 20.61 -2.33 -17.28
N TYR D 524 20.01 -3.51 -17.15
CA TYR D 524 20.79 -4.71 -16.81
C TYR D 524 21.78 -5.06 -17.92
N CYS D 525 21.37 -4.91 -19.18
CA CYS D 525 22.26 -5.26 -20.29
C CYS D 525 23.50 -4.38 -20.32
N LEU D 526 23.41 -3.17 -19.81
CA LEU D 526 24.59 -2.31 -19.75
C LEU D 526 25.51 -2.71 -18.61
N VAL D 527 24.96 -3.16 -17.48
CA VAL D 527 25.78 -3.69 -16.40
C VAL D 527 26.45 -5.00 -16.83
N LEU D 528 25.71 -5.83 -17.57
CA LEU D 528 26.28 -7.08 -18.09
C LEU D 528 27.44 -6.80 -19.03
N LEU D 529 27.29 -5.81 -19.91
CA LEU D 529 28.36 -5.48 -20.86
C LEU D 529 29.58 -4.90 -20.15
N ALA D 530 29.37 -4.15 -19.07
CA ALA D 530 30.49 -3.55 -18.35
C ALA D 530 31.37 -4.61 -17.70
N PHE D 531 30.76 -5.58 -17.02
CA PHE D 531 31.52 -6.61 -16.32
C PHE D 531 32.07 -7.67 -17.28
N ALA D 532 31.37 -7.94 -18.38
CA ALA D 532 31.92 -8.84 -19.40
C ALA D 532 33.14 -8.26 -20.07
N ASN D 533 33.29 -6.94 -20.06
CA ASN D 533 34.48 -6.31 -20.63
C ASN D 533 35.71 -6.57 -19.77
N GLY D 534 35.58 -6.39 -18.46
CA GLY D 534 36.72 -6.61 -17.58
C GLY D 534 37.15 -8.06 -17.51
N LEU D 535 36.18 -8.99 -17.40
CA LEU D 535 36.53 -10.40 -17.29
C LEU D 535 37.22 -10.91 -18.56
N ASN D 536 36.75 -10.48 -19.74
CA ASN D 536 37.41 -10.88 -20.97
C ASN D 536 38.76 -10.21 -21.13
N GLN D 537 38.89 -8.96 -20.68
CA GLN D 537 40.17 -8.25 -20.75
C GLN D 537 41.22 -8.85 -19.83
N LEU D 538 40.80 -9.65 -18.85
CA LEU D 538 41.71 -10.24 -17.87
C LEU D 538 42.01 -11.70 -18.13
N TYR D 539 41.12 -12.42 -18.83
CA TYR D 539 41.22 -13.87 -18.95
C TYR D 539 41.55 -14.35 -20.35
N PHE D 540 41.60 -13.48 -21.35
CA PHE D 540 41.81 -13.93 -22.72
C PHE D 540 43.23 -14.41 -22.97
N TYR D 541 44.19 -14.09 -22.10
CA TYR D 541 45.55 -14.57 -22.28
C TYR D 541 45.64 -16.09 -22.11
N TYR D 542 44.73 -16.68 -21.34
CA TYR D 542 44.82 -18.08 -20.94
C TYR D 542 43.87 -18.98 -21.71
N GLU D 543 43.43 -18.57 -22.89
CA GLU D 543 42.56 -19.40 -23.70
C GLU D 543 43.30 -20.65 -24.16
N THR D 544 42.64 -21.80 -24.05
CA THR D 544 43.22 -23.08 -24.40
C THR D 544 42.43 -23.72 -25.54
N ARG D 545 43.12 -24.54 -26.32
CA ARG D 545 42.49 -25.23 -27.43
C ARG D 545 41.60 -26.37 -26.94
N ALA D 546 40.64 -26.76 -27.78
CA ALA D 546 39.77 -27.88 -27.45
C ALA D 546 40.54 -29.19 -27.36
N ILE D 547 41.70 -29.27 -28.01
CA ILE D 547 42.51 -30.48 -27.94
C ILE D 547 42.99 -30.72 -26.52
N ASP D 548 43.43 -29.67 -25.82
CA ASP D 548 43.99 -29.81 -24.48
C ASP D 548 42.94 -30.07 -23.41
N GLU D 549 41.65 -29.88 -23.72
CA GLU D 549 40.61 -30.15 -22.74
C GLU D 549 40.28 -31.64 -22.73
N PRO D 550 39.75 -32.15 -21.60
CA PRO D 550 39.65 -33.61 -21.43
C PRO D 550 38.88 -34.35 -22.51
N ASN D 551 37.59 -34.08 -22.67
CA ASN D 551 36.79 -34.75 -23.69
C ASN D 551 36.63 -33.89 -24.94
N ASN D 552 37.74 -33.35 -25.44
CA ASN D 552 37.73 -32.46 -26.60
C ASN D 552 36.58 -31.45 -26.55
N CYS D 553 36.28 -30.92 -25.36
CA CYS D 553 35.14 -30.05 -25.16
C CYS D 553 35.62 -28.70 -24.64
N LYS D 554 35.19 -27.62 -25.30
CA LYS D 554 35.57 -26.27 -24.93
C LYS D 554 34.32 -25.45 -24.69
N GLY D 555 34.27 -24.76 -23.56
CA GLY D 555 33.16 -23.90 -23.21
C GLY D 555 32.51 -24.29 -21.90
N ILE D 556 31.42 -23.60 -21.59
CA ILE D 556 30.70 -23.82 -20.33
C ILE D 556 29.58 -24.83 -20.46
N ARG D 557 29.42 -25.45 -21.63
CA ARG D 557 28.39 -26.46 -21.84
C ARG D 557 28.94 -27.87 -21.67
N CYS D 558 30.16 -28.00 -21.14
CA CYS D 558 30.79 -29.28 -20.91
C CYS D 558 30.56 -29.74 -19.48
N GLU D 559 30.89 -31.00 -19.23
CA GLU D 559 30.80 -31.54 -17.87
C GLU D 559 31.75 -30.82 -16.94
N LYS D 560 32.97 -30.56 -17.39
CA LYS D 560 33.93 -29.73 -16.69
C LYS D 560 34.02 -28.40 -17.44
N GLN D 561 33.45 -27.35 -16.86
CA GLN D 561 33.39 -26.06 -17.53
C GLN D 561 34.77 -25.45 -17.64
N ASN D 562 35.05 -24.84 -18.78
CA ASN D 562 36.34 -24.24 -19.04
C ASN D 562 36.17 -23.10 -20.03
N ASN D 563 37.19 -22.24 -20.11
CA ASN D 563 37.22 -21.12 -21.05
C ASN D 563 35.98 -20.26 -20.92
N ALA D 564 35.60 -19.95 -19.67
CA ALA D 564 34.38 -19.18 -19.43
C ALA D 564 34.52 -17.73 -19.90
N PHE D 565 35.70 -17.14 -19.77
CA PHE D 565 35.92 -15.75 -20.09
C PHE D 565 36.98 -15.57 -21.17
N SER D 566 37.14 -16.58 -22.04
CA SER D 566 38.19 -16.53 -23.04
C SER D 566 37.87 -15.52 -24.15
N THR D 567 36.62 -15.53 -24.62
CA THR D 567 36.17 -14.60 -25.65
C THR D 567 34.99 -13.80 -25.13
N LEU D 568 34.71 -12.68 -25.82
CA LEU D 568 33.60 -11.82 -25.41
C LEU D 568 32.25 -12.49 -25.60
N PHE D 569 32.11 -13.27 -26.68
CA PHE D 569 30.85 -13.98 -26.91
C PHE D 569 30.62 -15.03 -25.84
N GLU D 570 31.67 -15.75 -25.44
CA GLU D 570 31.53 -16.73 -24.37
C GLU D 570 31.32 -16.05 -23.02
N THR D 571 31.97 -14.91 -22.79
CA THR D 571 31.86 -14.23 -21.52
C THR D 571 30.44 -13.72 -21.27
N LEU D 572 29.76 -13.27 -22.33
CA LEU D 572 28.39 -12.79 -22.19
C LEU D 572 27.44 -13.92 -21.83
N GLN D 573 27.67 -15.13 -22.34
CA GLN D 573 26.85 -16.27 -21.98
C GLN D 573 27.13 -16.74 -20.56
N SER D 574 28.39 -16.67 -20.13
CA SER D 574 28.75 -17.12 -18.79
C SER D 574 28.07 -16.27 -17.72
N LEU D 575 28.03 -14.96 -17.91
CA LEU D 575 27.38 -14.09 -16.93
C LEU D 575 25.87 -14.19 -16.98
N PHE D 576 25.30 -14.64 -18.10
CA PHE D 576 23.86 -14.90 -18.15
C PHE D 576 23.49 -16.12 -17.31
N TRP D 577 24.25 -17.21 -17.47
CA TRP D 577 23.94 -18.44 -16.75
C TRP D 577 24.25 -18.35 -15.27
N SER D 578 25.05 -17.38 -14.85
CA SER D 578 25.31 -17.19 -13.43
C SER D 578 24.13 -16.54 -12.71
N VAL D 579 23.19 -15.95 -13.44
CA VAL D 579 21.96 -15.44 -12.84
C VAL D 579 21.15 -16.59 -12.26
N PHE D 580 21.17 -17.75 -12.92
CA PHE D 580 20.45 -18.92 -12.48
C PHE D 580 21.35 -19.90 -11.71
N GLY D 581 22.58 -19.51 -11.41
CA GLY D 581 23.48 -20.34 -10.64
C GLY D 581 24.05 -21.53 -11.36
N LEU D 582 24.12 -21.48 -12.69
CA LEU D 582 24.56 -22.62 -13.48
C LEU D 582 26.02 -22.51 -13.91
N LEU D 583 26.76 -21.54 -13.40
CA LEU D 583 28.19 -21.40 -13.67
C LEU D 583 28.96 -21.73 -12.39
N ASN D 584 29.82 -22.74 -12.46
CA ASN D 584 30.58 -23.16 -11.29
C ASN D 584 31.70 -22.18 -10.99
N LEU D 585 32.14 -22.17 -9.73
CA LEU D 585 33.12 -21.20 -9.27
C LEU D 585 34.53 -21.50 -9.74
N TYR D 586 34.83 -22.73 -10.16
CA TYR D 586 36.20 -23.06 -10.58
C TYR D 586 36.55 -22.51 -11.95
N VAL D 587 35.59 -21.91 -12.66
CA VAL D 587 35.89 -21.27 -13.94
C VAL D 587 36.73 -20.01 -13.77
N THR D 588 36.86 -19.49 -12.56
CA THR D 588 37.73 -18.36 -12.27
C THR D 588 39.17 -18.78 -12.05
N ASN D 589 39.50 -20.03 -12.32
CA ASN D 589 40.83 -20.59 -12.10
C ASN D 589 41.47 -20.91 -13.45
N VAL D 590 42.77 -20.63 -13.58
CA VAL D 590 43.49 -20.88 -14.81
C VAL D 590 44.72 -21.73 -14.48
N LYS D 591 45.25 -22.37 -15.53
CA LYS D 591 46.33 -23.33 -15.36
C LYS D 591 47.63 -22.70 -14.88
N ALA D 592 47.84 -21.41 -15.17
CA ALA D 592 49.07 -20.75 -14.72
C ALA D 592 49.14 -20.60 -13.22
N ARG D 593 48.00 -20.67 -12.52
CA ARG D 593 47.93 -20.61 -11.06
C ARG D 593 48.51 -19.31 -10.52
N HIS D 594 48.33 -18.20 -11.25
CA HIS D 594 48.74 -16.89 -10.76
C HIS D 594 47.67 -16.39 -9.80
N GLU D 595 48.00 -16.38 -8.50
CA GLU D 595 46.99 -16.17 -7.47
C GLU D 595 46.40 -14.76 -7.53
N PHE D 596 47.19 -13.78 -7.96
CA PHE D 596 46.70 -12.40 -7.97
C PHE D 596 45.62 -12.21 -9.01
N THR D 597 45.85 -12.67 -10.25
CA THR D 597 44.87 -12.48 -11.30
C THR D 597 43.62 -13.32 -11.08
N GLU D 598 43.79 -14.52 -10.52
CA GLU D 598 42.63 -15.37 -10.25
C GLU D 598 41.74 -14.78 -9.16
N PHE D 599 42.35 -14.17 -8.13
CA PHE D 599 41.56 -13.52 -7.09
C PHE D 599 40.84 -12.29 -7.63
N VAL D 600 41.50 -11.52 -8.49
CA VAL D 600 40.87 -10.33 -9.08
C VAL D 600 39.67 -10.74 -9.93
N GLY D 601 39.82 -11.78 -10.74
CA GLY D 601 38.71 -12.23 -11.57
C GLY D 601 37.53 -12.72 -10.74
N ALA D 602 37.81 -13.41 -9.64
CA ALA D 602 36.73 -13.88 -8.76
C ALA D 602 36.05 -12.71 -8.04
N THR D 603 36.80 -11.62 -7.80
CA THR D 603 36.20 -10.46 -7.15
C THR D 603 35.31 -9.68 -8.12
N MET D 604 35.71 -9.58 -9.39
CA MET D 604 34.84 -8.98 -10.39
C MET D 604 33.61 -9.84 -10.65
N PHE D 605 33.79 -11.17 -10.63
CA PHE D 605 32.65 -12.07 -10.75
C PHE D 605 31.73 -11.95 -9.54
N GLY D 606 32.30 -11.82 -8.34
CA GLY D 606 31.48 -11.67 -7.14
C GLY D 606 30.74 -10.35 -7.09
N THR D 607 31.39 -9.27 -7.54
CA THR D 607 30.74 -7.97 -7.57
C THR D 607 29.56 -7.97 -8.53
N TYR D 608 29.70 -8.66 -9.67
CA TYR D 608 28.59 -8.75 -10.61
C TYR D 608 27.41 -9.50 -10.00
N ASN D 609 27.68 -10.55 -9.22
CA ASN D 609 26.60 -11.29 -8.58
C ASN D 609 25.84 -10.44 -7.56
N VAL D 610 26.56 -9.61 -6.81
CA VAL D 610 25.90 -8.75 -5.83
C VAL D 610 25.02 -7.72 -6.52
N ILE D 611 25.51 -7.11 -7.60
CA ILE D 611 24.74 -6.08 -8.29
C ILE D 611 23.51 -6.69 -8.94
N SER D 612 23.65 -7.87 -9.53
CA SER D 612 22.54 -8.49 -10.27
C SER D 612 21.55 -9.17 -9.33
N LEU D 613 22.03 -10.10 -8.51
CA LEU D 613 21.16 -11.00 -7.77
C LEU D 613 20.74 -10.46 -6.41
N VAL D 614 21.24 -9.31 -5.98
CA VAL D 614 20.90 -8.77 -4.67
C VAL D 614 20.33 -7.37 -4.81
N VAL D 615 20.72 -6.66 -5.87
CA VAL D 615 20.36 -5.25 -6.05
C VAL D 615 19.39 -5.07 -7.21
N LEU D 616 19.78 -5.51 -8.42
CA LEU D 616 18.95 -5.28 -9.60
C LEU D 616 17.68 -6.12 -9.57
N LEU D 617 17.79 -7.41 -9.23
CA LEU D 617 16.61 -8.26 -9.21
C LEU D 617 15.66 -7.90 -8.09
N ASN D 618 16.17 -7.37 -6.98
CA ASN D 618 15.29 -6.87 -5.93
C ASN D 618 14.66 -5.53 -6.31
N MET D 619 15.36 -4.72 -7.12
CA MET D 619 14.74 -3.54 -7.69
C MET D 619 13.55 -3.93 -8.56
N LEU D 620 13.71 -4.98 -9.38
CA LEU D 620 12.64 -5.40 -10.27
C LEU D 620 11.39 -5.81 -9.50
N ILE D 621 11.58 -6.53 -8.38
CA ILE D 621 10.44 -6.95 -7.56
C ILE D 621 9.72 -5.73 -7.00
N ALA D 622 10.47 -4.69 -6.63
CA ALA D 622 9.88 -3.51 -5.99
C ALA D 622 8.95 -2.77 -6.96
N MET D 623 9.43 -2.47 -8.16
CA MET D 623 8.60 -1.74 -9.11
C MET D 623 7.52 -2.62 -9.73
N MET D 624 7.72 -3.94 -9.74
CA MET D 624 6.73 -4.86 -10.26
C MET D 624 5.55 -4.98 -9.30
N ASN D 625 5.81 -4.80 -8.01
CA ASN D 625 4.76 -4.76 -7.00
C ASN D 625 3.98 -3.45 -7.07
N ASN D 626 4.69 -2.34 -7.25
CA ASN D 626 4.02 -1.03 -7.32
C ASN D 626 3.14 -0.93 -8.55
N SER D 627 3.60 -1.45 -9.69
CA SER D 627 2.81 -1.39 -10.91
C SER D 627 1.53 -2.22 -10.78
N TYR D 628 1.63 -3.38 -10.12
CA TYR D 628 0.48 -4.28 -10.03
C TYR D 628 -0.66 -3.65 -9.22
N GLN D 629 -0.34 -2.82 -8.22
CA GLN D 629 -1.37 -2.18 -7.43
C GLN D 629 -2.20 -1.23 -8.28
N LEU D 630 -1.54 -0.43 -9.13
CA LEU D 630 -2.28 0.49 -9.99
C LEU D 630 -3.07 -0.25 -11.06
N ILE D 631 -2.50 -1.33 -11.61
CA ILE D 631 -3.15 -2.07 -12.68
C ILE D 631 -4.37 -2.80 -12.17
N ALA D 632 -4.30 -3.35 -10.96
CA ALA D 632 -5.38 -4.20 -10.44
C ALA D 632 -6.69 -3.45 -10.30
N ASP D 633 -6.64 -2.12 -10.11
CA ASP D 633 -7.87 -1.35 -10.00
C ASP D 633 -8.62 -1.31 -11.32
N HIS D 634 -7.91 -1.20 -12.44
CA HIS D 634 -8.51 -1.05 -13.75
C HIS D 634 -8.57 -2.37 -14.52
N ALA D 635 -8.32 -3.50 -13.85
CA ALA D 635 -8.19 -4.78 -14.56
C ALA D 635 -9.50 -5.19 -15.24
N ASP D 636 -10.63 -5.01 -14.55
CA ASP D 636 -11.91 -5.45 -15.11
C ASP D 636 -12.27 -4.67 -16.36
N ILE D 637 -12.04 -3.35 -16.35
CA ILE D 637 -12.35 -2.53 -17.52
C ILE D 637 -11.41 -2.88 -18.67
N GLU D 638 -10.13 -3.12 -18.37
CA GLU D 638 -9.16 -3.45 -19.41
C GLU D 638 -9.49 -4.79 -20.06
N TRP D 639 -9.89 -5.79 -19.27
CA TRP D 639 -10.20 -7.10 -19.82
C TRP D 639 -11.45 -7.05 -20.71
N LYS D 640 -12.49 -6.33 -20.26
CA LYS D 640 -13.72 -6.26 -21.03
C LYS D 640 -13.52 -5.54 -22.35
N PHE D 641 -12.64 -4.55 -22.39
CA PHE D 641 -12.29 -3.91 -23.66
C PHE D 641 -11.61 -4.89 -24.61
N ALA D 642 -10.73 -5.73 -24.07
CA ALA D 642 -10.02 -6.71 -24.89
C ALA D 642 -10.96 -7.83 -25.36
N ARG D 643 -11.87 -8.27 -24.49
CA ARG D 643 -12.82 -9.31 -24.90
C ARG D 643 -13.78 -8.81 -25.96
N THR D 644 -14.12 -7.52 -25.92
CA THR D 644 -15.00 -6.95 -26.94
C THR D 644 -14.36 -7.04 -28.32
N LYS D 645 -13.07 -6.72 -28.42
CA LYS D 645 -12.37 -6.82 -29.70
C LYS D 645 -12.33 -8.25 -30.20
N LEU D 646 -12.20 -9.22 -29.27
CA LEU D 646 -12.26 -10.63 -29.66
C LEU D 646 -13.63 -11.00 -30.21
N TRP D 647 -14.70 -10.53 -29.57
CA TRP D 647 -16.05 -10.90 -30.00
C TRP D 647 -16.38 -10.32 -31.37
N MET D 648 -16.06 -9.04 -31.58
CA MET D 648 -16.39 -8.39 -32.85
C MET D 648 -15.63 -8.97 -34.03
N SER D 649 -14.51 -9.66 -33.78
CA SER D 649 -13.77 -10.28 -34.87
C SER D 649 -14.49 -11.49 -35.44
N TYR D 650 -15.46 -12.04 -34.71
CA TYR D 650 -16.25 -13.17 -35.18
C TYR D 650 -17.63 -12.77 -35.65
N PHE D 651 -17.97 -11.47 -35.60
CA PHE D 651 -19.25 -11.01 -36.12
C PHE D 651 -19.25 -10.93 -37.64
N ASP D 652 -18.11 -10.61 -38.25
CA ASP D 652 -18.03 -10.44 -39.69
C ASP D 652 -18.14 -11.78 -40.41
N GLU D 653 -18.64 -11.72 -41.65
CA GLU D 653 -18.77 -12.94 -42.45
C GLU D 653 -17.43 -13.40 -43.01
N GLY D 654 -16.51 -12.47 -43.27
CA GLY D 654 -15.22 -12.81 -43.82
C GLY D 654 -14.40 -13.74 -42.94
N GLY D 655 -13.82 -14.76 -43.55
CA GLY D 655 -13.03 -15.73 -42.82
C GLY D 655 -13.82 -16.59 -41.85
N THR D 656 -15.02 -16.99 -42.23
CA THR D 656 -15.82 -17.87 -41.38
C THR D 656 -15.20 -19.26 -41.29
N LEU D 657 -14.68 -19.77 -42.40
CA LEU D 657 -14.12 -21.12 -42.43
C LEU D 657 -12.75 -21.14 -41.75
N PRO D 658 -12.40 -22.25 -41.11
CA PRO D 658 -11.09 -22.37 -40.45
C PRO D 658 -9.97 -22.45 -41.47
N PRO D 659 -8.72 -22.23 -41.05
CA PRO D 659 -7.59 -22.23 -41.98
C PRO D 659 -7.46 -23.53 -42.77
N PRO D 660 -7.75 -24.70 -42.19
CA PRO D 660 -7.71 -25.92 -43.02
C PRO D 660 -8.64 -25.87 -44.22
N PHE D 661 -9.75 -25.14 -44.15
CA PHE D 661 -10.68 -25.04 -45.26
C PHE D 661 -10.71 -23.67 -45.92
N ASN D 662 -10.09 -22.65 -45.32
CA ASN D 662 -10.18 -21.30 -45.87
C ASN D 662 -9.34 -21.11 -47.13
N ILE D 663 -8.47 -22.05 -47.48
CA ILE D 663 -7.67 -21.91 -48.70
C ILE D 663 -8.45 -22.33 -49.94
N ILE D 664 -9.52 -23.07 -49.79
CA ILE D 664 -10.31 -23.50 -50.96
C ILE D 664 -11.04 -22.30 -51.54
N PRO D 665 -10.87 -22.00 -52.84
CA PRO D 665 -11.56 -20.88 -53.48
C PRO D 665 -12.99 -21.23 -53.90
N ASN D 703 -28.52 8.30 -49.50
CA ASN D 703 -29.64 7.37 -49.59
C ASN D 703 -30.90 7.95 -48.95
N ALA D 704 -32.06 7.47 -49.37
CA ALA D 704 -33.31 7.95 -48.81
C ALA D 704 -33.47 7.55 -47.35
N ASP D 705 -33.05 6.33 -47.00
CA ASP D 705 -33.23 5.85 -45.64
C ASP D 705 -32.33 6.59 -44.65
N SER D 706 -31.17 7.07 -45.10
CA SER D 706 -30.24 7.73 -44.19
C SER D 706 -30.81 9.01 -43.60
N LEU D 707 -31.81 9.61 -44.26
CA LEU D 707 -32.45 10.79 -43.70
C LEU D 707 -33.26 10.45 -42.46
N ILE D 708 -33.98 9.32 -42.49
CA ILE D 708 -34.81 8.93 -41.35
C ILE D 708 -33.95 8.51 -40.17
N GLN D 709 -32.87 7.78 -40.44
CA GLN D 709 -32.01 7.31 -39.35
C GLN D 709 -31.39 8.47 -38.57
N ASN D 710 -30.99 9.52 -39.27
CA ASN D 710 -30.45 10.70 -38.60
C ASN D 710 -31.50 11.38 -37.74
N GLN D 711 -32.75 11.42 -38.22
CA GLN D 711 -33.82 12.01 -37.44
C GLN D 711 -34.10 11.23 -36.16
N HIS D 712 -34.06 9.89 -36.25
CA HIS D 712 -34.27 9.05 -35.07
C HIS D 712 -33.15 9.23 -34.06
N TYR D 713 -31.91 9.36 -34.54
CA TYR D 713 -30.77 9.55 -33.65
C TYR D 713 -30.86 10.88 -32.92
N GLN D 714 -31.26 11.95 -33.62
CA GLN D 714 -31.34 13.26 -32.99
C GLN D 714 -32.43 13.30 -31.92
N GLU D 715 -33.54 12.59 -32.14
CA GLU D 715 -34.62 12.57 -31.15
C GLU D 715 -34.17 11.91 -29.86
N VAL D 716 -33.43 10.80 -29.95
CA VAL D 716 -32.94 10.12 -28.76
C VAL D 716 -31.88 10.97 -28.07
N ILE D 717 -31.04 11.65 -28.85
CA ILE D 717 -30.00 12.50 -28.27
C ILE D 717 -30.63 13.64 -27.49
N ARG D 718 -31.74 14.19 -27.98
CA ARG D 718 -32.43 15.27 -27.28
C ARG D 718 -32.92 14.81 -25.91
N ASN D 719 -33.47 13.59 -25.83
CA ASN D 719 -33.95 13.07 -24.56
C ASN D 719 -32.81 12.76 -23.61
N LEU D 720 -31.71 12.20 -24.13
CA LEU D 720 -30.56 11.90 -23.29
C LEU D 720 -29.96 13.16 -22.68
N VAL D 721 -29.84 14.22 -23.47
CA VAL D 721 -29.27 15.47 -22.98
C VAL D 721 -30.19 16.10 -21.94
N LYS D 722 -31.50 16.07 -22.19
CA LYS D 722 -32.46 16.66 -21.26
C LYS D 722 -32.43 15.96 -19.91
N ARG D 723 -32.34 14.63 -19.91
CA ARG D 723 -32.23 13.89 -18.66
C ARG D 723 -30.90 14.18 -17.97
N TYR D 724 -29.82 14.28 -18.74
CA TYR D 724 -28.51 14.53 -18.16
C TYR D 724 -28.43 15.93 -17.54
N VAL D 725 -29.00 16.93 -18.21
CA VAL D 725 -28.97 18.29 -17.69
C VAL D 725 -29.79 18.40 -16.41
N ALA D 726 -30.96 17.78 -16.38
CA ALA D 726 -31.80 17.83 -15.18
C ALA D 726 -31.11 17.15 -14.00
N ALA D 727 -30.46 16.01 -14.24
CA ALA D 727 -29.74 15.34 -13.16
C ALA D 727 -28.53 16.15 -12.71
N MET D 728 -27.80 16.76 -13.67
CA MET D 728 -26.62 17.53 -13.31
C MET D 728 -26.99 18.78 -12.53
N ILE D 729 -28.06 19.47 -12.94
CA ILE D 729 -28.50 20.66 -12.22
C ILE D 729 -28.93 20.31 -10.79
N ARG D 730 -29.68 19.21 -10.64
CA ARG D 730 -30.10 18.78 -9.32
C ARG D 730 -28.90 18.41 -8.45
N ASN D 731 -27.93 17.70 -9.02
CA ASN D 731 -26.75 17.30 -8.25
C ASN D 731 -25.80 18.46 -8.00
N SER D 732 -25.97 19.60 -8.68
CA SER D 732 -25.12 20.75 -8.44
C SER D 732 -25.46 21.48 -7.14
N LYS D 733 -26.63 21.22 -6.58
CA LYS D 733 -27.00 21.82 -5.30
C LYS D 733 -26.11 21.28 -4.20
N THR D 734 -25.73 22.16 -3.26
CA THR D 734 -24.83 21.79 -2.18
C THR D 734 -25.19 22.57 -0.93
N HIS D 735 -24.83 22.01 0.22
CA HIS D 735 -25.06 22.69 1.49
C HIS D 735 -24.26 23.98 1.57
N GLU D 736 -23.01 23.95 1.10
CA GLU D 736 -22.15 25.13 1.10
C GLU D 736 -22.51 26.13 0.01
N GLY D 737 -23.59 25.90 -0.72
CA GLY D 737 -24.08 26.87 -1.68
C GLY D 737 -25.49 27.31 -1.36
N LEU D 738 -26.28 26.43 -0.76
CA LEU D 738 -27.66 26.75 -0.42
C LEU D 738 -27.73 27.69 0.77
N THR D 739 -26.78 27.60 1.69
CA THR D 739 -26.78 28.46 2.87
C THR D 739 -26.63 29.93 2.50
N GLU D 740 -25.78 30.23 1.52
CA GLU D 740 -25.55 31.61 1.13
C GLU D 740 -26.82 32.26 0.59
N GLU D 741 -27.57 31.55 -0.23
CA GLU D 741 -28.81 32.11 -0.77
C GLU D 741 -29.90 32.21 0.29
N ASN D 742 -29.90 31.31 1.28
CA ASN D 742 -30.84 31.44 2.38
C ASN D 742 -30.55 32.68 3.21
N PHE D 743 -29.27 33.02 3.38
CA PHE D 743 -28.91 34.23 4.10
C PHE D 743 -29.33 35.47 3.30
N LYS D 744 -29.26 35.40 1.97
CA LYS D 744 -29.62 36.55 1.14
C LYS D 744 -31.10 36.90 1.30
N GLU D 745 -31.98 35.90 1.18
CA GLU D 745 -33.41 36.16 1.38
C GLU D 745 -33.71 36.58 2.80
N LEU D 746 -33.05 35.97 3.79
CA LEU D 746 -33.28 36.34 5.19
C LEU D 746 -32.82 37.76 5.46
N LYS D 747 -31.85 38.27 4.71
CA LYS D 747 -31.33 39.61 4.94
C LYS D 747 -32.16 40.71 4.31
N GLN D 748 -33.21 40.35 3.56
CA GLN D 748 -34.10 41.37 3.01
C GLN D 748 -34.78 42.13 4.14
N ASP D 749 -35.61 41.42 4.91
CA ASP D 749 -36.15 41.91 6.18
C ASP D 749 -36.75 43.32 6.05
N ILE D 750 -37.48 43.54 4.96
CA ILE D 750 -38.06 44.86 4.72
C ILE D 750 -39.40 45.07 5.41
N SER D 751 -39.92 44.04 6.08
CA SER D 751 -41.18 44.17 6.82
C SER D 751 -40.92 44.35 8.31
CAA Y01 E . 33.60 -8.16 15.62
CBA Y01 E . 34.61 -7.09 15.23
CAB Y01 E . 35.95 -7.35 15.91
CAN Y01 E . 34.12 -5.68 15.55
CAJ Y01 E . 32.92 -5.19 14.75
CAO Y01 E . 33.15 -3.77 14.23
CBB Y01 E . 31.92 -2.84 14.22
CAC Y01 E . 30.72 -3.53 13.62
CBE Y01 E . 31.67 -2.25 15.62
CAP Y01 E . 33.01 -1.94 16.34
CAQ Y01 E . 32.86 -0.58 17.05
CBG Y01 E . 31.35 -0.38 17.08
CBI Y01 E . 30.86 -0.93 15.74
CAE Y01 E . 31.22 0.00 14.58
CAU Y01 E . 29.34 -1.03 15.92
CAS Y01 E . 28.69 0.32 16.23
CBF Y01 E . 29.32 1.12 17.37
CBD Y01 E . 30.86 1.03 17.39
CAK Y01 E . 31.37 1.51 18.74
CAI Y01 E . 30.75 2.81 19.09
CAZ Y01 E . 29.75 3.36 18.40
CAV Y01 E . 29.43 4.82 18.59
CBH Y01 E . 28.93 2.62 17.38
CAD Y01 E . 29.17 3.25 16.00
CAT Y01 E . 27.45 2.82 17.79
CAR Y01 E . 27.06 4.30 17.88
CBC Y01 E . 27.94 5.06 18.85
OAW Y01 E . 27.68 6.46 18.69
CAY Y01 E . 26.44 6.95 18.77
OAG Y01 E . 25.80 7.30 17.81
CAM Y01 E . 26.00 7.03 20.20
CAL Y01 E . 26.55 8.22 20.95
CAX Y01 E . 25.89 9.57 20.60
OAH Y01 E . 26.03 9.96 19.43
OAF Y01 E . 25.26 10.15 21.51
CA CA F . 22.59 -8.95 30.39
C02 A1IMP G . 19.04 -28.93 9.85
C03 A1IMP G . 17.94 -28.12 10.37
C04 A1IMP G . 18.13 -26.80 10.86
C06 A1IMP G . 15.98 -27.27 11.07
C08 A1IMP G . 14.26 -26.94 12.68
C09 A1IMP G . 14.67 -27.85 13.66
C10 A1IMP G . 14.30 -27.65 14.97
C11 A1IMP G . 13.54 -26.55 15.30
C12 A1IMP G . 13.04 -26.19 16.67
C13 A1IMP G . 12.38 -27.36 17.37
C14 A1IMP G . 14.17 -25.61 17.54
C17 A1IMP G . 12.30 -24.53 14.93
C18 A1IMP G . 13.11 -23.24 15.07
C19 A1IMP G . 10.98 -24.24 14.23
C20 A1IMP G . 13.12 -25.64 14.32
C21 A1IMP G . 13.48 -25.82 12.99
C23 A1IMP G . 15.87 -29.66 10.15
C24 A1IMP G . 15.89 -30.70 11.24
C25 A1IMP G . 16.96 -31.58 11.37
C26 A1IMP G . 16.97 -32.53 12.39
C27 A1IMP G . 15.90 -32.58 13.25
C29 A1IMP G . 14.81 -31.73 13.16
C30 A1IMP G . 14.82 -30.78 12.13
C32 A1IMP G . 19.46 -24.80 11.41
C33 A1IMP G . 20.52 -26.93 10.36
C35 A1IMP G . 21.48 -29.06 9.35
C36 A1IMP G . 22.28 -29.76 10.46
C37 A1IMP G . 23.51 -30.43 9.84
N05 A1IMP G . 16.88 -26.27 11.30
N15 A1IMP G . 12.06 -25.05 16.37
N22 A1IMP G . 16.54 -28.41 10.51
N31 A1IMP G . 19.34 -26.17 10.88
N34 A1IMP G . 20.31 -28.32 9.86
O01 A1IMP G . 18.89 -30.08 9.42
O07 A1IMP G . 14.65 -27.17 11.36
O16 A1IMP G . 10.96 -25.00 16.89
O38 A1IMP G . 23.19 -30.79 8.53
O39 A1IMP G . 21.63 -26.42 10.36
CL28 A1IMP G . 15.90 -33.79 14.54
CAA Y01 H . 29.73 0.21 -24.38
CBA Y01 H . 29.29 -0.35 -25.74
CAB Y01 H . 30.40 -0.16 -26.76
CAN Y01 H . 28.01 0.30 -26.25
CAJ Y01 H . 26.90 0.49 -25.21
CAO Y01 H . 25.60 0.98 -25.82
CBB Y01 H . 25.56 2.46 -26.24
CAC Y01 H . 25.74 2.57 -27.75
CBE Y01 H . 24.28 3.13 -25.72
CAP Y01 H . 24.05 2.79 -24.21
CAQ Y01 H . 23.32 3.98 -23.58
CBG Y01 H . 22.93 4.84 -24.78
CBI Y01 H . 24.11 4.67 -25.75
CAE Y01 H . 25.39 5.34 -25.22
CAU Y01 H . 23.65 5.29 -27.07
CAS Y01 H . 23.25 6.75 -26.91
CBF Y01 H . 22.14 6.96 -25.87
CBD Y01 H . 22.48 6.27 -24.54
CAK Y01 H . 21.26 6.30 -23.61
CAI Y01 H . 20.55 7.61 -23.65
CAZ Y01 H . 20.77 8.58 -24.53
CAV Y01 H . 20.00 9.87 -24.42
CBH Y01 H . 21.76 8.44 -25.67
CAD Y01 H . 22.97 9.32 -25.38
CAT Y01 H . 21.07 8.94 -26.97
CAR Y01 H . 20.38 10.28 -26.85
CBC Y01 H . 19.35 10.23 -25.75
OAW Y01 H . 18.70 11.51 -25.68
CAY Y01 H . 17.39 11.56 -25.50
OAG Y01 H . 16.70 10.57 -25.43
CAM Y01 H . 16.89 12.96 -25.38
CAL Y01 H . 17.44 13.91 -26.43
CAX Y01 H . 16.81 15.31 -26.43
OAH Y01 H . 16.99 15.98 -25.40
OAF Y01 H . 16.16 15.66 -27.43
CA CA I . 33.39 14.42 -13.38
C02 A1IMP J . 34.00 -11.74 -1.23
C03 A1IMP J . 33.27 -10.62 -0.67
C04 A1IMP J . 32.71 -9.58 -1.48
C06 A1IMP J . 32.22 -9.09 0.61
C08 A1IMP J . 32.16 -7.17 2.00
C09 A1IMP J . 33.52 -6.96 2.23
C10 A1IMP J . 33.99 -5.68 2.51
C11 A1IMP J . 33.09 -4.64 2.57
C12 A1IMP J . 33.42 -3.20 2.86
C13 A1IMP J . 34.28 -3.06 4.10
C14 A1IMP J . 34.10 -2.52 1.67
C17 A1IMP J . 30.97 -3.53 2.45
C18 A1IMP J . 30.59 -2.99 1.07
C19 A1IMP J . 29.72 -3.58 3.34
C20 A1IMP J . 31.72 -4.84 2.35
C21 A1IMP J . 31.24 -6.11 2.06
C23 A1IMP J . 33.29 -11.05 1.88
C24 A1IMP J . 34.64 -10.70 2.46
C25 A1IMP J . 34.75 -9.75 3.47
C26 A1IMP J . 35.99 -9.41 4.00
C27 A1IMP J . 37.11 -10.04 3.49
C29 A1IMP J . 37.04 -10.99 2.48
C30 A1IMP J . 35.78 -11.31 1.97
C32 A1IMP J . 32.23 -8.46 -3.61
C33 A1IMP J . 33.57 -10.68 -3.49
C35 A1IMP J . 34.89 -12.85 -3.29
C36 A1IMP J . 36.36 -12.51 -3.56
C37 A1IMP J . 36.99 -13.68 -4.31
N05 A1IMP J . 32.05 -8.63 -0.66
N15 A1IMP J . 32.02 -2.58 3.04
N22 A1IMP J . 32.94 -10.29 0.68
N31 A1IMP J . 32.83 -9.56 -2.84
N34 A1IMP J . 34.14 -11.75 -2.63
O01 A1IMP J . 34.49 -12.65 -0.53
O07 A1IMP J . 31.73 -8.45 1.72
O16 A1IMP J . 31.78 -1.83 3.97
O38 A1IMP J . 36.35 -14.87 -3.91
O39 A1IMP J . 33.71 -10.71 -4.70
CL28 A1IMP J . 38.68 -9.62 4.15
CAA Y01 K . 6.26 -32.06 17.16
CBA Y01 K . 5.51 -31.97 15.84
CAB Y01 K . 5.60 -30.56 15.27
CAN Y01 K . 4.05 -32.40 15.97
CAJ Y01 K . 3.16 -31.41 16.70
CAO Y01 K . 1.68 -31.59 16.35
CBB Y01 K . 0.86 -30.29 16.40
CAC Y01 K . 0.54 -29.79 15.00
CBE Y01 K . -0.39 -30.46 17.28
CAP Y01 K . -0.15 -31.43 18.47
CAQ Y01 K . -1.05 -30.96 19.63
CBG Y01 K . -1.88 -29.85 19.02
CBI Y01 K . -0.97 -29.21 17.98
CAE Y01 K . 0.18 -28.41 18.62
CAU Y01 K . -1.87 -28.29 17.14
CAS Y01 K . -2.56 -27.24 18.00
CBF Y01 K . -3.34 -27.80 19.18
CBD Y01 K . -2.55 -28.87 19.97
CAK Y01 K . -3.50 -29.59 20.92
CAI Y01 K . -4.39 -28.65 21.65
CAZ Y01 K . -4.50 -27.36 21.36
CAV Y01 K . -5.29 -26.44 22.26
CBH Y01 K . -3.85 -26.71 20.15
CAD Y01 K . -2.69 -25.81 20.64
CAT Y01 K . -4.90 -25.85 19.43
CAR Y01 K . -5.60 -24.86 20.36
CBC Y01 K . -6.28 -25.61 21.48
OAW Y01 K . -6.96 -24.64 22.30
CAY Y01 K . -6.35 -23.55 22.75
OAG Y01 K . -5.22 -23.49 23.14
CAM Y01 K . -7.31 -22.39 22.73
CAL Y01 K . -8.75 -22.79 22.55
CAX Y01 K . -9.37 -23.58 23.72
OAH Y01 K . -10.54 -24.00 23.52
OAF Y01 K . -8.69 -23.73 24.75
CA CA L . -13.89 -35.65 7.09
C02 A1IMP M . 7.38 -33.03 -12.26
C03 A1IMP M . 6.24 -32.13 -12.21
C04 A1IMP M . 5.56 -31.83 -11.00
C06 A1IMP M . 4.55 -30.69 -12.60
C08 A1IMP M . 2.34 -30.16 -13.25
C09 A1IMP M . 1.91 -31.37 -13.77
C10 A1IMP M . 0.55 -31.69 -13.77
C11 A1IMP M . -0.35 -30.79 -13.24
C12 A1IMP M . -1.83 -30.97 -13.16
C13 A1IMP M . -2.44 -31.40 -14.49
C14 A1IMP M . -2.22 -31.96 -12.05
C17 A1IMP M . -1.11 -28.77 -12.21
C18 A1IMP M . -1.19 -28.82 -10.68
C19 A1IMP M . -1.16 -27.33 -12.67
C20 A1IMP M . 0.08 -29.56 -12.72
C21 A1IMP M . 1.42 -29.22 -12.71
C23 A1IMP M . 5.92 -31.37 -14.67
C24 A1IMP M . 5.25 -32.47 -15.46
C25 A1IMP M . 5.84 -33.73 -15.54
C26 A1IMP M . 5.22 -34.75 -16.28
C27 A1IMP M . 4.03 -34.46 -16.91
C29 A1IMP M . 3.42 -33.23 -16.85
C30 A1IMP M . 4.05 -32.22 -16.12
C32 A1IMP M . 5.16 -31.99 -8.58
C33 A1IMP M . 7.08 -33.30 -9.76
C35 A1IMP M . 8.92 -34.54 -11.00
C36 A1IMP M . 8.50 -36.01 -11.07
C37 A1IMP M . 9.74 -36.88 -10.93
N05 A1IMP M . 4.50 -30.91 -11.26
N15 A1IMP M . -2.31 -29.57 -12.74
N22 A1IMP M . 5.57 -31.39 -13.25
N31 A1IMP M . 5.91 -32.35 -9.80
N34 A1IMP M . 7.77 -33.60 -11.04
O01 A1IMP M . 7.98 -33.30 -13.32
O07 A1IMP M . 3.69 -29.86 -13.28
O16 A1IMP M . -3.26 -29.03 -13.27
O38 A1IMP M . 10.83 -36.19 -11.48
O39 A1IMP M . 7.44 -33.81 -8.72
CL28 A1IMP M . 3.24 -35.75 -17.83
CAA Y01 N . -3.53 -28.42 -24.41
CBA Y01 N . -4.78 -28.23 -23.55
CAB Y01 N . -6.02 -28.68 -24.31
CAN Y01 N . -4.93 -26.79 -23.07
CAJ Y01 N . -4.54 -25.72 -24.07
CAO Y01 N . -5.76 -25.05 -24.73
CBB Y01 N . -6.60 -24.20 -23.78
CAC Y01 N . -5.72 -23.11 -23.15
CBE Y01 N . -7.84 -23.67 -24.52
CAP Y01 N . -8.50 -24.77 -25.37
CAQ Y01 N . -10.02 -24.51 -25.40
CBG Y01 N . -10.15 -23.14 -24.75
CBI Y01 N . -9.03 -23.09 -23.71
CAE Y01 N . -9.32 -24.00 -22.52
CAU Y01 N . -8.94 -21.62 -23.29
CAS Y01 N . -10.27 -21.10 -22.73
CBF Y01 N . -11.48 -21.31 -23.64
CBD Y01 N . -11.52 -22.72 -24.24
CAK Y01 N . -12.57 -22.77 -25.35
CAI Y01 N . -13.83 -22.07 -24.96
CAZ Y01 N . -13.98 -21.31 -23.88
CAV Y01 N . -15.36 -20.86 -23.44
CBH Y01 N . -12.83 -21.00 -22.95
CAD Y01 N . -12.99 -21.82 -21.66
CAT Y01 N . -12.91 -19.50 -22.63
CAR Y01 N . -14.25 -19.12 -22.00
CBC Y01 N . -15.38 -19.41 -22.96
OAW Y01 N . -16.58 -19.16 -22.20
CAY Y01 N . -17.59 -18.46 -22.70
OAG Y01 N . -17.56 -17.90 -23.77
CAM Y01 N . -18.78 -18.49 -21.78
CAL Y01 N . -18.43 -18.79 -20.33
CAX Y01 N . -17.81 -17.62 -19.55
OAH Y01 N . -16.70 -17.85 -19.02
OAF Y01 N . -18.44 -16.54 -19.50
CA CA O . -2.98 -12.20 -36.70
C02 A1IMP P . 22.34 -15.85 -23.35
C03 A1IMP P . 21.57 -14.63 -23.26
C04 A1IMP P . 20.14 -14.61 -23.34
C06 A1IMP P . 20.78 -12.52 -23.07
C08 A1IMP P . 20.22 -10.38 -23.93
C09 A1IMP P . 20.82 -10.42 -25.19
C10 A1IMP P . 20.31 -9.66 -26.24
C11 A1IMP P . 19.21 -8.85 -26.00
C12 A1IMP P . 18.53 -7.96 -27.00
C13 A1IMP P . 19.52 -7.09 -27.74
C14 A1IMP P . 17.70 -8.78 -28.00
C17 A1IMP P . 17.42 -7.86 -24.76
C18 A1IMP P . 16.09 -8.64 -24.81
C19 A1IMP P . 17.36 -6.86 -23.63
C20 A1IMP P . 18.60 -8.81 -24.73
C21 A1IMP P . 19.10 -9.57 -23.69
C23 A1IMP P . 23.34 -12.76 -22.94
C24 A1IMP P . 24.02 -12.47 -24.26
C25 A1IMP P . 24.66 -13.49 -24.96
C26 A1IMP P . 25.29 -13.21 -26.17
C27 A1IMP P . 25.24 -11.91 -26.66
C29 A1IMP P . 24.61 -10.88 -25.98
C30 A1IMP P . 23.99 -11.18 -24.77
C32 A1IMP P . 17.93 -15.65 -23.60
C33 A1IMP P . 20.13 -17.05 -23.62
C35 A1IMP P . 22.33 -18.33 -23.63
C36 A1IMP P . 22.58 -18.76 -25.09
C37 A1IMP P . 23.23 -20.14 -25.08
N05 A1IMP P . 19.66 -13.28 -23.22
N15 A1IMP P . 17.57 -7.16 -26.11
N22 A1IMP P . 21.97 -13.25 -23.08
N31 A1IMP P . 19.40 -15.74 -23.52
N34 A1IMP P . 21.61 -17.03 -23.53
O01 A1IMP P . 23.59 -15.87 -23.27
O07 A1IMP P . 20.76 -11.15 -22.92
O16 A1IMP P . 17.47 -5.95 -26.23
O38 A1IMP P . 24.01 -20.25 -23.91
O39 A1IMP P . 19.51 -18.09 -23.78
CL28 A1IMP P . 26.02 -11.56 -28.19
#